data_7WGV
#
_entry.id   7WGV
#
_cell.length_a   1.00
_cell.length_b   1.00
_cell.length_c   1.00
_cell.angle_alpha   90.00
_cell.angle_beta   90.00
_cell.angle_gamma   90.00
#
_symmetry.space_group_name_H-M   'P 1'
#
loop_
_entity.id
_entity.type
_entity.pdbx_description
1 polymer 'Spike glycoprotein'
2 branched 2-acetamido-2-deoxy-beta-D-glucopyranose-(1-4)-2-acetamido-2-deoxy-beta-D-glucopyranose
3 non-polymer 2-acetamido-2-deoxy-beta-D-glucopyranose
4 non-polymer 'LINOLEIC ACID'
5 non-polymer '3-[5-[(Z)-(4-ethenyl-3-methyl-5-oxidanylidene-pyrrol-2-ylidene)methyl]-2-[[5-[(Z)-(3-ethenyl-4-methyl-5-oxidanylidene-pyrrol-2-ylidene)methyl]-3-(3-hydroxy-3-oxopropyl)-4-methyl-1H-pyrrol-2-yl]methyl]-4-methyl-1H-pyrrol-3-yl]propanoic acid'
#
_entity_poly.entity_id   1
_entity_poly.type   'polypeptide(L)'
_entity_poly.pdbx_seq_one_letter_code
;QCVNLTTRTQLPPAYTNSFTRGVYYPDKVFRSSVLHSTQDLFLPFFSNVTWFHAIHVSGTNGTKRFDNPVLPFNDGVYFA
STEKSNIIRGWIFGTTLDSKTQSLLIVNNATNVVIKVCEFQFCNDPFLGVYYHKNNKSWMESEFRVYSSANNCTFEYVSQ
PFLMDLEGKQGNFKNLREFVFKNIDGYFKIYSKHTPINLVRDLPQGFSALEPLVDLPIGINITRFQTLLALHRSYLTPGD
SSSGWTAGAAAYYVGYLQPRTFLLKYNENGTITDAVDCALDPLSETKCTLKSFTVEKGIYQTSNFRVQPTESIVRFPNIT
NLCPFGEVFNATRFASVYAWNRKRISNCVADYSVLYNSASFSTFKCYGVSPTKLNDLCFTNVYADSFVIRGDEVRQIAPG
QTGKIADYNYKLPDDFTGCVIAWNSNNLDSKVGGNYNYLYRLFRKSNLKPFERDISTEIYQAGSTPCNGVEGFNCYFPLQ
SYGFQPTNGVGYQPYRVVVLSFELLHAPATVCGPKKSTNLVKNKCVNFNFNGLTGTGVLTESNKKFLPFQQFGRDIADTT
DAVRDPQTLEILDITPCSFGGVSVITPGTNTSNQVAVLYQDVNCTEVPVAIHADQLTPTWRVYSTGSNVFQTRAGCLIGA
EHVNNSYECDIPIGAGICASYQTQTNSRSVASQSIIAYTMSLGAENSVAYSNNSIAIPTNFTISVTTEILPVSMTKTSVD
CTMYICGDSTECSNLLLQYGSFCTQLNRALTGIAVEQDKNTQEVFAQVKQIYKTPPIKDFGGFNFSQILPDPSKPSKRSF
IEDLLFNKVTLADAGFIKQYGDCLGDIAARDLICAQKFNGLTVLPPLLTDEMIAQYTSALLAGTITSGWTFGAGAALQIP
FAMQMAYRFNGIGVTQNVLYENQKLIANQFNSAIGKIQDSLSSTASALGKLQDVVNQNAQALNTLVKQLSSNFGAISSVL
NDILSRLDKVEAEVQIDRLITGRLQSLQTYVTQQLIRAAEIRASANLAATKMSECVLGQSKRVDFCGKGYHLMSFPQSAP
HGVVFLHVTYVPAQEKNFTTAPAICHDGKAHFPREGVFVSNGTHWFVTQRNFYEPQIITTDNTFVSGNCDVVIGIVNNTV
YDPLQPELDSFKEELDKYFKNHTSPDVDLGDISGINASVVNIQKEIDRLNEVAKNLNESLIDLQELGKYEQYIKGSGREN
LYFQ
;
_entity_poly.pdbx_strand_id   A,B,C
#
# COMPACT_ATOMS: atom_id res chain seq x y z
N GLN A 1 57.04 38.06 -27.79
CA GLN A 1 57.69 36.89 -28.35
C GLN A 1 56.83 36.25 -29.44
N CYS A 2 55.58 35.92 -29.10
CA CYS A 2 54.67 35.32 -30.06
C CYS A 2 54.33 36.31 -31.17
N VAL A 3 54.05 35.77 -32.35
CA VAL A 3 53.80 36.59 -33.53
C VAL A 3 52.41 36.32 -34.07
N ASN A 4 52.04 36.99 -35.16
CA ASN A 4 50.73 36.88 -35.77
C ASN A 4 50.88 36.25 -37.15
N LEU A 5 49.97 35.34 -37.50
CA LEU A 5 50.02 34.63 -38.76
C LEU A 5 49.10 35.32 -39.77
N THR A 6 49.63 35.63 -40.95
CA THR A 6 48.93 36.38 -41.99
C THR A 6 48.97 35.64 -43.32
N THR A 7 48.65 34.35 -43.29
CA THR A 7 48.66 33.53 -44.50
C THR A 7 47.40 32.68 -44.67
N ARG A 8 46.63 32.47 -43.60
CA ARG A 8 45.45 31.61 -43.68
C ARG A 8 44.43 32.14 -44.68
N THR A 9 43.75 31.22 -45.36
CA THR A 9 42.62 31.54 -46.22
C THR A 9 41.37 30.95 -45.61
N GLN A 10 40.36 31.78 -45.39
CA GLN A 10 39.18 31.38 -44.62
C GLN A 10 38.11 30.79 -45.54
N LEU A 11 37.39 29.81 -45.00
CA LEU A 11 36.29 29.15 -45.67
C LEU A 11 35.13 29.01 -44.67
N PRO A 12 33.90 28.84 -45.17
CA PRO A 12 32.79 28.63 -44.26
C PRO A 12 32.99 27.38 -43.44
N PRO A 13 32.48 27.35 -42.21
CA PRO A 13 32.72 26.20 -41.33
C PRO A 13 32.02 24.93 -41.83
N ALA A 14 32.57 23.80 -41.39
CA ALA A 14 32.08 22.49 -41.79
C ALA A 14 31.54 21.73 -40.59
N TYR A 15 30.51 20.93 -40.82
CA TYR A 15 29.86 20.16 -39.78
C TYR A 15 29.75 18.70 -40.20
N THR A 16 29.82 17.81 -39.21
CA THR A 16 29.69 16.38 -39.42
C THR A 16 28.75 15.79 -38.38
N ASN A 17 28.59 14.47 -38.43
CA ASN A 17 27.68 13.75 -37.55
C ASN A 17 28.46 12.91 -36.54
N SER A 18 27.94 12.84 -35.33
CA SER A 18 28.50 12.01 -34.27
C SER A 18 27.73 10.69 -34.24
N PHE A 19 28.34 9.64 -34.76
CA PHE A 19 27.68 8.34 -34.91
C PHE A 19 27.82 7.56 -33.61
N THR A 20 26.77 7.57 -32.80
CA THR A 20 26.67 6.86 -31.51
C THR A 20 28.01 6.86 -30.76
N ARG A 21 28.60 8.06 -30.66
CA ARG A 21 29.94 8.24 -30.13
C ARG A 21 29.89 9.11 -28.89
N GLY A 22 30.83 8.87 -27.97
CA GLY A 22 30.96 9.69 -26.78
C GLY A 22 30.29 9.13 -25.54
N VAL A 23 30.57 7.88 -25.22
CA VAL A 23 30.05 7.23 -24.02
C VAL A 23 31.23 6.90 -23.10
N TYR A 24 31.10 7.27 -21.84
CA TYR A 24 32.15 7.05 -20.86
C TYR A 24 31.58 6.33 -19.64
N TYR A 25 32.48 5.75 -18.85
CA TYR A 25 32.08 5.03 -17.65
C TYR A 25 31.55 6.02 -16.61
N PRO A 26 30.32 5.85 -16.12
CA PRO A 26 29.79 6.83 -15.16
C PRO A 26 30.37 6.70 -13.77
N ASP A 27 30.77 5.49 -13.35
CA ASP A 27 31.29 5.27 -12.00
C ASP A 27 32.45 4.29 -12.07
N LYS A 28 33.06 4.07 -10.91
CA LYS A 28 34.20 3.15 -10.77
C LYS A 28 33.78 1.81 -10.18
N VAL A 29 32.57 1.34 -10.52
CA VAL A 29 32.02 0.10 -9.98
C VAL A 29 31.99 -0.94 -11.10
N PHE A 30 32.47 -2.15 -10.79
CA PHE A 30 32.52 -3.22 -11.77
C PHE A 30 31.15 -3.87 -11.89
N ARG A 31 30.61 -3.91 -13.10
CA ARG A 31 29.37 -4.61 -13.41
C ARG A 31 29.58 -5.47 -14.64
N SER A 32 28.96 -6.65 -14.65
CA SER A 32 29.11 -7.60 -15.75
C SER A 32 27.76 -8.16 -16.13
N SER A 33 27.48 -8.16 -17.44
CA SER A 33 26.23 -8.69 -18.00
C SER A 33 25.01 -8.03 -17.35
N VAL A 34 24.97 -6.70 -17.44
CA VAL A 34 23.93 -5.91 -16.79
C VAL A 34 23.45 -4.82 -17.75
N LEU A 35 22.14 -4.62 -17.80
CA LEU A 35 21.54 -3.46 -18.47
C LEU A 35 21.33 -2.38 -17.43
N HIS A 36 22.13 -1.31 -17.50
CA HIS A 36 22.17 -0.30 -16.45
C HIS A 36 21.71 1.04 -17.02
N SER A 37 20.76 1.67 -16.33
CA SER A 37 20.23 2.96 -16.73
C SER A 37 20.89 4.07 -15.90
N THR A 38 21.30 5.14 -16.58
CA THR A 38 22.05 6.21 -15.94
C THR A 38 21.51 7.57 -16.40
N GLN A 39 21.80 8.59 -15.59
CA GLN A 39 21.26 9.94 -15.75
C GLN A 39 22.42 10.91 -15.57
N ASP A 40 23.02 11.35 -16.68
CA ASP A 40 24.23 12.16 -16.56
C ASP A 40 24.43 12.98 -17.83
N LEU A 41 25.51 13.74 -17.87
CA LEU A 41 25.82 14.58 -19.02
C LEU A 41 26.49 13.75 -20.10
N PHE A 42 25.83 13.62 -21.25
CA PHE A 42 26.32 12.81 -22.35
C PHE A 42 26.20 13.61 -23.64
N LEU A 43 26.94 13.15 -24.65
CA LEU A 43 26.79 13.70 -25.99
C LEU A 43 25.61 13.03 -26.69
N PRO A 44 24.61 13.78 -27.15
CA PRO A 44 23.45 13.15 -27.78
C PRO A 44 23.84 12.37 -29.03
N PHE A 45 23.15 11.25 -29.25
CA PHE A 45 23.42 10.43 -30.42
C PHE A 45 23.04 11.17 -31.69
N PHE A 46 23.85 10.99 -32.73
CA PHE A 46 23.65 11.66 -34.02
C PHE A 46 23.60 13.17 -33.86
N SER A 47 24.63 13.72 -33.23
CA SER A 47 24.74 15.15 -33.01
C SER A 47 25.47 15.82 -34.17
N ASN A 48 25.25 17.13 -34.29
CA ASN A 48 25.74 17.92 -35.43
C ASN A 48 26.99 18.65 -34.96
N VAL A 49 28.12 17.95 -35.03
CA VAL A 49 29.37 18.42 -34.42
C VAL A 49 30.15 19.25 -35.44
N THR A 50 31.09 20.04 -34.93
CA THR A 50 31.87 20.95 -35.78
C THR A 50 33.21 20.35 -36.13
N TRP A 51 33.66 20.60 -37.37
CA TRP A 51 34.87 20.01 -37.92
C TRP A 51 35.88 21.11 -38.20
N PHE A 52 37.11 20.94 -37.70
CA PHE A 52 38.21 21.82 -38.01
C PHE A 52 39.37 20.99 -38.52
N HIS A 53 40.15 21.55 -39.43
CA HIS A 53 41.26 20.81 -40.00
C HIS A 53 42.42 21.76 -40.32
N ALA A 54 43.63 21.20 -40.28
CA ALA A 54 44.86 21.91 -40.63
C ALA A 54 45.50 21.18 -41.80
N ILE A 55 45.51 21.84 -42.96
CA ILE A 55 46.12 21.33 -44.19
C ILE A 55 46.85 22.49 -44.87
N HIS A 56 47.71 22.13 -45.81
CA HIS A 56 48.51 23.11 -46.54
C HIS A 56 47.95 23.43 -47.93
N VAL A 57 47.13 22.55 -48.50
CA VAL A 57 46.58 22.70 -49.84
C VAL A 57 47.70 22.75 -50.87
N LYS A 64 45.84 28.04 -47.53
CA LYS A 64 46.07 27.02 -46.51
C LYS A 64 45.15 27.24 -45.32
N ARG A 65 44.83 26.16 -44.61
CA ARG A 65 43.91 26.19 -43.49
C ARG A 65 44.66 25.93 -42.20
N PHE A 66 44.44 26.78 -41.19
CA PHE A 66 45.05 26.62 -39.88
C PHE A 66 44.06 27.19 -38.86
N ASP A 67 43.25 26.31 -38.27
CA ASP A 67 42.12 26.71 -37.44
C ASP A 67 42.44 26.49 -35.97
N ASN A 68 42.31 27.56 -35.19
CA ASN A 68 42.39 27.47 -33.73
C ASN A 68 41.63 28.62 -33.10
N PRO A 69 40.32 28.72 -33.30
CA PRO A 69 39.56 29.84 -32.75
C PRO A 69 39.18 29.59 -31.29
N VAL A 70 38.58 30.60 -30.68
CA VAL A 70 38.09 30.52 -29.31
C VAL A 70 36.68 29.96 -29.36
N LEU A 71 36.46 28.82 -28.69
CA LEU A 71 35.17 28.17 -28.69
C LEU A 71 34.54 28.22 -27.29
N PRO A 72 33.22 28.25 -27.20
CA PRO A 72 32.57 28.27 -25.88
C PRO A 72 32.70 26.93 -25.18
N PHE A 73 32.37 26.95 -23.88
CA PHE A 73 32.44 25.77 -23.02
C PHE A 73 31.11 25.67 -22.28
N ASN A 74 30.21 24.83 -22.79
CA ASN A 74 28.84 24.71 -22.26
C ASN A 74 28.69 23.36 -21.58
N ASP A 75 28.89 23.34 -20.26
CA ASP A 75 28.68 22.21 -19.37
C ASP A 75 29.61 21.04 -19.65
N GLY A 76 30.54 21.15 -20.58
CA GLY A 76 31.44 20.07 -20.93
C GLY A 76 31.65 20.03 -22.43
N VAL A 77 32.78 19.45 -22.83
CA VAL A 77 33.18 19.39 -24.24
C VAL A 77 33.65 17.99 -24.58
N TYR A 78 33.15 17.45 -25.69
CA TYR A 78 33.69 16.25 -26.29
C TYR A 78 34.58 16.65 -27.46
N PHE A 79 35.85 16.26 -27.40
CA PHE A 79 36.87 16.69 -28.35
C PHE A 79 37.53 15.46 -28.94
N ALA A 80 37.36 15.25 -30.24
CA ALA A 80 38.01 14.16 -30.95
C ALA A 80 39.07 14.71 -31.89
N SER A 81 40.14 13.93 -32.09
CA SER A 81 41.22 14.38 -32.95
C SER A 81 41.76 13.21 -33.75
N THR A 82 41.85 13.40 -35.07
CA THR A 82 42.45 12.43 -35.97
C THR A 82 43.76 13.01 -36.51
N GLU A 83 44.85 12.29 -36.32
CA GLU A 83 46.16 12.79 -36.70
C GLU A 83 47.10 11.63 -36.99
N LYS A 84 48.22 11.96 -37.64
CA LYS A 84 49.27 11.00 -37.93
C LYS A 84 50.67 11.50 -37.59
N SER A 85 50.82 12.78 -37.25
CA SER A 85 52.13 13.36 -36.96
C SER A 85 52.18 14.08 -35.62
N ASN A 86 51.19 13.85 -34.74
CA ASN A 86 51.15 14.47 -33.41
C ASN A 86 51.18 15.99 -33.50
N ILE A 87 50.14 16.54 -34.14
CA ILE A 87 50.05 17.98 -34.37
C ILE A 87 49.28 18.62 -33.22
N ILE A 88 48.06 18.15 -32.96
CA ILE A 88 47.22 18.70 -31.91
C ILE A 88 47.85 18.33 -30.57
N ARG A 89 48.35 19.34 -29.83
CA ARG A 89 49.14 19.04 -28.65
C ARG A 89 48.88 19.97 -27.46
N GLY A 90 47.76 20.68 -27.42
CA GLY A 90 47.50 21.48 -26.22
C GLY A 90 46.08 22.00 -26.15
N TRP A 91 45.70 22.40 -24.93
CA TRP A 91 44.43 23.06 -24.68
C TRP A 91 44.61 24.18 -23.67
N ILE A 92 43.80 25.22 -23.83
CA ILE A 92 43.77 26.38 -22.94
C ILE A 92 42.33 26.63 -22.53
N PHE A 93 42.07 26.69 -21.24
CA PHE A 93 40.74 26.95 -20.72
C PHE A 93 40.78 28.23 -19.89
N GLY A 94 39.70 29.00 -19.95
CA GLY A 94 39.65 30.23 -19.18
C GLY A 94 38.36 30.98 -19.42
N THR A 95 38.29 32.15 -18.80
CA THR A 95 37.13 33.04 -18.92
C THR A 95 37.39 34.22 -19.85
N THR A 96 38.49 34.94 -19.65
CA THR A 96 38.84 36.08 -20.49
C THR A 96 40.21 35.95 -21.14
N LEU A 97 41.13 35.19 -20.56
CA LEU A 97 42.46 34.99 -21.13
C LEU A 97 43.20 36.31 -21.32
N ASP A 98 43.04 37.22 -20.38
CA ASP A 98 43.60 38.57 -20.49
C ASP A 98 44.27 38.99 -19.20
N SER A 99 44.91 38.04 -18.51
CA SER A 99 45.67 38.27 -17.29
C SER A 99 44.85 38.90 -16.16
N LYS A 100 43.52 38.88 -16.27
CA LYS A 100 42.66 39.36 -15.21
C LYS A 100 41.95 38.24 -14.47
N THR A 101 41.93 37.03 -15.02
CA THR A 101 41.35 35.85 -14.39
C THR A 101 42.28 34.67 -14.58
N GLN A 102 42.20 33.71 -13.67
CA GLN A 102 43.04 32.53 -13.75
C GLN A 102 42.67 31.68 -14.96
N SER A 103 43.67 31.02 -15.54
CA SER A 103 43.46 30.18 -16.71
C SER A 103 44.20 28.86 -16.52
N LEU A 104 43.69 27.82 -17.17
CA LEU A 104 44.26 26.48 -17.11
C LEU A 104 44.92 26.16 -18.44
N LEU A 105 46.13 25.59 -18.38
CA LEU A 105 46.93 25.29 -19.56
C LEU A 105 47.40 23.84 -19.50
N ILE A 106 47.16 23.10 -20.58
CA ILE A 106 47.66 21.73 -20.70
C ILE A 106 48.42 21.63 -22.01
N VAL A 107 49.74 21.38 -21.92
CA VAL A 107 50.59 21.37 -23.10
C VAL A 107 51.51 20.15 -23.07
N ASN A 108 51.62 19.46 -24.20
CA ASN A 108 52.64 18.44 -24.43
C ASN A 108 53.64 19.01 -25.41
N ASN A 109 54.84 19.34 -24.93
CA ASN A 109 55.88 19.96 -25.73
C ASN A 109 56.96 18.96 -26.12
N ALA A 110 56.59 17.71 -26.33
CA ALA A 110 57.44 16.60 -26.76
C ALA A 110 58.49 16.21 -25.73
N THR A 111 58.50 16.84 -24.55
CA THR A 111 59.43 16.47 -23.50
C THR A 111 58.68 16.23 -22.20
N ASN A 112 57.64 17.02 -21.94
CA ASN A 112 56.89 16.92 -20.70
C ASN A 112 55.44 17.29 -20.97
N VAL A 113 54.57 16.85 -20.07
CA VAL A 113 53.16 17.20 -20.08
C VAL A 113 52.95 18.18 -18.92
N VAL A 114 52.80 19.46 -19.25
CA VAL A 114 52.66 20.50 -18.24
C VAL A 114 51.20 20.88 -18.09
N ILE A 115 50.71 20.84 -16.86
CA ILE A 115 49.38 21.29 -16.50
C ILE A 115 49.54 22.40 -15.47
N LYS A 116 49.05 23.59 -15.78
CA LYS A 116 49.25 24.76 -14.93
C LYS A 116 47.97 25.55 -14.80
N VAL A 117 47.53 25.78 -13.58
CA VAL A 117 46.49 26.76 -13.28
C VAL A 117 47.19 28.02 -12.82
N CYS A 118 47.01 29.11 -13.56
CA CYS A 118 47.97 30.19 -13.46
C CYS A 118 47.39 31.40 -14.16
N GLU A 119 47.82 32.59 -13.76
CA GLU A 119 47.33 33.84 -14.36
C GLU A 119 48.21 34.15 -15.56
N PHE A 120 47.78 33.69 -16.73
CA PHE A 120 48.55 33.84 -17.96
C PHE A 120 48.13 35.09 -18.71
N GLN A 121 49.02 35.56 -19.59
CA GLN A 121 48.74 36.62 -20.54
C GLN A 121 48.88 36.02 -21.93
N PHE A 122 47.78 35.46 -22.44
CA PHE A 122 47.78 34.82 -23.74
C PHE A 122 47.67 35.86 -24.84
N CYS A 123 48.46 35.70 -25.90
CA CYS A 123 48.37 36.59 -27.04
C CYS A 123 47.40 36.01 -28.07
N ASN A 124 47.28 36.70 -29.21
CA ASN A 124 46.23 36.39 -30.17
C ASN A 124 46.40 35.00 -30.78
N ASP A 125 47.62 34.65 -31.17
CA ASP A 125 47.89 33.40 -31.89
C ASP A 125 48.90 32.56 -31.13
N PRO A 126 48.44 31.68 -30.24
CA PRO A 126 49.36 30.76 -29.57
C PRO A 126 49.54 29.46 -30.35
N PHE A 127 50.78 29.00 -30.43
CA PHE A 127 51.10 27.80 -31.18
C PHE A 127 52.47 27.30 -30.77
N LEU A 128 52.86 26.16 -31.34
CA LEU A 128 54.18 25.59 -31.16
C LEU A 128 54.77 25.30 -32.54
N GLY A 129 56.10 25.27 -32.59
CA GLY A 129 56.77 25.18 -33.88
C GLY A 129 57.91 24.19 -33.95
N VAL A 130 57.88 23.35 -34.99
CA VAL A 130 58.90 22.35 -35.26
C VAL A 130 59.72 22.80 -36.46
N TYR A 131 61.01 22.47 -36.44
CA TYR A 131 61.93 22.81 -37.52
C TYR A 131 62.55 21.56 -38.09
N TYR A 132 62.72 21.53 -39.40
CA TYR A 132 63.32 20.41 -40.12
C TYR A 132 64.70 20.81 -40.63
N HIS A 133 65.68 19.96 -40.37
CA HIS A 133 67.06 20.22 -40.77
C HIS A 133 67.41 19.37 -41.99
N LYS A 134 67.92 20.03 -43.03
CA LYS A 134 68.20 19.34 -44.29
C LYS A 134 69.49 18.50 -44.21
N ASN A 135 70.49 19.00 -43.48
CA ASN A 135 71.80 18.32 -43.49
C ASN A 135 71.71 16.91 -42.92
N ASN A 136 70.99 16.74 -41.81
CA ASN A 136 70.78 15.42 -41.24
C ASN A 136 69.32 15.26 -40.88
N LYS A 137 68.83 14.02 -40.95
CA LYS A 137 67.40 13.75 -40.76
C LYS A 137 67.03 13.82 -39.29
N SER A 138 66.59 14.98 -38.84
CA SER A 138 66.22 15.17 -37.43
C SER A 138 65.19 16.29 -37.34
N TRP A 139 63.97 15.95 -36.96
CA TRP A 139 62.94 16.93 -36.67
C TRP A 139 62.94 17.25 -35.18
N MET A 140 63.00 18.54 -34.84
CA MET A 140 63.04 18.97 -33.46
C MET A 140 62.08 20.14 -33.23
N GLU A 141 61.41 20.11 -32.09
CA GLU A 141 60.58 21.24 -31.68
C GLU A 141 61.45 22.38 -31.20
N SER A 142 61.18 23.58 -31.68
CA SER A 142 62.03 24.74 -31.37
C SER A 142 61.28 25.99 -30.93
N GLU A 143 60.00 26.14 -31.26
CA GLU A 143 59.27 27.37 -30.96
C GLU A 143 58.16 27.09 -29.98
N PHE A 144 58.09 27.92 -28.92
CA PHE A 144 57.03 27.85 -27.92
C PHE A 144 56.55 29.26 -27.66
N ARG A 145 55.38 29.60 -28.19
CA ARG A 145 54.86 30.97 -28.20
C ARG A 145 53.43 31.02 -27.70
N VAL A 146 53.18 30.40 -26.55
CA VAL A 146 51.81 30.33 -26.03
C VAL A 146 51.46 31.62 -25.29
N TYR A 147 52.21 31.94 -24.23
CA TYR A 147 51.94 33.09 -23.39
C TYR A 147 53.17 33.97 -23.30
N SER A 148 53.04 35.07 -22.56
CA SER A 148 54.12 36.02 -22.35
C SER A 148 54.49 36.24 -20.89
N SER A 149 53.55 36.05 -19.96
CA SER A 149 53.83 36.24 -18.55
C SER A 149 52.86 35.40 -17.73
N ALA A 150 53.25 35.13 -16.48
CA ALA A 150 52.44 34.30 -15.59
C ALA A 150 52.76 34.66 -14.15
N ASN A 151 51.74 35.04 -13.39
CA ASN A 151 51.87 35.40 -11.98
C ASN A 151 50.81 34.66 -11.18
N ASN A 152 50.92 34.73 -9.85
CA ASN A 152 49.94 34.16 -8.93
C ASN A 152 49.65 32.69 -9.26
N CYS A 153 50.70 31.92 -9.43
CA CYS A 153 50.64 30.70 -10.22
C CYS A 153 50.39 29.54 -9.25
N THR A 154 49.16 29.02 -9.25
CA THR A 154 48.72 28.13 -8.18
C THR A 154 49.13 26.67 -8.41
N PHE A 155 48.63 26.06 -9.47
CA PHE A 155 48.82 24.63 -9.67
C PHE A 155 50.16 24.34 -10.33
N GLU A 156 50.60 23.09 -10.21
CA GLU A 156 51.88 22.67 -10.75
C GLU A 156 51.84 21.17 -11.01
N TYR A 157 52.22 20.77 -12.23
CA TYR A 157 52.36 19.35 -12.57
C TYR A 157 53.24 19.22 -13.79
N VAL A 158 54.38 18.55 -13.64
CA VAL A 158 55.28 18.25 -14.75
C VAL A 158 55.57 16.75 -14.73
N SER A 159 55.33 16.09 -15.86
CA SER A 159 55.52 14.67 -15.96
C SER A 159 56.99 14.33 -16.16
N GLN A 160 57.29 13.03 -16.22
CA GLN A 160 58.65 12.58 -16.46
C GLN A 160 59.05 12.86 -17.91
N PRO A 161 60.34 13.12 -18.16
CA PRO A 161 60.77 13.42 -19.54
C PRO A 161 60.61 12.24 -20.47
N PHE A 162 60.37 12.55 -21.75
CA PHE A 162 60.23 11.54 -22.78
C PHE A 162 60.47 12.20 -24.14
N LEU A 163 60.57 11.37 -25.16
CA LEU A 163 60.76 11.82 -26.54
C LEU A 163 59.60 11.32 -27.39
N MET A 164 59.02 12.21 -28.18
CA MET A 164 57.85 11.90 -28.99
C MET A 164 58.22 11.93 -30.48
N ASP A 165 57.66 10.99 -31.23
CA ASP A 165 57.90 10.89 -32.67
C ASP A 165 57.15 12.02 -33.36
N LEU A 166 57.85 13.14 -33.59
CA LEU A 166 57.26 14.31 -34.23
C LEU A 166 57.76 14.50 -35.66
N GLU A 167 58.39 13.47 -36.23
CA GLU A 167 58.84 13.55 -37.61
C GLU A 167 57.66 13.62 -38.57
N GLY A 168 57.82 14.40 -39.63
CA GLY A 168 56.78 14.55 -40.62
C GLY A 168 56.42 13.26 -41.33
N LYS A 169 55.16 12.86 -41.23
CA LYS A 169 54.67 11.64 -41.87
C LYS A 169 53.40 11.96 -42.65
N GLN A 170 53.29 11.37 -43.83
CA GLN A 170 52.14 11.56 -44.70
C GLN A 170 51.50 10.21 -45.02
N GLY A 171 50.41 10.25 -45.79
CA GLY A 171 49.70 9.04 -46.14
C GLY A 171 48.26 9.04 -45.68
N ASN A 172 47.94 8.19 -44.72
CA ASN A 172 46.58 8.05 -44.22
C ASN A 172 46.55 8.29 -42.71
N PHE A 173 45.45 8.87 -42.24
CA PHE A 173 45.30 9.15 -40.82
C PHE A 173 45.32 7.85 -40.03
N LYS A 174 46.01 7.88 -38.89
CA LYS A 174 46.26 6.67 -38.11
C LYS A 174 45.65 6.73 -36.72
N ASN A 175 45.90 7.79 -35.95
CA ASN A 175 45.55 7.81 -34.54
C ASN A 175 44.33 8.69 -34.30
N LEU A 176 43.34 8.15 -33.58
CA LEU A 176 42.16 8.88 -33.15
C LEU A 176 42.17 8.95 -31.63
N ARG A 177 42.15 10.17 -31.09
CA ARG A 177 42.16 10.39 -29.66
C ARG A 177 40.93 11.16 -29.26
N GLU A 178 40.18 10.63 -28.29
CA GLU A 178 38.94 11.23 -27.83
C GLU A 178 39.08 11.65 -26.38
N PHE A 179 38.56 12.83 -26.07
CA PHE A 179 38.57 13.39 -24.73
C PHE A 179 37.19 13.94 -24.38
N VAL A 180 36.86 13.87 -23.09
CA VAL A 180 35.68 14.51 -22.55
C VAL A 180 36.11 15.32 -21.34
N PHE A 181 35.87 16.63 -21.38
CA PHE A 181 36.18 17.53 -20.28
C PHE A 181 34.89 18.02 -19.64
N LYS A 182 34.84 18.02 -18.32
CA LYS A 182 33.70 18.64 -17.63
C LYS A 182 34.17 19.24 -16.31
N ASN A 183 33.67 20.43 -16.00
CA ASN A 183 34.08 21.18 -14.80
C ASN A 183 32.88 21.29 -13.88
N ILE A 184 32.91 20.57 -12.75
CA ILE A 184 31.81 20.52 -11.81
C ILE A 184 32.34 20.62 -10.39
N ASP A 185 31.78 21.56 -9.62
CA ASP A 185 32.07 21.70 -8.18
C ASP A 185 33.57 21.85 -7.91
N GLY A 186 34.24 22.63 -8.75
CA GLY A 186 35.66 22.87 -8.58
C GLY A 186 36.56 21.75 -9.07
N TYR A 187 35.99 20.70 -9.63
CA TYR A 187 36.76 19.57 -10.13
C TYR A 187 36.70 19.55 -11.66
N PHE A 188 37.87 19.55 -12.29
CA PHE A 188 37.99 19.43 -13.74
C PHE A 188 38.27 17.96 -14.05
N LYS A 189 37.28 17.27 -14.59
CA LYS A 189 37.36 15.84 -14.85
C LYS A 189 37.59 15.61 -16.34
N ILE A 190 38.63 14.84 -16.64
CA ILE A 190 39.02 14.53 -18.01
C ILE A 190 38.98 13.02 -18.19
N TYR A 191 38.22 12.58 -19.19
CA TYR A 191 38.19 11.19 -19.64
C TYR A 191 38.87 11.12 -21.01
N SER A 192 39.65 10.05 -21.23
CA SER A 192 40.43 9.95 -22.46
C SER A 192 40.34 8.54 -23.02
N LYS A 193 40.57 8.44 -24.34
CA LYS A 193 40.61 7.16 -25.03
C LYS A 193 41.41 7.31 -26.31
N HIS A 194 42.12 6.25 -26.69
CA HIS A 194 42.93 6.23 -27.90
C HIS A 194 42.57 5.02 -28.74
N THR A 195 42.55 5.20 -30.07
CA THR A 195 42.17 4.14 -30.99
C THR A 195 43.00 4.22 -32.26
N PRO A 196 43.45 3.08 -32.78
CA PRO A 196 44.07 3.07 -34.12
C PRO A 196 43.02 2.91 -35.21
N ILE A 197 43.10 3.75 -36.24
CA ILE A 197 42.15 3.72 -37.36
C ILE A 197 42.92 3.85 -38.66
N ASN A 198 42.20 3.68 -39.77
CA ASN A 198 42.81 3.78 -41.10
C ASN A 198 41.95 4.61 -42.05
N LEU A 199 41.03 5.43 -41.54
CA LEU A 199 40.24 6.28 -42.40
C LEU A 199 41.02 7.53 -42.79
N VAL A 200 40.48 8.28 -43.75
CA VAL A 200 41.18 9.39 -44.37
C VAL A 200 40.54 10.73 -44.02
N ARG A 201 39.21 10.79 -43.92
CA ARG A 201 38.51 12.08 -43.84
C ARG A 201 37.78 12.28 -42.52
N ASP A 202 36.87 11.39 -42.15
CA ASP A 202 35.90 11.67 -41.10
C ASP A 202 36.03 10.66 -39.96
N LEU A 203 35.16 10.82 -38.97
CA LEU A 203 35.15 9.94 -37.81
C LEU A 203 34.65 8.55 -38.22
N PRO A 204 35.35 7.48 -37.85
CA PRO A 204 34.85 6.14 -38.13
C PRO A 204 33.57 5.85 -37.35
N GLN A 205 32.73 5.01 -37.93
CA GLN A 205 31.49 4.59 -37.27
C GLN A 205 31.78 3.38 -36.38
N GLY A 206 31.44 3.50 -35.11
CA GLY A 206 31.70 2.43 -34.16
C GLY A 206 31.38 2.88 -32.76
N PHE A 207 31.71 2.02 -31.81
CA PHE A 207 31.47 2.27 -30.39
C PHE A 207 32.76 2.11 -29.62
N SER A 208 32.99 3.01 -28.66
CA SER A 208 34.18 2.96 -27.82
C SER A 208 33.87 3.67 -26.51
N ALA A 209 34.16 3.00 -25.40
CA ALA A 209 33.92 3.56 -24.07
C ALA A 209 35.15 4.30 -23.58
N LEU A 210 34.92 5.46 -22.97
CA LEU A 210 36.00 6.31 -22.48
C LEU A 210 36.20 6.05 -20.99
N GLU A 211 37.46 5.80 -20.61
CA GLU A 211 37.79 5.51 -19.22
C GLU A 211 38.24 6.78 -18.51
N PRO A 212 37.99 6.88 -17.20
CA PRO A 212 38.44 8.07 -16.46
C PRO A 212 39.95 8.23 -16.53
N LEU A 213 40.39 9.47 -16.69
CA LEU A 213 41.82 9.77 -16.77
C LEU A 213 42.32 10.60 -15.61
N VAL A 214 41.72 11.76 -15.34
CA VAL A 214 42.25 12.65 -14.30
C VAL A 214 41.14 13.52 -13.74
N ASP A 215 41.33 13.95 -12.49
CA ASP A 215 40.42 14.84 -11.79
C ASP A 215 41.28 15.90 -11.09
N LEU A 216 41.29 17.12 -11.65
CA LEU A 216 42.12 18.19 -11.13
C LEU A 216 41.30 19.09 -10.22
N PRO A 217 41.74 19.34 -8.98
CA PRO A 217 41.04 20.30 -8.09
C PRO A 217 41.51 21.73 -8.33
N ILE A 218 40.96 22.35 -9.37
CA ILE A 218 41.43 23.64 -9.85
C ILE A 218 40.61 24.80 -9.31
N GLY A 219 39.27 24.66 -9.31
CA GLY A 219 38.41 25.73 -8.87
C GLY A 219 38.48 26.97 -9.73
N ILE A 220 38.05 26.86 -10.98
CA ILE A 220 38.12 27.96 -11.94
C ILE A 220 36.76 28.11 -12.61
N ASN A 221 36.37 29.36 -12.87
CA ASN A 221 35.22 29.67 -13.71
C ASN A 221 35.66 29.53 -15.17
N ILE A 222 35.21 28.48 -15.83
CA ILE A 222 35.63 28.18 -17.20
C ILE A 222 34.42 28.36 -18.12
N THR A 223 34.58 29.22 -19.12
CA THR A 223 33.54 29.44 -20.13
C THR A 223 34.02 29.36 -21.56
N ARG A 224 35.33 29.52 -21.81
CA ARG A 224 35.89 29.48 -23.15
C ARG A 224 37.15 28.63 -23.15
N PHE A 225 37.48 28.10 -24.33
CA PHE A 225 38.68 27.28 -24.48
C PHE A 225 39.21 27.41 -25.91
N GLN A 226 40.47 27.02 -26.07
CA GLN A 226 41.18 27.13 -27.33
C GLN A 226 42.15 25.96 -27.46
N THR A 227 42.51 25.65 -28.70
CA THR A 227 43.33 24.50 -29.03
C THR A 227 44.72 24.96 -29.47
N LEU A 228 45.74 24.21 -29.04
CA LEU A 228 47.13 24.53 -29.32
C LEU A 228 47.67 23.47 -30.28
N LEU A 229 47.95 23.90 -31.51
CA LEU A 229 48.48 23.04 -32.56
C LEU A 229 49.99 23.27 -32.71
N ALA A 230 50.59 22.56 -33.66
CA ALA A 230 52.00 22.71 -33.97
C ALA A 230 52.18 22.82 -35.47
N LEU A 231 52.95 23.82 -35.91
CA LEU A 231 53.26 24.00 -37.32
C LEU A 231 54.69 23.52 -37.59
N HIS A 232 55.09 23.62 -38.87
CA HIS A 232 56.40 23.19 -39.31
C HIS A 232 57.13 24.35 -39.97
N ARG A 233 58.42 24.49 -39.67
CA ARG A 233 59.28 25.48 -40.29
C ARG A 233 60.30 24.77 -41.15
N SER A 234 60.36 25.14 -42.44
CA SER A 234 61.24 24.49 -43.39
C SER A 234 61.94 25.54 -44.23
N TYR A 235 63.07 25.14 -44.81
CA TYR A 235 63.84 26.03 -45.68
C TYR A 235 63.14 26.32 -47.00
N LEU A 236 62.06 25.60 -47.32
CA LEU A 236 61.35 25.82 -48.57
C LEU A 236 60.76 27.23 -48.64
N THR A 237 60.15 27.67 -47.55
CA THR A 237 59.50 28.98 -47.51
C THR A 237 60.41 29.98 -46.82
N PRO A 238 60.83 31.05 -47.50
CA PRO A 238 61.83 31.95 -46.89
C PRO A 238 61.23 33.05 -46.03
N GLY A 239 59.97 32.91 -45.62
CA GLY A 239 59.36 33.91 -44.76
C GLY A 239 60.03 33.98 -43.41
N ASP A 240 59.93 35.16 -42.78
CA ASP A 240 60.65 35.37 -41.53
C ASP A 240 59.95 34.70 -40.34
N SER A 241 58.74 35.17 -40.00
CA SER A 241 57.97 34.53 -38.94
C SER A 241 56.50 34.33 -39.27
N SER A 242 55.90 35.15 -40.14
CA SER A 242 54.47 35.10 -40.40
C SER A 242 54.11 34.50 -41.74
N SER A 243 55.07 34.41 -42.67
CA SER A 243 54.82 33.82 -43.98
C SER A 243 55.63 32.56 -44.23
N GLY A 244 56.60 32.23 -43.38
CA GLY A 244 57.46 31.08 -43.58
C GLY A 244 56.98 29.83 -42.88
N TRP A 245 55.71 29.80 -42.49
CA TRP A 245 55.13 28.67 -41.79
C TRP A 245 54.32 27.82 -42.74
N THR A 246 54.55 26.51 -42.70
CA THR A 246 53.75 25.55 -43.44
C THR A 246 53.05 24.62 -42.46
N ALA A 247 51.76 24.39 -42.69
CA ALA A 247 50.97 23.60 -41.77
C ALA A 247 51.14 22.11 -42.04
N GLY A 248 50.73 21.30 -41.07
CA GLY A 248 50.74 19.86 -41.24
C GLY A 248 49.42 19.36 -41.79
N ALA A 249 48.98 18.20 -41.33
CA ALA A 249 47.70 17.62 -41.77
C ALA A 249 47.06 16.94 -40.58
N ALA A 250 46.00 17.55 -40.04
CA ALA A 250 45.31 16.97 -38.88
C ALA A 250 43.88 17.48 -38.87
N ALA A 251 43.05 16.84 -38.05
CA ALA A 251 41.67 17.30 -37.92
C ALA A 251 41.18 17.07 -36.51
N TYR A 252 40.22 17.89 -36.08
CA TYR A 252 39.58 17.70 -34.80
C TYR A 252 38.12 18.12 -34.87
N TYR A 253 37.30 17.38 -34.13
CA TYR A 253 35.85 17.57 -34.10
C TYR A 253 35.42 17.92 -32.69
N VAL A 254 34.49 18.87 -32.59
CA VAL A 254 34.06 19.43 -31.31
C VAL A 254 32.56 19.24 -31.17
N GLY A 255 32.14 18.77 -29.99
CA GLY A 255 30.73 18.68 -29.67
C GLY A 255 30.50 19.03 -28.21
N TYR A 256 29.24 19.34 -27.90
CA TYR A 256 28.85 19.80 -26.58
C TYR A 256 27.93 18.78 -25.91
N LEU A 257 28.05 18.66 -24.59
CA LEU A 257 27.32 17.68 -23.81
C LEU A 257 26.04 18.27 -23.25
N GLN A 258 25.04 17.40 -23.03
CA GLN A 258 23.77 17.79 -22.46
C GLN A 258 23.32 16.73 -21.46
N PRO A 259 22.52 17.10 -20.47
CA PRO A 259 22.00 16.11 -19.52
C PRO A 259 21.01 15.17 -20.20
N ARG A 260 21.29 13.87 -20.14
CA ARG A 260 20.49 12.87 -20.82
C ARG A 260 20.47 11.58 -20.02
N THR A 261 19.52 10.72 -20.38
CA THR A 261 19.40 9.38 -19.84
C THR A 261 19.95 8.38 -20.85
N PHE A 262 20.79 7.47 -20.37
CA PHE A 262 21.40 6.47 -21.24
C PHE A 262 21.19 5.08 -20.66
N LEU A 263 21.05 4.10 -21.55
CA LEU A 263 20.94 2.70 -21.15
C LEU A 263 22.15 1.96 -21.69
N LEU A 264 23.07 1.60 -20.79
CA LEU A 264 24.32 0.96 -21.15
C LEU A 264 24.23 -0.55 -20.93
N LYS A 265 25.01 -1.28 -21.74
CA LYS A 265 25.05 -2.74 -21.66
C LYS A 265 26.46 -3.17 -21.27
N TYR A 266 26.57 -3.82 -20.12
CA TYR A 266 27.83 -4.41 -19.66
C TYR A 266 27.84 -5.88 -20.02
N ASN A 267 28.86 -6.31 -20.75
CA ASN A 267 28.96 -7.69 -21.21
C ASN A 267 29.46 -8.58 -20.07
N GLU A 268 29.79 -9.83 -20.40
CA GLU A 268 30.27 -10.76 -19.39
C GLU A 268 31.61 -10.33 -18.81
N ASN A 269 32.50 -9.82 -19.67
CA ASN A 269 33.82 -9.41 -19.20
C ASN A 269 33.79 -8.12 -18.41
N GLY A 270 32.76 -7.30 -18.59
CA GLY A 270 32.62 -6.08 -17.83
C GLY A 270 33.02 -4.83 -18.60
N THR A 271 32.82 -4.84 -19.91
CA THR A 271 33.14 -3.72 -20.77
C THR A 271 31.87 -3.25 -21.49
N ILE A 272 31.68 -1.94 -21.55
CA ILE A 272 30.52 -1.39 -22.23
C ILE A 272 30.64 -1.66 -23.73
N THR A 273 29.60 -2.31 -24.28
CA THR A 273 29.58 -2.63 -25.70
C THR A 273 28.49 -1.90 -26.48
N ASP A 274 27.37 -1.54 -25.85
CA ASP A 274 26.30 -0.85 -26.53
C ASP A 274 25.60 0.09 -25.56
N ALA A 275 24.97 1.11 -26.13
CA ALA A 275 24.24 2.09 -25.35
C ALA A 275 23.07 2.61 -26.16
N VAL A 276 22.03 3.03 -25.45
CA VAL A 276 20.84 3.62 -26.05
C VAL A 276 20.69 5.02 -25.47
N ASP A 277 20.70 6.02 -26.35
CA ASP A 277 20.40 7.40 -25.96
C ASP A 277 18.89 7.50 -25.81
N CYS A 278 18.42 7.65 -24.57
CA CYS A 278 17.01 7.51 -24.29
C CYS A 278 16.31 8.85 -24.52
N ALA A 279 15.05 8.77 -24.94
CA ALA A 279 14.29 9.94 -25.38
C ALA A 279 14.91 10.64 -26.59
N LEU A 280 15.59 9.88 -27.44
CA LEU A 280 16.06 10.39 -28.72
C LEU A 280 14.94 10.35 -29.75
N ASP A 281 14.42 9.17 -30.02
CA ASP A 281 13.24 8.92 -30.84
C ASP A 281 12.33 7.99 -30.07
N PRO A 282 11.03 7.96 -30.39
CA PRO A 282 10.10 7.17 -29.58
C PRO A 282 10.46 5.68 -29.51
N LEU A 283 11.12 5.14 -30.53
CA LEU A 283 11.60 3.77 -30.44
C LEU A 283 12.62 3.61 -29.31
N SER A 284 13.48 4.61 -29.14
CA SER A 284 14.42 4.57 -28.03
C SER A 284 13.68 4.62 -26.69
N GLU A 285 12.62 5.40 -26.60
CA GLU A 285 11.83 5.43 -25.37
C GLU A 285 11.19 4.08 -25.10
N THR A 286 10.69 3.41 -26.14
CA THR A 286 10.16 2.06 -25.96
C THR A 286 11.24 1.11 -25.47
N LYS A 287 12.45 1.23 -26.02
CA LYS A 287 13.56 0.41 -25.56
C LYS A 287 13.89 0.71 -24.10
N CYS A 288 13.78 1.98 -23.70
CA CYS A 288 14.00 2.35 -22.31
C CYS A 288 12.99 1.67 -21.41
N THR A 289 11.71 1.72 -21.79
CA THR A 289 10.65 1.14 -20.98
C THR A 289 10.79 -0.38 -20.88
N LEU A 290 11.13 -1.03 -22.00
CA LEU A 290 11.28 -2.49 -22.00
C LEU A 290 12.63 -2.95 -21.46
N LYS A 291 13.59 -2.03 -21.28
CA LYS A 291 14.91 -2.36 -20.77
C LYS A 291 15.60 -3.43 -21.62
N SER A 292 15.49 -3.30 -22.94
CA SER A 292 16.11 -4.25 -23.85
C SER A 292 16.34 -3.58 -25.19
N PHE A 293 17.26 -4.15 -25.96
CA PHE A 293 17.57 -3.65 -27.29
C PHE A 293 16.64 -4.19 -28.37
N THR A 294 15.79 -5.15 -28.05
CA THR A 294 14.90 -5.78 -29.01
C THR A 294 13.45 -5.54 -28.60
N VAL A 295 12.62 -5.19 -29.59
CA VAL A 295 11.21 -4.89 -29.37
C VAL A 295 10.38 -5.76 -30.29
N GLU A 296 9.36 -6.41 -29.74
CA GLU A 296 8.48 -7.26 -30.53
C GLU A 296 7.49 -6.41 -31.32
N LYS A 297 6.85 -7.05 -32.30
CA LYS A 297 5.87 -6.36 -33.12
C LYS A 297 4.63 -6.01 -32.33
N GLY A 298 4.16 -4.77 -32.47
CA GLY A 298 2.96 -4.36 -31.78
C GLY A 298 2.85 -2.84 -31.74
N ILE A 299 2.11 -2.37 -30.73
CA ILE A 299 1.91 -0.95 -30.47
C ILE A 299 2.15 -0.70 -28.99
N TYR A 300 2.88 0.36 -28.68
CA TYR A 300 3.26 0.68 -27.32
C TYR A 300 2.92 2.13 -27.02
N GLN A 301 2.75 2.45 -25.74
CA GLN A 301 2.40 3.79 -25.29
C GLN A 301 3.63 4.47 -24.70
N THR A 302 3.90 5.70 -25.13
CA THR A 302 5.03 6.46 -24.61
C THR A 302 4.51 7.64 -23.81
N SER A 303 5.44 8.49 -23.37
CA SER A 303 5.07 9.67 -22.61
C SER A 303 4.28 10.65 -23.46
N ASN A 304 3.46 11.46 -22.80
CA ASN A 304 2.65 12.44 -23.48
C ASN A 304 3.53 13.49 -24.16
N PHE A 305 2.91 14.30 -25.02
CA PHE A 305 3.65 15.31 -25.77
C PHE A 305 4.05 16.40 -24.79
N ARG A 306 5.28 16.32 -24.31
CA ARG A 306 5.79 17.22 -23.29
C ARG A 306 6.69 18.26 -23.94
N VAL A 307 6.34 19.53 -23.77
CA VAL A 307 6.98 20.64 -24.48
C VAL A 307 7.82 21.43 -23.50
N GLN A 308 9.06 21.78 -23.93
CA GLN A 308 10.03 22.54 -23.15
C GLN A 308 9.75 24.03 -23.23
N PRO A 309 10.06 24.77 -22.17
CA PRO A 309 9.85 26.22 -22.18
C PRO A 309 10.86 26.93 -23.07
N THR A 310 10.51 28.16 -23.45
CA THR A 310 11.33 28.99 -24.32
C THR A 310 12.20 29.98 -23.56
N GLU A 311 11.61 30.80 -22.70
CA GLU A 311 12.33 31.85 -21.99
C GLU A 311 11.82 31.92 -20.55
N SER A 312 12.39 32.86 -19.79
CA SER A 312 12.04 33.07 -18.40
C SER A 312 11.73 34.54 -18.17
N ILE A 313 10.72 34.82 -17.34
CA ILE A 313 10.30 36.17 -17.02
C ILE A 313 10.21 36.33 -15.53
N VAL A 314 10.31 37.57 -15.07
CA VAL A 314 10.18 37.94 -13.66
C VAL A 314 9.27 39.16 -13.57
N ARG A 315 8.26 39.09 -12.71
CA ARG A 315 7.31 40.18 -12.51
C ARG A 315 7.21 40.49 -11.02
N PHE A 316 7.89 41.55 -10.59
CA PHE A 316 7.83 42.05 -9.23
C PHE A 316 7.21 43.45 -9.23
N PRO A 317 6.53 43.84 -8.14
CA PRO A 317 6.05 45.22 -8.06
C PRO A 317 7.22 46.20 -8.05
N ASN A 318 7.02 47.33 -8.72
CA ASN A 318 8.08 48.33 -8.89
C ASN A 318 8.11 49.29 -7.72
N ILE A 319 9.06 49.06 -6.81
CA ILE A 319 9.27 49.91 -5.65
C ILE A 319 10.74 50.31 -5.63
N THR A 320 11.01 51.59 -5.42
CA THR A 320 12.36 52.12 -5.50
C THR A 320 13.01 52.39 -4.15
N ASN A 321 12.22 52.57 -3.10
CA ASN A 321 12.77 52.94 -1.80
C ASN A 321 13.44 51.75 -1.14
N LEU A 322 14.44 52.06 -0.31
CA LEU A 322 15.13 51.07 0.52
C LEU A 322 14.71 51.31 1.96
N CYS A 323 13.94 50.39 2.53
CA CYS A 323 13.40 50.59 3.86
C CYS A 323 14.52 50.56 4.91
N PRO A 324 14.31 51.23 6.05
CA PRO A 324 15.44 51.52 6.96
C PRO A 324 16.07 50.26 7.54
N PHE A 325 17.34 50.05 7.20
CA PHE A 325 18.20 49.13 7.93
C PHE A 325 18.99 49.84 9.01
N GLY A 326 18.86 51.16 9.13
CA GLY A 326 19.58 51.93 10.13
C GLY A 326 18.69 52.40 11.27
N GLU A 327 17.37 52.35 11.07
CA GLU A 327 16.43 52.64 12.15
C GLU A 327 16.01 51.38 12.90
N VAL A 328 16.43 50.20 12.45
CA VAL A 328 16.15 48.94 13.12
C VAL A 328 17.41 48.33 13.71
N PHE A 329 18.54 48.41 12.99
CA PHE A 329 19.79 47.83 13.44
C PHE A 329 20.80 48.87 13.94
N ASN A 330 20.63 50.14 13.57
CA ASN A 330 21.60 51.18 13.89
C ASN A 330 20.99 52.26 14.77
N ALA A 331 19.95 51.91 15.53
CA ALA A 331 19.31 52.88 16.40
C ALA A 331 20.17 53.17 17.62
N THR A 332 19.82 54.25 18.33
CA THR A 332 20.58 54.67 19.51
C THR A 332 19.98 54.21 20.82
N ARG A 333 18.70 53.83 20.83
CA ARG A 333 18.03 53.43 22.05
C ARG A 333 17.08 52.27 21.75
N PHE A 334 17.21 51.19 22.51
CA PHE A 334 16.37 50.02 22.35
C PHE A 334 15.49 49.84 23.59
N ALA A 335 14.33 49.23 23.38
CA ALA A 335 13.38 49.02 24.46
C ALA A 335 13.77 47.81 25.30
N SER A 336 13.20 47.74 26.50
CA SER A 336 13.44 46.62 27.39
C SER A 336 12.72 45.37 26.90
N VAL A 337 13.05 44.24 27.52
CA VAL A 337 12.48 42.97 27.07
C VAL A 337 11.06 42.80 27.58
N TYR A 338 10.71 43.40 28.72
CA TYR A 338 9.34 43.28 29.22
C TYR A 338 8.37 44.10 28.39
N ALA A 339 8.85 45.17 27.74
CA ALA A 339 8.08 45.95 26.79
C ALA A 339 8.90 46.07 25.52
N TRP A 340 8.81 45.05 24.66
CA TRP A 340 9.59 45.01 23.43
C TRP A 340 8.94 45.88 22.35
N ASN A 341 9.76 46.38 21.44
CA ASN A 341 9.28 47.30 20.43
C ASN A 341 8.88 46.57 19.16
N ARG A 342 7.70 46.91 18.64
CA ARG A 342 7.18 46.32 17.41
C ARG A 342 7.05 47.40 16.36
N LYS A 343 7.58 47.15 15.17
CA LYS A 343 7.54 48.10 14.06
C LYS A 343 7.13 47.39 12.79
N ARG A 344 6.17 47.97 12.06
CA ARG A 344 5.76 47.45 10.77
C ARG A 344 6.60 48.06 9.66
N ILE A 345 7.03 47.24 8.72
CA ILE A 345 7.84 47.71 7.60
C ILE A 345 7.11 47.41 6.31
N SER A 346 7.19 48.33 5.35
CA SER A 346 6.48 48.20 4.09
C SER A 346 7.19 49.00 3.02
N ASN A 347 6.86 48.69 1.76
CA ASN A 347 7.43 49.37 0.60
C ASN A 347 8.96 49.26 0.59
N CYS A 348 9.44 48.03 0.49
CA CYS A 348 10.85 47.71 0.62
C CYS A 348 11.46 47.27 -0.69
N VAL A 349 12.79 47.32 -0.74
CA VAL A 349 13.59 46.50 -1.64
C VAL A 349 14.57 45.77 -0.74
N ALA A 350 14.18 44.57 -0.30
CA ALA A 350 14.93 43.86 0.73
C ALA A 350 16.24 43.32 0.15
N ASP A 351 17.31 44.11 0.28
CA ASP A 351 18.62 43.74 -0.25
C ASP A 351 19.51 43.09 0.80
N TYR A 352 19.62 43.71 1.98
CA TYR A 352 20.45 43.25 3.10
C TYR A 352 21.89 42.96 2.67
N SER A 353 22.31 43.47 1.51
CA SER A 353 23.70 43.41 1.10
C SER A 353 24.51 44.58 1.62
N VAL A 354 23.86 45.60 2.16
CA VAL A 354 24.55 46.73 2.78
C VAL A 354 24.88 46.46 4.25
N LEU A 355 24.41 45.36 4.81
CA LEU A 355 24.73 44.96 6.18
C LEU A 355 26.02 44.18 6.27
N TYR A 356 26.80 44.12 5.20
CA TYR A 356 28.08 43.44 5.21
C TYR A 356 29.24 44.36 5.60
N ASN A 357 29.10 45.66 5.40
CA ASN A 357 30.17 46.60 5.74
C ASN A 357 30.40 46.66 7.24
N SER A 358 29.35 46.45 8.04
CA SER A 358 29.45 46.50 9.49
C SER A 358 28.33 45.64 10.07
N ALA A 359 28.20 45.66 11.40
CA ALA A 359 27.14 44.94 12.11
C ALA A 359 27.20 43.43 11.83
N SER A 360 28.30 42.83 12.25
CA SER A 360 28.42 41.38 12.18
C SER A 360 27.49 40.74 13.21
N PHE A 361 26.69 39.77 12.76
CA PHE A 361 25.66 39.16 13.59
C PHE A 361 26.17 37.84 14.15
N SER A 362 26.16 37.71 15.47
CA SER A 362 26.58 36.47 16.12
C SER A 362 25.53 35.37 16.00
N THR A 363 24.25 35.73 15.91
CA THR A 363 23.19 34.74 15.76
C THR A 363 22.27 35.18 14.62
N PHE A 364 22.04 34.27 13.67
CA PHE A 364 21.13 34.53 12.56
C PHE A 364 20.48 33.20 12.19
N LYS A 365 19.29 32.93 12.72
CA LYS A 365 18.63 31.64 12.54
C LYS A 365 17.25 31.85 11.96
N CYS A 366 16.96 31.18 10.84
CA CYS A 366 15.74 31.44 10.10
C CYS A 366 14.87 30.20 9.98
N TYR A 367 13.59 30.34 10.31
CA TYR A 367 12.63 29.24 10.29
C TYR A 367 11.54 29.53 9.27
N GLY A 368 11.18 28.50 8.50
CA GLY A 368 10.14 28.60 7.50
C GLY A 368 10.62 28.96 6.11
N VAL A 369 11.89 29.30 5.94
CA VAL A 369 12.42 29.70 4.64
C VAL A 369 13.93 29.48 4.66
N SER A 370 14.48 29.10 3.51
CA SER A 370 15.91 28.91 3.41
C SER A 370 16.62 30.25 3.26
N PRO A 371 17.80 30.41 3.88
CA PRO A 371 18.52 31.69 3.76
C PRO A 371 18.92 32.04 2.34
N THR A 372 19.14 31.04 1.49
CA THR A 372 19.60 31.30 0.13
C THR A 372 18.48 31.73 -0.81
N LYS A 373 17.21 31.61 -0.40
CA LYS A 373 16.08 31.98 -1.22
C LYS A 373 15.50 33.34 -0.86
N LEU A 374 16.17 34.09 0.01
CA LEU A 374 15.65 35.38 0.46
C LEU A 374 15.71 36.45 -0.63
N ASN A 375 16.43 36.22 -1.72
CA ASN A 375 16.51 37.17 -2.83
C ASN A 375 15.58 36.81 -3.97
N ASP A 376 14.69 35.83 -3.78
CA ASP A 376 13.78 35.39 -4.82
C ASP A 376 12.34 35.37 -4.31
N LEU A 377 12.04 36.16 -3.29
CA LEU A 377 10.75 36.10 -2.62
C LEU A 377 10.23 37.50 -2.35
N CYS A 378 8.92 37.58 -2.17
CA CYS A 378 8.24 38.81 -1.77
C CYS A 378 7.44 38.52 -0.50
N PHE A 379 7.53 39.44 0.45
CA PHE A 379 6.95 39.23 1.78
C PHE A 379 5.71 40.09 1.98
N THR A 380 4.73 39.53 2.69
CA THR A 380 3.41 40.16 2.80
C THR A 380 3.42 41.30 3.81
N ASN A 381 3.69 40.99 5.07
CA ASN A 381 3.71 42.00 6.12
C ASN A 381 4.80 41.70 7.14
N VAL A 382 5.89 42.47 7.07
CA VAL A 382 7.07 42.23 7.91
C VAL A 382 6.97 43.08 9.17
N TYR A 383 7.10 42.42 10.31
CA TYR A 383 7.11 43.07 11.62
C TYR A 383 8.46 42.80 12.28
N ALA A 384 9.09 43.86 12.78
CA ALA A 384 10.36 43.77 13.49
C ALA A 384 10.11 43.98 14.97
N ASP A 385 10.49 43.00 15.77
CA ASP A 385 10.38 43.05 17.23
C ASP A 385 11.79 43.17 17.78
N SER A 386 12.08 44.30 18.41
CA SER A 386 13.43 44.61 18.87
C SER A 386 13.44 44.72 20.39
N PHE A 387 14.50 44.18 21.01
CA PHE A 387 14.73 44.33 22.44
C PHE A 387 16.18 43.99 22.73
N VAL A 388 16.53 44.02 24.02
CA VAL A 388 17.88 43.74 24.50
C VAL A 388 17.80 42.78 25.67
N ILE A 389 18.62 41.73 25.65
CA ILE A 389 18.62 40.71 26.69
C ILE A 389 20.06 40.41 27.09
N ARG A 390 20.20 39.42 27.97
CA ARG A 390 21.49 38.90 28.37
C ARG A 390 21.91 37.78 27.44
N GLY A 391 23.22 37.64 27.24
CA GLY A 391 23.73 36.69 26.25
C GLY A 391 23.30 35.26 26.51
N ASP A 392 23.40 34.81 27.77
CA ASP A 392 23.05 33.44 28.11
C ASP A 392 21.60 33.12 27.81
N GLU A 393 20.77 34.14 27.66
CA GLU A 393 19.35 33.99 27.40
C GLU A 393 19.00 34.02 25.92
N VAL A 394 19.99 34.26 25.05
CA VAL A 394 19.73 34.33 23.61
C VAL A 394 19.19 33.00 23.09
N ARG A 395 19.61 31.89 23.69
CA ARG A 395 19.12 30.57 23.31
C ARG A 395 17.63 30.39 23.58
N GLN A 396 17.02 31.24 24.40
CA GLN A 396 15.60 31.13 24.71
C GLN A 396 14.71 31.76 23.64
N ILE A 397 15.29 32.48 22.69
CA ILE A 397 14.49 33.09 21.60
C ILE A 397 14.42 32.04 20.50
N ALA A 398 13.46 31.12 20.67
CA ALA A 398 13.24 30.01 19.73
C ALA A 398 11.92 29.33 20.07
N PRO A 399 11.22 28.77 19.08
CA PRO A 399 9.96 28.09 19.37
C PRO A 399 10.16 26.90 20.31
N GLY A 400 9.20 26.72 21.22
CA GLY A 400 9.23 25.59 22.13
C GLY A 400 10.41 25.58 23.08
N GLN A 401 10.59 26.66 23.85
CA GLN A 401 11.68 26.77 24.79
C GLN A 401 11.16 27.22 26.15
N THR A 402 11.94 26.94 27.19
CA THR A 402 11.59 27.28 28.56
C THR A 402 12.66 28.17 29.17
N GLY A 403 12.29 28.87 30.23
CA GLY A 403 13.14 29.86 30.87
C GLY A 403 12.31 31.07 31.24
N LYS A 404 12.89 32.04 31.96
CA LYS A 404 12.11 33.20 32.38
C LYS A 404 11.76 34.10 31.20
N ILE A 405 12.67 34.23 30.23
CA ILE A 405 12.36 35.03 29.05
C ILE A 405 11.24 34.38 28.24
N ALA A 406 11.34 33.07 28.01
CA ALA A 406 10.35 32.37 27.19
C ALA A 406 9.02 32.19 27.91
N ASP A 407 8.94 32.45 29.21
CA ASP A 407 7.73 32.23 29.98
C ASP A 407 7.04 33.54 30.37
N TYR A 408 7.78 34.50 30.92
CA TYR A 408 7.18 35.68 31.51
C TYR A 408 7.36 36.95 30.68
N ASN A 409 8.29 36.96 29.72
CA ASN A 409 8.61 38.18 28.99
C ASN A 409 8.23 38.10 27.52
N TYR A 410 8.75 37.12 26.78
CA TYR A 410 8.56 37.07 25.34
C TYR A 410 8.43 35.62 24.89
N LYS A 411 7.40 35.34 24.10
CA LYS A 411 7.12 33.99 23.64
C LYS A 411 6.88 33.99 22.14
N LEU A 412 7.46 33.01 21.44
CA LEU A 412 7.26 32.82 20.02
C LEU A 412 6.25 31.70 19.76
N PRO A 413 5.43 31.82 18.72
CA PRO A 413 4.46 30.77 18.42
C PRO A 413 5.14 29.51 17.92
N ASP A 414 4.42 28.38 18.11
CA ASP A 414 4.96 27.10 17.67
C ASP A 414 5.13 27.06 16.15
N ASP A 415 4.17 27.61 15.41
CA ASP A 415 4.25 27.69 13.96
C ASP A 415 4.77 29.08 13.59
N PHE A 416 6.09 29.20 13.51
CA PHE A 416 6.76 30.47 13.30
C PHE A 416 7.38 30.52 11.92
N THR A 417 7.09 31.58 11.17
CA THR A 417 7.74 31.86 9.90
C THR A 417 8.42 33.22 10.01
N GLY A 418 9.70 33.27 9.66
CA GLY A 418 10.50 34.44 9.90
C GLY A 418 11.76 34.03 10.60
N CYS A 419 12.45 34.99 11.21
CA CYS A 419 13.69 34.59 11.84
C CYS A 419 14.31 35.63 12.77
N VAL A 420 15.33 35.17 13.50
CA VAL A 420 15.88 35.86 14.66
C VAL A 420 17.33 36.24 14.37
N ILE A 421 17.68 37.48 14.69
CA ILE A 421 19.03 38.01 14.58
C ILE A 421 19.42 38.56 15.94
N ALA A 422 20.66 38.30 16.37
CA ALA A 422 21.13 38.76 17.65
C ALA A 422 22.61 39.08 17.55
N TRP A 423 23.02 40.22 18.12
CA TRP A 423 24.42 40.63 18.07
C TRP A 423 24.82 41.31 19.37
N ASN A 424 26.10 41.17 19.71
CA ASN A 424 26.63 41.75 20.93
C ASN A 424 26.77 43.26 20.80
N SER A 425 26.43 43.98 21.87
CA SER A 425 26.50 45.44 21.90
C SER A 425 27.07 45.89 23.24
N ASN A 426 28.16 45.25 23.67
CA ASN A 426 28.73 45.56 24.98
C ASN A 426 29.27 46.97 25.06
N ASN A 427 29.73 47.52 23.94
CA ASN A 427 30.32 48.85 23.93
C ASN A 427 29.30 49.98 23.81
N LEU A 428 28.01 49.65 23.66
CA LEU A 428 26.96 50.65 23.52
C LEU A 428 26.00 50.66 24.69
N ASP A 429 25.49 49.49 25.08
CA ASP A 429 24.47 49.39 26.11
C ASP A 429 25.03 49.26 27.52
N SER A 430 26.36 49.16 27.66
CA SER A 430 26.99 48.94 28.95
C SER A 430 27.98 50.07 29.24
N LYS A 431 28.00 50.53 30.49
CA LYS A 431 28.91 51.58 30.91
C LYS A 431 29.44 51.25 32.29
N VAL A 432 30.58 51.86 32.63
CA VAL A 432 31.20 51.64 33.93
C VAL A 432 30.29 52.15 35.03
N GLY A 433 30.28 51.44 36.17
CA GLY A 433 29.43 51.79 37.27
C GLY A 433 28.02 51.21 37.19
N GLY A 434 27.73 50.40 36.19
CA GLY A 434 26.42 49.80 36.06
C GLY A 434 25.50 50.58 35.15
N ASN A 435 24.59 49.86 34.50
CA ASN A 435 23.59 50.47 33.62
C ASN A 435 22.27 49.77 33.91
N TYR A 436 21.41 50.44 34.71
CA TYR A 436 20.14 49.87 35.15
C TYR A 436 18.95 50.42 34.35
N ASN A 437 19.15 50.71 33.07
CA ASN A 437 18.09 51.25 32.23
C ASN A 437 17.26 50.16 31.55
N TYR A 438 17.64 48.90 31.70
CA TYR A 438 16.92 47.78 31.11
C TYR A 438 16.34 46.90 32.22
N LEU A 439 15.07 46.57 32.10
CA LEU A 439 14.35 45.82 33.12
C LEU A 439 13.76 44.56 32.52
N TYR A 440 13.46 43.59 33.41
CA TYR A 440 12.82 42.36 33.00
C TYR A 440 11.95 41.85 34.14
N ARG A 441 10.96 41.04 33.76
CA ARG A 441 9.98 40.50 34.71
C ARG A 441 10.46 39.15 35.23
N LEU A 442 10.28 38.94 36.54
CA LEU A 442 10.71 37.72 37.20
C LEU A 442 9.56 36.88 37.73
N PHE A 443 8.51 37.51 38.24
CA PHE A 443 7.39 36.81 38.86
C PHE A 443 6.13 37.02 38.04
N ARG A 444 5.41 35.93 37.79
CA ARG A 444 4.13 36.01 37.08
C ARG A 444 3.30 34.79 37.44
N LYS A 445 1.97 34.97 37.45
CA LYS A 445 1.07 33.89 37.84
C LYS A 445 1.13 32.74 36.84
N SER A 446 1.08 33.05 35.54
CA SER A 446 1.04 32.02 34.51
C SER A 446 1.90 32.45 33.33
N ASN A 447 2.21 31.48 32.47
CA ASN A 447 3.02 31.74 31.30
C ASN A 447 2.26 32.59 30.29
N LEU A 448 3.01 33.22 29.40
CA LEU A 448 2.44 34.12 28.40
C LEU A 448 1.97 33.35 27.17
N LYS A 449 1.05 33.98 26.44
CA LYS A 449 0.65 33.52 25.12
C LYS A 449 1.61 34.07 24.07
N PRO A 450 1.68 33.44 22.90
CA PRO A 450 2.60 33.93 21.87
C PRO A 450 2.29 35.37 21.47
N PHE A 451 3.35 36.16 21.30
CA PHE A 451 3.25 37.56 20.89
C PHE A 451 2.31 38.36 21.79
N GLU A 452 2.47 38.17 23.10
CA GLU A 452 1.71 38.90 24.10
C GLU A 452 2.65 39.76 24.93
N ARG A 453 2.20 40.97 25.26
CA ARG A 453 2.97 41.93 26.03
C ARG A 453 2.27 42.19 27.36
N ASP A 454 3.05 42.17 28.45
CA ASP A 454 2.54 42.41 29.79
C ASP A 454 3.42 43.44 30.47
N ILE A 455 2.92 44.67 30.59
CA ILE A 455 3.68 45.78 31.15
C ILE A 455 3.17 46.21 32.51
N SER A 456 2.13 45.57 33.04
CA SER A 456 1.58 45.97 34.33
C SER A 456 2.57 45.68 35.44
N THR A 457 2.65 46.60 36.40
CA THR A 457 3.56 46.49 37.54
C THR A 457 2.71 46.48 38.81
N GLU A 458 2.28 45.28 39.20
CA GLU A 458 1.50 45.08 40.42
C GLU A 458 2.25 44.15 41.35
N ILE A 459 2.04 44.33 42.66
CA ILE A 459 2.75 43.54 43.65
C ILE A 459 2.33 42.08 43.53
N TYR A 460 3.31 41.19 43.51
CA TYR A 460 3.08 39.76 43.32
C TYR A 460 3.05 39.08 44.68
N GLN A 461 2.02 38.27 44.90
CA GLN A 461 1.84 37.55 46.15
C GLN A 461 2.36 36.13 46.00
N ALA A 462 3.38 35.78 46.78
CA ALA A 462 3.97 34.45 46.71
C ALA A 462 3.38 33.51 47.77
N GLY A 463 3.19 34.00 48.99
CA GLY A 463 2.63 33.18 50.04
C GLY A 463 1.11 33.15 50.01
N SER A 464 0.49 33.33 51.18
CA SER A 464 -0.97 33.31 51.29
C SER A 464 -1.57 34.64 51.74
N THR A 465 -0.84 35.46 52.48
CA THR A 465 -1.39 36.73 52.93
C THR A 465 -1.48 37.71 51.77
N PRO A 466 -2.54 38.51 51.71
CA PRO A 466 -2.63 39.55 50.67
C PRO A 466 -1.58 40.63 50.88
N CYS A 467 -1.14 41.21 49.77
CA CYS A 467 -0.11 42.26 49.82
C CYS A 467 -0.74 43.65 49.86
N ASN A 468 -1.74 43.90 49.02
CA ASN A 468 -2.44 45.18 48.96
C ASN A 468 -1.49 46.33 48.63
N GLY A 469 -0.71 46.14 47.57
CA GLY A 469 0.13 47.20 47.04
C GLY A 469 1.23 47.68 47.96
N VAL A 470 1.93 46.75 48.61
CA VAL A 470 3.08 47.10 49.43
C VAL A 470 4.10 45.97 49.35
N GLU A 471 5.38 46.34 49.43
CA GLU A 471 6.47 45.38 49.34
C GLU A 471 6.88 44.98 50.76
N GLY A 472 6.82 43.68 51.05
CA GLY A 472 7.14 43.18 52.37
C GLY A 472 7.59 41.74 52.32
N PHE A 473 7.09 40.94 53.26
CA PHE A 473 7.47 39.54 53.38
C PHE A 473 6.52 38.70 52.52
N ASN A 474 7.09 37.91 51.61
CA ASN A 474 6.34 37.19 50.57
C ASN A 474 5.51 38.14 49.72
N CYS A 475 6.02 39.34 49.47
CA CYS A 475 5.38 40.32 48.58
C CYS A 475 6.49 41.01 47.81
N TYR A 476 6.76 40.54 46.59
CA TYR A 476 7.88 41.00 45.79
C TYR A 476 7.42 41.95 44.69
N PHE A 477 8.37 42.74 44.19
CA PHE A 477 8.18 43.56 43.00
C PHE A 477 8.53 42.75 41.76
N PRO A 478 7.64 42.67 40.77
CA PRO A 478 7.90 41.78 39.63
C PRO A 478 9.09 42.18 38.78
N LEU A 479 9.16 43.45 38.35
CA LEU A 479 10.23 43.91 37.49
C LEU A 479 11.51 44.16 38.28
N GLN A 480 12.65 43.83 37.68
CA GLN A 480 13.94 44.18 38.24
C GLN A 480 14.91 44.49 37.10
N SER A 481 15.93 45.29 37.41
CA SER A 481 16.81 45.87 36.40
C SER A 481 18.03 44.99 36.18
N TYR A 482 18.44 44.89 34.91
CA TYR A 482 19.68 44.22 34.56
C TYR A 482 20.88 44.99 35.09
N GLY A 483 21.95 44.27 35.38
CA GLY A 483 23.20 44.90 35.76
C GLY A 483 24.28 44.68 34.72
N PHE A 484 24.63 45.75 33.99
CA PHE A 484 25.56 45.65 32.87
C PHE A 484 26.82 46.45 33.18
N GLN A 485 27.96 45.80 33.06
CA GLN A 485 29.27 46.42 33.27
C GLN A 485 30.21 45.94 32.18
N PRO A 486 31.22 46.75 31.82
CA PRO A 486 32.16 46.32 30.78
C PRO A 486 33.08 45.20 31.21
N THR A 487 33.21 44.93 32.51
CA THR A 487 34.11 43.90 33.01
C THR A 487 33.43 42.56 33.26
N ASN A 488 32.15 42.44 32.92
CA ASN A 488 31.45 41.18 33.14
C ASN A 488 31.94 40.12 32.14
N GLY A 489 31.53 38.89 32.40
CA GLY A 489 31.89 37.78 31.53
C GLY A 489 31.12 37.81 30.22
N VAL A 490 31.40 36.81 29.40
CA VAL A 490 30.75 36.72 28.10
C VAL A 490 29.24 36.53 28.27
N GLY A 491 28.85 35.69 29.22
CA GLY A 491 27.43 35.45 29.43
C GLY A 491 26.67 36.68 29.87
N TYR A 492 27.26 37.47 30.77
CA TYR A 492 26.60 38.65 31.32
C TYR A 492 26.95 39.91 30.52
N GLN A 493 26.65 39.86 29.23
CA GLN A 493 26.85 41.01 28.36
C GLN A 493 25.59 41.28 27.55
N PRO A 494 25.29 42.55 27.27
CA PRO A 494 24.03 42.86 26.57
C PRO A 494 24.08 42.43 25.12
N TYR A 495 23.02 41.74 24.69
CA TYR A 495 22.84 41.33 23.31
C TYR A 495 21.56 41.95 22.77
N ARG A 496 21.65 42.60 21.62
CA ARG A 496 20.50 43.19 20.97
C ARG A 496 19.88 42.16 20.02
N VAL A 497 18.57 41.98 20.12
CA VAL A 497 17.85 40.94 19.40
C VAL A 497 16.73 41.59 18.58
N VAL A 498 16.66 41.23 17.30
CA VAL A 498 15.62 41.65 16.38
C VAL A 498 15.01 40.41 15.74
N VAL A 499 13.69 40.28 15.84
CA VAL A 499 12.95 39.15 15.30
C VAL A 499 12.06 39.67 14.19
N LEU A 500 12.23 39.14 12.98
CA LEU A 500 11.41 39.52 11.84
C LEU A 500 10.35 38.45 11.61
N SER A 501 9.10 38.87 11.48
CA SER A 501 7.98 37.97 11.24
C SER A 501 7.27 38.39 9.96
N PHE A 502 6.95 37.41 9.12
CA PHE A 502 6.29 37.68 7.85
C PHE A 502 5.53 36.44 7.41
N GLU A 503 4.83 36.56 6.27
CA GLU A 503 4.07 35.48 5.67
C GLU A 503 4.43 35.40 4.19
N LEU A 504 4.34 34.20 3.62
CA LEU A 504 4.87 33.94 2.29
C LEU A 504 3.80 33.33 1.38
N LEU A 505 3.66 33.91 0.18
CA LEU A 505 2.92 33.30 -0.93
C LEU A 505 1.47 32.99 -0.58
N HIS A 506 0.81 33.91 0.12
CA HIS A 506 -0.61 33.76 0.41
C HIS A 506 -1.44 35.02 0.20
N ALA A 507 -0.83 36.20 0.19
CA ALA A 507 -1.57 37.46 0.10
C ALA A 507 -0.78 38.46 -0.73
N PRO A 508 -1.36 39.59 -1.14
CA PRO A 508 -0.56 40.61 -1.83
C PRO A 508 0.63 41.04 -1.01
N ALA A 509 1.78 41.18 -1.67
CA ALA A 509 3.05 41.43 -1.01
C ALA A 509 3.59 42.78 -1.42
N THR A 510 4.15 43.51 -0.46
CA THR A 510 4.75 44.82 -0.68
C THR A 510 6.27 44.78 -0.54
N VAL A 511 6.77 44.15 0.52
CA VAL A 511 8.21 43.99 0.69
C VAL A 511 8.70 42.91 -0.27
N CYS A 512 9.68 43.25 -1.09
CA CYS A 512 10.16 42.35 -2.13
C CYS A 512 11.69 42.37 -2.15
N GLY A 513 12.25 41.37 -2.84
CA GLY A 513 13.68 41.25 -2.96
C GLY A 513 14.26 42.21 -3.97
N PRO A 514 15.57 42.16 -4.12
CA PRO A 514 16.26 43.08 -5.03
C PRO A 514 16.32 42.64 -6.49
N LYS A 515 15.53 41.64 -6.89
CA LYS A 515 15.55 41.19 -8.27
C LYS A 515 14.93 42.22 -9.20
N LYS A 516 15.40 42.22 -10.44
CA LYS A 516 14.89 43.12 -11.45
C LYS A 516 13.61 42.56 -12.08
N SER A 517 12.97 43.38 -12.91
CA SER A 517 11.76 42.99 -13.60
C SER A 517 12.04 42.68 -15.06
N THR A 518 11.08 42.04 -15.71
CA THR A 518 11.21 41.63 -17.10
C THR A 518 9.87 41.85 -17.81
N ASN A 519 9.95 42.01 -19.13
CA ASN A 519 8.75 42.22 -19.93
C ASN A 519 7.85 40.98 -19.89
N LEU A 520 6.57 41.20 -20.17
CA LEU A 520 5.56 40.15 -20.09
C LEU A 520 5.30 39.56 -21.48
N VAL A 521 5.36 38.23 -21.57
CA VAL A 521 5.07 37.52 -22.80
C VAL A 521 3.88 36.60 -22.56
N LYS A 522 3.15 36.29 -23.63
CA LYS A 522 1.93 35.51 -23.53
C LYS A 522 1.85 34.52 -24.67
N ASN A 523 0.99 33.51 -24.48
CA ASN A 523 0.72 32.48 -25.49
C ASN A 523 1.97 31.65 -25.82
N LYS A 524 2.89 31.54 -24.88
CA LYS A 524 4.08 30.72 -25.05
C LYS A 524 4.41 30.05 -23.72
N CYS A 525 4.93 28.82 -23.79
CA CYS A 525 5.34 28.11 -22.59
C CYS A 525 6.64 28.71 -22.08
N VAL A 526 6.56 29.44 -20.96
CA VAL A 526 7.69 30.13 -20.38
C VAL A 526 7.74 29.85 -18.89
N ASN A 527 8.90 30.17 -18.30
CA ASN A 527 9.09 30.10 -16.86
C ASN A 527 8.78 31.45 -16.24
N PHE A 528 7.90 31.46 -15.24
CA PHE A 528 7.44 32.69 -14.62
C PHE A 528 7.81 32.71 -13.15
N ASN A 529 7.99 33.94 -12.63
CA ASN A 529 8.28 34.21 -11.23
C ASN A 529 7.40 35.38 -10.80
N PHE A 530 6.25 35.06 -10.22
CA PHE A 530 5.27 36.06 -9.79
C PHE A 530 5.31 36.16 -8.26
N ASN A 531 5.93 37.23 -7.76
CA ASN A 531 6.00 37.51 -6.32
C ASN A 531 6.60 36.34 -5.55
N GLY A 532 7.59 35.69 -6.15
CA GLY A 532 8.25 34.55 -5.55
C GLY A 532 7.71 33.20 -5.97
N LEU A 533 6.51 33.16 -6.54
CA LEU A 533 5.94 31.91 -7.01
C LEU A 533 6.53 31.59 -8.38
N THR A 534 7.31 30.52 -8.46
CA THR A 534 7.98 30.12 -9.70
C THR A 534 7.26 28.94 -10.32
N GLY A 535 7.23 28.93 -11.65
CA GLY A 535 6.59 27.83 -12.35
C GLY A 535 6.84 27.90 -13.84
N THR A 536 6.24 26.96 -14.55
CA THR A 536 6.31 26.91 -16.00
C THR A 536 4.90 26.77 -16.57
N GLY A 537 4.61 27.50 -17.63
CA GLY A 537 3.30 27.40 -18.24
C GLY A 537 3.08 28.48 -19.27
N VAL A 538 1.84 28.56 -19.73
CA VAL A 538 1.39 29.54 -20.71
C VAL A 538 0.44 30.51 -20.03
N LEU A 539 0.69 31.80 -20.19
CA LEU A 539 -0.14 32.85 -19.62
C LEU A 539 -1.14 33.33 -20.67
N THR A 540 -2.41 33.39 -20.29
CA THR A 540 -3.48 33.77 -21.18
C THR A 540 -4.38 34.82 -20.52
N GLU A 541 -4.99 35.67 -21.33
CA GLU A 541 -5.92 36.66 -20.80
C GLU A 541 -7.09 35.98 -20.10
N SER A 542 -7.53 36.59 -19.00
CA SER A 542 -8.55 36.00 -18.14
C SER A 542 -9.83 36.82 -18.17
N ASN A 543 -10.89 36.24 -17.60
CA ASN A 543 -12.17 36.90 -17.45
C ASN A 543 -12.63 37.01 -16.01
N LYS A 544 -11.96 36.34 -15.07
CA LYS A 544 -12.33 36.42 -13.67
C LYS A 544 -11.97 37.79 -13.10
N LYS A 545 -12.75 38.22 -12.11
CA LYS A 545 -12.54 39.50 -11.43
C LYS A 545 -12.27 39.21 -9.96
N PHE A 546 -11.02 39.44 -9.54
CA PHE A 546 -10.63 39.18 -8.17
C PHE A 546 -11.13 40.30 -7.25
N LEU A 547 -11.33 39.96 -5.98
CA LEU A 547 -11.59 40.95 -4.96
C LEU A 547 -10.32 41.74 -4.68
N PRO A 548 -10.45 42.97 -4.16
CA PRO A 548 -9.26 43.82 -3.98
C PRO A 548 -8.23 43.27 -3.00
N PHE A 549 -8.52 42.18 -2.29
CA PHE A 549 -7.59 41.60 -1.34
C PHE A 549 -7.12 40.21 -1.74
N GLN A 550 -7.33 39.83 -3.00
CA GLN A 550 -6.94 38.51 -3.49
C GLN A 550 -5.86 38.65 -4.55
N GLN A 551 -4.91 37.70 -4.55
CA GLN A 551 -3.77 37.72 -5.46
C GLN A 551 -3.64 36.47 -6.30
N PHE A 552 -3.93 35.30 -5.75
CA PHE A 552 -3.76 34.04 -6.44
C PHE A 552 -5.07 33.27 -6.51
N GLY A 553 -5.23 32.47 -7.55
CA GLY A 553 -6.37 31.59 -7.70
C GLY A 553 -5.90 30.15 -7.78
N ARG A 554 -6.73 29.25 -7.26
CA ARG A 554 -6.37 27.84 -7.15
C ARG A 554 -7.45 26.95 -7.74
N ASP A 555 -7.02 25.77 -8.19
CA ASP A 555 -7.90 24.80 -8.83
C ASP A 555 -8.42 23.81 -7.79
N ILE A 556 -9.26 22.86 -8.24
CA ILE A 556 -9.79 21.85 -7.34
C ILE A 556 -8.67 20.95 -6.82
N ALA A 557 -7.64 20.72 -7.63
CA ALA A 557 -6.48 19.95 -7.21
C ALA A 557 -5.51 20.77 -6.36
N ASP A 558 -5.92 21.96 -5.92
CA ASP A 558 -5.10 22.83 -5.08
C ASP A 558 -3.79 23.18 -5.78
N THR A 559 -3.92 23.76 -6.98
CA THR A 559 -2.77 24.22 -7.75
C THR A 559 -3.07 25.60 -8.33
N THR A 560 -2.02 26.37 -8.57
CA THR A 560 -2.18 27.73 -9.03
C THR A 560 -2.75 27.76 -10.45
N ASP A 561 -3.84 28.51 -10.64
CA ASP A 561 -4.50 28.62 -11.92
C ASP A 561 -4.48 30.04 -12.46
N ALA A 562 -4.91 31.02 -11.68
CA ALA A 562 -4.94 32.42 -12.10
C ALA A 562 -4.08 33.25 -11.17
N VAL A 563 -3.55 34.34 -11.71
CA VAL A 563 -2.65 35.22 -10.96
C VAL A 563 -2.83 36.65 -11.46
N ARG A 564 -2.69 37.61 -10.54
CA ARG A 564 -2.77 39.02 -10.87
C ARG A 564 -1.37 39.58 -11.07
N ASP A 565 -1.18 40.31 -12.16
CA ASP A 565 0.13 40.88 -12.46
C ASP A 565 0.43 42.02 -11.50
N PRO A 566 1.52 41.95 -10.73
CA PRO A 566 1.82 43.05 -9.79
C PRO A 566 2.08 44.39 -10.47
N GLN A 567 2.65 44.39 -11.67
CA GLN A 567 2.98 45.66 -12.34
C GLN A 567 1.71 46.39 -12.78
N THR A 568 0.93 45.75 -13.67
CA THR A 568 -0.36 46.27 -14.09
C THR A 568 -1.46 45.33 -13.60
N LEU A 569 -2.49 45.89 -12.99
CA LEU A 569 -3.50 45.08 -12.30
C LEU A 569 -4.41 44.41 -13.31
N GLU A 570 -4.05 43.20 -13.71
CA GLU A 570 -4.86 42.39 -14.60
C GLU A 570 -4.68 40.92 -14.24
N ILE A 571 -5.67 40.11 -14.59
CA ILE A 571 -5.70 38.70 -14.25
C ILE A 571 -5.25 37.88 -15.45
N LEU A 572 -4.43 36.87 -15.20
CA LEU A 572 -3.95 35.97 -16.24
C LEU A 572 -4.09 34.53 -15.76
N ASP A 573 -4.51 33.66 -16.66
CA ASP A 573 -4.63 32.24 -16.37
C ASP A 573 -3.37 31.51 -16.81
N ILE A 574 -2.98 30.51 -16.02
CA ILE A 574 -1.76 29.74 -16.25
C ILE A 574 -2.17 28.33 -16.65
N THR A 575 -1.69 27.88 -17.81
CA THR A 575 -2.04 26.58 -18.34
C THR A 575 -0.79 25.76 -18.64
N PRO A 576 -0.72 24.50 -18.21
CA PRO A 576 0.42 23.65 -18.60
C PRO A 576 0.48 23.48 -20.12
N CYS A 577 1.71 23.38 -20.63
CA CYS A 577 1.94 23.25 -22.07
C CYS A 577 2.28 21.82 -22.48
N SER A 578 1.98 20.83 -21.64
CA SER A 578 2.18 19.42 -21.95
C SER A 578 0.82 18.75 -22.04
N PHE A 579 0.54 18.10 -23.16
CA PHE A 579 -0.80 17.58 -23.42
C PHE A 579 -0.76 16.65 -24.62
N GLY A 580 -1.50 15.55 -24.53
CA GLY A 580 -1.67 14.65 -25.67
C GLY A 580 -0.84 13.38 -25.61
N GLY A 581 -1.49 12.23 -25.78
CA GLY A 581 -0.79 10.96 -25.72
C GLY A 581 -0.09 10.61 -27.02
N VAL A 582 0.87 9.69 -26.91
CA VAL A 582 1.69 9.25 -28.05
C VAL A 582 1.81 7.74 -28.02
N SER A 583 1.60 7.09 -29.17
CA SER A 583 1.76 5.66 -29.31
C SER A 583 2.66 5.37 -30.50
N VAL A 584 3.36 4.24 -30.42
CA VAL A 584 4.33 3.83 -31.44
C VAL A 584 3.94 2.47 -31.96
N ILE A 585 3.79 2.36 -33.28
CA ILE A 585 3.49 1.10 -33.94
C ILE A 585 4.76 0.63 -34.64
N THR A 586 5.21 -0.58 -34.30
CA THR A 586 6.45 -1.06 -34.88
C THR A 586 6.40 -2.57 -35.13
N PRO A 587 7.01 -3.04 -36.21
CA PRO A 587 7.23 -4.49 -36.34
C PRO A 587 8.40 -4.94 -35.50
N GLY A 588 8.79 -6.21 -35.61
CA GLY A 588 9.93 -6.69 -34.85
C GLY A 588 11.21 -5.98 -35.26
N THR A 589 12.08 -5.74 -34.28
CA THR A 589 13.34 -5.06 -34.55
C THR A 589 14.30 -5.91 -35.38
N ASN A 590 14.05 -7.21 -35.52
CA ASN A 590 14.84 -8.06 -36.39
C ASN A 590 14.37 -8.00 -37.84
N THR A 591 13.30 -7.25 -38.12
CA THR A 591 12.76 -7.12 -39.47
C THR A 591 13.06 -5.76 -40.09
N SER A 592 12.74 -4.67 -39.38
CA SER A 592 12.97 -3.34 -39.90
C SER A 592 13.02 -2.36 -38.74
N ASN A 593 13.54 -1.17 -39.01
CA ASN A 593 13.61 -0.10 -38.02
C ASN A 593 12.57 0.98 -38.24
N GLN A 594 11.80 0.93 -39.33
CA GLN A 594 10.76 1.92 -39.57
C GLN A 594 9.62 1.76 -38.58
N VAL A 595 9.11 2.87 -38.07
CA VAL A 595 8.02 2.89 -37.11
C VAL A 595 7.00 3.92 -37.56
N ALA A 596 5.79 3.81 -36.99
CA ALA A 596 4.75 4.81 -37.17
C ALA A 596 4.39 5.39 -35.81
N VAL A 597 4.00 6.66 -35.80
CA VAL A 597 3.68 7.37 -34.58
C VAL A 597 2.23 7.85 -34.66
N LEU A 598 1.45 7.51 -33.64
CA LEU A 598 0.05 7.92 -33.53
C LEU A 598 -0.06 8.93 -32.40
N TYR A 599 -0.43 10.16 -32.75
CA TYR A 599 -0.66 11.22 -31.78
C TYR A 599 -2.15 11.31 -31.48
N GLN A 600 -2.52 11.08 -30.23
CA GLN A 600 -3.92 11.12 -29.84
C GLN A 600 -4.43 12.57 -29.85
N ASP A 601 -5.75 12.68 -29.78
CA ASP A 601 -6.49 13.94 -29.58
C ASP A 601 -5.86 15.12 -30.33
N VAL A 602 -5.69 14.93 -31.64
CA VAL A 602 -5.21 16.01 -32.51
C VAL A 602 -5.60 15.74 -33.96
N ASN A 603 -6.12 16.76 -34.63
CA ASN A 603 -6.24 16.72 -36.09
C ASN A 603 -4.89 16.87 -36.79
N CYS A 604 -4.90 16.46 -38.06
CA CYS A 604 -3.88 16.82 -39.04
C CYS A 604 -4.54 17.32 -40.32
N THR A 605 -5.77 17.79 -40.21
CA THR A 605 -6.53 18.26 -41.36
C THR A 605 -6.98 19.71 -41.17
N THR A 619 3.52 24.20 -37.76
CA THR A 619 2.75 22.97 -37.92
C THR A 619 1.99 22.64 -36.64
N TRP A 620 1.60 21.37 -36.49
CA TRP A 620 0.86 20.92 -35.34
C TRP A 620 1.82 20.48 -34.24
N ARG A 621 1.27 19.84 -33.20
CA ARG A 621 2.06 19.39 -32.05
C ARG A 621 2.55 17.97 -32.31
N VAL A 622 3.52 17.85 -33.21
CA VAL A 622 4.10 16.58 -33.60
C VAL A 622 5.61 16.66 -33.54
N TYR A 623 6.26 15.51 -33.37
CA TYR A 623 7.71 15.46 -33.34
C TYR A 623 8.30 15.80 -34.70
N SER A 624 7.73 15.24 -35.77
CA SER A 624 8.21 15.51 -37.13
C SER A 624 7.07 15.22 -38.09
N THR A 625 6.72 16.19 -38.92
CA THR A 625 5.60 16.02 -39.84
C THR A 625 5.86 14.91 -40.83
N GLY A 626 7.02 14.93 -41.48
CA GLY A 626 7.33 13.90 -42.47
C GLY A 626 6.33 13.88 -43.60
N SER A 627 5.85 12.68 -43.92
CA SER A 627 4.84 12.51 -44.96
C SER A 627 3.91 11.36 -44.53
N ASN A 628 3.08 10.91 -45.47
CA ASN A 628 2.13 9.82 -45.24
C ASN A 628 1.23 10.11 -44.04
N VAL A 629 0.77 11.35 -43.94
CA VAL A 629 -0.10 11.74 -42.84
C VAL A 629 -1.49 11.18 -43.08
N PHE A 630 -2.03 10.50 -42.06
CA PHE A 630 -3.35 9.88 -42.14
C PHE A 630 -4.17 10.30 -40.93
N GLN A 631 -5.46 10.52 -41.13
CA GLN A 631 -6.34 10.95 -40.07
C GLN A 631 -7.35 9.85 -39.75
N THR A 632 -7.38 9.43 -38.49
CA THR A 632 -8.35 8.48 -37.98
C THR A 632 -9.11 9.12 -36.82
N ARG A 633 -10.06 8.37 -36.27
CA ARG A 633 -10.80 8.82 -35.10
C ARG A 633 -10.10 8.48 -33.80
N ALA A 634 -8.94 7.83 -33.86
CA ALA A 634 -8.11 7.60 -32.69
C ALA A 634 -6.94 8.57 -32.59
N GLY A 635 -6.63 9.28 -33.66
CA GLY A 635 -5.54 10.23 -33.64
C GLY A 635 -4.93 10.36 -35.02
N CYS A 636 -3.90 11.21 -35.10
CA CYS A 636 -3.17 11.41 -36.34
C CYS A 636 -2.04 10.39 -36.45
N LEU A 637 -1.99 9.67 -37.56
CA LEU A 637 -0.99 8.64 -37.79
C LEU A 637 0.04 9.14 -38.79
N ILE A 638 1.31 9.10 -38.41
CA ILE A 638 2.40 9.56 -39.26
C ILE A 638 3.38 8.41 -39.44
N GLY A 639 3.67 8.09 -40.70
CA GLY A 639 4.60 7.02 -41.03
C GLY A 639 3.98 5.79 -41.65
N ALA A 640 2.67 5.79 -41.89
CA ALA A 640 2.01 4.66 -42.53
C ALA A 640 1.09 5.17 -43.62
N GLU A 641 1.19 4.55 -44.81
CA GLU A 641 0.35 4.95 -45.92
C GLU A 641 -1.04 4.30 -45.80
N HIS A 642 -2.02 4.95 -46.42
CA HIS A 642 -3.42 4.52 -46.35
C HIS A 642 -3.79 3.78 -47.62
N VAL A 643 -4.47 2.65 -47.46
CA VAL A 643 -4.92 1.85 -48.60
C VAL A 643 -6.43 1.71 -48.55
N ASN A 644 -7.01 0.99 -49.52
CA ASN A 644 -8.45 0.84 -49.61
C ASN A 644 -8.91 -0.61 -49.45
N ASN A 645 -8.00 -1.56 -49.29
CA ASN A 645 -8.37 -2.96 -49.11
C ASN A 645 -8.74 -3.22 -47.66
N SER A 646 -9.11 -4.47 -47.35
CA SER A 646 -9.50 -4.86 -46.01
C SER A 646 -9.18 -6.33 -45.80
N TYR A 647 -8.25 -6.62 -44.91
CA TYR A 647 -7.85 -7.98 -44.56
C TYR A 647 -8.08 -8.18 -43.07
N GLU A 648 -7.84 -9.41 -42.61
CA GLU A 648 -7.77 -9.66 -41.17
C GLU A 648 -6.61 -8.88 -40.60
N CYS A 649 -6.90 -7.86 -39.79
CA CYS A 649 -5.89 -6.87 -39.47
C CYS A 649 -4.86 -7.43 -38.49
N ASP A 650 -3.66 -6.86 -38.55
CA ASP A 650 -2.48 -7.39 -37.85
C ASP A 650 -2.24 -6.69 -36.52
N ILE A 651 -2.05 -5.36 -36.54
CA ILE A 651 -1.77 -4.60 -35.33
C ILE A 651 -2.94 -3.65 -35.05
N PRO A 652 -3.65 -3.82 -33.94
CA PRO A 652 -4.81 -2.96 -33.67
C PRO A 652 -4.37 -1.53 -33.32
N ILE A 653 -4.81 -0.57 -34.14
CA ILE A 653 -4.56 0.84 -33.85
C ILE A 653 -5.72 1.35 -33.01
N GLY A 654 -6.94 1.21 -33.53
CA GLY A 654 -8.13 1.61 -32.80
C GLY A 654 -9.19 2.15 -33.73
N ALA A 655 -10.43 2.18 -33.22
CA ALA A 655 -11.58 2.73 -33.95
C ALA A 655 -11.75 2.05 -35.30
N GLY A 656 -11.56 0.73 -35.33
CA GLY A 656 -11.69 -0.02 -36.55
C GLY A 656 -10.54 0.11 -37.52
N ILE A 657 -9.42 0.69 -37.09
CA ILE A 657 -8.25 0.88 -37.92
C ILE A 657 -7.12 0.01 -37.39
N CYS A 658 -6.48 -0.73 -38.29
CA CYS A 658 -5.34 -1.57 -37.96
C CYS A 658 -4.19 -1.28 -38.92
N ALA A 659 -3.02 -1.83 -38.61
CA ALA A 659 -1.82 -1.61 -39.40
C ALA A 659 -1.04 -2.90 -39.55
N SER A 660 -0.20 -2.94 -40.58
CA SER A 660 0.62 -4.12 -40.87
C SER A 660 1.86 -3.68 -41.62
N TYR A 661 2.82 -4.61 -41.74
CA TYR A 661 4.06 -4.40 -42.47
C TYR A 661 3.98 -5.20 -43.77
N GLN A 662 3.94 -4.51 -44.90
CA GLN A 662 3.75 -5.16 -46.19
C GLN A 662 4.63 -4.49 -47.23
N THR A 663 4.37 -4.78 -48.49
CA THR A 663 5.13 -4.20 -49.60
C THR A 663 4.33 -3.12 -50.30
N SER A 672 8.69 0.07 -51.81
CA SER A 672 8.89 -1.33 -51.46
C SER A 672 8.28 -1.65 -50.10
N GLN A 673 9.10 -2.21 -49.21
CA GLN A 673 8.63 -2.54 -47.86
C GLN A 673 8.23 -1.27 -47.12
N SER A 674 7.07 -1.32 -46.46
CA SER A 674 6.54 -0.17 -45.74
C SER A 674 5.48 -0.66 -44.76
N ILE A 675 4.88 0.29 -44.05
CA ILE A 675 3.81 0.02 -43.10
C ILE A 675 2.52 0.58 -43.70
N ILE A 676 1.49 -0.26 -43.78
CA ILE A 676 0.20 0.12 -44.32
C ILE A 676 -0.82 0.15 -43.19
N ALA A 677 -1.80 1.05 -43.32
CA ALA A 677 -2.88 1.18 -42.37
C ALA A 677 -4.20 1.06 -43.13
N TYR A 678 -5.12 0.24 -42.59
CA TYR A 678 -6.37 -0.05 -43.27
C TYR A 678 -7.47 -0.24 -42.24
N THR A 679 -8.67 -0.55 -42.74
CA THR A 679 -9.82 -0.84 -41.92
C THR A 679 -10.05 -2.34 -41.88
N MET A 680 -10.15 -2.89 -40.67
CA MET A 680 -10.25 -4.33 -40.51
C MET A 680 -11.55 -4.86 -41.13
N SER A 681 -11.48 -6.09 -41.63
CA SER A 681 -12.62 -6.74 -42.25
C SER A 681 -13.36 -7.59 -41.23
N LEU A 682 -14.68 -7.67 -41.40
CA LEU A 682 -15.55 -8.44 -40.50
C LEU A 682 -15.83 -9.84 -41.03
N GLY A 683 -14.88 -10.42 -41.76
CA GLY A 683 -15.05 -11.75 -42.33
C GLY A 683 -15.64 -11.73 -43.72
N ALA A 684 -15.73 -12.92 -44.30
CA ALA A 684 -16.28 -13.06 -45.65
C ALA A 684 -17.75 -12.70 -45.66
N GLU A 685 -18.20 -12.16 -46.80
CA GLU A 685 -19.56 -11.68 -46.95
C GLU A 685 -20.30 -12.57 -47.96
N ASN A 686 -21.52 -12.94 -47.62
CA ASN A 686 -22.38 -13.74 -48.50
C ASN A 686 -23.82 -13.50 -48.09
N SER A 687 -24.74 -14.28 -48.68
CA SER A 687 -26.16 -14.15 -48.38
C SER A 687 -26.76 -15.56 -48.32
N VAL A 688 -28.09 -15.63 -48.29
CA VAL A 688 -28.80 -16.90 -48.19
C VAL A 688 -30.12 -16.77 -48.93
N ALA A 689 -30.51 -17.83 -49.63
CA ALA A 689 -31.76 -17.85 -50.38
C ALA A 689 -32.90 -18.33 -49.48
N TYR A 690 -34.04 -17.67 -49.56
CA TYR A 690 -35.18 -17.97 -48.72
C TYR A 690 -36.46 -17.79 -49.51
N SER A 691 -37.41 -18.70 -49.33
CA SER A 691 -38.68 -18.68 -50.05
C SER A 691 -39.74 -19.37 -49.21
N ASN A 692 -40.89 -19.65 -49.82
CA ASN A 692 -41.93 -20.42 -49.12
C ASN A 692 -41.39 -21.77 -48.71
N ASN A 693 -40.84 -22.51 -49.68
CA ASN A 693 -40.78 -23.96 -49.61
C ASN A 693 -39.45 -24.48 -50.12
N SER A 694 -38.37 -23.74 -49.87
CA SER A 694 -37.04 -24.15 -50.29
C SER A 694 -36.27 -24.58 -49.05
N ILE A 695 -35.83 -25.84 -49.04
CA ILE A 695 -35.13 -26.42 -47.90
C ILE A 695 -33.85 -27.08 -48.39
N ALA A 696 -32.76 -26.84 -47.66
CA ALA A 696 -31.47 -27.45 -47.96
C ALA A 696 -31.24 -28.59 -46.99
N ILE A 697 -31.02 -29.79 -47.52
CA ILE A 697 -30.86 -31.00 -46.73
C ILE A 697 -29.50 -31.60 -47.03
N PRO A 698 -28.70 -31.96 -46.01
CA PRO A 698 -27.39 -32.54 -46.29
C PRO A 698 -27.50 -33.93 -46.88
N THR A 699 -26.47 -34.31 -47.64
CA THR A 699 -26.35 -35.64 -48.23
C THR A 699 -25.14 -36.40 -47.73
N ASN A 700 -24.05 -35.71 -47.41
CA ASN A 700 -22.81 -36.32 -46.93
C ASN A 700 -22.45 -35.66 -45.60
N PHE A 701 -21.40 -36.18 -44.96
CA PHE A 701 -20.99 -35.65 -43.66
C PHE A 701 -19.48 -35.73 -43.52
N THR A 702 -18.99 -35.18 -42.41
CA THR A 702 -17.57 -35.16 -42.11
C THR A 702 -17.37 -35.28 -40.61
N ILE A 703 -16.31 -35.97 -40.20
CA ILE A 703 -15.95 -36.10 -38.79
C ILE A 703 -14.77 -35.17 -38.53
N SER A 704 -14.91 -34.29 -37.55
CA SER A 704 -13.92 -33.27 -37.27
C SER A 704 -13.35 -33.43 -35.87
N VAL A 705 -12.07 -33.11 -35.72
CA VAL A 705 -11.38 -33.15 -34.44
C VAL A 705 -10.81 -31.77 -34.16
N THR A 706 -11.10 -31.25 -32.96
CA THR A 706 -10.71 -29.89 -32.57
C THR A 706 -9.95 -29.92 -31.25
N THR A 707 -8.99 -29.02 -31.12
CA THR A 707 -8.16 -28.91 -29.92
C THR A 707 -8.62 -27.74 -29.06
N GLU A 708 -8.71 -27.97 -27.75
CA GLU A 708 -9.03 -26.90 -26.81
C GLU A 708 -8.09 -27.01 -25.62
N ILE A 709 -7.41 -25.92 -25.29
CA ILE A 709 -6.37 -25.90 -24.26
C ILE A 709 -6.87 -25.07 -23.08
N LEU A 710 -6.68 -25.60 -21.86
CA LEU A 710 -7.13 -24.91 -20.66
C LEU A 710 -6.10 -24.98 -19.55
N PRO A 711 -5.65 -23.84 -19.01
CA PRO A 711 -4.77 -23.87 -17.84
C PRO A 711 -5.52 -24.36 -16.61
N VAL A 712 -4.79 -25.01 -15.70
CA VAL A 712 -5.41 -25.61 -14.54
C VAL A 712 -4.78 -25.10 -13.25
N SER A 713 -3.50 -24.71 -13.31
CA SER A 713 -2.78 -24.34 -12.10
C SER A 713 -1.58 -23.48 -12.44
N MET A 714 -1.04 -22.83 -11.42
CA MET A 714 0.18 -22.04 -11.52
C MET A 714 1.24 -22.59 -10.56
N THR A 715 2.37 -21.89 -10.51
CA THR A 715 3.45 -22.29 -9.62
C THR A 715 3.17 -21.83 -8.19
N LYS A 716 3.44 -22.70 -7.24
CA LYS A 716 3.32 -22.39 -5.82
C LYS A 716 4.63 -21.80 -5.33
N THR A 717 4.56 -20.71 -4.57
CA THR A 717 5.74 -19.98 -4.14
C THR A 717 5.65 -19.64 -2.66
N SER A 718 6.81 -19.44 -2.05
CA SER A 718 6.93 -19.06 -0.65
C SER A 718 7.98 -17.95 -0.52
N VAL A 719 7.75 -17.06 0.43
CA VAL A 719 8.60 -15.90 0.65
C VAL A 719 9.01 -15.84 2.11
N ASP A 720 10.30 -15.60 2.35
CA ASP A 720 10.82 -15.38 3.69
C ASP A 720 10.90 -13.87 3.92
N CYS A 721 10.16 -13.37 4.90
CA CYS A 721 10.04 -11.94 5.11
C CYS A 721 11.38 -11.32 5.51
N THR A 722 11.97 -11.82 6.59
CA THR A 722 13.21 -11.24 7.10
C THR A 722 14.34 -11.38 6.10
N MET A 723 14.47 -12.56 5.49
CA MET A 723 15.56 -12.80 4.56
C MET A 723 15.46 -11.89 3.34
N TYR A 724 14.26 -11.71 2.80
CA TYR A 724 14.10 -10.82 1.67
C TYR A 724 14.35 -9.38 2.05
N ILE A 725 13.86 -8.95 3.22
CA ILE A 725 13.96 -7.54 3.58
C ILE A 725 15.41 -7.19 3.91
N CYS A 726 15.95 -7.77 4.98
CA CYS A 726 17.33 -7.48 5.37
C CYS A 726 18.04 -8.75 5.85
N GLY A 727 17.93 -9.83 5.08
CA GLY A 727 18.59 -11.07 5.43
C GLY A 727 20.06 -10.94 5.75
N ASP A 728 20.55 -11.81 6.62
CA ASP A 728 21.94 -11.80 7.07
C ASP A 728 22.33 -10.48 7.75
N SER A 729 21.40 -9.94 8.54
CA SER A 729 21.65 -8.74 9.32
C SER A 729 20.90 -8.84 10.64
N THR A 730 21.52 -8.33 11.71
CA THR A 730 20.99 -8.48 13.06
C THR A 730 20.22 -7.26 13.54
N GLU A 731 20.77 -6.06 13.36
CA GLU A 731 20.11 -4.85 13.83
C GLU A 731 18.78 -4.64 13.13
N CYS A 732 18.75 -4.84 11.81
CA CYS A 732 17.51 -4.64 11.07
C CYS A 732 16.46 -5.68 11.46
N SER A 733 16.87 -6.88 11.84
CA SER A 733 15.90 -7.85 12.34
C SER A 733 15.24 -7.36 13.61
N ASN A 734 16.03 -6.79 14.52
CA ASN A 734 15.48 -6.21 15.75
C ASN A 734 14.53 -5.08 15.43
N LEU A 735 14.87 -4.25 14.45
CA LEU A 735 13.96 -3.18 14.04
C LEU A 735 12.69 -3.73 13.41
N LEU A 736 12.81 -4.80 12.62
CA LEU A 736 11.69 -5.37 11.88
C LEU A 736 10.76 -6.20 12.73
N LEU A 737 11.18 -6.59 13.93
CA LEU A 737 10.34 -7.39 14.82
C LEU A 737 8.94 -6.81 15.04
N GLN A 738 8.73 -5.55 14.68
CA GLN A 738 7.43 -4.91 14.79
C GLN A 738 6.59 -5.05 13.53
N TYR A 739 6.90 -6.02 12.67
CA TYR A 739 6.11 -6.28 11.47
C TYR A 739 5.84 -7.77 11.29
N GLY A 740 5.93 -8.54 12.38
CA GLY A 740 5.69 -9.98 12.30
C GLY A 740 4.26 -10.30 11.91
N SER A 741 3.29 -9.48 12.33
CA SER A 741 1.92 -9.71 11.92
C SER A 741 1.77 -9.58 10.41
N PHE A 742 2.39 -8.57 9.82
CA PHE A 742 2.33 -8.39 8.37
C PHE A 742 2.98 -9.57 7.66
N CYS A 743 4.16 -9.98 8.12
CA CYS A 743 4.86 -11.10 7.49
C CYS A 743 4.04 -12.39 7.60
N THR A 744 3.47 -12.64 8.77
CA THR A 744 2.65 -13.84 8.98
C THR A 744 1.42 -13.82 8.08
N GLN A 745 0.78 -12.66 7.94
CA GLN A 745 -0.39 -12.55 7.07
C GLN A 745 -0.03 -12.81 5.61
N LEU A 746 1.10 -12.27 5.15
CA LEU A 746 1.55 -12.55 3.79
C LEU A 746 1.79 -14.05 3.58
N ASN A 747 2.47 -14.69 4.55
CA ASN A 747 2.76 -16.10 4.43
C ASN A 747 1.49 -16.93 4.44
N ARG A 748 0.51 -16.54 5.26
CA ARG A 748 -0.78 -17.24 5.27
C ARG A 748 -1.48 -17.13 3.94
N ALA A 749 -1.46 -15.95 3.32
CA ALA A 749 -2.07 -15.79 2.01
C ALA A 749 -1.39 -16.70 0.97
N LEU A 750 -0.06 -16.73 0.98
CA LEU A 750 0.64 -17.57 0.01
C LEU A 750 0.36 -19.06 0.24
N THR A 751 0.31 -19.48 1.50
CA THR A 751 -0.01 -20.87 1.81
C THR A 751 -1.41 -21.24 1.33
N GLY A 752 -2.37 -20.34 1.54
CA GLY A 752 -3.71 -20.56 1.01
C GLY A 752 -3.72 -20.69 -0.50
N ILE A 753 -2.92 -19.86 -1.18
CA ILE A 753 -2.84 -19.93 -2.64
C ILE A 753 -2.33 -21.31 -3.07
N ALA A 754 -1.25 -21.78 -2.44
CA ALA A 754 -0.67 -23.07 -2.81
C ALA A 754 -1.64 -24.22 -2.56
N VAL A 755 -2.31 -24.20 -1.40
CA VAL A 755 -3.28 -25.25 -1.09
C VAL A 755 -4.42 -25.23 -2.10
N GLU A 756 -4.88 -24.03 -2.48
CA GLU A 756 -5.94 -23.92 -3.47
C GLU A 756 -5.51 -24.49 -4.81
N GLN A 757 -4.27 -24.25 -5.23
CA GLN A 757 -3.81 -24.79 -6.50
C GLN A 757 -3.76 -26.33 -6.46
N ASP A 758 -3.25 -26.90 -5.36
CA ASP A 758 -3.24 -28.35 -5.24
C ASP A 758 -4.66 -28.91 -5.29
N LYS A 759 -5.59 -28.27 -4.58
CA LYS A 759 -6.98 -28.71 -4.61
C LYS A 759 -7.57 -28.60 -6.00
N ASN A 760 -7.23 -27.56 -6.74
CA ASN A 760 -7.71 -27.40 -8.11
C ASN A 760 -7.26 -28.56 -8.98
N THR A 761 -5.98 -28.90 -8.92
CA THR A 761 -5.47 -30.02 -9.72
C THR A 761 -6.16 -31.32 -9.33
N GLN A 762 -6.29 -31.57 -8.02
CA GLN A 762 -6.92 -32.80 -7.56
C GLN A 762 -8.37 -32.88 -8.02
N GLU A 763 -9.10 -31.77 -7.94
CA GLU A 763 -10.50 -31.79 -8.35
C GLU A 763 -10.65 -31.97 -9.85
N VAL A 764 -9.76 -31.37 -10.64
CA VAL A 764 -9.88 -31.47 -12.09
C VAL A 764 -9.57 -32.89 -12.56
N PHE A 765 -8.47 -33.47 -12.07
CA PHE A 765 -7.97 -34.69 -12.69
C PHE A 765 -8.39 -35.99 -12.00
N ALA A 766 -9.02 -35.93 -10.82
CA ALA A 766 -9.36 -37.13 -10.07
C ALA A 766 -10.86 -37.37 -10.01
N GLN A 767 -11.57 -37.12 -11.12
CA GLN A 767 -13.00 -37.38 -11.17
C GLN A 767 -13.29 -38.87 -11.02
N VAL A 768 -12.53 -39.71 -11.69
CA VAL A 768 -12.67 -41.16 -11.58
C VAL A 768 -11.75 -41.65 -10.48
N LYS A 769 -12.15 -42.75 -9.84
CA LYS A 769 -11.40 -43.30 -8.71
C LYS A 769 -10.72 -44.63 -9.02
N GLN A 770 -11.29 -45.46 -9.88
CA GLN A 770 -10.72 -46.75 -10.21
C GLN A 770 -9.87 -46.64 -11.48
N ILE A 771 -8.61 -47.06 -11.39
CA ILE A 771 -7.67 -46.98 -12.50
C ILE A 771 -8.00 -48.13 -13.44
N TYR A 772 -8.76 -47.85 -14.49
CA TYR A 772 -9.09 -48.87 -15.49
C TYR A 772 -7.88 -49.12 -16.39
N LYS A 773 -7.53 -50.39 -16.56
CA LYS A 773 -6.39 -50.75 -17.39
C LYS A 773 -6.71 -50.49 -18.86
N THR A 774 -5.65 -50.31 -19.65
CA THR A 774 -5.80 -50.13 -21.08
C THR A 774 -6.40 -51.38 -21.70
N PRO A 775 -7.11 -51.25 -22.82
CA PRO A 775 -7.77 -52.42 -23.43
C PRO A 775 -6.77 -53.51 -23.75
N PRO A 776 -7.14 -54.77 -23.50
CA PRO A 776 -6.19 -55.87 -23.74
C PRO A 776 -6.05 -56.22 -25.22
N ILE A 777 -7.15 -56.09 -25.97
CA ILE A 777 -7.15 -56.38 -27.40
C ILE A 777 -7.71 -55.18 -28.13
N LYS A 778 -7.33 -55.04 -29.40
CA LYS A 778 -7.66 -53.87 -30.21
C LYS A 778 -8.44 -54.32 -31.45
N ASP A 779 -9.76 -54.42 -31.30
CA ASP A 779 -10.66 -54.68 -32.41
C ASP A 779 -11.87 -53.74 -32.33
N PHE A 780 -11.59 -52.45 -32.14
CA PHE A 780 -12.64 -51.46 -31.98
C PHE A 780 -13.49 -51.26 -33.23
N GLY A 781 -13.06 -51.78 -34.38
CA GLY A 781 -13.88 -51.72 -35.57
C GLY A 781 -13.27 -50.94 -36.70
N GLY A 782 -12.01 -50.57 -36.56
CA GLY A 782 -11.33 -49.78 -37.58
C GLY A 782 -10.75 -48.50 -37.01
N PHE A 783 -11.30 -48.04 -35.89
CA PHE A 783 -10.79 -46.86 -35.23
C PHE A 783 -9.41 -47.15 -34.66
N ASN A 784 -8.50 -46.18 -34.82
CA ASN A 784 -7.10 -46.33 -34.43
C ASN A 784 -6.83 -45.43 -33.24
N PHE A 785 -6.60 -46.04 -32.08
CA PHE A 785 -6.36 -45.30 -30.85
C PHE A 785 -4.92 -45.39 -30.36
N SER A 786 -4.03 -45.99 -31.15
CA SER A 786 -2.62 -46.03 -30.78
C SER A 786 -1.98 -44.64 -30.79
N GLN A 787 -2.66 -43.65 -31.39
CA GLN A 787 -2.11 -42.30 -31.43
C GLN A 787 -2.16 -41.63 -30.06
N ILE A 788 -3.18 -41.93 -29.26
CA ILE A 788 -3.38 -41.27 -27.97
C ILE A 788 -3.24 -42.22 -26.78
N LEU A 789 -3.25 -43.54 -27.00
CA LEU A 789 -3.08 -44.45 -25.89
C LEU A 789 -1.61 -44.53 -25.48
N PRO A 790 -1.33 -44.79 -24.21
CA PRO A 790 0.05 -44.86 -23.74
C PRO A 790 0.81 -46.02 -24.37
N ASP A 791 2.11 -45.82 -24.56
CA ASP A 791 2.98 -46.84 -25.13
C ASP A 791 3.92 -47.38 -24.06
N PRO A 792 3.87 -48.67 -23.74
CA PRO A 792 4.77 -49.24 -22.72
C PRO A 792 6.19 -49.44 -23.23
N SER A 793 6.83 -48.34 -23.61
CA SER A 793 8.19 -48.37 -24.12
C SER A 793 9.11 -47.33 -23.50
N LYS A 794 8.59 -46.42 -22.69
CA LYS A 794 9.37 -45.37 -22.05
C LYS A 794 9.02 -45.35 -20.56
N PRO A 795 9.91 -44.81 -19.71
CA PRO A 795 9.66 -44.86 -18.26
C PRO A 795 8.42 -44.11 -17.81
N SER A 796 7.74 -43.44 -18.74
CA SER A 796 6.49 -42.75 -18.44
C SER A 796 5.37 -43.36 -19.28
N LYS A 797 4.13 -43.11 -18.86
CA LYS A 797 2.95 -43.58 -19.57
C LYS A 797 2.41 -42.52 -20.53
N ARG A 798 3.27 -41.66 -21.06
CA ARG A 798 2.83 -40.59 -21.95
C ARG A 798 2.74 -41.10 -23.38
N SER A 799 1.66 -40.74 -24.06
CA SER A 799 1.49 -41.08 -25.47
C SER A 799 2.26 -40.09 -26.33
N PHE A 800 2.09 -40.18 -27.65
CA PHE A 800 2.83 -39.30 -28.55
C PHE A 800 2.33 -37.86 -28.47
N ILE A 801 1.01 -37.68 -28.40
CA ILE A 801 0.44 -36.34 -28.31
C ILE A 801 0.88 -35.67 -27.01
N GLU A 802 0.86 -36.41 -25.90
CA GLU A 802 1.31 -35.86 -24.63
C GLU A 802 2.78 -35.48 -24.67
N ASP A 803 3.60 -36.32 -25.32
CA ASP A 803 5.02 -36.00 -25.44
C ASP A 803 5.24 -34.73 -26.25
N LEU A 804 4.50 -34.57 -27.35
CA LEU A 804 4.62 -33.35 -28.14
C LEU A 804 4.21 -32.14 -27.32
N LEU A 805 3.09 -32.24 -26.60
CA LEU A 805 2.60 -31.11 -25.81
C LEU A 805 3.60 -30.74 -24.71
N PHE A 806 4.22 -31.74 -24.08
CA PHE A 806 5.25 -31.45 -23.09
C PHE A 806 6.45 -30.79 -23.75
N ASN A 807 6.84 -31.24 -24.94
CA ASN A 807 8.00 -30.68 -25.62
C ASN A 807 7.77 -29.25 -26.09
N LYS A 808 6.52 -28.85 -26.33
CA LYS A 808 6.28 -27.49 -26.83
C LYS A 808 6.57 -26.44 -25.77
N VAL A 809 5.86 -26.47 -24.64
CA VAL A 809 6.04 -25.46 -23.60
C VAL A 809 7.24 -25.82 -22.73
N THR A 810 8.05 -24.81 -22.39
CA THR A 810 9.26 -25.00 -21.61
C THR A 810 9.07 -24.38 -20.23
N LEU A 811 9.43 -25.12 -19.20
CA LEU A 811 9.32 -24.65 -17.83
C LEU A 811 10.47 -23.70 -17.50
N ALA A 812 10.39 -23.10 -16.31
CA ALA A 812 11.40 -22.16 -15.84
C ALA A 812 11.91 -22.44 -14.44
N ASP A 813 11.23 -23.28 -13.65
CA ASP A 813 11.68 -23.56 -12.29
C ASP A 813 12.96 -24.39 -12.26
N ALA A 814 13.29 -25.08 -13.35
CA ALA A 814 14.51 -25.89 -13.47
C ALA A 814 14.57 -26.94 -12.36
N GLY A 815 13.60 -27.85 -12.39
CA GLY A 815 13.57 -28.92 -11.41
C GLY A 815 13.15 -28.44 -10.03
N PHE A 816 13.47 -29.27 -9.04
CA PHE A 816 13.13 -28.98 -7.65
C PHE A 816 14.32 -28.98 -6.70
N ILE A 817 15.51 -29.37 -7.15
CA ILE A 817 16.67 -29.48 -6.29
C ILE A 817 17.76 -28.55 -6.81
N LYS A 818 18.27 -27.69 -5.92
CA LYS A 818 19.39 -26.81 -6.26
C LYS A 818 20.18 -26.61 -4.96
N GLN A 819 21.25 -27.38 -4.81
CA GLN A 819 22.01 -27.39 -3.57
C GLN A 819 22.86 -26.13 -3.42
N TYR A 820 23.33 -25.90 -2.20
CA TYR A 820 24.18 -24.76 -1.92
C TYR A 820 25.54 -24.87 -2.62
N GLY A 821 25.99 -26.10 -2.88
CA GLY A 821 27.25 -26.30 -3.58
C GLY A 821 27.19 -26.01 -5.06
N ASP A 822 25.99 -25.88 -5.63
CA ASP A 822 25.82 -25.55 -7.03
C ASP A 822 25.65 -24.06 -7.27
N CYS A 823 24.86 -23.38 -6.43
CA CYS A 823 24.73 -21.93 -6.55
C CYS A 823 26.03 -21.23 -6.21
N LEU A 824 26.84 -21.82 -5.32
CA LEU A 824 28.15 -21.27 -5.04
C LEU A 824 29.14 -21.58 -6.15
N GLY A 825 28.88 -22.62 -6.94
CA GLY A 825 29.76 -22.94 -8.05
C GLY A 825 29.73 -21.87 -9.14
N ASP A 826 28.54 -21.41 -9.51
CA ASP A 826 28.39 -20.44 -10.59
C ASP A 826 28.27 -19.02 -10.03
N ILE A 827 29.35 -18.59 -9.38
CA ILE A 827 29.47 -17.22 -8.90
C ILE A 827 30.09 -16.27 -9.93
N ALA A 828 30.82 -16.80 -10.91
CA ALA A 828 31.32 -15.97 -12.00
C ALA A 828 30.31 -15.84 -13.14
N ALA A 829 29.22 -16.60 -13.10
CA ALA A 829 28.18 -16.54 -14.12
C ALA A 829 26.85 -16.23 -13.46
N ARG A 830 26.07 -15.33 -14.06
CA ARG A 830 24.82 -14.90 -13.48
C ARG A 830 23.73 -15.95 -13.68
N ASP A 831 22.92 -16.15 -12.65
CA ASP A 831 21.81 -17.09 -12.69
C ASP A 831 20.57 -16.44 -12.08
N LEU A 832 19.40 -16.92 -12.50
CA LEU A 832 18.15 -16.38 -12.02
C LEU A 832 17.66 -17.08 -10.75
N ILE A 833 17.68 -18.42 -10.75
CA ILE A 833 17.16 -19.18 -9.63
C ILE A 833 18.04 -18.98 -8.39
N CYS A 834 19.35 -18.91 -8.58
CA CYS A 834 20.24 -18.69 -7.44
C CYS A 834 20.00 -17.34 -6.79
N ALA A 835 19.84 -16.29 -7.60
CA ALA A 835 19.55 -14.98 -7.05
C ALA A 835 18.18 -14.94 -6.38
N GLN A 836 17.20 -15.64 -6.96
CA GLN A 836 15.88 -15.70 -6.35
C GLN A 836 15.94 -16.40 -4.99
N LYS A 837 16.69 -17.50 -4.90
CA LYS A 837 16.73 -18.28 -3.66
C LYS A 837 17.58 -17.61 -2.60
N PHE A 838 18.63 -16.88 -2.99
CA PHE A 838 19.46 -16.19 -2.01
C PHE A 838 18.71 -15.06 -1.31
N ASN A 839 17.61 -14.59 -1.89
CA ASN A 839 16.80 -13.53 -1.30
C ASN A 839 15.54 -14.06 -0.65
N GLY A 840 15.44 -15.37 -0.42
CA GLY A 840 14.31 -15.93 0.30
C GLY A 840 13.05 -16.15 -0.51
N LEU A 841 13.18 -16.32 -1.83
CA LEU A 841 12.04 -16.56 -2.70
C LEU A 841 12.16 -17.99 -3.23
N THR A 842 11.30 -18.89 -2.75
CA THR A 842 11.38 -20.30 -3.09
C THR A 842 10.13 -20.75 -3.81
N VAL A 843 10.25 -21.85 -4.56
CA VAL A 843 9.15 -22.44 -5.30
C VAL A 843 8.92 -23.86 -4.80
N LEU A 844 7.69 -24.16 -4.37
CA LEU A 844 7.33 -25.48 -3.87
C LEU A 844 6.97 -26.41 -5.02
N PRO A 845 7.20 -27.71 -4.84
CA PRO A 845 6.86 -28.68 -5.90
C PRO A 845 5.40 -29.07 -5.83
N PRO A 846 4.78 -29.37 -6.97
CA PRO A 846 3.37 -29.81 -6.97
C PRO A 846 3.21 -31.15 -6.29
N LEU A 847 2.03 -31.36 -5.71
CA LEU A 847 1.75 -32.61 -5.00
C LEU A 847 1.70 -33.80 -5.96
N LEU A 848 1.04 -33.63 -7.11
CA LEU A 848 0.87 -34.70 -8.08
C LEU A 848 1.92 -34.56 -9.17
N THR A 849 2.66 -35.63 -9.42
CA THR A 849 3.67 -35.64 -10.48
C THR A 849 3.00 -35.91 -11.84
N ASP A 850 3.76 -35.67 -12.91
CA ASP A 850 3.22 -35.82 -14.25
C ASP A 850 2.86 -37.28 -14.55
N GLU A 851 3.57 -38.23 -13.95
CA GLU A 851 3.25 -39.64 -14.15
C GLU A 851 1.87 -39.97 -13.62
N MET A 852 1.51 -39.42 -12.44
CA MET A 852 0.19 -39.67 -11.88
C MET A 852 -0.91 -39.08 -12.76
N ILE A 853 -0.68 -37.88 -13.29
CA ILE A 853 -1.67 -37.27 -14.18
C ILE A 853 -1.80 -38.08 -15.47
N ALA A 854 -0.69 -38.60 -15.98
CA ALA A 854 -0.74 -39.47 -17.16
C ALA A 854 -1.53 -40.73 -16.87
N GLN A 855 -1.33 -41.31 -15.68
CA GLN A 855 -2.12 -42.49 -15.28
C GLN A 855 -3.60 -42.17 -15.23
N TYR A 856 -3.96 -41.02 -14.65
CA TYR A 856 -5.35 -40.62 -14.57
C TYR A 856 -5.96 -40.46 -15.97
N THR A 857 -5.22 -39.81 -16.87
CA THR A 857 -5.71 -39.62 -18.23
C THR A 857 -5.88 -40.95 -18.95
N SER A 858 -4.92 -41.87 -18.76
CA SER A 858 -5.02 -43.19 -19.39
C SER A 858 -6.24 -43.95 -18.85
N ALA A 859 -6.50 -43.85 -17.56
CA ALA A 859 -7.68 -44.48 -16.98
C ALA A 859 -8.96 -43.90 -17.58
N LEU A 860 -9.00 -42.57 -17.73
CA LEU A 860 -10.18 -41.94 -18.34
C LEU A 860 -10.37 -42.41 -19.78
N LEU A 861 -9.28 -42.49 -20.56
CA LEU A 861 -9.37 -42.96 -21.93
C LEU A 861 -9.88 -44.40 -21.99
N ALA A 862 -9.33 -45.27 -21.13
CA ALA A 862 -9.78 -46.66 -21.12
C ALA A 862 -11.25 -46.77 -20.76
N GLY A 863 -11.69 -46.00 -19.76
CA GLY A 863 -13.09 -46.03 -19.37
C GLY A 863 -14.01 -45.54 -20.46
N THR A 864 -13.63 -44.44 -21.13
CA THR A 864 -14.50 -43.88 -22.16
C THR A 864 -14.45 -44.66 -23.46
N ILE A 865 -13.44 -45.51 -23.67
CA ILE A 865 -13.39 -46.32 -24.88
C ILE A 865 -14.06 -47.67 -24.67
N THR A 866 -13.73 -48.36 -23.58
CA THR A 866 -14.26 -49.71 -23.38
C THR A 866 -15.71 -49.72 -22.90
N SER A 867 -16.11 -48.75 -22.08
CA SER A 867 -17.41 -48.79 -21.43
C SER A 867 -18.32 -47.63 -21.79
N GLY A 868 -17.89 -46.71 -22.65
CA GLY A 868 -18.75 -45.59 -23.00
C GLY A 868 -18.88 -44.62 -21.83
N TRP A 869 -20.08 -44.06 -21.67
CA TRP A 869 -20.35 -43.10 -20.62
C TRP A 869 -20.90 -43.73 -19.35
N THR A 870 -21.06 -45.06 -19.33
CA THR A 870 -21.65 -45.71 -18.17
C THR A 870 -20.69 -45.75 -16.97
N PHE A 871 -19.38 -45.61 -17.20
CA PHE A 871 -18.42 -45.66 -16.11
C PHE A 871 -18.44 -44.42 -15.24
N GLY A 872 -19.05 -43.33 -15.71
CA GLY A 872 -19.18 -42.14 -14.90
C GLY A 872 -20.38 -42.13 -13.97
N ALA A 873 -21.27 -43.10 -14.11
CA ALA A 873 -22.46 -43.23 -13.26
C ALA A 873 -22.47 -44.65 -12.71
N GLY A 874 -21.81 -44.85 -11.58
CA GLY A 874 -21.73 -46.16 -10.97
C GLY A 874 -20.72 -47.08 -11.64
N ALA A 875 -21.01 -48.37 -11.67
CA ALA A 875 -20.09 -49.34 -12.24
C ALA A 875 -20.00 -49.20 -13.75
N ALA A 876 -18.90 -49.69 -14.30
CA ALA A 876 -18.66 -49.63 -15.74
C ALA A 876 -19.27 -50.86 -16.41
N LEU A 877 -19.96 -50.64 -17.52
CA LEU A 877 -20.60 -51.71 -18.28
C LEU A 877 -19.94 -51.81 -19.65
N GLN A 878 -19.53 -53.03 -20.00
CA GLN A 878 -18.91 -53.28 -21.29
C GLN A 878 -19.88 -53.05 -22.44
N ILE A 879 -19.36 -52.57 -23.56
CA ILE A 879 -20.16 -52.28 -24.75
C ILE A 879 -19.25 -52.22 -25.97
N PRO A 880 -19.65 -52.79 -27.10
CA PRO A 880 -18.85 -52.65 -28.32
C PRO A 880 -18.76 -51.21 -28.78
N PHE A 881 -17.64 -50.87 -29.40
CA PHE A 881 -17.41 -49.47 -29.80
C PHE A 881 -18.36 -49.05 -30.91
N ALA A 882 -18.66 -49.95 -31.85
CA ALA A 882 -19.60 -49.62 -32.92
C ALA A 882 -20.97 -49.31 -32.35
N MET A 883 -21.41 -50.07 -31.35
CA MET A 883 -22.69 -49.79 -30.72
C MET A 883 -22.67 -48.47 -29.97
N GLN A 884 -21.53 -48.11 -29.35
CA GLN A 884 -21.42 -46.81 -28.69
C GLN A 884 -21.52 -45.69 -29.71
N MET A 885 -20.88 -45.83 -30.86
CA MET A 885 -20.99 -44.83 -31.92
C MET A 885 -22.41 -44.73 -32.44
N ALA A 886 -23.10 -45.87 -32.56
CA ALA A 886 -24.50 -45.85 -32.97
C ALA A 886 -25.37 -45.12 -31.94
N TYR A 887 -25.11 -45.35 -30.65
CA TYR A 887 -25.81 -44.63 -29.60
C TYR A 887 -25.59 -43.14 -29.73
N ARG A 888 -24.34 -42.73 -29.94
CA ARG A 888 -24.04 -41.30 -30.03
C ARG A 888 -24.67 -40.66 -31.26
N PHE A 889 -24.69 -41.39 -32.39
CA PHE A 889 -25.37 -40.87 -33.58
C PHE A 889 -26.86 -40.75 -33.35
N ASN A 890 -27.47 -41.74 -32.67
CA ASN A 890 -28.88 -41.62 -32.33
C ASN A 890 -29.13 -40.47 -31.37
N GLY A 891 -28.10 -40.07 -30.61
CA GLY A 891 -28.27 -38.95 -29.70
C GLY A 891 -28.50 -37.63 -30.40
N ILE A 892 -27.84 -37.42 -31.55
CA ILE A 892 -27.90 -36.15 -32.24
C ILE A 892 -28.99 -36.15 -33.30
N GLY A 893 -29.86 -37.16 -33.26
CA GLY A 893 -31.00 -37.21 -34.16
C GLY A 893 -30.76 -37.88 -35.49
N VAL A 894 -29.71 -38.69 -35.61
CA VAL A 894 -29.41 -39.41 -36.84
C VAL A 894 -29.59 -40.91 -36.58
N THR A 895 -30.32 -41.58 -37.46
CA THR A 895 -30.56 -43.00 -37.29
C THR A 895 -29.26 -43.79 -37.38
N GLN A 896 -29.22 -44.91 -36.65
CA GLN A 896 -27.99 -45.69 -36.52
C GLN A 896 -27.66 -46.51 -37.76
N ASN A 897 -28.59 -46.63 -38.72
CA ASN A 897 -28.26 -47.34 -39.95
C ASN A 897 -27.22 -46.58 -40.78
N VAL A 898 -27.10 -45.27 -40.55
CA VAL A 898 -26.10 -44.48 -41.25
C VAL A 898 -24.69 -44.94 -40.89
N LEU A 899 -24.46 -45.20 -39.61
CA LEU A 899 -23.14 -45.66 -39.17
C LEU A 899 -22.84 -47.05 -39.71
N TYR A 900 -23.77 -47.99 -39.53
CA TYR A 900 -23.51 -49.37 -39.92
C TYR A 900 -23.34 -49.54 -41.42
N GLU A 901 -23.81 -48.58 -42.21
CA GLU A 901 -23.58 -48.59 -43.65
C GLU A 901 -22.39 -47.75 -44.07
N ASN A 902 -21.79 -47.00 -43.14
CA ASN A 902 -20.64 -46.15 -43.47
C ASN A 902 -19.53 -46.25 -42.44
N GLN A 903 -19.40 -47.40 -41.76
CA GLN A 903 -18.40 -47.54 -40.71
C GLN A 903 -16.98 -47.38 -41.24
N LYS A 904 -16.71 -47.94 -42.43
CA LYS A 904 -15.37 -47.84 -43.01
C LYS A 904 -14.98 -46.39 -43.27
N LEU A 905 -15.89 -45.63 -43.87
CA LEU A 905 -15.59 -44.23 -44.18
C LEU A 905 -15.40 -43.41 -42.92
N ILE A 906 -16.24 -43.64 -41.92
CA ILE A 906 -16.14 -42.89 -40.67
C ILE A 906 -14.81 -43.20 -39.97
N ALA A 907 -14.43 -44.48 -39.93
CA ALA A 907 -13.16 -44.85 -39.31
C ALA A 907 -11.98 -44.22 -40.06
N ASN A 908 -12.01 -44.26 -41.39
CA ASN A 908 -10.95 -43.66 -42.18
C ASN A 908 -10.86 -42.17 -41.94
N GLN A 909 -12.01 -41.49 -41.88
CA GLN A 909 -12.02 -40.05 -41.62
C GLN A 909 -11.47 -39.73 -40.24
N PHE A 910 -11.83 -40.52 -39.23
CA PHE A 910 -11.31 -40.28 -37.89
C PHE A 910 -9.79 -40.49 -37.83
N ASN A 911 -9.30 -41.54 -38.49
CA ASN A 911 -7.86 -41.77 -38.52
C ASN A 911 -7.13 -40.63 -39.24
N SER A 912 -7.70 -40.16 -40.36
CA SER A 912 -7.09 -39.04 -41.07
C SER A 912 -7.08 -37.78 -40.21
N ALA A 913 -8.16 -37.52 -39.48
CA ALA A 913 -8.22 -36.35 -38.62
C ALA A 913 -7.19 -36.43 -37.49
N ILE A 914 -7.04 -37.61 -36.89
CA ILE A 914 -6.06 -37.74 -35.81
C ILE A 914 -4.64 -37.60 -36.34
N GLY A 915 -4.38 -38.12 -37.55
CA GLY A 915 -3.08 -37.92 -38.16
C GLY A 915 -2.80 -36.45 -38.46
N LYS A 916 -3.81 -35.74 -38.95
CA LYS A 916 -3.66 -34.32 -39.26
C LYS A 916 -3.40 -33.51 -38.00
N ILE A 917 -4.11 -33.81 -36.91
CA ILE A 917 -3.91 -33.07 -35.68
C ILE A 917 -2.53 -33.38 -35.10
N GLN A 918 -2.08 -34.64 -35.22
CA GLN A 918 -0.72 -34.99 -34.82
C GLN A 918 0.31 -34.17 -35.58
N ASP A 919 0.16 -34.12 -36.90
CA ASP A 919 1.14 -33.39 -37.72
C ASP A 919 1.12 -31.90 -37.41
N SER A 920 -0.08 -31.33 -37.24
CA SER A 920 -0.19 -29.91 -36.93
C SER A 920 0.46 -29.58 -35.59
N LEU A 921 0.24 -30.43 -34.58
CA LEU A 921 0.88 -30.19 -33.29
C LEU A 921 2.39 -30.35 -33.37
N SER A 922 2.86 -31.30 -34.18
CA SER A 922 4.30 -31.52 -34.30
C SER A 922 4.98 -30.35 -35.02
N SER A 923 4.33 -29.82 -36.06
CA SER A 923 4.97 -28.78 -36.87
C SER A 923 5.03 -27.45 -36.12
N THR A 924 3.88 -26.90 -35.77
CA THR A 924 3.83 -25.60 -35.10
C THR A 924 4.13 -25.74 -33.61
N ALA A 925 4.58 -24.63 -33.02
CA ALA A 925 4.87 -24.58 -31.60
C ALA A 925 4.37 -23.29 -30.98
N SER A 926 3.27 -22.74 -31.50
CA SER A 926 2.73 -21.48 -31.02
C SER A 926 1.24 -21.59 -30.67
N ALA A 927 0.72 -22.80 -30.53
CA ALA A 927 -0.69 -22.98 -30.19
C ALA A 927 -0.92 -23.12 -28.69
N LEU A 928 0.12 -23.47 -27.93
CA LEU A 928 0.01 -23.67 -26.47
C LEU A 928 0.49 -22.46 -25.69
N GLY A 929 0.24 -21.25 -26.20
CA GLY A 929 0.71 -20.05 -25.53
C GLY A 929 -0.02 -19.73 -24.24
N LYS A 930 -1.20 -20.31 -24.02
CA LYS A 930 -1.97 -20.01 -22.82
C LYS A 930 -1.28 -20.50 -21.55
N LEU A 931 -0.38 -21.46 -21.63
CA LEU A 931 0.38 -21.95 -20.50
C LEU A 931 1.74 -21.28 -20.37
N GLN A 932 2.41 -21.05 -21.50
CA GLN A 932 3.64 -20.27 -21.50
C GLN A 932 3.41 -18.88 -20.95
N ASP A 933 2.23 -18.30 -21.19
CA ASP A 933 1.91 -17.00 -20.64
C ASP A 933 1.92 -17.03 -19.11
N VAL A 934 1.31 -18.06 -18.52
CA VAL A 934 1.29 -18.19 -17.07
C VAL A 934 2.70 -18.38 -16.52
N VAL A 935 3.47 -19.25 -17.16
CA VAL A 935 4.84 -19.51 -16.69
C VAL A 935 5.66 -18.24 -16.74
N ASN A 936 5.58 -17.52 -17.87
CA ASN A 936 6.34 -16.29 -18.03
C ASN A 936 5.89 -15.23 -17.03
N GLN A 937 4.58 -15.13 -16.77
CA GLN A 937 4.09 -14.16 -15.81
C GLN A 937 4.64 -14.43 -14.42
N ASN A 938 4.63 -15.69 -13.99
CA ASN A 938 5.15 -16.03 -12.66
C ASN A 938 6.64 -15.72 -12.58
N ALA A 939 7.41 -16.15 -13.59
CA ALA A 939 8.85 -15.92 -13.58
C ALA A 939 9.15 -14.42 -13.59
N GLN A 940 8.42 -13.66 -14.39
CA GLN A 940 8.67 -12.22 -14.48
C GLN A 940 8.29 -11.51 -13.19
N ALA A 941 7.22 -11.95 -12.52
CA ALA A 941 6.88 -11.37 -11.23
C ALA A 941 7.98 -11.61 -10.21
N LEU A 942 8.51 -12.83 -10.15
CA LEU A 942 9.61 -13.10 -9.22
C LEU A 942 10.85 -12.28 -9.58
N ASN A 943 11.16 -12.16 -10.87
CA ASN A 943 12.32 -11.38 -11.29
C ASN A 943 12.14 -9.90 -10.96
N THR A 944 10.93 -9.37 -11.09
CA THR A 944 10.68 -7.98 -10.73
C THR A 944 10.80 -7.78 -9.23
N LEU A 945 10.33 -8.74 -8.43
CA LEU A 945 10.53 -8.66 -6.99
C LEU A 945 12.01 -8.63 -6.64
N VAL A 946 12.82 -9.41 -7.37
CA VAL A 946 14.27 -9.33 -7.18
C VAL A 946 14.80 -7.98 -7.62
N LYS A 947 14.28 -7.44 -8.72
CA LYS A 947 14.75 -6.15 -9.25
C LYS A 947 14.53 -5.03 -8.24
N GLN A 948 13.40 -5.03 -7.55
CA GLN A 948 13.04 -3.91 -6.68
C GLN A 948 13.92 -3.80 -5.43
N LEU A 949 15.00 -4.55 -5.29
CA LEU A 949 15.89 -4.46 -4.13
C LEU A 949 16.93 -3.36 -4.27
N SER A 950 16.98 -2.67 -5.40
CA SER A 950 17.98 -1.64 -5.65
C SER A 950 17.44 -0.23 -5.44
N SER A 951 16.23 -0.10 -4.90
CA SER A 951 15.61 1.21 -4.71
C SER A 951 16.05 1.82 -3.38
N ASN A 952 16.37 3.11 -3.42
CA ASN A 952 16.78 3.80 -2.20
C ASN A 952 15.60 4.09 -1.28
N PHE A 953 14.40 4.29 -1.87
CA PHE A 953 13.20 4.61 -1.11
C PHE A 953 13.37 5.86 -0.26
N GLY A 954 14.14 6.82 -0.74
CA GLY A 954 14.39 8.05 -0.03
C GLY A 954 15.57 8.01 0.92
N ALA A 955 16.20 6.86 1.12
CA ALA A 955 17.36 6.75 1.99
C ALA A 955 18.61 7.20 1.24
N ILE A 956 19.77 7.03 1.86
CA ILE A 956 21.03 7.44 1.24
C ILE A 956 21.70 6.32 0.47
N SER A 957 21.26 5.07 0.65
CA SER A 957 21.83 3.94 -0.06
C SER A 957 20.81 2.82 -0.10
N SER A 958 21.03 1.88 -1.02
CA SER A 958 20.17 0.71 -1.15
C SER A 958 20.77 -0.53 -0.51
N VAL A 959 21.85 -0.38 0.26
CA VAL A 959 22.50 -1.49 0.94
C VAL A 959 22.52 -1.21 2.43
N LEU A 960 22.19 -2.23 3.22
CA LEU A 960 22.25 -2.08 4.68
C LEU A 960 23.68 -1.99 5.17
N ASN A 961 24.62 -2.63 4.48
CA ASN A 961 26.00 -2.67 4.96
C ASN A 961 26.62 -1.28 5.01
N ASP A 962 26.39 -0.47 3.97
CA ASP A 962 26.96 0.87 3.95
C ASP A 962 26.41 1.72 5.09
N ILE A 963 25.09 1.67 5.30
CA ILE A 963 24.48 2.46 6.37
C ILE A 963 25.00 2.01 7.73
N LEU A 964 25.13 0.68 7.93
CA LEU A 964 25.62 0.18 9.21
C LEU A 964 27.10 0.51 9.42
N SER A 965 27.89 0.57 8.35
CA SER A 965 29.31 0.83 8.47
C SER A 965 29.66 2.31 8.40
N ARG A 966 28.70 3.19 8.13
CA ARG A 966 28.96 4.61 8.06
C ARG A 966 28.31 5.42 9.18
N LEU A 967 27.19 4.95 9.74
CA LEU A 967 26.47 5.70 10.76
C LEU A 967 26.24 4.82 11.98
N ASP A 968 26.20 5.46 13.14
CA ASP A 968 25.89 4.78 14.38
C ASP A 968 24.38 4.58 14.51
N LYS A 969 23.98 3.78 15.49
CA LYS A 969 22.57 3.41 15.65
C LYS A 969 21.79 4.46 16.44
N VAL A 970 21.98 5.72 16.07
CA VAL A 970 21.07 6.80 16.49
C VAL A 970 20.55 7.61 15.32
N GLU A 971 21.24 7.63 14.18
CA GLU A 971 20.73 8.24 12.96
C GLU A 971 20.63 7.27 11.80
N ALA A 972 21.05 6.01 11.98
CA ALA A 972 20.94 5.02 10.93
C ALA A 972 19.58 4.32 10.93
N GLU A 973 18.79 4.47 12.00
CA GLU A 973 17.50 3.82 12.07
C GLU A 973 16.48 4.42 11.11
N VAL A 974 16.64 5.70 10.75
CA VAL A 974 15.69 6.34 9.85
C VAL A 974 15.74 5.69 8.47
N GLN A 975 16.94 5.55 7.92
CA GLN A 975 17.10 4.96 6.60
C GLN A 975 16.63 3.50 6.59
N ILE A 976 16.94 2.77 7.66
CA ILE A 976 16.51 1.36 7.74
C ILE A 976 14.99 1.28 7.81
N ASP A 977 14.35 2.20 8.54
CA ASP A 977 12.90 2.22 8.59
C ASP A 977 12.30 2.49 7.21
N ARG A 978 12.88 3.45 6.48
CA ARG A 978 12.39 3.73 5.13
C ARG A 978 12.54 2.51 4.22
N LEU A 979 13.70 1.84 4.29
CA LEU A 979 13.93 0.67 3.47
C LEU A 979 12.95 -0.45 3.83
N ILE A 980 12.70 -0.65 5.13
CA ILE A 980 11.76 -1.67 5.56
C ILE A 980 10.37 -1.38 5.02
N THR A 981 9.93 -0.13 5.09
CA THR A 981 8.62 0.23 4.58
C THR A 981 8.53 -0.04 3.08
N GLY A 982 9.56 0.34 2.32
CA GLY A 982 9.53 0.10 0.89
C GLY A 982 9.49 -1.38 0.54
N ARG A 983 10.31 -2.20 1.20
CA ARG A 983 10.32 -3.63 0.94
C ARG A 983 8.97 -4.26 1.29
N LEU A 984 8.37 -3.84 2.40
CA LEU A 984 7.06 -4.36 2.76
C LEU A 984 6.00 -3.98 1.73
N GLN A 985 6.06 -2.75 1.21
CA GLN A 985 5.13 -2.35 0.16
C GLN A 985 5.29 -3.22 -1.07
N SER A 986 6.54 -3.50 -1.47
CA SER A 986 6.77 -4.37 -2.62
C SER A 986 6.20 -5.76 -2.40
N LEU A 987 6.43 -6.33 -1.21
CA LEU A 987 5.92 -7.66 -0.91
C LEU A 987 4.40 -7.70 -0.95
N GLN A 988 3.74 -6.68 -0.38
CA GLN A 988 2.28 -6.65 -0.39
C GLN A 988 1.73 -6.54 -1.81
N THR A 989 2.37 -5.72 -2.65
CA THR A 989 1.93 -5.62 -4.05
C THR A 989 2.05 -6.96 -4.75
N TYR A 990 3.18 -7.65 -4.54
CA TYR A 990 3.36 -8.97 -5.16
C TYR A 990 2.29 -9.95 -4.69
N VAL A 991 1.98 -9.93 -3.39
CA VAL A 991 0.98 -10.85 -2.86
C VAL A 991 -0.39 -10.57 -3.45
N THR A 992 -0.76 -9.30 -3.59
CA THR A 992 -2.05 -8.96 -4.18
C THR A 992 -2.14 -9.43 -5.62
N GLN A 993 -1.08 -9.22 -6.41
CA GLN A 993 -1.06 -9.69 -7.79
C GLN A 993 -1.24 -11.21 -7.84
N GLN A 994 -0.53 -11.93 -6.96
CA GLN A 994 -0.65 -13.38 -6.93
C GLN A 994 -2.06 -13.81 -6.56
N LEU A 995 -2.70 -13.11 -5.64
CA LEU A 995 -4.07 -13.46 -5.25
C LEU A 995 -5.03 -13.31 -6.42
N ILE A 996 -4.92 -12.21 -7.17
CA ILE A 996 -5.81 -12.01 -8.32
C ILE A 996 -5.58 -13.08 -9.37
N ARG A 997 -4.31 -13.38 -9.66
CA ARG A 997 -4.01 -14.41 -10.65
C ARG A 997 -4.51 -15.77 -10.20
N ALA A 998 -4.42 -16.07 -8.90
CA ALA A 998 -4.94 -17.32 -8.38
C ALA A 998 -6.44 -17.41 -8.56
N ALA A 999 -7.15 -16.30 -8.32
CA ALA A 999 -8.59 -16.30 -8.52
C ALA A 999 -8.96 -16.63 -9.97
N GLU A 1000 -8.29 -15.97 -10.93
CA GLU A 1000 -8.64 -16.22 -12.32
C GLU A 1000 -8.26 -17.63 -12.77
N ILE A 1001 -7.11 -18.14 -12.29
CA ILE A 1001 -6.72 -19.50 -12.63
C ILE A 1001 -7.70 -20.51 -12.03
N ARG A 1002 -8.19 -20.22 -10.83
CA ARG A 1002 -9.19 -21.10 -10.21
C ARG A 1002 -10.48 -21.12 -11.02
N ALA A 1003 -10.91 -19.96 -11.53
CA ALA A 1003 -12.09 -19.94 -12.39
C ALA A 1003 -11.86 -20.79 -13.64
N SER A 1004 -10.69 -20.65 -14.25
CA SER A 1004 -10.38 -21.46 -15.44
C SER A 1004 -10.39 -22.95 -15.11
N ALA A 1005 -9.83 -23.32 -13.96
CA ALA A 1005 -9.81 -24.73 -13.56
C ALA A 1005 -11.22 -25.26 -13.32
N ASN A 1006 -12.09 -24.44 -12.73
CA ASN A 1006 -13.47 -24.86 -12.55
C ASN A 1006 -14.16 -25.09 -13.90
N LEU A 1007 -13.91 -24.21 -14.87
CA LEU A 1007 -14.46 -24.42 -16.20
C LEU A 1007 -13.93 -25.72 -16.81
N ALA A 1008 -12.64 -25.99 -16.64
CA ALA A 1008 -12.05 -27.21 -17.18
C ALA A 1008 -12.67 -28.45 -16.54
N ALA A 1009 -12.89 -28.40 -15.23
CA ALA A 1009 -13.51 -29.54 -14.54
C ALA A 1009 -14.93 -29.77 -15.02
N THR A 1010 -15.69 -28.69 -15.21
CA THR A 1010 -17.05 -28.84 -15.76
C THR A 1010 -17.01 -29.46 -17.15
N LYS A 1011 -16.07 -29.00 -17.99
CA LYS A 1011 -15.96 -29.55 -19.33
C LYS A 1011 -15.60 -31.04 -19.30
N MET A 1012 -14.68 -31.43 -18.41
CA MET A 1012 -14.33 -32.84 -18.29
C MET A 1012 -15.52 -33.66 -17.84
N SER A 1013 -16.29 -33.15 -16.87
CA SER A 1013 -17.44 -33.90 -16.36
C SER A 1013 -18.51 -34.06 -17.44
N GLU A 1014 -18.77 -33.02 -18.23
CA GLU A 1014 -19.91 -33.03 -19.13
C GLU A 1014 -19.60 -33.50 -20.55
N CYS A 1015 -18.34 -33.50 -20.97
CA CYS A 1015 -18.01 -33.84 -22.35
C CYS A 1015 -17.18 -35.10 -22.51
N VAL A 1016 -16.52 -35.57 -21.46
CA VAL A 1016 -15.76 -36.82 -21.51
C VAL A 1016 -16.55 -37.98 -20.91
N LEU A 1017 -17.25 -37.74 -19.79
CA LEU A 1017 -18.04 -38.76 -19.14
C LEU A 1017 -19.46 -38.84 -19.68
N GLY A 1018 -19.76 -38.12 -20.77
CA GLY A 1018 -21.08 -38.16 -21.34
C GLY A 1018 -21.12 -37.46 -22.68
N GLN A 1019 -22.32 -37.20 -23.16
CA GLN A 1019 -22.56 -36.48 -24.39
C GLN A 1019 -23.31 -35.19 -24.09
N SER A 1020 -22.90 -34.11 -24.74
CA SER A 1020 -23.40 -32.77 -24.43
C SER A 1020 -24.35 -32.30 -25.50
N LYS A 1021 -25.51 -31.81 -25.08
CA LYS A 1021 -26.48 -31.19 -25.98
C LYS A 1021 -26.37 -29.67 -26.02
N ARG A 1022 -25.47 -29.09 -25.24
CA ARG A 1022 -25.27 -27.65 -25.25
C ARG A 1022 -24.52 -27.24 -26.52
N VAL A 1023 -25.02 -26.22 -27.20
CA VAL A 1023 -24.49 -25.82 -28.49
C VAL A 1023 -23.18 -25.06 -28.30
N ASP A 1024 -22.17 -25.42 -29.09
CA ASP A 1024 -20.89 -24.72 -29.12
C ASP A 1024 -20.16 -24.75 -27.78
N PHE A 1025 -20.42 -25.78 -26.98
CA PHE A 1025 -19.73 -25.93 -25.70
C PHE A 1025 -18.42 -26.70 -25.86
N CYS A 1026 -18.46 -27.83 -26.57
CA CYS A 1026 -17.29 -28.66 -26.82
C CYS A 1026 -17.15 -28.82 -28.33
N GLY A 1027 -16.47 -27.86 -28.96
CA GLY A 1027 -16.22 -27.91 -30.38
C GLY A 1027 -17.42 -27.52 -31.22
N LYS A 1028 -17.16 -27.04 -32.44
CA LYS A 1028 -18.25 -26.68 -33.35
C LYS A 1028 -18.87 -27.94 -33.94
N GLY A 1029 -20.14 -27.81 -34.32
CA GLY A 1029 -20.89 -28.94 -34.85
C GLY A 1029 -21.64 -29.68 -33.77
N TYR A 1030 -22.05 -30.90 -34.10
CA TYR A 1030 -22.76 -31.77 -33.18
C TYR A 1030 -21.76 -32.64 -32.44
N HIS A 1031 -21.73 -32.54 -31.12
CA HIS A 1031 -20.72 -33.23 -30.32
C HIS A 1031 -20.96 -34.73 -30.33
N LEU A 1032 -19.91 -35.49 -30.64
CA LEU A 1032 -19.94 -36.94 -30.59
C LEU A 1032 -19.17 -37.49 -29.40
N MET A 1033 -17.91 -37.11 -29.24
CA MET A 1033 -17.11 -37.64 -28.14
C MET A 1033 -15.93 -36.72 -27.90
N SER A 1034 -15.15 -37.04 -26.86
CA SER A 1034 -14.02 -36.20 -26.48
C SER A 1034 -12.95 -37.03 -25.82
N PHE A 1035 -11.71 -36.55 -25.89
CA PHE A 1035 -10.56 -37.22 -25.32
C PHE A 1035 -9.73 -36.22 -24.50
N PRO A 1036 -9.38 -36.54 -23.27
CA PRO A 1036 -8.49 -35.67 -22.50
C PRO A 1036 -7.03 -36.06 -22.63
N GLN A 1037 -6.17 -35.04 -22.57
CA GLN A 1037 -4.73 -35.22 -22.55
C GLN A 1037 -4.12 -34.20 -21.59
N SER A 1038 -2.99 -34.57 -21.02
CA SER A 1038 -2.32 -33.71 -20.05
C SER A 1038 -1.39 -32.72 -20.75
N ALA A 1039 -0.99 -31.69 -20.01
CA ALA A 1039 0.00 -30.74 -20.48
C ALA A 1039 0.56 -30.02 -19.27
N PRO A 1040 1.79 -29.49 -19.34
CA PRO A 1040 2.34 -28.78 -18.18
C PRO A 1040 1.45 -27.66 -17.71
N HIS A 1041 0.90 -27.81 -16.50
CA HIS A 1041 -0.03 -26.85 -15.90
C HIS A 1041 -1.27 -26.64 -16.76
N GLY A 1042 -1.78 -27.71 -17.35
CA GLY A 1042 -2.99 -27.56 -18.16
C GLY A 1042 -3.47 -28.87 -18.74
N VAL A 1043 -4.62 -28.78 -19.41
CA VAL A 1043 -5.28 -29.92 -20.03
C VAL A 1043 -5.62 -29.56 -21.47
N VAL A 1044 -5.70 -30.58 -22.32
CA VAL A 1044 -6.02 -30.41 -23.73
C VAL A 1044 -7.12 -31.40 -24.09
N PHE A 1045 -8.23 -30.88 -24.60
CA PHE A 1045 -9.37 -31.69 -25.01
C PHE A 1045 -9.38 -31.81 -26.53
N LEU A 1046 -9.48 -33.04 -27.02
CA LEU A 1046 -9.70 -33.32 -28.44
C LEU A 1046 -11.16 -33.68 -28.60
N HIS A 1047 -11.92 -32.79 -29.23
CA HIS A 1047 -13.35 -32.96 -29.43
C HIS A 1047 -13.60 -33.54 -30.82
N VAL A 1048 -14.32 -34.67 -30.87
CA VAL A 1048 -14.69 -35.32 -32.12
C VAL A 1048 -16.17 -35.04 -32.34
N THR A 1049 -16.48 -34.36 -33.45
CA THR A 1049 -17.82 -33.87 -33.75
C THR A 1049 -18.20 -34.23 -35.18
N TYR A 1050 -19.49 -34.04 -35.47
CA TYR A 1050 -20.11 -34.41 -36.74
C TYR A 1050 -20.59 -33.14 -37.44
N VAL A 1051 -20.20 -32.96 -38.71
CA VAL A 1051 -20.52 -31.76 -39.47
C VAL A 1051 -21.12 -32.15 -40.81
N PRO A 1052 -22.34 -31.72 -41.12
CA PRO A 1052 -22.87 -31.96 -42.47
C PRO A 1052 -22.13 -31.12 -43.51
N ALA A 1053 -21.91 -31.72 -44.68
CA ALA A 1053 -21.05 -31.12 -45.69
C ALA A 1053 -21.80 -30.73 -46.96
N GLN A 1054 -22.47 -31.67 -47.63
CA GLN A 1054 -23.02 -31.46 -48.97
C GLN A 1054 -24.52 -31.22 -48.87
N GLU A 1055 -24.92 -29.96 -48.99
CA GLU A 1055 -26.33 -29.61 -48.98
C GLU A 1055 -26.95 -29.76 -50.36
N LYS A 1056 -28.25 -30.07 -50.39
CA LYS A 1056 -28.99 -30.18 -51.63
C LYS A 1056 -30.30 -29.43 -51.50
N ASN A 1057 -30.69 -28.76 -52.58
CA ASN A 1057 -31.91 -27.97 -52.63
C ASN A 1057 -33.12 -28.87 -52.85
N PHE A 1058 -34.22 -28.55 -52.16
CA PHE A 1058 -35.46 -29.30 -52.34
C PHE A 1058 -36.65 -28.38 -52.10
N THR A 1059 -37.80 -28.77 -52.64
CA THR A 1059 -39.07 -28.12 -52.37
C THR A 1059 -39.84 -28.95 -51.36
N THR A 1060 -40.57 -28.28 -50.47
CA THR A 1060 -41.17 -28.95 -49.32
C THR A 1060 -42.57 -28.40 -49.08
N ALA A 1061 -43.25 -28.98 -48.10
CA ALA A 1061 -44.59 -28.57 -47.70
C ALA A 1061 -44.82 -29.02 -46.27
N PRO A 1062 -45.54 -28.23 -45.46
CA PRO A 1062 -45.72 -28.62 -44.05
C PRO A 1062 -46.56 -29.88 -43.87
N ALA A 1063 -47.66 -30.01 -44.60
CA ALA A 1063 -48.53 -31.16 -44.45
C ALA A 1063 -49.21 -31.44 -45.79
N ILE A 1064 -49.86 -32.60 -45.88
CA ILE A 1064 -50.56 -33.01 -47.09
C ILE A 1064 -52.00 -33.39 -46.72
N CYS A 1065 -52.89 -33.25 -47.70
CA CYS A 1065 -54.30 -33.63 -47.54
C CYS A 1065 -54.59 -34.76 -48.51
N HIS A 1066 -55.12 -35.87 -47.98
CA HIS A 1066 -55.38 -37.07 -48.76
C HIS A 1066 -56.87 -37.35 -48.90
N ASP A 1067 -57.58 -37.49 -47.79
CA ASP A 1067 -59.02 -37.75 -47.79
C ASP A 1067 -59.78 -36.68 -47.02
N GLY A 1068 -59.32 -35.43 -47.11
CA GLY A 1068 -59.88 -34.35 -46.33
C GLY A 1068 -59.24 -34.15 -44.98
N LYS A 1069 -58.34 -35.03 -44.57
CA LYS A 1069 -57.65 -34.94 -43.29
C LYS A 1069 -56.16 -34.73 -43.52
N ALA A 1070 -55.58 -33.82 -42.75
CA ALA A 1070 -54.16 -33.52 -42.87
C ALA A 1070 -53.32 -34.62 -42.25
N HIS A 1071 -52.13 -34.83 -42.81
CA HIS A 1071 -51.17 -35.80 -42.30
C HIS A 1071 -49.86 -35.07 -41.99
N PHE A 1072 -49.43 -35.13 -40.73
CA PHE A 1072 -48.17 -34.53 -40.34
C PHE A 1072 -47.14 -35.61 -40.06
N PRO A 1073 -45.90 -35.42 -40.50
CA PRO A 1073 -44.87 -36.45 -40.29
C PRO A 1073 -44.55 -36.63 -38.81
N ARG A 1074 -44.28 -37.87 -38.43
CA ARG A 1074 -43.92 -38.16 -37.04
C ARG A 1074 -42.55 -37.59 -36.73
N GLU A 1075 -41.53 -38.04 -37.45
CA GLU A 1075 -40.18 -37.49 -37.37
C GLU A 1075 -39.67 -37.26 -38.77
N GLY A 1076 -39.15 -36.05 -39.04
CA GLY A 1076 -38.59 -35.71 -40.33
C GLY A 1076 -39.36 -34.57 -40.99
N VAL A 1077 -39.33 -34.57 -42.31
CA VAL A 1077 -39.89 -33.47 -43.10
C VAL A 1077 -40.22 -34.02 -44.49
N PHE A 1078 -41.26 -33.45 -45.11
CA PHE A 1078 -41.63 -33.80 -46.46
C PHE A 1078 -40.76 -33.04 -47.46
N VAL A 1079 -40.33 -33.75 -48.50
CA VAL A 1079 -39.54 -33.17 -49.59
C VAL A 1079 -40.06 -33.74 -50.91
N SER A 1080 -39.55 -33.21 -52.01
CA SER A 1080 -40.01 -33.61 -53.33
C SER A 1080 -38.83 -33.69 -54.29
N ASN A 1081 -38.85 -34.72 -55.14
CA ASN A 1081 -37.89 -34.85 -56.23
C ASN A 1081 -38.21 -33.93 -57.39
N GLY A 1082 -39.38 -33.26 -57.37
CA GLY A 1082 -39.87 -32.47 -58.47
C GLY A 1082 -41.21 -32.94 -58.98
N THR A 1083 -41.48 -34.24 -58.90
CA THR A 1083 -42.77 -34.80 -59.31
C THR A 1083 -43.34 -35.70 -58.23
N HIS A 1084 -42.49 -36.33 -57.44
CA HIS A 1084 -42.91 -37.22 -56.37
C HIS A 1084 -42.72 -36.55 -55.02
N TRP A 1085 -43.22 -37.21 -53.98
CA TRP A 1085 -43.13 -36.72 -52.61
C TRP A 1085 -42.58 -37.81 -51.71
N PHE A 1086 -41.69 -37.42 -50.79
CA PHE A 1086 -41.05 -38.33 -49.86
C PHE A 1086 -41.01 -37.69 -48.48
N VAL A 1087 -40.74 -38.51 -47.47
CA VAL A 1087 -40.48 -38.05 -46.12
C VAL A 1087 -39.08 -38.51 -45.72
N THR A 1088 -38.29 -37.59 -45.16
CA THR A 1088 -36.91 -37.90 -44.85
C THR A 1088 -36.55 -37.30 -43.50
N GLN A 1089 -35.47 -37.80 -42.91
CA GLN A 1089 -35.00 -37.27 -41.64
C GLN A 1089 -34.42 -35.87 -41.85
N ARG A 1090 -33.99 -35.27 -40.74
CA ARG A 1090 -33.71 -33.83 -40.72
C ARG A 1090 -32.23 -33.49 -40.83
N ASN A 1091 -31.32 -34.45 -40.62
CA ASN A 1091 -29.89 -34.21 -40.74
C ASN A 1091 -29.25 -35.07 -41.82
N PHE A 1092 -30.04 -35.79 -42.60
CA PHE A 1092 -29.51 -36.65 -43.66
C PHE A 1092 -30.62 -36.85 -44.68
N TYR A 1093 -30.22 -37.29 -45.88
CA TYR A 1093 -31.17 -37.50 -46.98
C TYR A 1093 -31.36 -38.99 -47.18
N GLU A 1094 -32.45 -39.52 -46.62
CA GLU A 1094 -32.86 -40.91 -46.82
C GLU A 1094 -34.35 -40.90 -47.15
N PRO A 1095 -34.70 -40.67 -48.41
CA PRO A 1095 -36.12 -40.57 -48.77
C PRO A 1095 -36.86 -41.87 -48.54
N GLN A 1096 -38.11 -41.75 -48.09
CA GLN A 1096 -38.98 -42.90 -47.86
C GLN A 1096 -40.36 -42.59 -48.41
N ILE A 1097 -41.10 -43.64 -48.72
CA ILE A 1097 -42.45 -43.51 -49.27
C ILE A 1097 -43.41 -43.13 -48.15
N ILE A 1098 -44.33 -42.22 -48.46
CA ILE A 1098 -45.31 -41.77 -47.47
C ILE A 1098 -46.24 -42.93 -47.14
N THR A 1099 -46.46 -43.15 -45.84
CA THR A 1099 -47.30 -44.26 -45.38
C THR A 1099 -47.85 -43.91 -44.00
N THR A 1100 -48.85 -44.69 -43.58
CA THR A 1100 -49.63 -44.35 -42.40
C THR A 1100 -48.83 -44.43 -41.10
N ASP A 1101 -47.81 -45.28 -41.02
CA ASP A 1101 -47.03 -45.39 -39.80
C ASP A 1101 -45.90 -44.35 -39.72
N ASN A 1102 -45.75 -43.51 -40.74
CA ASN A 1102 -44.81 -42.40 -40.69
C ASN A 1102 -45.49 -41.06 -40.41
N THR A 1103 -46.81 -40.98 -40.57
CA THR A 1103 -47.55 -39.74 -40.38
C THR A 1103 -48.70 -39.97 -39.41
N PHE A 1104 -49.21 -38.87 -38.86
CA PHE A 1104 -50.39 -38.90 -38.00
C PHE A 1104 -51.39 -37.86 -38.45
N VAL A 1105 -52.67 -38.15 -38.24
CA VAL A 1105 -53.77 -37.33 -38.73
C VAL A 1105 -54.24 -36.40 -37.61
N SER A 1106 -54.44 -35.13 -37.96
CA SER A 1106 -54.91 -34.13 -37.00
C SER A 1106 -55.91 -33.22 -37.69
N GLY A 1107 -57.20 -33.54 -37.57
CA GLY A 1107 -58.25 -32.68 -38.04
C GLY A 1107 -58.36 -32.62 -39.56
N ASN A 1108 -59.15 -31.66 -40.02
CA ASN A 1108 -59.38 -31.45 -41.44
C ASN A 1108 -58.22 -30.67 -42.05
N CYS A 1109 -58.22 -30.58 -43.38
CA CYS A 1109 -57.13 -29.99 -44.14
C CYS A 1109 -57.52 -28.65 -44.76
N ASP A 1110 -58.34 -27.87 -44.05
CA ASP A 1110 -58.76 -26.55 -44.52
C ASP A 1110 -58.37 -25.45 -43.54
N VAL A 1111 -57.39 -25.69 -42.67
CA VAL A 1111 -56.97 -24.70 -41.68
C VAL A 1111 -55.49 -24.41 -41.85
N VAL A 1112 -54.74 -25.37 -42.39
CA VAL A 1112 -53.30 -25.26 -42.50
C VAL A 1112 -52.95 -24.45 -43.74
N ILE A 1113 -51.97 -23.56 -43.61
CA ILE A 1113 -51.50 -22.73 -44.71
C ILE A 1113 -50.30 -23.41 -45.36
N GLY A 1114 -50.43 -23.70 -46.65
CA GLY A 1114 -49.37 -24.33 -47.39
C GLY A 1114 -49.52 -25.83 -47.64
N ILE A 1115 -50.71 -26.39 -47.46
CA ILE A 1115 -50.93 -27.82 -47.64
C ILE A 1115 -50.91 -28.14 -49.13
N VAL A 1116 -50.56 -29.39 -49.45
CA VAL A 1116 -50.46 -29.86 -50.82
C VAL A 1116 -51.25 -31.15 -50.99
N ASN A 1117 -51.56 -31.47 -52.24
CA ASN A 1117 -52.36 -32.63 -52.58
C ASN A 1117 -51.45 -33.80 -52.95
N ASN A 1118 -51.62 -34.93 -52.26
CA ASN A 1118 -50.83 -36.12 -52.53
C ASN A 1118 -51.55 -37.33 -51.96
N THR A 1119 -51.14 -38.50 -52.42
CA THR A 1119 -51.70 -39.77 -51.98
C THR A 1119 -50.84 -40.37 -50.88
N VAL A 1120 -51.46 -41.26 -50.09
CA VAL A 1120 -50.80 -41.93 -48.99
C VAL A 1120 -51.03 -43.43 -49.13
N TYR A 1121 -49.94 -44.21 -49.09
CA TYR A 1121 -50.03 -45.65 -49.22
C TYR A 1121 -50.30 -46.29 -47.86
N ASP A 1122 -51.22 -47.26 -47.85
CA ASP A 1122 -51.57 -48.00 -46.64
C ASP A 1122 -50.92 -49.38 -46.69
N PRO A 1123 -50.19 -49.78 -45.65
CA PRO A 1123 -49.50 -51.08 -45.70
C PRO A 1123 -50.40 -52.26 -45.30
N LEU A 1124 -51.71 -52.05 -45.24
CA LEU A 1124 -52.59 -53.11 -44.78
C LEU A 1124 -53.64 -53.46 -45.84
N GLN A 1125 -54.07 -52.49 -46.65
CA GLN A 1125 -55.07 -52.76 -47.67
C GLN A 1125 -54.59 -53.75 -48.72
N PRO A 1126 -53.40 -53.63 -49.32
CA PRO A 1126 -52.96 -54.67 -50.25
C PRO A 1126 -52.81 -56.03 -49.59
N GLU A 1127 -52.43 -56.07 -48.31
CA GLU A 1127 -52.32 -57.34 -47.61
C GLU A 1127 -53.68 -58.01 -47.45
N LEU A 1128 -54.72 -57.23 -47.12
CA LEU A 1128 -56.04 -57.83 -46.98
C LEU A 1128 -56.64 -58.18 -48.34
N ASP A 1129 -56.24 -57.46 -49.38
CA ASP A 1129 -56.80 -57.71 -50.71
C ASP A 1129 -56.45 -59.10 -51.21
N SER A 1130 -55.21 -59.53 -50.99
CA SER A 1130 -54.77 -60.85 -51.42
C SER A 1130 -55.29 -61.95 -50.49
N GLN B 1 45.17 -11.92 57.35
CA GLN B 1 44.12 -12.48 58.20
C GLN B 1 43.57 -13.77 57.62
N CYS B 2 43.12 -13.71 56.37
CA CYS B 2 42.58 -14.90 55.71
C CYS B 2 43.68 -15.93 55.48
N VAL B 3 43.28 -17.20 55.47
CA VAL B 3 44.23 -18.31 55.37
C VAL B 3 43.92 -19.13 54.13
N ASN B 4 44.70 -20.19 53.92
CA ASN B 4 44.56 -21.05 52.75
C ASN B 4 44.14 -22.44 53.20
N LEU B 5 43.21 -23.04 52.46
CA LEU B 5 42.68 -24.36 52.80
C LEU B 5 43.43 -25.43 52.02
N THR B 6 43.91 -26.45 52.72
CA THR B 6 44.73 -27.51 52.16
C THR B 6 44.17 -28.88 52.51
N THR B 7 42.87 -29.06 52.31
CA THR B 7 42.21 -30.32 52.62
C THR B 7 41.31 -30.83 51.50
N ARG B 8 40.91 -29.97 50.56
CA ARG B 8 39.98 -30.36 49.51
C ARG B 8 40.56 -31.47 48.64
N THR B 9 39.70 -32.37 48.20
CA THR B 9 40.05 -33.39 47.21
C THR B 9 39.28 -33.10 45.93
N GLN B 10 40.01 -32.98 44.82
CA GLN B 10 39.43 -32.51 43.57
C GLN B 10 38.89 -33.67 42.73
N LEU B 11 37.81 -33.39 42.02
CA LEU B 11 37.15 -34.33 41.13
C LEU B 11 36.82 -33.60 39.83
N PRO B 12 36.62 -34.34 38.74
CA PRO B 12 36.23 -33.69 37.49
C PRO B 12 34.89 -32.98 37.65
N PRO B 13 34.67 -31.89 36.93
CA PRO B 13 33.43 -31.11 37.11
C PRO B 13 32.20 -31.87 36.64
N ALA B 14 31.06 -31.47 37.20
CA ALA B 14 29.78 -32.09 36.91
C ALA B 14 28.84 -31.10 36.24
N TYR B 15 28.00 -31.63 35.35
CA TYR B 15 27.07 -30.82 34.59
C TYR B 15 25.67 -31.41 34.70
N THR B 16 24.67 -30.53 34.66
CA THR B 16 23.27 -30.92 34.72
C THR B 16 22.49 -30.15 33.66
N ASN B 17 21.18 -30.37 33.64
CA ASN B 17 20.29 -29.77 32.65
C ASN B 17 19.39 -28.74 33.31
N SER B 18 19.13 -27.66 32.58
CA SER B 18 18.22 -26.61 33.02
C SER B 18 16.86 -26.87 32.38
N PHE B 19 15.92 -27.38 33.18
CA PHE B 19 14.61 -27.80 32.66
C PHE B 19 13.68 -26.59 32.64
N THR B 20 13.51 -26.00 31.46
CA THR B 20 12.64 -24.85 31.20
C THR B 20 12.64 -23.86 32.37
N ARG B 21 13.85 -23.51 32.81
CA ARG B 21 14.06 -22.72 34.02
C ARG B 21 14.76 -21.42 33.67
N GLY B 22 14.48 -20.38 34.45
CA GLY B 22 15.15 -19.10 34.27
C GLY B 22 14.39 -18.08 33.44
N VAL B 23 13.13 -17.85 33.77
CA VAL B 23 12.30 -16.85 33.12
C VAL B 23 11.94 -15.77 34.12
N TYR B 24 12.13 -14.51 33.74
CA TYR B 24 11.87 -13.37 34.60
C TYR B 24 10.96 -12.39 33.90
N TYR B 25 10.35 -11.51 34.69
CA TYR B 25 9.46 -10.49 34.13
C TYR B 25 10.26 -9.47 33.34
N PRO B 26 9.95 -9.25 32.06
CA PRO B 26 10.76 -8.31 31.28
C PRO B 26 10.50 -6.84 31.60
N ASP B 27 9.28 -6.51 32.03
CA ASP B 27 8.93 -5.12 32.31
C ASP B 27 8.05 -5.06 33.55
N LYS B 28 7.72 -3.84 33.97
CA LYS B 28 6.88 -3.59 35.14
C LYS B 28 5.45 -3.24 34.74
N VAL B 29 4.94 -3.85 33.67
CA VAL B 29 3.61 -3.57 33.15
C VAL B 29 2.71 -4.78 33.41
N PHE B 30 1.52 -4.52 33.93
CA PHE B 30 0.58 -5.58 34.26
C PHE B 30 -0.15 -6.04 33.00
N ARG B 31 -0.07 -7.33 32.71
CA ARG B 31 -0.80 -7.94 31.61
C ARG B 31 -1.49 -9.20 32.12
N SER B 32 -2.70 -9.46 31.63
CA SER B 32 -3.49 -10.61 32.06
C SER B 32 -4.08 -11.31 30.85
N SER B 33 -3.94 -12.64 30.81
CA SER B 33 -4.48 -13.48 29.75
C SER B 33 -4.00 -13.01 28.38
N VAL B 34 -2.68 -12.95 28.23
CA VAL B 34 -2.05 -12.43 27.02
C VAL B 34 -0.89 -13.34 26.63
N LEU B 35 -0.77 -13.62 25.33
CA LEU B 35 0.42 -14.25 24.76
C LEU B 35 1.34 -13.16 24.27
N HIS B 36 2.46 -12.96 24.96
CA HIS B 36 3.34 -11.82 24.71
C HIS B 36 4.70 -12.31 24.23
N SER B 37 5.17 -11.75 23.13
CA SER B 37 6.47 -12.10 22.57
C SER B 37 7.50 -11.05 22.95
N THR B 38 8.67 -11.51 23.38
CA THR B 38 9.72 -10.63 23.90
C THR B 38 11.07 -11.03 23.33
N GLN B 39 11.99 -10.06 23.37
CA GLN B 39 13.31 -10.17 22.75
C GLN B 39 14.33 -9.67 23.77
N ASP B 40 14.95 -10.58 24.51
CA ASP B 40 15.83 -10.15 25.60
C ASP B 40 16.80 -11.26 25.94
N LEU B 41 17.63 -11.00 26.94
CA LEU B 41 18.65 -11.97 27.38
C LEU B 41 18.00 -12.98 28.31
N PHE B 42 17.97 -14.24 27.88
CA PHE B 42 17.35 -15.32 28.63
C PHE B 42 18.29 -16.51 28.69
N LEU B 43 18.02 -17.40 29.63
CA LEU B 43 18.72 -18.68 29.68
C LEU B 43 18.05 -19.66 28.71
N PRO B 44 18.79 -20.22 27.75
CA PRO B 44 18.16 -21.13 26.78
C PRO B 44 17.58 -22.36 27.47
N PHE B 45 16.45 -22.83 26.93
CA PHE B 45 15.80 -24.01 27.49
C PHE B 45 16.68 -25.24 27.28
N PHE B 46 16.69 -26.13 28.28
CA PHE B 46 17.49 -27.34 28.26
C PHE B 46 18.96 -27.02 28.03
N SER B 47 19.50 -26.15 28.88
CA SER B 47 20.90 -25.76 28.81
C SER B 47 21.75 -26.66 29.68
N ASN B 48 23.05 -26.70 29.36
CA ASN B 48 24.01 -27.61 29.98
C ASN B 48 24.77 -26.84 31.05
N VAL B 49 24.16 -26.76 32.24
CA VAL B 49 24.64 -25.89 33.30
C VAL B 49 25.64 -26.63 34.18
N THR B 50 26.43 -25.88 34.94
CA THR B 50 27.49 -26.45 35.75
C THR B 50 27.03 -26.60 37.20
N TRP B 51 27.46 -27.69 37.83
CA TRP B 51 27.04 -28.06 39.17
C TRP B 51 28.24 -28.02 40.11
N PHE B 52 28.08 -27.32 41.23
CA PHE B 52 29.08 -27.30 42.29
C PHE B 52 28.39 -27.68 43.60
N HIS B 53 29.13 -28.35 44.48
CA HIS B 53 28.54 -28.78 45.75
C HIS B 53 29.60 -28.75 46.84
N ALA B 54 29.13 -28.55 48.07
CA ALA B 54 29.96 -28.57 49.27
C ALA B 54 29.43 -29.67 50.18
N ILE B 55 30.23 -30.73 50.34
CA ILE B 55 29.93 -31.86 51.20
C ILE B 55 31.20 -32.26 51.94
N HIS B 56 31.03 -33.06 52.99
CA HIS B 56 32.16 -33.51 53.80
C HIS B 56 32.60 -34.93 53.49
N VAL B 57 31.75 -35.74 52.86
CA VAL B 57 32.03 -37.14 52.56
C VAL B 57 32.28 -37.93 53.85
N LYS B 64 36.97 -34.44 50.91
CA LYS B 64 35.85 -33.51 51.06
C LYS B 64 35.85 -32.50 49.92
N ARG B 65 34.67 -31.99 49.58
CA ARG B 65 34.49 -31.07 48.46
C ARG B 65 34.12 -29.69 48.98
N PHE B 66 34.83 -28.67 48.51
CA PHE B 66 34.54 -27.28 48.88
C PHE B 66 34.90 -26.42 47.67
N ASP B 67 33.90 -26.10 46.86
CA ASP B 67 34.12 -25.46 45.56
C ASP B 67 33.74 -23.99 45.63
N ASN B 68 34.68 -23.13 45.26
CA ASN B 68 34.42 -21.70 45.08
C ASN B 68 35.43 -21.11 44.11
N PRO B 69 35.46 -21.54 42.86
CA PRO B 69 36.44 -21.02 41.91
C PRO B 69 35.98 -19.70 41.30
N VAL B 70 36.87 -19.12 40.50
CA VAL B 70 36.57 -17.89 39.78
C VAL B 70 35.92 -18.26 38.45
N LEU B 71 34.70 -17.77 38.23
CA LEU B 71 33.98 -18.09 37.02
C LEU B 71 33.80 -16.85 36.15
N PRO B 72 33.72 -17.01 34.84
CA PRO B 72 33.53 -15.85 33.96
C PRO B 72 32.12 -15.28 34.08
N PHE B 73 31.96 -14.08 33.52
CA PHE B 73 30.68 -13.36 33.55
C PHE B 73 30.39 -12.91 32.12
N ASN B 74 29.57 -13.67 31.41
CA ASN B 74 29.29 -13.44 29.99
C ASN B 74 27.85 -12.94 29.84
N ASP B 75 27.69 -11.62 29.80
CA ASP B 75 26.44 -10.92 29.54
C ASP B 75 25.37 -11.14 30.61
N GLY B 76 25.67 -11.86 31.67
CA GLY B 76 24.72 -12.15 32.72
C GLY B 76 24.87 -13.57 33.21
N VAL B 77 24.43 -13.81 34.44
CA VAL B 77 24.59 -15.11 35.08
C VAL B 77 23.27 -15.51 35.73
N TYR B 78 22.85 -16.76 35.51
CA TYR B 78 21.76 -17.37 36.25
C TYR B 78 22.37 -18.28 37.30
N PHE B 79 22.06 -18.03 38.56
CA PHE B 79 22.69 -18.71 39.70
C PHE B 79 21.59 -19.30 40.57
N ALA B 80 21.53 -20.63 40.66
CA ALA B 80 20.58 -21.31 41.52
C ALA B 80 21.32 -21.96 42.67
N SER B 81 20.66 -22.04 43.83
CA SER B 81 21.29 -22.62 45.00
C SER B 81 20.27 -23.43 45.79
N THR B 82 20.62 -24.68 46.10
CA THR B 82 19.82 -25.54 46.95
C THR B 82 20.56 -25.75 48.26
N GLU B 83 19.89 -25.43 49.37
CA GLU B 83 20.53 -25.50 50.68
C GLU B 83 19.48 -25.73 51.75
N LYS B 84 19.97 -26.12 52.93
CA LYS B 84 19.13 -26.31 54.10
C LYS B 84 19.69 -25.65 55.36
N SER B 85 20.92 -25.14 55.34
CA SER B 85 21.54 -24.55 56.51
C SER B 85 22.09 -23.15 56.25
N ASN B 86 21.69 -22.51 55.15
CA ASN B 86 22.13 -21.16 54.80
C ASN B 86 23.65 -21.07 54.71
N ILE B 87 24.20 -21.82 53.76
CA ILE B 87 25.64 -21.91 53.57
C ILE B 87 26.09 -20.87 52.55
N ILE B 88 25.50 -20.90 51.36
CA ILE B 88 25.85 -19.98 50.29
C ILE B 88 25.37 -18.59 50.70
N ARG B 89 26.31 -17.67 50.96
CA ARG B 89 25.91 -16.39 51.53
C ARG B 89 26.66 -15.18 50.99
N GLY B 90 27.28 -15.26 49.81
CA GLY B 90 27.90 -14.07 49.26
C GLY B 90 28.31 -14.21 47.82
N TRP B 91 28.51 -13.05 47.18
CA TRP B 91 29.05 -12.98 45.84
C TRP B 91 30.05 -11.83 45.73
N ILE B 92 31.04 -12.03 44.86
CA ILE B 92 32.07 -11.03 44.58
C ILE B 92 32.17 -10.90 43.07
N PHE B 93 32.04 -9.67 42.56
CA PHE B 93 32.14 -9.39 41.14
C PHE B 93 33.31 -8.44 40.90
N GLY B 94 34.01 -8.62 39.79
CA GLY B 94 35.12 -7.74 39.49
C GLY B 94 35.80 -8.13 38.21
N THR B 95 36.89 -7.41 37.91
CA THR B 95 37.69 -7.65 36.71
C THR B 95 38.99 -8.39 37.03
N THR B 96 39.76 -7.89 38.00
CA THR B 96 41.01 -8.51 38.39
C THR B 96 41.07 -8.91 39.86
N LEU B 97 40.30 -8.25 40.73
CA LEU B 97 40.26 -8.57 42.16
C LEU B 97 41.65 -8.48 42.80
N ASP B 98 42.43 -7.47 42.38
CA ASP B 98 43.81 -7.33 42.82
C ASP B 98 44.12 -5.89 43.20
N SER B 99 43.13 -5.21 43.79
CA SER B 99 43.26 -3.84 44.30
C SER B 99 43.67 -2.84 43.24
N LYS B 100 43.58 -3.20 41.95
CA LYS B 100 43.86 -2.27 40.86
C LYS B 100 42.61 -1.81 40.14
N THR B 101 41.48 -2.50 40.34
CA THR B 101 40.20 -2.12 39.75
C THR B 101 39.11 -2.26 40.82
N GLN B 102 38.05 -1.49 40.66
CA GLN B 102 36.94 -1.54 41.60
C GLN B 102 36.23 -2.88 41.54
N SER B 103 35.72 -3.33 42.69
CA SER B 103 35.02 -4.60 42.78
C SER B 103 33.75 -4.42 43.59
N LEU B 104 32.76 -5.26 43.30
CA LEU B 104 31.47 -5.24 43.98
C LEU B 104 31.36 -6.46 44.89
N LEU B 105 30.88 -6.23 46.11
CA LEU B 105 30.79 -7.26 47.14
C LEU B 105 29.39 -7.26 47.72
N ILE B 106 28.76 -8.45 47.77
CA ILE B 106 27.46 -8.63 48.40
C ILE B 106 27.58 -9.77 49.39
N VAL B 107 27.42 -9.45 50.68
CA VAL B 107 27.61 -10.44 51.74
C VAL B 107 26.47 -10.36 52.74
N ASN B 108 25.94 -11.53 53.12
CA ASN B 108 25.02 -11.66 54.26
C ASN B 108 25.79 -12.38 55.36
N ASN B 109 26.13 -11.63 56.41
CA ASN B 109 26.92 -12.15 57.52
C ASN B 109 26.06 -12.43 58.76
N ALA B 110 24.82 -12.85 58.54
CA ALA B 110 23.84 -13.23 59.55
C ALA B 110 23.40 -12.06 60.43
N THR B 111 23.87 -10.84 60.17
CA THR B 111 23.44 -9.68 60.92
C THR B 111 22.98 -8.58 59.96
N ASN B 112 23.67 -8.44 58.83
CA ASN B 112 23.36 -7.39 57.88
C ASN B 112 23.65 -7.88 56.47
N VAL B 113 23.03 -7.22 55.50
CA VAL B 113 23.29 -7.47 54.09
C VAL B 113 24.09 -6.28 53.58
N VAL B 114 25.39 -6.48 53.37
CA VAL B 114 26.29 -5.41 52.97
C VAL B 114 26.54 -5.50 51.46
N ILE B 115 26.32 -4.39 50.77
CA ILE B 115 26.62 -4.25 49.35
C ILE B 115 27.59 -3.09 49.22
N LYS B 116 28.78 -3.36 48.69
CA LYS B 116 29.84 -2.35 48.62
C LYS B 116 30.52 -2.40 47.26
N VAL B 117 30.56 -1.25 46.60
CA VAL B 117 31.42 -1.05 45.43
C VAL B 117 32.66 -0.33 45.92
N CYS B 118 33.81 -0.97 45.77
CA CYS B 118 34.94 -0.57 46.60
C CYS B 118 36.19 -1.23 46.04
N GLU B 119 37.35 -0.62 46.29
CA GLU B 119 38.61 -1.16 45.80
C GLU B 119 39.14 -2.13 46.85
N PHE B 120 38.80 -3.41 46.68
CA PHE B 120 39.16 -4.43 47.65
C PHE B 120 40.47 -5.12 47.25
N GLN B 121 41.10 -5.75 48.24
CA GLN B 121 42.26 -6.61 48.05
C GLN B 121 41.84 -8.01 48.49
N PHE B 122 41.28 -8.77 47.55
CA PHE B 122 40.80 -10.12 47.85
C PHE B 122 41.97 -11.09 47.84
N CYS B 123 42.00 -11.99 48.82
CA CYS B 123 43.02 -13.03 48.87
C CYS B 123 42.51 -14.29 48.16
N ASN B 124 43.33 -15.34 48.19
CA ASN B 124 43.06 -16.52 47.36
C ASN B 124 41.78 -17.22 47.77
N ASP B 125 41.56 -17.42 49.07
CA ASP B 125 40.44 -18.20 49.57
C ASP B 125 39.58 -17.36 50.51
N PRO B 126 38.56 -16.68 49.98
CA PRO B 126 37.64 -15.95 50.85
C PRO B 126 36.46 -16.81 51.27
N PHE B 127 36.11 -16.70 52.55
CA PHE B 127 35.04 -17.51 53.12
C PHE B 127 34.59 -16.90 54.43
N LEU B 128 33.56 -17.50 55.02
CA LEU B 128 33.05 -17.14 56.32
C LEU B 128 32.99 -18.40 57.18
N GLY B 129 33.06 -18.21 58.51
CA GLY B 129 33.19 -19.34 59.40
C GLY B 129 32.30 -19.31 60.61
N VAL B 130 31.59 -20.41 60.86
CA VAL B 130 30.70 -20.59 61.99
C VAL B 130 31.35 -21.56 62.97
N TYR B 131 31.12 -21.32 64.26
CA TYR B 131 31.66 -22.16 65.32
C TYR B 131 30.53 -22.73 66.17
N TYR B 132 30.69 -23.99 66.56
CA TYR B 132 29.71 -24.70 67.38
C TYR B 132 30.27 -24.89 68.78
N HIS B 133 29.46 -24.53 69.78
CA HIS B 133 29.86 -24.63 71.18
C HIS B 133 29.21 -25.85 71.82
N LYS B 134 30.02 -26.69 72.46
CA LYS B 134 29.52 -27.94 73.03
C LYS B 134 28.78 -27.71 74.34
N ASN B 135 29.23 -26.76 75.15
CA ASN B 135 28.67 -26.60 76.50
C ASN B 135 27.19 -26.21 76.44
N ASN B 136 26.83 -25.28 75.55
CA ASN B 136 25.43 -24.92 75.36
C ASN B 136 25.13 -24.85 73.88
N LYS B 137 23.88 -25.16 73.53
CA LYS B 137 23.49 -25.28 72.12
C LYS B 137 23.34 -23.91 71.49
N SER B 138 24.41 -23.42 70.85
CA SER B 138 24.38 -22.10 70.22
C SER B 138 25.41 -22.09 69.10
N TRP B 139 24.94 -21.99 67.86
CA TRP B 139 25.80 -21.80 66.71
C TRP B 139 25.93 -20.31 66.42
N MET B 140 27.16 -19.83 66.28
CA MET B 140 27.42 -18.42 66.03
C MET B 140 28.47 -18.26 64.95
N GLU B 141 28.28 -17.27 64.08
CA GLU B 141 29.26 -16.91 63.09
C GLU B 141 30.40 -16.13 63.75
N SER B 142 31.64 -16.53 63.46
CA SER B 142 32.79 -15.94 64.12
C SER B 142 33.92 -15.52 63.20
N GLU B 143 34.02 -16.06 62.00
CA GLU B 143 35.15 -15.78 61.11
C GLU B 143 34.68 -15.05 59.86
N PHE B 144 35.35 -13.95 59.53
CA PHE B 144 35.08 -13.19 58.32
C PHE B 144 36.42 -12.87 57.66
N ARG B 145 36.74 -13.58 56.58
CA ARG B 145 38.07 -13.53 55.96
C ARG B 145 37.95 -13.31 54.45
N VAL B 146 37.16 -12.32 54.06
CA VAL B 146 36.94 -12.07 52.64
C VAL B 146 38.10 -11.27 52.04
N TYR B 147 38.32 -10.06 52.55
CA TYR B 147 39.35 -9.16 52.02
C TYR B 147 40.30 -8.74 53.13
N SER B 148 41.28 -7.92 52.77
CA SER B 148 42.27 -7.41 53.70
C SER B 148 42.32 -5.89 53.77
N SER B 149 41.95 -5.19 52.70
CA SER B 149 41.99 -3.73 52.70
C SER B 149 40.98 -3.21 51.69
N ALA B 150 40.59 -1.96 51.85
CA ALA B 150 39.59 -1.33 50.98
C ALA B 150 39.78 0.18 50.99
N ASN B 151 40.01 0.77 49.82
CA ASN B 151 40.17 2.20 49.67
C ASN B 151 39.27 2.70 48.54
N ASN B 152 39.18 4.03 48.41
CA ASN B 152 38.44 4.68 47.33
C ASN B 152 37.01 4.13 47.24
N CYS B 153 36.34 4.08 48.38
CA CYS B 153 35.22 3.17 48.57
C CYS B 153 33.94 3.93 48.26
N THR B 154 33.34 3.64 47.11
CA THR B 154 32.29 4.51 46.55
C THR B 154 30.90 4.20 47.14
N PHE B 155 30.39 3.00 46.90
CA PHE B 155 29.01 2.68 47.25
C PHE B 155 28.92 2.25 48.72
N GLU B 156 27.69 2.32 49.24
CA GLU B 156 27.43 1.98 50.63
C GLU B 156 25.98 1.56 50.79
N TYR B 157 25.76 0.40 51.40
CA TYR B 157 24.42 -0.06 51.73
C TYR B 157 24.50 -1.10 52.84
N VAL B 158 23.90 -0.81 53.98
CA VAL B 158 23.80 -1.74 55.09
C VAL B 158 22.34 -1.84 55.50
N SER B 159 21.81 -3.05 55.55
CA SER B 159 20.42 -3.27 55.87
C SER B 159 20.22 -3.24 57.39
N GLN B 160 18.96 -3.37 57.82
CA GLN B 160 18.65 -3.39 59.24
C GLN B 160 19.13 -4.70 59.86
N PRO B 161 19.51 -4.68 61.14
CA PRO B 161 20.02 -5.89 61.79
C PRO B 161 18.95 -6.96 61.91
N PHE B 162 19.41 -8.22 61.88
CA PHE B 162 18.53 -9.36 62.02
C PHE B 162 19.37 -10.57 62.44
N LEU B 163 18.68 -11.65 62.82
CA LEU B 163 19.32 -12.89 63.20
C LEU B 163 18.85 -14.00 62.27
N MET B 164 19.78 -14.79 61.76
CA MET B 164 19.50 -15.84 60.80
C MET B 164 19.74 -17.22 61.42
N ASP B 165 18.86 -18.16 61.10
CA ASP B 165 18.97 -19.53 61.61
C ASP B 165 20.13 -20.22 60.90
N LEU B 166 21.31 -20.19 61.51
CA LEU B 166 22.50 -20.80 60.95
C LEU B 166 22.91 -22.07 61.69
N GLU B 167 22.01 -22.62 62.51
CA GLU B 167 22.29 -23.87 63.19
C GLU B 167 22.40 -25.03 62.19
N GLY B 168 23.30 -25.95 62.47
CA GLY B 168 23.51 -27.10 61.61
C GLY B 168 22.30 -28.00 61.51
N LYS B 169 21.79 -28.19 60.30
CA LYS B 169 20.64 -29.04 60.05
C LYS B 169 20.96 -30.01 58.93
N GLN B 170 20.54 -31.25 59.08
CA GLN B 170 20.75 -32.30 58.10
C GLN B 170 19.40 -32.87 57.66
N GLY B 171 19.47 -33.83 56.73
CA GLY B 171 18.26 -34.44 56.21
C GLY B 171 18.11 -34.27 54.72
N ASN B 172 17.12 -33.49 54.30
CA ASN B 172 16.81 -33.28 52.89
C ASN B 172 16.87 -31.79 52.57
N PHE B 173 17.31 -31.48 51.35
CA PHE B 173 17.38 -30.09 50.92
C PHE B 173 16.01 -29.46 50.92
N LYS B 174 15.94 -28.21 51.39
CA LYS B 174 14.66 -27.53 51.60
C LYS B 174 14.49 -26.29 50.74
N ASN B 175 15.46 -25.38 50.76
CA ASN B 175 15.30 -24.06 50.15
C ASN B 175 16.05 -23.97 48.82
N LEU B 176 15.34 -23.52 47.78
CA LEU B 176 15.94 -23.25 46.48
C LEU B 176 15.81 -21.75 46.20
N ARG B 177 16.94 -21.10 45.98
CA ARG B 177 16.98 -19.66 45.71
C ARG B 177 17.61 -19.44 44.34
N GLU B 178 16.91 -18.70 43.49
CA GLU B 178 17.36 -18.41 42.13
C GLU B 178 17.60 -16.93 41.96
N PHE B 179 18.70 -16.59 41.29
CA PHE B 179 19.08 -15.22 41.01
C PHE B 179 19.48 -15.09 39.55
N VAL B 180 19.23 -13.90 39.00
CA VAL B 180 19.71 -13.52 37.68
C VAL B 180 20.39 -12.17 37.80
N PHE B 181 21.67 -12.12 37.45
CA PHE B 181 22.45 -10.88 37.47
C PHE B 181 22.77 -10.46 36.05
N LYS B 182 22.59 -9.17 35.76
CA LYS B 182 23.04 -8.65 34.47
C LYS B 182 23.49 -7.20 34.63
N ASN B 183 24.59 -6.86 33.96
CA ASN B 183 25.21 -5.55 34.07
C ASN B 183 25.13 -4.86 32.73
N ILE B 184 24.27 -3.83 32.63
CA ILE B 184 24.03 -3.13 31.38
C ILE B 184 23.99 -1.63 31.63
N ASP B 185 24.78 -0.89 30.84
CA ASP B 185 24.76 0.58 30.86
C ASP B 185 24.98 1.15 32.26
N GLY B 186 25.90 0.55 33.00
CA GLY B 186 26.22 1.01 34.34
C GLY B 186 25.24 0.59 35.41
N TYR B 187 24.22 -0.19 35.05
CA TYR B 187 23.22 -0.66 36.01
C TYR B 187 23.40 -2.15 36.22
N PHE B 188 23.55 -2.55 37.48
CA PHE B 188 23.62 -3.95 37.87
C PHE B 188 22.24 -4.36 38.34
N LYS B 189 21.54 -5.15 37.53
CA LYS B 189 20.18 -5.55 37.78
C LYS B 189 20.16 -6.98 38.31
N ILE B 190 19.50 -7.17 39.45
CA ILE B 190 19.40 -8.46 40.12
C ILE B 190 17.92 -8.81 40.25
N TYR B 191 17.55 -9.98 39.73
CA TYR B 191 16.24 -10.58 39.92
C TYR B 191 16.38 -11.78 40.83
N SER B 192 15.42 -11.97 41.74
CA SER B 192 15.52 -13.04 42.73
C SER B 192 14.19 -13.77 42.87
N LYS B 193 14.27 -15.01 43.35
CA LYS B 193 13.09 -15.81 43.64
C LYS B 193 13.47 -16.89 44.64
N HIS B 194 12.51 -17.24 45.50
CA HIS B 194 12.71 -18.27 46.52
C HIS B 194 11.58 -19.30 46.43
N THR B 195 11.93 -20.57 46.64
CA THR B 195 10.97 -21.66 46.52
C THR B 195 11.27 -22.74 47.57
N PRO B 196 10.23 -23.28 48.21
CA PRO B 196 10.44 -24.46 49.06
C PRO B 196 10.35 -25.74 48.25
N ILE B 197 11.32 -26.65 48.43
CA ILE B 197 11.36 -27.92 47.72
C ILE B 197 11.71 -29.03 48.70
N ASN B 198 11.62 -30.27 48.20
CA ASN B 198 11.94 -31.43 49.02
C ASN B 198 12.82 -32.44 48.29
N LEU B 199 13.50 -32.02 47.22
CA LEU B 199 14.40 -32.92 46.51
C LEU B 199 15.73 -33.02 47.23
N VAL B 200 16.55 -33.97 46.81
CA VAL B 200 17.79 -34.32 47.50
C VAL B 200 19.03 -33.95 46.70
N ARG B 201 18.98 -34.10 45.37
CA ARG B 201 20.18 -34.01 44.55
C ARG B 201 20.17 -32.85 43.58
N ASP B 202 19.18 -32.76 42.71
CA ASP B 202 19.25 -31.89 41.53
C ASP B 202 18.12 -30.86 41.55
N LEU B 203 18.10 -30.04 40.51
CA LEU B 203 17.08 -29.02 40.36
C LEU B 203 15.71 -29.67 40.09
N PRO B 204 14.67 -29.28 40.80
CA PRO B 204 13.33 -29.81 40.48
C PRO B 204 12.87 -29.32 39.11
N GLN B 205 12.04 -30.14 38.47
CA GLN B 205 11.46 -29.79 37.18
C GLN B 205 10.17 -29.00 37.41
N GLY B 206 10.11 -27.81 36.83
CA GLY B 206 8.95 -26.96 37.01
C GLY B 206 9.19 -25.60 36.40
N PHE B 207 8.23 -24.70 36.64
CA PHE B 207 8.30 -23.34 36.13
C PHE B 207 8.13 -22.35 37.27
N SER B 208 8.92 -21.29 37.23
CA SER B 208 8.85 -20.23 38.23
C SER B 208 9.36 -18.93 37.63
N ALA B 209 8.58 -17.87 37.77
CA ALA B 209 8.94 -16.57 37.24
C ALA B 209 9.71 -15.77 38.30
N LEU B 210 10.76 -15.09 37.86
CA LEU B 210 11.61 -14.30 38.74
C LEU B 210 11.18 -12.84 38.69
N GLU B 211 10.97 -12.26 39.88
CA GLU B 211 10.54 -10.87 39.97
C GLU B 211 11.74 -9.95 40.17
N PRO B 212 11.66 -8.71 39.67
CA PRO B 212 12.76 -7.77 39.87
C PRO B 212 13.03 -7.53 41.34
N LEU B 213 14.32 -7.46 41.69
CA LEU B 213 14.72 -7.25 43.07
C LEU B 213 15.43 -5.92 43.27
N VAL B 214 16.51 -5.64 42.53
CA VAL B 214 17.28 -4.43 42.78
C VAL B 214 18.00 -3.99 41.50
N ASP B 215 18.28 -2.69 41.43
CA ASP B 215 19.02 -2.08 40.32
C ASP B 215 20.03 -1.13 40.94
N LEU B 216 21.31 -1.53 40.94
CA LEU B 216 22.37 -0.75 41.56
C LEU B 216 23.08 0.09 40.51
N PRO B 217 23.19 1.41 40.68
CA PRO B 217 23.98 2.25 39.76
C PRO B 217 25.47 2.26 40.12
N ILE B 218 26.17 1.21 39.71
CA ILE B 218 27.54 0.97 40.15
C ILE B 218 28.56 1.47 39.13
N GLY B 219 28.33 1.20 37.85
CA GLY B 219 29.28 1.59 36.81
C GLY B 219 30.62 0.90 36.92
N ILE B 220 30.64 -0.42 36.74
CA ILE B 220 31.84 -1.23 36.88
C ILE B 220 31.99 -2.12 35.66
N ASN B 221 33.23 -2.30 35.22
CA ASN B 221 33.55 -3.32 34.21
C ASN B 221 33.65 -4.67 34.91
N ILE B 222 32.65 -5.53 34.70
CA ILE B 222 32.56 -6.81 35.38
C ILE B 222 32.77 -7.91 34.36
N THR B 223 33.75 -8.77 34.61
CA THR B 223 34.02 -9.92 33.76
C THR B 223 34.17 -11.23 34.50
N ARG B 224 34.44 -11.21 35.81
CA ARG B 224 34.61 -12.42 36.60
C ARG B 224 33.86 -12.27 37.92
N PHE B 225 33.51 -13.41 38.50
CA PHE B 225 32.81 -13.41 39.78
C PHE B 225 33.14 -14.69 40.54
N GLN B 226 32.86 -14.65 41.85
CA GLN B 226 33.19 -15.73 42.77
C GLN B 226 32.12 -15.80 43.83
N THR B 227 31.99 -16.98 44.44
CA THR B 227 30.95 -17.28 45.41
C THR B 227 31.55 -17.38 46.81
N LEU B 228 30.84 -16.84 47.80
CA LEU B 228 31.28 -16.83 49.19
C LEU B 228 30.40 -17.77 49.99
N LEU B 229 30.99 -18.87 50.45
CA LEU B 229 30.32 -19.88 51.24
C LEU B 229 30.66 -19.72 52.72
N ALA B 230 30.13 -20.62 53.55
CA ALA B 230 30.41 -20.62 54.98
C ALA B 230 30.72 -22.04 55.41
N LEU B 231 31.81 -22.21 56.15
CA LEU B 231 32.20 -23.50 56.70
C LEU B 231 31.87 -23.55 58.18
N HIS B 232 32.15 -24.70 58.80
CA HIS B 232 31.87 -24.92 60.21
C HIS B 232 33.16 -25.30 60.93
N ARG B 233 33.33 -24.76 62.13
CA ARG B 233 34.46 -25.08 62.99
C ARG B 233 33.94 -25.81 64.22
N SER B 234 34.47 -27.00 64.47
CA SER B 234 34.01 -27.83 65.57
C SER B 234 35.21 -28.41 66.30
N TYR B 235 34.97 -28.80 67.56
CA TYR B 235 36.00 -29.40 68.39
C TYR B 235 36.42 -30.79 67.92
N LEU B 236 35.66 -31.38 66.98
CA LEU B 236 36.00 -32.72 66.51
C LEU B 236 37.35 -32.74 65.80
N THR B 237 37.62 -31.74 64.96
CA THR B 237 38.85 -31.70 64.20
C THR B 237 39.82 -30.73 64.87
N PRO B 238 40.99 -31.18 65.31
CA PRO B 238 41.88 -30.31 66.09
C PRO B 238 42.82 -29.46 65.25
N GLY B 239 42.54 -29.33 63.95
CA GLY B 239 43.37 -28.49 63.11
C GLY B 239 43.32 -27.03 63.51
N ASP B 240 44.40 -26.31 63.19
CA ASP B 240 44.51 -24.92 63.65
C ASP B 240 43.64 -23.98 62.80
N SER B 241 43.97 -23.82 61.53
CA SER B 241 43.16 -23.02 60.63
C SER B 241 42.89 -23.64 59.27
N SER B 242 43.78 -24.51 58.75
CA SER B 242 43.67 -25.04 57.41
C SER B 242 43.22 -26.50 57.36
N SER B 243 43.30 -27.23 58.47
CA SER B 243 42.86 -28.60 58.52
C SER B 243 41.71 -28.84 59.49
N GLY B 244 41.35 -27.85 60.30
CA GLY B 244 40.29 -28.02 61.29
C GLY B 244 38.94 -27.56 60.81
N TRP B 245 38.77 -27.44 59.49
CA TRP B 245 37.52 -26.97 58.90
C TRP B 245 36.74 -28.16 58.36
N THR B 246 35.46 -28.22 58.70
CA THR B 246 34.54 -29.21 58.15
C THR B 246 33.45 -28.49 57.37
N ALA B 247 33.16 -28.98 56.18
CA ALA B 247 32.20 -28.32 55.30
C ALA B 247 30.78 -28.72 55.66
N GLY B 248 29.82 -27.94 55.16
CA GLY B 248 28.42 -28.26 55.33
C GLY B 248 27.91 -29.11 54.18
N ALA B 249 26.66 -28.89 53.77
CA ALA B 249 26.05 -29.61 52.66
C ALA B 249 25.19 -28.65 51.88
N ALA B 250 25.64 -28.27 50.68
CA ALA B 250 24.89 -27.34 49.86
C ALA B 250 25.28 -27.53 48.41
N ALA B 251 24.50 -26.96 47.50
CA ALA B 251 24.84 -27.06 46.09
C ALA B 251 24.40 -25.80 45.37
N TYR B 252 25.09 -25.48 44.28
CA TYR B 252 24.68 -24.37 43.44
C TYR B 252 25.01 -24.66 41.97
N TYR B 253 24.14 -24.19 41.10
CA TYR B 253 24.21 -24.42 39.67
C TYR B 253 24.35 -23.09 38.95
N VAL B 254 25.20 -23.06 37.94
CA VAL B 254 25.57 -21.84 37.23
C VAL B 254 25.25 -22.01 35.76
N GLY B 255 24.62 -20.99 35.17
CA GLY B 255 24.38 -20.95 33.75
C GLY B 255 24.54 -19.54 33.22
N TYR B 256 24.71 -19.45 31.90
CA TYR B 256 24.97 -18.18 31.23
C TYR B 256 23.81 -17.82 30.30
N LEU B 257 23.54 -16.51 30.20
CA LEU B 257 22.41 -16.02 29.43
C LEU B 257 22.84 -15.64 28.02
N GLN B 258 21.89 -15.72 27.09
CA GLN B 258 22.10 -15.36 25.69
C GLN B 258 20.90 -14.60 25.18
N PRO B 259 21.09 -13.74 24.17
CA PRO B 259 19.95 -13.02 23.58
C PRO B 259 19.04 -13.98 22.83
N ARG B 260 17.76 -14.01 23.21
CA ARG B 260 16.80 -14.95 22.65
C ARG B 260 15.42 -14.31 22.59
N THR B 261 14.55 -14.94 21.81
CA THR B 261 13.15 -14.57 21.72
C THR B 261 12.33 -15.56 22.54
N PHE B 262 11.42 -15.04 23.37
CA PHE B 262 10.59 -15.88 24.21
C PHE B 262 9.13 -15.51 24.02
N LEU B 263 8.25 -16.52 24.13
CA LEU B 263 6.81 -16.31 24.08
C LEU B 263 6.23 -16.67 25.44
N LEU B 264 5.83 -15.66 26.21
CA LEU B 264 5.33 -15.84 27.57
C LEU B 264 3.80 -15.83 27.57
N LYS B 265 3.23 -16.54 28.55
CA LYS B 265 1.78 -16.62 28.71
C LYS B 265 1.40 -16.01 30.05
N TYR B 266 0.61 -14.93 30.02
CA TYR B 266 0.08 -14.32 31.22
C TYR B 266 -1.35 -14.83 31.43
N ASN B 267 -1.60 -15.39 32.61
CA ASN B 267 -2.90 -15.97 32.91
C ASN B 267 -3.89 -14.86 33.28
N GLU B 268 -5.06 -15.27 33.78
CA GLU B 268 -6.08 -14.28 34.14
C GLU B 268 -5.63 -13.42 35.32
N ASN B 269 -4.95 -14.03 36.30
CA ASN B 269 -4.51 -13.27 37.47
C ASN B 269 -3.34 -12.35 37.16
N GLY B 270 -2.57 -12.65 36.12
CA GLY B 270 -1.46 -11.80 35.73
C GLY B 270 -0.11 -12.32 36.15
N THR B 271 0.03 -13.65 36.19
CA THR B 271 1.27 -14.30 36.56
C THR B 271 1.73 -15.19 35.41
N ILE B 272 3.02 -15.14 35.11
CA ILE B 272 3.58 -15.97 34.04
C ILE B 272 3.49 -17.44 34.45
N THR B 273 2.87 -18.24 33.60
CA THR B 273 2.72 -19.67 33.86
C THR B 273 3.47 -20.56 32.88
N ASP B 274 3.66 -20.12 31.64
CA ASP B 274 4.35 -20.91 30.64
C ASP B 274 5.11 -19.99 29.70
N ALA B 275 6.15 -20.56 29.08
CA ALA B 275 6.98 -19.83 28.15
C ALA B 275 7.51 -20.79 27.10
N VAL B 276 7.74 -20.25 25.90
CA VAL B 276 8.34 -20.99 24.79
C VAL B 276 9.63 -20.31 24.41
N ASP B 277 10.74 -21.05 24.50
CA ASP B 277 12.03 -20.58 23.99
C ASP B 277 12.01 -20.71 22.48
N CYS B 278 11.96 -19.58 21.79
CA CYS B 278 11.70 -19.59 20.37
C CYS B 278 13.00 -19.79 19.61
N ALA B 279 12.89 -20.46 18.46
CA ALA B 279 14.05 -20.91 17.67
C ALA B 279 14.93 -21.88 18.44
N LEU B 280 14.33 -22.67 19.33
CA LEU B 280 15.04 -23.77 19.97
C LEU B 280 15.05 -25.00 19.08
N ASP B 281 13.88 -25.49 18.72
CA ASP B 281 13.65 -26.54 17.75
C ASP B 281 12.57 -26.06 16.79
N PRO B 282 12.49 -26.63 15.59
CA PRO B 282 11.53 -26.11 14.60
C PRO B 282 10.09 -26.13 15.07
N LEU B 283 9.72 -27.07 15.95
CA LEU B 283 8.38 -27.04 16.55
C LEU B 283 8.16 -25.77 17.34
N SER B 284 9.19 -25.31 18.07
CA SER B 284 9.08 -24.04 18.79
C SER B 284 8.91 -22.88 17.82
N GLU B 285 9.59 -22.92 16.68
CA GLU B 285 9.41 -21.87 15.68
C GLU B 285 7.98 -21.87 15.13
N THR B 286 7.42 -23.05 14.89
CA THR B 286 6.03 -23.14 14.47
C THR B 286 5.10 -22.55 15.52
N LYS B 287 5.37 -22.85 16.80
CA LYS B 287 4.58 -22.27 17.88
C LYS B 287 4.72 -20.75 17.91
N CYS B 288 5.92 -20.25 17.61
CA CYS B 288 6.13 -18.81 17.53
C CYS B 288 5.27 -18.19 16.45
N THR B 289 5.28 -18.82 15.26
CA THR B 289 4.53 -18.29 14.13
C THR B 289 3.02 -18.34 14.39
N LEU B 290 2.53 -19.43 14.99
CA LEU B 290 1.11 -19.56 15.27
C LEU B 290 0.68 -18.83 16.54
N LYS B 291 1.63 -18.36 17.35
CA LYS B 291 1.33 -17.64 18.59
C LYS B 291 0.42 -18.46 19.52
N SER B 292 0.72 -19.75 19.64
CA SER B 292 -0.07 -20.63 20.49
C SER B 292 0.79 -21.81 20.91
N PHE B 293 0.38 -22.46 22.01
CA PHE B 293 1.07 -23.64 22.50
C PHE B 293 0.61 -24.93 21.84
N THR B 294 -0.45 -24.89 21.03
CA THR B 294 -1.01 -26.07 20.40
C THR B 294 -0.93 -25.92 18.89
N VAL B 295 -0.52 -27.00 18.21
CA VAL B 295 -0.35 -27.02 16.77
C VAL B 295 -1.15 -28.19 16.20
N GLU B 296 -1.94 -27.91 15.17
CA GLU B 296 -2.73 -28.94 14.53
C GLU B 296 -1.86 -29.81 13.62
N LYS B 297 -2.42 -30.95 13.23
CA LYS B 297 -1.70 -31.88 12.36
C LYS B 297 -1.54 -31.29 10.97
N GLY B 298 -0.34 -31.39 10.42
CA GLY B 298 -0.09 -30.90 9.07
C GLY B 298 1.40 -30.71 8.82
N ILE B 299 1.68 -29.82 7.87
CA ILE B 299 3.05 -29.45 7.50
C ILE B 299 3.12 -27.93 7.44
N TYR B 300 4.18 -27.37 8.01
CA TYR B 300 4.36 -25.93 8.10
C TYR B 300 5.73 -25.55 7.57
N GLN B 301 5.87 -24.29 7.15
CA GLN B 301 7.11 -23.78 6.60
C GLN B 301 7.79 -22.89 7.62
N THR B 302 9.08 -23.12 7.86
CA THR B 302 9.85 -22.32 8.80
C THR B 302 10.89 -21.50 8.04
N SER B 303 11.73 -20.80 8.78
CA SER B 303 12.78 -19.99 8.18
C SER B 303 13.79 -20.88 7.46
N ASN B 304 14.46 -20.29 6.47
CA ASN B 304 15.46 -21.02 5.70
C ASN B 304 16.65 -21.38 6.59
N PHE B 305 17.51 -22.25 6.07
CA PHE B 305 18.66 -22.72 6.84
C PHE B 305 19.65 -21.58 6.95
N ARG B 306 19.60 -20.88 8.07
CA ARG B 306 20.38 -19.68 8.31
C ARG B 306 21.56 -20.04 9.20
N VAL B 307 22.78 -19.80 8.71
CA VAL B 307 24.00 -20.24 9.36
C VAL B 307 24.72 -19.04 9.94
N GLN B 308 25.21 -19.18 11.20
CA GLN B 308 25.93 -18.16 11.95
C GLN B 308 27.39 -18.12 11.53
N PRO B 309 28.01 -16.93 11.59
CA PRO B 309 29.44 -16.84 11.24
C PRO B 309 30.32 -17.43 12.32
N THR B 310 31.56 -17.72 11.94
CA THR B 310 32.55 -18.33 12.83
C THR B 310 33.49 -17.30 13.44
N GLU B 311 34.16 -16.48 12.63
CA GLU B 311 35.16 -15.54 13.11
C GLU B 311 35.01 -14.23 12.35
N SER B 312 35.88 -13.28 12.68
CA SER B 312 35.89 -11.97 12.06
C SER B 312 37.30 -11.64 11.57
N ILE B 313 37.39 -10.99 10.42
CA ILE B 313 38.66 -10.62 9.82
C ILE B 313 38.63 -9.15 9.44
N VAL B 314 39.81 -8.54 9.34
CA VAL B 314 39.97 -7.16 8.92
C VAL B 314 41.11 -7.11 7.90
N ARG B 315 40.86 -6.47 6.77
CA ARG B 315 41.86 -6.34 5.70
C ARG B 315 41.96 -4.88 5.29
N PHE B 316 43.00 -4.20 5.79
CA PHE B 316 43.33 -2.83 5.43
C PHE B 316 44.66 -2.79 4.69
N PRO B 317 44.87 -1.83 3.80
CA PRO B 317 46.19 -1.68 3.18
C PRO B 317 47.24 -1.35 4.23
N ASN B 318 48.42 -1.90 4.05
CA ASN B 318 49.51 -1.76 5.03
C ASN B 318 50.32 -0.50 4.76
N ILE B 319 50.04 0.54 5.54
CA ILE B 319 50.75 1.80 5.46
C ILE B 319 51.23 2.16 6.86
N THR B 320 52.51 2.55 6.96
CA THR B 320 53.14 2.79 8.25
C THR B 320 53.28 4.26 8.61
N ASN B 321 53.26 5.15 7.64
CA ASN B 321 53.50 6.56 7.90
C ASN B 321 52.28 7.21 8.55
N LEU B 322 52.55 8.24 9.34
CA LEU B 322 51.53 9.07 9.96
C LEU B 322 51.56 10.43 9.27
N CYS B 323 50.51 10.73 8.50
CA CYS B 323 50.51 11.94 7.71
C CYS B 323 50.43 13.18 8.62
N PRO B 324 50.93 14.33 8.15
CA PRO B 324 51.18 15.45 9.05
C PRO B 324 49.91 16.01 9.68
N PHE B 325 49.83 15.90 11.00
CA PHE B 325 48.89 16.67 11.79
C PHE B 325 49.51 17.97 12.32
N GLY B 326 50.80 18.19 12.04
CA GLY B 326 51.48 19.39 12.48
C GLY B 326 51.73 20.39 11.37
N GLU B 327 51.62 19.93 10.12
CA GLU B 327 51.69 20.84 8.98
C GLU B 327 50.33 21.35 8.54
N VAL B 328 49.25 20.86 9.15
CA VAL B 328 47.91 21.32 8.86
C VAL B 328 47.31 22.07 10.05
N PHE B 329 47.56 21.60 11.27
CA PHE B 329 47.02 22.21 12.48
C PHE B 329 48.05 23.00 13.27
N ASN B 330 49.34 22.76 13.06
CA ASN B 330 50.40 23.36 13.85
C ASN B 330 51.32 24.22 12.99
N ALA B 331 50.80 24.73 11.88
CA ALA B 331 51.60 25.57 10.99
C ALA B 331 51.80 26.95 11.59
N THR B 332 52.75 27.69 11.03
CA THR B 332 53.07 29.03 11.52
C THR B 332 52.41 30.14 10.72
N ARG B 333 51.95 29.86 9.50
CA ARG B 333 51.34 30.89 8.66
C ARG B 333 50.18 30.28 7.90
N PHE B 334 49.02 30.93 7.98
CA PHE B 334 47.82 30.48 7.30
C PHE B 334 47.42 31.50 6.23
N ALA B 335 46.76 31.01 5.19
CA ALA B 335 46.36 31.86 4.08
C ALA B 335 45.07 32.61 4.42
N SER B 336 44.82 33.66 3.64
CA SER B 336 43.62 34.47 3.83
C SER B 336 42.39 33.71 3.33
N VAL B 337 41.21 34.24 3.65
CA VAL B 337 39.98 33.56 3.29
C VAL B 337 39.64 33.77 1.81
N TYR B 338 40.07 34.88 1.21
CA TYR B 338 39.79 35.09 -0.20
C TYR B 338 40.64 34.18 -1.08
N ALA B 339 41.79 33.76 -0.58
CA ALA B 339 42.64 32.77 -1.26
C ALA B 339 42.98 31.69 -0.22
N TRP B 340 42.09 30.73 -0.06
CA TRP B 340 42.24 29.68 0.92
C TRP B 340 43.20 28.61 0.41
N ASN B 341 43.86 27.92 1.34
CA ASN B 341 44.88 26.95 0.96
C ASN B 341 44.28 25.56 0.86
N ARG B 342 44.60 24.86 -0.22
CA ARG B 342 44.14 23.49 -0.45
C ARG B 342 45.34 22.55 -0.49
N LYS B 343 45.27 21.47 0.28
CA LYS B 343 46.34 20.49 0.34
C LYS B 343 45.78 19.09 0.24
N ARG B 344 46.38 18.27 -0.61
CA ARG B 344 45.99 16.87 -0.74
C ARG B 344 46.80 16.03 0.23
N ILE B 345 46.14 15.09 0.90
CA ILE B 345 46.80 14.21 1.86
C ILE B 345 46.61 12.77 1.40
N SER B 346 47.66 11.96 1.56
CA SER B 346 47.62 10.57 1.11
C SER B 346 48.61 9.76 1.93
N ASN B 347 48.44 8.43 1.87
CA ASN B 347 49.29 7.47 2.58
C ASN B 347 49.30 7.76 4.08
N CYS B 348 48.12 7.62 4.68
CA CYS B 348 47.89 7.99 6.07
C CYS B 348 47.66 6.76 6.94
N VAL B 349 47.80 6.98 8.24
CA VAL B 349 47.18 6.17 9.27
C VAL B 349 46.39 7.15 10.14
N ALA B 350 45.13 7.37 9.78
CA ALA B 350 44.35 8.44 10.41
C ALA B 350 43.99 8.08 11.84
N ASP B 351 44.82 8.49 12.79
CA ASP B 351 44.62 8.19 14.20
C ASP B 351 43.91 9.31 14.95
N TYR B 352 44.38 10.55 14.77
CA TYR B 352 43.84 11.75 15.43
C TYR B 352 43.71 11.58 16.95
N SER B 353 44.38 10.58 17.51
CA SER B 353 44.48 10.44 18.96
C SER B 353 45.63 11.23 19.56
N VAL B 354 46.53 11.75 18.72
CA VAL B 354 47.61 12.61 19.18
C VAL B 354 47.19 14.07 19.26
N LEU B 355 45.99 14.41 18.79
CA LEU B 355 45.44 15.76 18.89
C LEU B 355 44.75 16.01 20.22
N TYR B 356 44.88 15.10 21.19
CA TYR B 356 44.29 15.29 22.51
C TYR B 356 45.23 15.99 23.47
N ASN B 357 46.55 15.91 23.25
CA ASN B 357 47.50 16.56 24.15
C ASN B 357 47.39 18.08 24.09
N SER B 358 47.01 18.62 22.95
CA SER B 358 46.88 20.07 22.77
C SER B 358 45.87 20.32 21.66
N ALA B 359 45.72 21.59 21.28
CA ALA B 359 44.85 22.00 20.19
C ALA B 359 43.40 21.58 20.43
N SER B 360 42.82 22.13 21.49
CA SER B 360 41.40 21.92 21.75
C SER B 360 40.57 22.68 20.72
N PHE B 361 39.61 21.98 20.10
CA PHE B 361 38.83 22.52 19.00
C PHE B 361 37.49 23.01 19.52
N SER B 362 37.20 24.30 19.27
CA SER B 362 35.92 24.87 19.68
C SER B 362 34.77 24.43 18.79
N THR B 363 35.04 24.13 17.51
CA THR B 363 34.01 23.67 16.59
C THR B 363 34.53 22.43 15.86
N PHE B 364 33.73 21.37 15.89
CA PHE B 364 34.06 20.14 15.17
C PHE B 364 32.74 19.50 14.74
N LYS B 365 32.33 19.76 13.50
CA LYS B 365 31.03 19.31 13.01
C LYS B 365 31.21 18.51 11.74
N CYS B 366 30.68 17.28 11.72
CA CYS B 366 30.94 16.35 10.64
C CYS B 366 29.66 15.94 9.93
N TYR B 367 29.67 16.03 8.60
CA TYR B 367 28.52 15.71 7.76
C TYR B 367 28.86 14.53 6.86
N GLY B 368 27.90 13.59 6.74
CA GLY B 368 28.06 12.43 5.90
C GLY B 368 28.62 11.21 6.59
N VAL B 369 29.09 11.32 7.82
CA VAL B 369 29.67 10.20 8.54
C VAL B 369 29.55 10.49 10.04
N SER B 370 29.37 9.43 10.82
CA SER B 370 29.29 9.58 12.27
C SER B 370 30.69 9.74 12.86
N PRO B 371 30.85 10.57 13.88
CA PRO B 371 32.18 10.74 14.49
C PRO B 371 32.73 9.47 15.11
N THR B 372 31.88 8.57 15.57
CA THR B 372 32.34 7.36 16.24
C THR B 372 32.80 6.27 15.27
N LYS B 373 32.53 6.43 13.98
CA LYS B 373 32.92 5.44 12.99
C LYS B 373 34.18 5.83 12.23
N LEU B 374 34.87 6.90 12.66
CA LEU B 374 36.05 7.36 11.94
C LEU B 374 37.25 6.44 12.09
N ASN B 375 37.21 5.50 13.03
CA ASN B 375 38.29 4.55 13.22
C ASN B 375 38.01 3.20 12.55
N ASP B 376 36.96 3.11 11.74
CA ASP B 376 36.59 1.86 11.07
C ASP B 376 36.41 2.08 9.58
N LEU B 377 37.05 3.12 9.02
CA LEU B 377 36.80 3.51 7.64
C LEU B 377 38.12 3.83 6.95
N CYS B 378 38.10 3.76 5.62
CA CYS B 378 39.20 4.15 4.77
C CYS B 378 38.71 5.21 3.80
N PHE B 379 39.50 6.26 3.61
CA PHE B 379 39.08 7.41 2.83
C PHE B 379 39.81 7.47 1.49
N THR B 380 39.11 7.91 0.46
CA THR B 380 39.62 7.84 -0.91
C THR B 380 40.62 8.95 -1.19
N ASN B 381 40.17 10.20 -1.13
CA ASN B 381 41.06 11.34 -1.39
C ASN B 381 40.70 12.51 -0.47
N VAL B 382 41.54 12.74 0.53
CA VAL B 382 41.28 13.75 1.55
C VAL B 382 41.95 15.05 1.15
N TYR B 383 41.17 16.13 1.12
CA TYR B 383 41.64 17.47 0.84
C TYR B 383 41.40 18.34 2.06
N ALA B 384 42.43 19.06 2.49
CA ALA B 384 42.33 19.99 3.61
C ALA B 384 42.33 21.42 3.08
N ASP B 385 41.28 22.16 3.39
CA ASP B 385 41.15 23.56 3.02
C ASP B 385 41.30 24.39 4.28
N SER B 386 42.35 25.18 4.36
CA SER B 386 42.69 25.93 5.56
C SER B 386 42.62 27.43 5.28
N PHE B 387 42.08 28.16 6.25
CA PHE B 387 42.06 29.62 6.20
C PHE B 387 41.79 30.15 7.61
N VAL B 388 41.68 31.48 7.71
CA VAL B 388 41.45 32.18 8.97
C VAL B 388 40.33 33.19 8.76
N ILE B 389 39.36 33.21 9.67
CA ILE B 389 38.22 34.11 9.57
C ILE B 389 37.97 34.75 10.94
N ARG B 390 36.90 35.53 11.01
CA ARG B 390 36.42 36.11 12.25
C ARG B 390 35.45 35.15 12.93
N GLY B 391 35.43 35.19 14.27
CA GLY B 391 34.65 34.22 15.02
C GLY B 391 33.17 34.23 14.69
N ASP B 392 32.59 35.44 14.60
CA ASP B 392 31.16 35.56 14.33
C ASP B 392 30.76 34.94 13.00
N GLU B 393 31.74 34.75 12.11
CA GLU B 393 31.54 34.21 10.78
C GLU B 393 31.72 32.70 10.71
N VAL B 394 32.14 32.06 11.81
CA VAL B 394 32.37 30.61 11.81
C VAL B 394 31.08 29.85 11.51
N ARG B 395 29.93 30.41 11.91
CA ARG B 395 28.65 29.79 11.62
C ARG B 395 28.32 29.75 10.13
N GLN B 396 29.03 30.54 9.31
CA GLN B 396 28.78 30.55 7.87
C GLN B 396 29.47 29.40 7.14
N ILE B 397 30.35 28.66 7.80
CA ILE B 397 31.03 27.51 7.17
C ILE B 397 30.12 26.31 7.38
N ALA B 398 29.12 26.18 6.52
CA ALA B 398 28.14 25.11 6.57
C ALA B 398 27.33 25.11 5.28
N PRO B 399 26.85 23.95 4.83
CA PRO B 399 26.04 23.92 3.60
C PRO B 399 24.77 24.74 3.74
N GLY B 400 24.40 25.42 2.66
CA GLY B 400 23.18 26.20 2.62
C GLY B 400 23.13 27.34 3.60
N GLN B 401 24.11 28.25 3.53
CA GLN B 401 24.17 29.38 4.43
C GLN B 401 24.42 30.66 3.62
N THR B 402 24.06 31.79 4.22
CA THR B 402 24.20 33.10 3.59
C THR B 402 25.07 33.99 4.46
N GLY B 403 25.61 35.04 3.83
CA GLY B 403 26.57 35.93 4.45
C GLY B 403 27.66 36.27 3.47
N LYS B 404 28.57 37.20 3.81
CA LYS B 404 29.61 37.58 2.86
C LYS B 404 30.63 36.46 2.66
N ILE B 405 30.94 35.71 3.70
CA ILE B 405 31.86 34.58 3.54
C ILE B 405 31.24 33.51 2.65
N ALA B 406 29.98 33.15 2.92
CA ALA B 406 29.31 32.10 2.17
C ALA B 406 28.96 32.51 0.74
N ASP B 407 29.05 33.79 0.41
CA ASP B 407 28.65 34.29 -0.90
C ASP B 407 29.84 34.69 -1.77
N TYR B 408 30.77 35.47 -1.23
CA TYR B 408 31.83 36.06 -2.04
C TYR B 408 33.20 35.43 -1.83
N ASN B 409 33.40 34.67 -0.75
CA ASN B 409 34.72 34.15 -0.41
C ASN B 409 34.81 32.64 -0.50
N TYR B 410 33.96 31.91 0.23
CA TYR B 410 34.08 30.46 0.31
C TYR B 410 32.70 29.84 0.41
N LYS B 411 32.43 28.85 -0.45
CA LYS B 411 31.14 28.20 -0.50
C LYS B 411 31.32 26.69 -0.47
N LEU B 412 30.47 26.00 0.32
CA LEU B 412 30.45 24.55 0.40
C LEU B 412 29.30 23.99 -0.43
N PRO B 413 29.51 22.83 -1.06
CA PRO B 413 28.44 22.23 -1.86
C PRO B 413 27.29 21.74 -0.99
N ASP B 414 26.11 21.65 -1.60
CA ASP B 414 24.93 21.18 -0.89
C ASP B 414 25.09 19.74 -0.45
N ASP B 415 25.67 18.89 -1.29
CA ASP B 415 25.93 17.49 -0.96
C ASP B 415 27.39 17.40 -0.52
N PHE B 416 27.60 17.58 0.79
CA PHE B 416 28.95 17.65 1.35
C PHE B 416 29.20 16.42 2.21
N THR B 417 30.33 15.76 1.96
CA THR B 417 30.82 14.66 2.80
C THR B 417 32.19 15.06 3.33
N GLY B 418 32.37 14.97 4.64
CA GLY B 418 33.56 15.48 5.27
C GLY B 418 33.16 16.37 6.40
N CYS B 419 34.08 17.20 6.88
CA CYS B 419 33.69 18.01 8.03
C CYS B 419 34.64 19.15 8.36
N VAL B 420 34.17 20.01 9.27
CA VAL B 420 34.75 21.32 9.54
C VAL B 420 35.25 21.36 10.98
N ILE B 421 36.48 21.87 11.14
CA ILE B 421 37.09 22.09 12.44
C ILE B 421 37.51 23.55 12.52
N ALA B 422 37.28 24.17 13.68
CA ALA B 422 37.61 25.57 13.86
C ALA B 422 38.04 25.79 15.30
N TRP B 423 39.13 26.54 15.49
CA TRP B 423 39.64 26.81 16.83
C TRP B 423 40.16 28.24 16.92
N ASN B 424 40.09 28.80 18.12
CA ASN B 424 40.54 30.16 18.37
C ASN B 424 42.06 30.22 18.40
N SER B 425 42.60 31.27 17.79
CA SER B 425 44.05 31.48 17.73
C SER B 425 44.38 32.95 18.00
N ASN B 426 43.76 33.51 19.04
CA ASN B 426 43.93 34.93 19.32
C ASN B 426 45.37 35.26 19.72
N ASN B 427 46.09 34.32 20.32
CA ASN B 427 47.44 34.58 20.78
C ASN B 427 48.50 34.39 19.69
N LEU B 428 48.11 33.95 18.49
CA LEU B 428 49.04 33.73 17.40
C LEU B 428 48.83 34.68 16.23
N ASP B 429 47.60 34.84 15.78
CA ASP B 429 47.29 35.64 14.60
C ASP B 429 47.02 37.11 14.91
N SER B 430 46.99 37.48 16.18
CA SER B 430 46.67 38.84 16.59
C SER B 430 47.81 39.43 17.40
N LYS B 431 48.11 40.70 17.16
CA LYS B 431 49.16 41.41 17.86
C LYS B 431 48.70 42.83 18.17
N VAL B 432 49.35 43.45 19.16
CA VAL B 432 49.00 44.80 19.56
C VAL B 432 49.31 45.76 18.42
N GLY B 433 48.47 46.79 18.27
CA GLY B 433 48.59 47.74 17.20
C GLY B 433 47.94 47.33 15.90
N GLY B 434 47.25 46.21 15.87
CA GLY B 434 46.57 45.76 14.67
C GLY B 434 47.40 44.79 13.85
N ASN B 435 46.71 43.89 13.15
CA ASN B 435 47.34 42.91 12.27
C ASN B 435 46.53 42.86 10.98
N TYR B 436 47.02 43.54 9.94
CA TYR B 436 46.33 43.67 8.68
C TYR B 436 46.88 42.74 7.61
N ASN B 437 47.35 41.55 8.01
CA ASN B 437 47.90 40.58 7.07
C ASN B 437 46.85 39.65 6.49
N TYR B 438 45.61 39.72 6.95
CA TYR B 438 44.53 38.88 6.45
C TYR B 438 43.49 39.75 5.77
N LEU B 439 43.08 39.36 4.56
CA LEU B 439 42.16 40.13 3.75
C LEU B 439 40.94 39.30 3.40
N TYR B 440 39.87 39.99 3.04
CA TYR B 440 38.65 39.33 2.59
C TYR B 440 37.93 40.22 1.58
N ARG B 441 37.11 39.58 0.75
CA ARG B 441 36.39 40.25 -0.32
C ARG B 441 35.02 40.71 0.18
N LEU B 442 34.64 41.92 -0.22
CA LEU B 442 33.37 42.50 0.19
C LEU B 442 32.40 42.71 -0.95
N PHE B 443 32.87 43.09 -2.14
CA PHE B 443 32.02 43.40 -3.27
C PHE B 443 32.24 42.38 -4.38
N ARG B 444 31.16 41.87 -4.94
CA ARG B 444 31.24 40.95 -6.07
C ARG B 444 29.92 41.00 -6.84
N LYS B 445 30.01 40.79 -8.15
CA LYS B 445 28.83 40.85 -9.00
C LYS B 445 27.81 39.77 -8.66
N SER B 446 28.28 38.53 -8.49
CA SER B 446 27.40 37.40 -8.25
C SER B 446 28.03 36.46 -7.23
N ASN B 447 27.20 35.58 -6.69
CA ASN B 447 27.66 34.63 -5.70
C ASN B 447 28.58 33.58 -6.34
N LEU B 448 29.37 32.92 -5.50
CA LEU B 448 30.33 31.95 -5.96
C LEU B 448 29.70 30.57 -6.14
N LYS B 449 30.35 29.75 -6.95
CA LYS B 449 30.03 28.34 -7.07
C LYS B 449 30.78 27.55 -5.99
N PRO B 450 30.31 26.36 -5.64
CA PRO B 450 31.00 25.58 -4.60
C PRO B 450 32.44 25.29 -4.97
N PHE B 451 33.33 25.43 -3.98
CA PHE B 451 34.75 25.16 -4.12
C PHE B 451 35.37 25.95 -5.28
N GLU B 452 35.03 27.23 -5.34
CA GLU B 452 35.57 28.13 -6.35
C GLU B 452 36.38 29.22 -5.65
N ARG B 453 37.50 29.60 -6.26
CA ARG B 453 38.41 30.61 -5.73
C ARG B 453 38.45 31.80 -6.68
N ASP B 454 38.35 33.00 -6.13
CA ASP B 454 38.37 34.24 -6.90
C ASP B 454 39.38 35.18 -6.24
N ILE B 455 40.54 35.34 -6.88
CA ILE B 455 41.62 36.16 -6.33
C ILE B 455 41.84 37.43 -7.13
N SER B 456 41.06 37.67 -8.18
CA SER B 456 41.25 38.87 -8.98
C SER B 456 40.90 40.12 -8.19
N THR B 457 41.70 41.17 -8.37
CA THR B 457 41.51 42.45 -7.68
C THR B 457 41.27 43.52 -8.74
N GLU B 458 40.01 43.68 -9.13
CA GLU B 458 39.60 44.70 -10.09
C GLU B 458 38.62 45.65 -9.44
N ILE B 459 38.62 46.90 -9.90
CA ILE B 459 37.75 47.92 -9.31
C ILE B 459 36.31 47.56 -9.57
N TYR B 460 35.49 47.62 -8.52
CA TYR B 460 34.09 47.24 -8.57
C TYR B 460 33.23 48.48 -8.79
N GLN B 461 32.34 48.41 -9.76
CA GLN B 461 31.45 49.53 -10.10
C GLN B 461 30.10 49.31 -9.43
N ALA B 462 29.73 50.23 -8.55
CA ALA B 462 28.46 50.14 -7.83
C ALA B 462 27.36 50.94 -8.51
N GLY B 463 27.68 52.15 -8.98
CA GLY B 463 26.69 52.98 -9.64
C GLY B 463 26.55 52.66 -11.11
N SER B 464 26.55 53.70 -11.96
CA SER B 464 26.42 53.53 -13.39
C SER B 464 27.62 53.99 -14.19
N THR B 465 28.40 54.94 -13.68
CA THR B 465 29.56 55.42 -14.41
C THR B 465 30.67 54.37 -14.39
N PRO B 466 31.39 54.20 -15.49
CA PRO B 466 32.54 53.29 -15.49
C PRO B 466 33.65 53.81 -14.60
N CYS B 467 34.41 52.88 -14.02
CA CYS B 467 35.51 53.24 -13.12
C CYS B 467 36.84 53.32 -13.87
N ASN B 468 37.13 52.33 -14.72
CA ASN B 468 38.35 52.28 -15.52
C ASN B 468 39.59 52.27 -14.63
N GLY B 469 39.59 51.36 -13.65
CA GLY B 469 40.77 51.13 -12.84
C GLY B 469 41.20 52.28 -11.97
N VAL B 470 40.26 52.95 -11.31
CA VAL B 470 40.57 54.03 -10.37
C VAL B 470 39.54 53.99 -9.25
N GLU B 471 39.99 54.36 -8.05
CA GLU B 471 39.12 54.39 -6.87
C GLU B 471 38.58 55.80 -6.69
N GLY B 472 37.26 55.93 -6.69
CA GLY B 472 36.61 57.24 -6.57
C GLY B 472 35.22 57.10 -5.99
N PHE B 473 34.28 57.85 -6.57
CA PHE B 473 32.90 57.87 -6.09
C PHE B 473 32.12 56.76 -6.79
N ASN B 474 31.48 55.89 -5.99
CA ASN B 474 30.86 54.66 -6.47
C ASN B 474 31.84 53.76 -7.22
N CYS B 475 33.11 53.76 -6.78
CA CYS B 475 34.13 52.87 -7.33
C CYS B 475 35.00 52.41 -6.17
N TYR B 476 34.70 51.23 -5.65
CA TYR B 476 35.34 50.71 -4.44
C TYR B 476 36.38 49.65 -4.79
N PHE B 477 37.29 49.44 -3.83
CA PHE B 477 38.24 48.33 -3.88
C PHE B 477 37.62 47.10 -3.24
N PRO B 478 37.61 45.95 -3.91
CA PRO B 478 36.89 44.79 -3.38
C PRO B 478 37.48 44.24 -2.09
N LEU B 479 38.78 43.98 -2.06
CA LEU B 479 39.43 43.38 -0.90
C LEU B 479 39.67 44.44 0.19
N GLN B 480 39.50 44.03 1.44
CA GLN B 480 39.87 44.86 2.57
C GLN B 480 40.39 43.97 3.70
N SER B 481 41.20 44.56 4.56
CA SER B 481 41.97 43.81 5.55
C SER B 481 41.22 43.73 6.87
N TYR B 482 41.31 42.56 7.51
CA TYR B 482 40.77 42.38 8.85
C TYR B 482 41.55 43.22 9.86
N GLY B 483 40.87 43.62 10.92
CA GLY B 483 41.53 44.31 12.02
C GLY B 483 41.53 43.47 13.28
N PHE B 484 42.69 42.94 13.66
CA PHE B 484 42.81 42.02 14.78
C PHE B 484 43.66 42.65 15.88
N GLN B 485 43.11 42.69 17.09
CA GLN B 485 43.77 43.21 18.27
C GLN B 485 43.51 42.27 19.44
N PRO B 486 44.43 42.21 20.40
CA PRO B 486 44.21 41.32 21.56
C PRO B 486 43.10 41.80 22.49
N THR B 487 42.68 43.05 22.40
CA THR B 487 41.67 43.61 23.29
C THR B 487 40.26 43.57 22.71
N ASN B 488 40.09 42.98 21.52
CA ASN B 488 38.77 42.91 20.91
C ASN B 488 37.88 41.93 21.67
N GLY B 489 36.60 41.95 21.34
CA GLY B 489 35.64 41.06 21.96
C GLY B 489 35.79 39.65 21.44
N VAL B 490 34.92 38.78 21.96
CA VAL B 490 34.95 37.37 21.55
C VAL B 490 34.62 37.23 20.07
N GLY B 491 33.65 37.99 19.59
CA GLY B 491 33.29 37.89 18.19
C GLY B 491 34.39 38.32 17.25
N TYR B 492 35.10 39.39 17.59
CA TYR B 492 36.16 39.93 16.73
C TYR B 492 37.53 39.36 17.12
N GLN B 493 37.62 38.03 17.05
CA GLN B 493 38.89 37.35 17.30
C GLN B 493 39.17 36.36 16.19
N PRO B 494 40.43 36.17 15.83
CA PRO B 494 40.75 35.29 14.69
C PRO B 494 40.49 33.82 15.04
N TYR B 495 39.80 33.13 14.16
CA TYR B 495 39.56 31.69 14.27
C TYR B 495 40.15 31.00 13.05
N ARG B 496 40.94 29.96 13.30
CA ARG B 496 41.52 29.16 12.22
C ARG B 496 40.58 28.02 11.89
N VAL B 497 40.30 27.84 10.61
CA VAL B 497 39.32 26.88 10.13
C VAL B 497 39.97 25.94 9.12
N VAL B 498 39.78 24.64 9.33
CA VAL B 498 40.24 23.59 8.43
C VAL B 498 39.06 22.71 8.06
N VAL B 499 38.82 22.55 6.77
CA VAL B 499 37.71 21.75 6.26
C VAL B 499 38.31 20.55 5.52
N LEU B 500 37.94 19.35 5.96
CA LEU B 500 38.40 18.12 5.33
C LEU B 500 37.30 17.57 4.45
N SER B 501 37.65 17.25 3.20
CA SER B 501 36.72 16.70 2.23
C SER B 501 37.23 15.36 1.74
N PHE B 502 36.35 14.37 1.67
CA PHE B 502 36.73 13.04 1.22
C PHE B 502 35.50 12.33 0.66
N GLU B 503 35.72 11.10 0.18
CA GLU B 503 34.67 10.24 -0.35
C GLU B 503 34.81 8.86 0.28
N LEU B 504 33.69 8.16 0.40
CA LEU B 504 33.63 6.93 1.18
C LEU B 504 33.07 5.77 0.37
N LEU B 505 33.78 4.64 0.39
CA LEU B 505 33.27 3.35 -0.07
C LEU B 505 32.82 3.37 -1.53
N HIS B 506 33.60 4.04 -2.38
CA HIS B 506 33.31 4.02 -3.82
C HIS B 506 34.53 3.81 -4.70
N ALA B 507 35.74 4.03 -4.23
CA ALA B 507 36.94 3.95 -5.05
C ALA B 507 38.09 3.40 -4.20
N PRO B 508 39.22 3.03 -4.80
CA PRO B 508 40.37 2.60 -4.00
C PRO B 508 40.77 3.70 -3.01
N ALA B 509 41.08 3.27 -1.79
CA ALA B 509 41.33 4.19 -0.68
C ALA B 509 42.76 4.04 -0.20
N THR B 510 43.40 5.17 0.09
CA THR B 510 44.76 5.21 0.60
C THR B 510 44.82 5.65 2.06
N VAL B 511 44.10 6.70 2.43
CA VAL B 511 44.01 7.13 3.82
C VAL B 511 43.09 6.17 4.57
N CYS B 512 43.61 5.59 5.65
CA CYS B 512 42.89 4.57 6.40
C CYS B 512 43.01 4.84 7.89
N GLY B 513 42.15 4.17 8.66
CA GLY B 513 42.15 4.31 10.10
C GLY B 513 43.27 3.55 10.75
N PRO B 514 43.33 3.65 12.07
CA PRO B 514 44.41 2.99 12.83
C PRO B 514 44.16 1.53 13.19
N LYS B 515 43.16 0.88 12.58
CA LYS B 515 42.88 -0.51 12.90
C LYS B 515 43.99 -1.42 12.36
N LYS B 516 44.18 -2.54 13.05
CA LYS B 516 45.17 -3.53 12.65
C LYS B 516 44.60 -4.44 11.56
N SER B 517 45.47 -5.29 11.02
CA SER B 517 45.08 -6.24 9.98
C SER B 517 44.97 -7.65 10.57
N THR B 518 44.36 -8.54 9.80
CA THR B 518 44.14 -9.91 10.21
C THR B 518 44.37 -10.83 9.01
N ASN B 519 44.69 -12.09 9.31
CA ASN B 519 44.90 -13.07 8.26
C ASN B 519 43.62 -13.33 7.49
N LEU B 520 43.77 -13.83 6.27
CA LEU B 520 42.66 -14.07 5.37
C LEU B 520 42.23 -15.53 5.43
N VAL B 521 40.94 -15.76 5.61
CA VAL B 521 40.35 -17.10 5.62
C VAL B 521 39.33 -17.19 4.51
N LYS B 522 39.11 -18.41 4.02
CA LYS B 522 38.25 -18.64 2.87
C LYS B 522 37.39 -19.88 3.10
N ASN B 523 36.32 -19.97 2.31
CA ASN B 523 35.41 -21.11 2.33
C ASN B 523 34.72 -21.29 3.68
N LYS B 524 34.56 -20.21 4.42
CA LYS B 524 33.86 -20.22 5.69
C LYS B 524 33.03 -18.95 5.83
N CYS B 525 31.88 -19.06 6.47
CA CYS B 525 31.04 -17.89 6.73
C CYS B 525 31.67 -17.07 7.85
N VAL B 526 32.23 -15.91 7.49
CA VAL B 526 32.93 -15.06 8.44
C VAL B 526 32.47 -13.63 8.24
N ASN B 527 32.79 -12.79 9.23
CA ASN B 527 32.54 -11.36 9.17
C ASN B 527 33.79 -10.66 8.63
N PHE B 528 33.61 -9.86 7.59
CA PHE B 528 34.72 -9.21 6.91
C PHE B 528 34.58 -7.69 6.99
N ASN B 529 35.73 -7.03 6.95
CA ASN B 529 35.84 -5.56 6.97
C ASN B 529 36.89 -5.19 5.92
N PHE B 530 36.42 -4.87 4.71
CA PHE B 530 37.29 -4.53 3.59
C PHE B 530 37.19 -3.03 3.34
N ASN B 531 38.24 -2.30 3.76
CA ASN B 531 38.34 -0.85 3.53
C ASN B 531 37.12 -0.11 4.09
N GLY B 532 36.62 -0.58 5.23
CA GLY B 532 35.47 0.01 5.88
C GLY B 532 34.15 -0.66 5.55
N LEU B 533 34.09 -1.44 4.48
CA LEU B 533 32.88 -2.16 4.12
C LEU B 533 32.77 -3.42 4.97
N THR B 534 31.78 -3.47 5.85
CA THR B 534 31.59 -4.58 6.77
C THR B 534 30.44 -5.46 6.29
N GLY B 535 30.59 -6.77 6.51
CA GLY B 535 29.55 -7.69 6.10
C GLY B 535 29.84 -9.08 6.62
N THR B 536 28.95 -10.01 6.25
CA THR B 536 29.08 -11.41 6.59
C THR B 536 28.92 -12.24 5.33
N GLY B 537 29.77 -13.26 5.16
CA GLY B 537 29.64 -14.11 4.00
C GLY B 537 30.83 -15.05 3.88
N VAL B 538 30.88 -15.72 2.73
CA VAL B 538 31.94 -16.66 2.38
C VAL B 538 32.74 -16.06 1.24
N LEU B 539 34.06 -16.03 1.39
CA LEU B 539 34.97 -15.52 0.38
C LEU B 539 35.50 -16.67 -0.45
N THR B 540 35.44 -16.54 -1.77
CA THR B 540 35.85 -17.58 -2.70
C THR B 540 36.73 -16.98 -3.78
N GLU B 541 37.63 -17.80 -4.32
CA GLU B 541 38.49 -17.35 -5.42
C GLU B 541 37.65 -16.97 -6.63
N SER B 542 38.07 -15.91 -7.31
CA SER B 542 37.31 -15.33 -8.41
C SER B 542 38.04 -15.52 -9.74
N ASN B 543 37.32 -15.22 -10.82
CA ASN B 543 37.86 -15.26 -12.16
C ASN B 543 37.76 -13.93 -12.89
N LYS B 544 37.02 -12.97 -12.35
CA LYS B 544 36.89 -11.66 -12.97
C LYS B 544 38.20 -10.88 -12.85
N LYS B 545 38.46 -10.03 -13.83
CA LYS B 545 39.65 -9.17 -13.87
C LYS B 545 39.20 -7.72 -13.84
N PHE B 546 39.45 -7.05 -12.73
CA PHE B 546 39.06 -5.66 -12.57
C PHE B 546 40.01 -4.74 -13.32
N LEU B 547 39.48 -3.58 -13.71
CA LEU B 547 40.32 -2.52 -14.25
C LEU B 547 41.17 -1.92 -13.13
N PRO B 548 42.31 -1.30 -13.47
CA PRO B 548 43.21 -0.80 -12.42
C PRO B 548 42.61 0.29 -11.54
N PHE B 549 41.43 0.81 -11.85
CA PHE B 549 40.80 1.85 -11.05
C PHE B 549 39.51 1.39 -10.39
N GLN B 550 39.27 0.08 -10.32
CA GLN B 550 38.06 -0.47 -9.74
C GLN B 550 38.40 -1.28 -8.50
N GLN B 551 37.53 -1.19 -7.49
CA GLN B 551 37.75 -1.86 -6.21
C GLN B 551 36.63 -2.80 -5.81
N PHE B 552 35.38 -2.45 -6.10
CA PHE B 552 34.23 -3.23 -5.68
C PHE B 552 33.39 -3.63 -6.88
N GLY B 553 32.72 -4.77 -6.76
CA GLY B 553 31.78 -5.22 -7.77
C GLY B 553 30.39 -5.37 -7.17
N ARG B 554 29.38 -5.14 -7.99
CA ARG B 554 28.00 -5.10 -7.52
C ARG B 554 27.12 -5.98 -8.39
N ASP B 555 26.04 -6.47 -7.79
CA ASP B 555 25.10 -7.37 -8.43
C ASP B 555 23.95 -6.57 -9.04
N ILE B 556 23.02 -7.27 -9.69
CA ILE B 556 21.86 -6.61 -10.27
C ILE B 556 20.99 -5.99 -9.20
N ALA B 557 20.93 -6.61 -8.02
CA ALA B 557 20.20 -6.06 -6.89
C ALA B 557 20.96 -4.96 -6.17
N ASP B 558 22.05 -4.48 -6.76
CA ASP B 558 22.88 -3.41 -6.20
C ASP B 558 23.40 -3.80 -4.82
N THR B 559 24.12 -4.91 -4.78
CA THR B 559 24.75 -5.40 -3.56
C THR B 559 26.16 -5.87 -3.88
N THR B 560 27.03 -5.83 -2.87
CA THR B 560 28.43 -6.16 -3.08
C THR B 560 28.60 -7.64 -3.38
N ASP B 561 29.28 -7.94 -4.48
CA ASP B 561 29.51 -9.31 -4.90
C ASP B 561 30.98 -9.68 -4.91
N ALA B 562 31.83 -8.90 -5.57
CA ALA B 562 33.25 -9.16 -5.65
C ALA B 562 34.02 -7.99 -5.06
N VAL B 563 35.21 -8.29 -4.54
CA VAL B 563 36.05 -7.30 -3.88
C VAL B 563 37.52 -7.65 -4.10
N ARG B 564 38.35 -6.63 -4.21
CA ARG B 564 39.79 -6.81 -4.37
C ARG B 564 40.47 -6.67 -3.01
N ASP B 565 41.34 -7.61 -2.69
CA ASP B 565 42.03 -7.60 -1.40
C ASP B 565 43.06 -6.47 -1.39
N PRO B 566 42.97 -5.52 -0.46
CA PRO B 566 43.96 -4.43 -0.44
C PRO B 566 45.39 -4.89 -0.19
N GLN B 567 45.59 -5.96 0.59
CA GLN B 567 46.94 -6.40 0.91
C GLN B 567 47.63 -7.00 -0.31
N THR B 568 47.06 -8.07 -0.86
CA THR B 568 47.54 -8.68 -2.10
C THR B 568 46.47 -8.51 -3.16
N LEU B 569 46.87 -8.05 -4.35
CA LEU B 569 45.92 -7.67 -5.38
C LEU B 569 45.32 -8.91 -6.03
N GLU B 570 44.19 -9.36 -5.48
CA GLU B 570 43.44 -10.47 -6.05
C GLU B 570 41.96 -10.24 -5.79
N ILE B 571 41.13 -10.87 -6.63
CA ILE B 571 39.69 -10.69 -6.59
C ILE B 571 39.06 -11.87 -5.86
N LEU B 572 38.09 -11.58 -5.00
CA LEU B 572 37.36 -12.60 -4.26
C LEU B 572 35.87 -12.33 -4.34
N ASP B 573 35.10 -13.38 -4.51
CA ASP B 573 33.64 -13.28 -4.55
C ASP B 573 33.06 -13.55 -3.16
N ILE B 574 32.00 -12.81 -2.83
CA ILE B 574 31.35 -12.88 -1.54
C ILE B 574 29.98 -13.52 -1.73
N THR B 575 29.72 -14.60 -1.00
CA THR B 575 28.46 -15.33 -1.13
C THR B 575 27.78 -15.47 0.23
N PRO B 576 26.49 -15.19 0.33
CA PRO B 576 25.79 -15.44 1.59
C PRO B 576 25.80 -16.91 1.95
N CYS B 577 25.86 -17.20 3.25
CA CYS B 577 25.92 -18.57 3.75
C CYS B 577 24.59 -19.06 4.29
N SER B 578 23.48 -18.41 3.93
CA SER B 578 22.15 -18.84 4.32
C SER B 578 21.39 -19.25 3.06
N PHE B 579 20.88 -20.47 3.06
CA PHE B 579 20.30 -21.04 1.84
C PHE B 579 19.52 -22.30 2.19
N GLY B 580 18.37 -22.49 1.55
CA GLY B 580 17.62 -23.72 1.67
C GLY B 580 16.41 -23.65 2.59
N GLY B 581 15.25 -24.07 2.08
CA GLY B 581 14.04 -24.02 2.89
C GLY B 581 13.90 -25.19 3.84
N VAL B 582 13.04 -24.99 4.85
CA VAL B 582 12.82 -26.00 5.89
C VAL B 582 11.32 -26.12 6.15
N SER B 583 10.82 -27.35 6.21
CA SER B 583 9.43 -27.62 6.53
C SER B 583 9.34 -28.63 7.66
N VAL B 584 8.27 -28.55 8.43
CA VAL B 584 8.06 -29.39 9.60
C VAL B 584 6.75 -30.14 9.44
N ILE B 585 6.80 -31.45 9.54
CA ILE B 585 5.62 -32.31 9.49
C ILE B 585 5.33 -32.78 10.90
N THR B 586 4.12 -32.50 11.39
CA THR B 586 3.80 -32.90 12.76
C THR B 586 2.35 -33.31 12.89
N PRO B 587 2.05 -34.30 13.73
CA PRO B 587 0.65 -34.56 14.11
C PRO B 587 0.18 -33.55 15.14
N GLY B 588 -1.03 -33.73 15.66
CA GLY B 588 -1.52 -32.81 16.68
C GLY B 588 -0.67 -32.89 17.94
N THR B 589 -0.51 -31.74 18.60
CA THR B 589 0.29 -31.68 19.82
C THR B 589 -0.38 -32.40 20.99
N ASN B 590 -1.66 -32.73 20.88
CA ASN B 590 -2.34 -33.53 21.89
C ASN B 590 -2.13 -35.02 21.69
N THR B 591 -1.44 -35.43 20.63
CA THR B 591 -1.17 -36.83 20.34
C THR B 591 0.27 -37.21 20.62
N SER B 592 1.24 -36.48 20.07
CA SER B 592 2.65 -36.78 20.27
C SER B 592 3.46 -35.53 20.01
N ASN B 593 4.72 -35.57 20.46
CA ASN B 593 5.66 -34.47 20.24
C ASN B 593 6.69 -34.76 19.16
N GLN B 594 6.71 -35.98 18.63
CA GLN B 594 7.65 -36.30 17.56
C GLN B 594 7.28 -35.58 16.28
N VAL B 595 8.29 -35.05 15.59
CA VAL B 595 8.11 -34.33 14.34
C VAL B 595 9.11 -34.84 13.31
N ALA B 596 8.85 -34.54 12.05
CA ALA B 596 9.78 -34.80 10.97
C ALA B 596 10.16 -33.48 10.30
N VAL B 597 11.39 -33.41 9.81
CA VAL B 597 11.92 -32.19 9.20
C VAL B 597 12.30 -32.49 7.76
N LEU B 598 11.78 -31.69 6.84
CA LEU B 598 12.07 -31.81 5.41
C LEU B 598 12.92 -30.61 5.01
N TYR B 599 14.16 -30.88 4.59
CA TYR B 599 15.06 -29.86 4.10
C TYR B 599 15.01 -29.85 2.57
N GLN B 600 14.60 -28.73 2.00
CA GLN B 600 14.50 -28.61 0.56
C GLN B 600 15.89 -28.56 -0.07
N ASP B 601 15.90 -28.74 -1.39
CA ASP B 601 17.07 -28.55 -2.26
C ASP B 601 18.38 -29.02 -1.62
N VAL B 602 18.37 -30.29 -1.20
CA VAL B 602 19.58 -30.93 -0.68
C VAL B 602 19.47 -32.44 -0.77
N ASN B 603 20.53 -33.09 -1.24
CA ASN B 603 20.66 -34.53 -1.09
C ASN B 603 20.99 -34.94 0.34
N CYS B 604 20.76 -36.23 0.60
CA CYS B 604 21.30 -36.95 1.75
C CYS B 604 21.91 -38.26 1.29
N THR B 605 22.27 -38.35 0.01
CA THR B 605 22.82 -39.56 -0.57
C THR B 605 24.20 -39.30 -1.17
N THR B 619 28.97 -33.46 8.07
CA THR B 619 27.72 -33.90 7.46
C THR B 619 27.16 -32.84 6.51
N TRP B 620 25.87 -32.92 6.23
CA TRP B 620 25.23 -31.97 5.32
C TRP B 620 24.71 -30.77 6.10
N ARG B 621 23.92 -29.93 5.44
CA ARG B 621 23.38 -28.71 6.04
C ARG B 621 22.04 -29.02 6.70
N VAL B 622 22.11 -29.73 7.83
CA VAL B 622 20.93 -30.14 8.59
C VAL B 622 21.12 -29.77 10.05
N TYR B 623 20.00 -29.62 10.76
CA TYR B 623 20.05 -29.32 12.18
C TYR B 623 20.61 -30.49 12.97
N SER B 624 20.14 -31.70 12.66
CA SER B 624 20.60 -32.91 13.35
C SER B 624 20.36 -34.09 12.44
N THR B 625 21.41 -34.87 12.16
CA THR B 625 21.28 -35.99 11.25
C THR B 625 20.31 -37.04 11.78
N GLY B 626 20.50 -37.46 13.03
CA GLY B 626 19.63 -38.46 13.62
C GLY B 626 19.68 -39.75 12.84
N SER B 627 18.50 -40.30 12.54
CA SER B 627 18.39 -41.52 11.75
C SER B 627 17.14 -41.42 10.89
N ASN B 628 16.75 -42.54 10.28
CA ASN B 628 15.58 -42.61 9.41
C ASN B 628 15.65 -41.58 8.28
N VAL B 629 16.83 -41.44 7.69
CA VAL B 629 17.02 -40.49 6.60
C VAL B 629 16.39 -41.05 5.33
N PHE B 630 15.55 -40.25 4.69
CA PHE B 630 14.86 -40.64 3.47
C PHE B 630 15.07 -39.56 2.41
N GLN B 631 15.22 -39.98 1.17
CA GLN B 631 15.45 -39.07 0.06
C GLN B 631 14.25 -39.08 -0.88
N THR B 632 13.67 -37.90 -1.09
CA THR B 632 12.59 -37.69 -2.05
C THR B 632 13.03 -36.65 -3.06
N ARG B 633 12.16 -36.38 -4.03
CA ARG B 633 12.41 -35.33 -5.01
C ARG B 633 11.94 -33.95 -4.53
N ALA B 634 11.39 -33.87 -3.31
CA ALA B 634 11.07 -32.59 -2.70
C ALA B 634 12.11 -32.16 -1.66
N GLY B 635 12.96 -33.06 -1.22
CA GLY B 635 13.98 -32.74 -0.25
C GLY B 635 14.32 -33.95 0.59
N CYS B 636 15.24 -33.73 1.53
CA CYS B 636 15.66 -34.78 2.45
C CYS B 636 14.74 -34.78 3.67
N LEU B 637 14.17 -35.94 3.98
CA LEU B 637 13.25 -36.08 5.10
C LEU B 637 13.95 -36.81 6.24
N ILE B 638 13.94 -36.20 7.42
CA ILE B 638 14.59 -36.76 8.60
C ILE B 638 13.54 -36.88 9.71
N GLY B 639 13.39 -38.08 10.25
CA GLY B 639 12.45 -38.35 11.32
C GLY B 639 11.27 -39.21 10.94
N ALA B 640 11.21 -39.70 9.70
CA ALA B 640 10.11 -40.57 9.27
C ALA B 640 10.69 -41.76 8.53
N GLU B 641 10.25 -42.96 8.89
CA GLU B 641 10.71 -44.16 8.23
C GLU B 641 9.97 -44.38 6.92
N HIS B 642 10.62 -45.09 6.01
CA HIS B 642 10.09 -45.35 4.68
C HIS B 642 9.49 -46.74 4.61
N VAL B 643 8.30 -46.85 4.01
CA VAL B 643 7.61 -48.13 3.86
C VAL B 643 7.37 -48.39 2.38
N ASN B 644 6.75 -49.52 2.06
CA ASN B 644 6.49 -49.91 0.68
C ASN B 644 5.01 -49.98 0.33
N ASN B 645 4.11 -49.77 1.28
CA ASN B 645 2.69 -49.82 1.01
C ASN B 645 2.22 -48.50 0.42
N SER B 646 0.92 -48.43 0.12
CA SER B 646 0.33 -47.22 -0.48
C SER B 646 -1.13 -47.12 -0.07
N TYR B 647 -1.46 -46.11 0.72
CA TYR B 647 -2.82 -45.84 1.15
C TYR B 647 -3.23 -44.45 0.69
N GLU B 648 -4.48 -44.09 0.95
CA GLU B 648 -4.91 -42.71 0.77
C GLU B 648 -4.12 -41.84 1.74
N CYS B 649 -3.24 -41.00 1.21
CA CYS B 649 -2.23 -40.38 2.06
C CYS B 649 -2.83 -39.29 2.93
N ASP B 650 -2.18 -39.05 4.07
CA ASP B 650 -2.70 -38.20 5.14
C ASP B 650 -2.16 -36.78 5.07
N ILE B 651 -0.85 -36.62 5.13
CA ILE B 651 -0.22 -35.30 5.11
C ILE B 651 0.60 -35.15 3.84
N PRO B 652 0.25 -34.22 2.96
CA PRO B 652 0.99 -34.08 1.69
C PRO B 652 2.38 -33.51 1.92
N ILE B 653 3.40 -34.28 1.56
CA ILE B 653 4.78 -33.79 1.60
C ILE B 653 5.11 -33.14 0.27
N GLY B 654 4.95 -33.89 -0.81
CA GLY B 654 5.16 -33.37 -2.14
C GLY B 654 5.74 -34.42 -3.06
N ALA B 655 5.63 -34.16 -4.37
CA ALA B 655 6.17 -35.02 -5.42
C ALA B 655 5.66 -36.46 -5.27
N GLY B 656 4.37 -36.59 -4.96
CA GLY B 656 3.77 -37.89 -4.79
C GLY B 656 4.10 -38.59 -3.50
N ILE B 657 4.70 -37.89 -2.54
CA ILE B 657 5.08 -38.46 -1.26
C ILE B 657 4.22 -37.83 -0.18
N CYS B 658 3.65 -38.66 0.70
CA CYS B 658 2.86 -38.21 1.83
C CYS B 658 3.36 -38.89 3.09
N ALA B 659 2.84 -38.44 4.24
CA ALA B 659 3.26 -38.95 5.53
C ALA B 659 2.05 -39.08 6.45
N SER B 660 2.20 -39.93 7.46
CA SER B 660 1.13 -40.19 8.42
C SER B 660 1.74 -40.64 9.74
N TYR B 661 0.91 -40.67 10.77
CA TYR B 661 1.29 -41.12 12.10
C TYR B 661 0.66 -42.49 12.34
N GLN B 662 1.49 -43.52 12.44
CA GLN B 662 0.99 -44.89 12.55
C GLN B 662 1.85 -45.65 13.54
N THR B 663 1.70 -46.98 13.54
CA THR B 663 2.46 -47.84 14.44
C THR B 663 3.57 -48.56 13.68
N SER B 672 7.22 -48.84 17.93
CA SER B 672 5.81 -48.62 18.20
C SER B 672 5.27 -47.45 17.38
N GLN B 673 4.67 -46.48 18.07
CA GLN B 673 4.15 -45.29 17.39
C GLN B 673 5.28 -44.51 16.75
N SER B 674 5.06 -44.09 15.50
CA SER B 674 6.06 -43.36 14.74
C SER B 674 5.38 -42.67 13.57
N ILE B 675 6.19 -41.98 12.77
CA ILE B 675 5.73 -41.30 11.57
C ILE B 675 6.27 -42.06 10.36
N ILE B 676 5.38 -42.42 9.45
CA ILE B 676 5.74 -43.16 8.25
C ILE B 676 5.54 -42.26 7.04
N ALA B 677 6.38 -42.47 6.03
CA ALA B 677 6.31 -41.74 4.78
C ALA B 677 6.19 -42.74 3.63
N TYR B 678 5.26 -42.49 2.71
CA TYR B 678 4.97 -43.42 1.64
C TYR B 678 4.57 -42.65 0.39
N THR B 679 4.25 -43.40 -0.66
CA THR B 679 3.77 -42.85 -1.92
C THR B 679 2.26 -43.02 -1.99
N MET B 680 1.55 -41.93 -2.26
CA MET B 680 0.10 -41.95 -2.26
C MET B 680 -0.43 -42.86 -3.37
N SER B 681 -1.58 -43.47 -3.10
CA SER B 681 -2.22 -44.37 -4.05
C SER B 681 -3.25 -43.61 -4.88
N LEU B 682 -3.40 -44.04 -6.13
CA LEU B 682 -4.33 -43.41 -7.07
C LEU B 682 -5.67 -44.14 -7.11
N GLY B 683 -6.09 -44.73 -5.99
CA GLY B 683 -7.34 -45.45 -5.94
C GLY B 683 -7.19 -46.93 -6.27
N ALA B 684 -8.29 -47.65 -6.14
CA ALA B 684 -8.30 -49.08 -6.42
C ALA B 684 -8.04 -49.34 -7.89
N GLU B 685 -7.40 -50.47 -8.17
CA GLU B 685 -7.01 -50.84 -9.52
C GLU B 685 -7.80 -52.06 -9.98
N ASN B 686 -8.30 -52.01 -11.20
CA ASN B 686 -9.04 -53.12 -11.80
C ASN B 686 -8.96 -52.96 -13.32
N SER B 687 -9.72 -53.80 -14.04
CA SER B 687 -9.73 -53.76 -15.49
C SER B 687 -11.17 -53.98 -15.95
N VAL B 688 -11.34 -54.22 -17.25
CA VAL B 688 -12.67 -54.40 -17.85
C VAL B 688 -12.53 -55.35 -19.03
N ALA B 689 -13.52 -56.23 -19.19
CA ALA B 689 -13.53 -57.20 -20.27
C ALA B 689 -14.21 -56.59 -21.49
N TYR B 690 -13.61 -56.82 -22.67
CA TYR B 690 -14.10 -56.26 -23.90
C TYR B 690 -13.91 -57.25 -25.04
N SER B 691 -14.90 -57.35 -25.91
CA SER B 691 -14.87 -58.30 -27.02
C SER B 691 -15.75 -57.76 -28.14
N ASN B 692 -16.02 -58.61 -29.14
CA ASN B 692 -16.95 -58.21 -30.21
C ASN B 692 -18.31 -57.86 -29.64
N ASN B 693 -18.88 -58.77 -28.84
CA ASN B 693 -20.31 -58.86 -28.67
C ASN B 693 -20.66 -59.16 -27.21
N SER B 694 -19.89 -58.63 -26.28
CA SER B 694 -20.15 -58.82 -24.87
C SER B 694 -20.68 -57.52 -24.30
N ILE B 695 -21.90 -57.56 -23.76
CA ILE B 695 -22.57 -56.38 -23.22
C ILE B 695 -23.07 -56.68 -21.82
N ALA B 696 -22.85 -55.74 -20.91
CA ALA B 696 -23.32 -55.85 -19.54
C ALA B 696 -24.56 -54.98 -19.37
N ILE B 697 -25.66 -55.60 -18.95
CA ILE B 697 -26.94 -54.92 -18.84
C ILE B 697 -27.40 -55.02 -17.38
N PRO B 698 -27.83 -53.92 -16.76
CA PRO B 698 -28.28 -54.00 -15.37
C PRO B 698 -29.60 -54.76 -15.24
N THR B 699 -29.80 -55.34 -14.06
CA THR B 699 -31.02 -56.04 -13.72
C THR B 699 -31.76 -55.41 -12.54
N ASN B 700 -31.04 -54.81 -11.60
CA ASN B 700 -31.61 -54.17 -10.42
C ASN B 700 -31.11 -52.72 -10.37
N PHE B 701 -31.62 -51.96 -9.41
CA PHE B 701 -31.23 -50.55 -9.30
C PHE B 701 -31.23 -50.14 -7.84
N THR B 702 -30.79 -48.89 -7.61
CA THR B 702 -30.72 -48.34 -6.27
C THR B 702 -31.00 -46.84 -6.35
N ILE B 703 -31.66 -46.32 -5.32
CA ILE B 703 -31.94 -44.89 -5.20
C ILE B 703 -30.97 -44.31 -4.19
N SER B 704 -30.24 -43.27 -4.58
CA SER B 704 -29.20 -42.70 -3.76
C SER B 704 -29.49 -41.24 -3.44
N VAL B 705 -29.10 -40.81 -2.24
CA VAL B 705 -29.25 -39.44 -1.79
C VAL B 705 -27.88 -38.90 -1.42
N THR B 706 -27.54 -37.73 -1.96
CA THR B 706 -26.22 -37.14 -1.79
C THR B 706 -26.35 -35.70 -1.28
N THR B 707 -25.41 -35.29 -0.45
CA THR B 707 -25.40 -33.95 0.14
C THR B 707 -24.38 -33.07 -0.59
N GLU B 708 -24.78 -31.83 -0.89
CA GLU B 708 -23.87 -30.85 -1.47
C GLU B 708 -24.06 -29.52 -0.76
N ILE B 709 -22.97 -28.95 -0.25
CA ILE B 709 -23.01 -27.75 0.57
C ILE B 709 -22.38 -26.60 -0.21
N LEU B 710 -23.04 -25.43 -0.19
CA LEU B 710 -22.54 -24.28 -0.92
C LEU B 710 -22.68 -23.00 -0.09
N PRO B 711 -21.59 -22.27 0.13
CA PRO B 711 -21.71 -20.96 0.78
C PRO B 711 -22.39 -19.95 -0.14
N VAL B 712 -23.10 -19.00 0.48
CA VAL B 712 -23.90 -18.05 -0.28
C VAL B 712 -23.50 -16.62 0.05
N SER B 713 -23.02 -16.39 1.27
CA SER B 713 -22.75 -15.03 1.73
C SER B 713 -21.78 -15.04 2.89
N MET B 714 -21.23 -13.86 3.17
CA MET B 714 -20.35 -13.64 4.31
C MET B 714 -20.93 -12.56 5.22
N THR B 715 -20.17 -12.22 6.26
CA THR B 715 -20.61 -11.18 7.18
C THR B 715 -20.34 -9.80 6.61
N LYS B 716 -21.32 -8.91 6.78
CA LYS B 716 -21.19 -7.52 6.38
C LYS B 716 -20.58 -6.72 7.52
N THR B 717 -19.60 -5.87 7.20
CA THR B 717 -18.85 -5.15 8.21
C THR B 717 -18.70 -3.68 7.83
N SER B 718 -18.50 -2.85 8.83
CA SER B 718 -18.29 -1.42 8.66
C SER B 718 -17.14 -0.97 9.56
N VAL B 719 -16.40 0.02 9.08
CA VAL B 719 -15.21 0.52 9.77
C VAL B 719 -15.31 2.04 9.90
N ASP B 720 -15.02 2.55 11.09
CA ASP B 720 -14.92 3.98 11.33
C ASP B 720 -13.45 4.38 11.24
N CYS B 721 -13.14 5.25 10.29
CA CYS B 721 -11.75 5.59 10.00
C CYS B 721 -11.10 6.30 11.17
N THR B 722 -11.69 7.42 11.60
CA THR B 722 -11.08 8.22 12.66
C THR B 722 -11.02 7.44 13.98
N MET B 723 -12.10 6.74 14.32
CA MET B 723 -12.15 6.01 15.58
C MET B 723 -11.10 4.92 15.62
N TYR B 724 -10.95 4.18 14.52
CA TYR B 724 -9.93 3.13 14.49
C TYR B 724 -8.53 3.71 14.53
N ILE B 725 -8.29 4.81 13.80
CA ILE B 725 -6.94 5.35 13.70
C ILE B 725 -6.53 5.98 15.02
N CYS B 726 -7.20 7.05 15.42
CA CYS B 726 -6.87 7.74 16.67
C CYS B 726 -8.13 8.20 17.39
N GLY B 727 -9.11 7.31 17.52
CA GLY B 727 -10.34 7.62 18.22
C GLY B 727 -10.14 8.24 19.60
N ASP B 728 -11.08 9.10 19.99
CA ASP B 728 -11.03 9.80 21.27
C ASP B 728 -9.79 10.68 21.40
N SER B 729 -9.41 11.33 20.30
CA SER B 729 -8.31 12.28 20.30
C SER B 729 -8.63 13.41 19.33
N THR B 730 -8.22 14.62 19.68
CA THR B 730 -8.58 15.82 18.94
C THR B 730 -7.47 16.28 17.98
N GLU B 731 -6.23 16.34 18.46
CA GLU B 731 -5.14 16.82 17.60
C GLU B 731 -4.93 15.90 16.41
N CYS B 732 -4.96 14.58 16.64
CA CYS B 732 -4.76 13.64 15.55
C CYS B 732 -5.91 13.71 14.54
N SER B 733 -7.13 14.02 14.98
CA SER B 733 -8.21 14.21 14.03
C SER B 733 -7.93 15.39 13.11
N ASN B 734 -7.42 16.49 13.67
CA ASN B 734 -7.06 17.64 12.85
C ASN B 734 -5.95 17.28 11.87
N LEU B 735 -4.99 16.47 12.31
CA LEU B 735 -3.94 16.02 11.39
C LEU B 735 -4.50 15.10 10.31
N LEU B 736 -5.45 14.24 10.67
CA LEU B 736 -5.98 13.23 9.77
C LEU B 736 -6.99 13.79 8.78
N LEU B 737 -7.50 15.00 9.01
CA LEU B 737 -8.46 15.61 8.09
C LEU B 737 -8.01 15.64 6.63
N GLN B 738 -6.73 15.38 6.38
CA GLN B 738 -6.20 15.31 5.02
C GLN B 738 -6.25 13.89 4.43
N TYR B 739 -7.08 13.00 4.99
CA TYR B 739 -7.24 11.66 4.46
C TYR B 739 -8.71 11.26 4.36
N GLY B 740 -9.60 12.26 4.34
CA GLY B 740 -11.02 11.99 4.24
C GLY B 740 -11.40 11.29 2.95
N SER B 741 -10.71 11.61 1.85
CA SER B 741 -10.99 10.92 0.59
C SER B 741 -10.67 9.43 0.71
N PHE B 742 -9.55 9.09 1.33
CA PHE B 742 -9.20 7.68 1.52
C PHE B 742 -10.23 6.98 2.40
N CYS B 743 -10.61 7.62 3.50
CA CYS B 743 -11.59 7.00 4.41
C CYS B 743 -12.94 6.81 3.70
N THR B 744 -13.38 7.83 2.95
CA THR B 744 -14.64 7.73 2.22
C THR B 744 -14.60 6.63 1.19
N GLN B 745 -13.48 6.49 0.48
CA GLN B 745 -13.34 5.44 -0.52
C GLN B 745 -13.39 4.06 0.12
N LEU B 746 -12.73 3.87 1.26
CA LEU B 746 -12.80 2.60 1.97
C LEU B 746 -14.23 2.29 2.39
N ASN B 747 -14.93 3.28 2.94
CA ASN B 747 -16.30 3.07 3.38
C ASN B 747 -17.22 2.73 2.21
N ARG B 748 -17.00 3.39 1.07
CA ARG B 748 -17.78 3.09 -0.13
C ARG B 748 -17.56 1.66 -0.59
N ALA B 749 -16.30 1.19 -0.57
CA ALA B 749 -16.04 -0.19 -0.94
C ALA B 749 -16.74 -1.17 0.00
N LEU B 750 -16.69 -0.91 1.30
CA LEU B 750 -17.35 -1.81 2.25
C LEU B 750 -18.87 -1.81 2.07
N THR B 751 -19.45 -0.63 1.82
CA THR B 751 -20.89 -0.55 1.59
C THR B 751 -21.28 -1.33 0.34
N GLY B 752 -20.49 -1.21 -0.73
CA GLY B 752 -20.75 -2.01 -1.91
C GLY B 752 -20.68 -3.49 -1.64
N ILE B 753 -19.71 -3.91 -0.82
CA ILE B 753 -19.60 -5.33 -0.47
C ILE B 753 -20.86 -5.80 0.25
N ALA B 754 -21.33 -5.02 1.23
CA ALA B 754 -22.52 -5.42 1.98
C ALA B 754 -23.76 -5.50 1.09
N VAL B 755 -23.93 -4.50 0.23
CA VAL B 755 -25.08 -4.49 -0.68
C VAL B 755 -25.01 -5.69 -1.62
N GLU B 756 -23.81 -6.02 -2.10
CA GLU B 756 -23.65 -7.17 -2.98
C GLU B 756 -24.02 -8.46 -2.26
N GLN B 757 -23.64 -8.61 -0.99
CA GLN B 757 -23.99 -9.82 -0.25
C GLN B 757 -25.50 -9.94 -0.07
N ASP B 758 -26.16 -8.83 0.28
CA ASP B 758 -27.62 -8.88 0.41
C ASP B 758 -28.27 -9.25 -0.92
N LYS B 759 -27.78 -8.68 -2.03
CA LYS B 759 -28.32 -9.01 -3.35
C LYS B 759 -28.09 -10.48 -3.68
N ASN B 760 -26.92 -11.02 -3.30
CA ASN B 760 -26.63 -12.42 -3.54
C ASN B 760 -27.63 -13.32 -2.83
N THR B 761 -27.89 -13.05 -1.55
CA THR B 761 -28.86 -13.85 -0.81
C THR B 761 -30.25 -13.75 -1.43
N GLN B 762 -30.66 -12.53 -1.77
CA GLN B 762 -31.99 -12.34 -2.36
C GLN B 762 -32.12 -13.07 -3.69
N GLU B 763 -31.08 -13.02 -4.52
CA GLU B 763 -31.14 -13.68 -5.82
C GLU B 763 -31.14 -15.19 -5.68
N VAL B 764 -30.38 -15.72 -4.72
CA VAL B 764 -30.31 -17.17 -4.56
C VAL B 764 -31.63 -17.73 -4.04
N PHE B 765 -32.19 -17.10 -3.01
CA PHE B 765 -33.29 -17.74 -2.28
C PHE B 765 -34.69 -17.30 -2.69
N ALA B 766 -34.82 -16.27 -3.53
CA ALA B 766 -36.13 -15.73 -3.89
C ALA B 766 -36.48 -15.99 -5.36
N GLN B 767 -36.14 -17.18 -5.87
CA GLN B 767 -36.49 -17.52 -7.24
C GLN B 767 -38.01 -17.60 -7.42
N VAL B 768 -38.70 -18.21 -6.46
CA VAL B 768 -40.15 -18.29 -6.49
C VAL B 768 -40.72 -17.09 -5.75
N LYS B 769 -41.92 -16.67 -6.15
CA LYS B 769 -42.55 -15.48 -5.58
C LYS B 769 -43.77 -15.80 -4.72
N GLN B 770 -44.52 -16.85 -5.05
CA GLN B 770 -45.72 -17.20 -4.30
C GLN B 770 -45.39 -18.25 -3.26
N ILE B 771 -45.73 -17.97 -2.01
CA ILE B 771 -45.45 -18.87 -0.89
C ILE B 771 -46.50 -19.98 -0.92
N TYR B 772 -46.14 -21.12 -1.51
CA TYR B 772 -47.04 -22.26 -1.55
C TYR B 772 -47.09 -22.93 -0.18
N LYS B 773 -48.30 -23.17 0.31
CA LYS B 773 -48.46 -23.81 1.61
C LYS B 773 -48.05 -25.28 1.54
N THR B 774 -47.70 -25.82 2.70
CA THR B 774 -47.34 -27.22 2.80
C THR B 774 -48.56 -28.09 2.45
N PRO B 775 -48.33 -29.30 1.93
CA PRO B 775 -49.45 -30.15 1.51
C PRO B 775 -50.42 -30.39 2.65
N PRO B 776 -51.73 -30.35 2.37
CA PRO B 776 -52.73 -30.53 3.43
C PRO B 776 -52.86 -31.99 3.87
N ILE B 777 -52.73 -32.91 2.93
CA ILE B 777 -52.83 -34.34 3.20
C ILE B 777 -51.58 -35.03 2.69
N LYS B 778 -51.27 -36.18 3.28
CA LYS B 778 -50.03 -36.90 2.99
C LYS B 778 -50.36 -38.30 2.49
N ASP B 779 -50.58 -38.42 1.18
CA ASP B 779 -50.76 -39.72 0.53
C ASP B 779 -49.93 -39.76 -0.75
N PHE B 780 -48.66 -39.38 -0.63
CA PHE B 780 -47.77 -39.31 -1.78
C PHE B 780 -47.48 -40.67 -2.40
N GLY B 781 -47.82 -41.77 -1.74
CA GLY B 781 -47.67 -43.08 -2.33
C GLY B 781 -46.70 -43.98 -1.59
N GLY B 782 -46.26 -43.55 -0.41
CA GLY B 782 -45.31 -44.33 0.36
C GLY B 782 -44.07 -43.53 0.70
N PHE B 783 -43.81 -42.49 -0.08
CA PHE B 783 -42.68 -41.62 0.19
C PHE B 783 -42.94 -40.82 1.47
N ASN B 784 -41.90 -40.70 2.30
CA ASN B 784 -42.00 -40.08 3.60
C ASN B 784 -41.24 -38.76 3.56
N PHE B 785 -41.97 -37.64 3.64
CA PHE B 785 -41.38 -36.32 3.58
C PHE B 785 -41.43 -35.59 4.91
N SER B 786 -41.86 -36.24 5.99
CA SER B 786 -41.84 -35.62 7.30
C SER B 786 -40.43 -35.34 7.79
N GLN B 787 -39.42 -35.96 7.16
CA GLN B 787 -38.03 -35.74 7.58
C GLN B 787 -37.55 -34.35 7.21
N ILE B 788 -38.02 -33.79 6.09
CA ILE B 788 -37.56 -32.50 5.61
C ILE B 788 -38.62 -31.42 5.62
N LEU B 789 -39.89 -31.78 5.76
CA LEU B 789 -40.93 -30.76 5.82
C LEU B 789 -40.97 -30.08 7.18
N PRO B 790 -41.35 -28.81 7.24
CA PRO B 790 -41.38 -28.12 8.53
C PRO B 790 -42.40 -28.71 9.49
N ASP B 791 -42.09 -28.63 10.78
CA ASP B 791 -42.97 -29.13 11.83
C ASP B 791 -43.57 -27.95 12.60
N PRO B 792 -44.89 -27.80 12.61
CA PRO B 792 -45.52 -26.70 13.36
C PRO B 792 -45.56 -26.95 14.86
N SER B 793 -44.37 -27.07 15.46
CA SER B 793 -44.25 -27.31 16.89
C SER B 793 -43.23 -26.42 17.59
N LYS B 794 -42.46 -25.62 16.85
CA LYS B 794 -41.46 -24.72 17.39
C LYS B 794 -41.65 -23.34 16.78
N PRO B 795 -41.16 -22.29 17.44
CA PRO B 795 -41.41 -20.92 16.94
C PRO B 795 -40.81 -20.64 15.57
N SER B 796 -40.07 -21.60 15.01
CA SER B 796 -39.52 -21.48 13.67
C SER B 796 -40.09 -22.58 12.78
N LYS B 797 -39.99 -22.37 11.47
CA LYS B 797 -40.44 -23.35 10.48
C LYS B 797 -39.32 -24.27 10.03
N ARG B 798 -38.34 -24.52 10.89
CA ARG B 798 -37.20 -25.36 10.52
C ARG B 798 -37.53 -26.83 10.74
N SER B 799 -37.15 -27.66 9.78
CA SER B 799 -37.33 -29.11 9.90
C SER B 799 -36.19 -29.69 10.72
N PHE B 800 -36.12 -31.02 10.80
CA PHE B 800 -35.09 -31.66 11.60
C PHE B 800 -33.71 -31.50 10.96
N ILE B 801 -33.63 -31.68 9.64
CA ILE B 801 -32.35 -31.54 8.94
C ILE B 801 -31.82 -30.11 9.09
N GLU B 802 -32.70 -29.13 8.93
CA GLU B 802 -32.28 -27.74 9.08
C GLU B 802 -31.81 -27.46 10.49
N ASP B 803 -32.48 -28.02 11.50
CA ASP B 803 -32.06 -27.83 12.88
C ASP B 803 -30.68 -28.44 13.12
N LEU B 804 -30.45 -29.65 12.59
CA LEU B 804 -29.12 -30.25 12.72
C LEU B 804 -28.06 -29.38 12.06
N LEU B 805 -28.33 -28.91 10.84
CA LEU B 805 -27.34 -28.11 10.12
C LEU B 805 -27.05 -26.81 10.87
N PHE B 806 -28.07 -26.18 11.45
CA PHE B 806 -27.84 -25.00 12.26
C PHE B 806 -27.01 -25.32 13.49
N ASN B 807 -27.29 -26.47 14.12
CA ASN B 807 -26.56 -26.84 15.33
C ASN B 807 -25.10 -27.19 15.06
N LYS B 808 -24.76 -27.62 13.84
CA LYS B 808 -23.38 -27.99 13.57
C LYS B 808 -22.44 -26.79 13.57
N VAL B 809 -22.67 -25.83 12.67
CA VAL B 809 -21.79 -24.67 12.56
C VAL B 809 -22.17 -23.64 13.61
N THR B 810 -21.16 -23.04 14.24
CA THR B 810 -21.35 -22.06 15.30
C THR B 810 -20.92 -20.69 14.82
N LEU B 811 -21.78 -19.69 15.05
CA LEU B 811 -21.49 -18.32 14.65
C LEU B 811 -20.50 -17.68 15.62
N ALA B 812 -20.07 -16.46 15.27
CA ALA B 812 -19.13 -15.71 16.08
C ALA B 812 -19.55 -14.27 16.36
N ASP B 813 -20.53 -13.73 15.63
CA ASP B 813 -20.95 -12.35 15.84
C ASP B 813 -21.68 -12.17 17.17
N ALA B 814 -22.21 -13.25 17.76
CA ALA B 814 -22.90 -13.21 19.04
C ALA B 814 -24.08 -12.24 19.00
N GLY B 815 -25.04 -12.55 18.14
CA GLY B 815 -26.23 -11.73 18.03
C GLY B 815 -25.96 -10.40 17.32
N PHE B 816 -26.88 -9.47 17.53
CA PHE B 816 -26.79 -8.15 16.92
C PHE B 816 -26.82 -7.00 17.91
N ILE B 817 -27.08 -7.25 19.19
CA ILE B 817 -27.22 -6.20 20.20
C ILE B 817 -26.14 -6.39 21.26
N LYS B 818 -25.37 -5.34 21.53
CA LYS B 818 -24.38 -5.34 22.60
C LYS B 818 -24.29 -3.91 23.12
N GLN B 819 -24.99 -3.65 24.21
CA GLN B 819 -25.11 -2.29 24.72
C GLN B 819 -23.82 -1.84 25.41
N TYR B 820 -23.72 -0.53 25.63
CA TYR B 820 -22.56 0.03 26.31
C TYR B 820 -22.49 -0.41 27.77
N GLY B 821 -23.64 -0.71 28.38
CA GLY B 821 -23.65 -1.17 29.76
C GLY B 821 -23.19 -2.60 29.94
N ASP B 822 -23.08 -3.36 28.86
CA ASP B 822 -22.58 -4.73 28.92
C ASP B 822 -21.09 -4.83 28.65
N CYS B 823 -20.58 -4.09 27.66
CA CYS B 823 -19.13 -4.08 27.42
C CYS B 823 -18.40 -3.40 28.57
N LEU B 824 -19.04 -2.45 29.25
CA LEU B 824 -18.44 -1.86 30.43
C LEU B 824 -18.53 -2.80 31.64
N GLY B 825 -19.48 -3.73 31.62
CA GLY B 825 -19.59 -4.68 32.71
C GLY B 825 -18.40 -5.63 32.78
N ASP B 826 -17.99 -6.16 31.64
CA ASP B 826 -16.90 -7.14 31.60
C ASP B 826 -15.57 -6.46 31.25
N ILE B 827 -15.15 -5.57 32.15
CA ILE B 827 -13.85 -4.93 32.06
C ILE B 827 -12.74 -5.71 32.75
N ALA B 828 -13.07 -6.57 33.71
CA ALA B 828 -12.09 -7.45 34.31
C ALA B 828 -11.89 -8.74 33.52
N ALA B 829 -12.72 -9.01 32.52
CA ALA B 829 -12.60 -10.19 31.68
C ALA B 829 -12.48 -9.76 30.22
N ARG B 830 -11.56 -10.40 29.50
CA ARG B 830 -11.30 -10.03 28.12
C ARG B 830 -12.39 -10.56 27.19
N ASP B 831 -12.77 -9.72 26.23
CA ASP B 831 -13.78 -10.08 25.23
C ASP B 831 -13.30 -9.65 23.85
N LEU B 832 -13.80 -10.34 22.83
CA LEU B 832 -13.42 -10.06 21.46
C LEU B 832 -14.31 -8.98 20.83
N ILE B 833 -15.63 -9.13 20.96
CA ILE B 833 -16.56 -8.21 20.33
C ILE B 833 -16.45 -6.83 20.93
N CYS B 834 -16.27 -6.75 22.25
CA CYS B 834 -16.14 -5.44 22.90
C CYS B 834 -14.91 -4.70 22.41
N ALA B 835 -13.78 -5.41 22.31
CA ALA B 835 -12.55 -4.78 21.80
C ALA B 835 -12.70 -4.40 20.34
N GLN B 836 -13.39 -5.22 19.55
CA GLN B 836 -13.63 -4.88 18.15
C GLN B 836 -14.49 -3.63 18.02
N LYS B 837 -15.53 -3.51 18.84
CA LYS B 837 -16.45 -2.38 18.73
C LYS B 837 -15.86 -1.09 19.31
N PHE B 838 -15.02 -1.21 20.34
CA PHE B 838 -14.40 -0.01 20.90
C PHE B 838 -13.43 0.65 19.94
N ASN B 839 -12.96 -0.08 18.93
CA ASN B 839 -12.05 0.46 17.93
C ASN B 839 -12.74 0.80 16.61
N GLY B 840 -14.07 0.85 16.60
CA GLY B 840 -14.79 1.27 15.42
C GLY B 840 -15.00 0.22 14.36
N LEU B 841 -15.00 -1.06 14.73
CA LEU B 841 -15.21 -2.15 13.80
C LEU B 841 -16.54 -2.82 14.14
N THR B 842 -17.55 -2.60 13.30
CA THR B 842 -18.90 -3.08 13.58
C THR B 842 -19.34 -4.07 12.52
N VAL B 843 -20.33 -4.89 12.87
CA VAL B 843 -20.89 -5.90 11.98
C VAL B 843 -22.37 -5.60 11.81
N LEU B 844 -22.81 -5.46 10.55
CA LEU B 844 -24.21 -5.19 10.23
C LEU B 844 -25.02 -6.48 10.18
N PRO B 845 -26.31 -6.40 10.48
CA PRO B 845 -27.15 -7.61 10.43
C PRO B 845 -27.65 -7.87 9.03
N PRO B 846 -27.85 -9.14 8.66
CA PRO B 846 -28.38 -9.45 7.33
C PRO B 846 -29.81 -8.97 7.17
N LEU B 847 -30.17 -8.65 5.93
CA LEU B 847 -31.51 -8.16 5.64
C LEU B 847 -32.57 -9.23 5.87
N LEU B 848 -32.30 -10.45 5.42
CA LEU B 848 -33.26 -11.55 5.53
C LEU B 848 -32.90 -12.41 6.75
N THR B 849 -33.88 -12.62 7.62
CA THR B 849 -33.69 -13.47 8.78
C THR B 849 -33.83 -14.94 8.41
N ASP B 850 -33.41 -15.81 9.33
CA ASP B 850 -33.43 -17.24 9.05
C ASP B 850 -34.85 -17.77 8.89
N GLU B 851 -35.82 -17.15 9.57
CA GLU B 851 -37.21 -17.57 9.43
C GLU B 851 -37.71 -17.34 8.01
N MET B 852 -37.33 -16.21 7.40
CA MET B 852 -37.74 -15.94 6.03
C MET B 852 -37.13 -16.95 5.05
N ILE B 853 -35.85 -17.30 5.26
CA ILE B 853 -35.21 -18.28 4.40
C ILE B 853 -35.86 -19.65 4.58
N ALA B 854 -36.23 -19.99 5.81
CA ALA B 854 -36.94 -21.25 6.04
C ALA B 854 -38.29 -21.26 5.34
N GLN B 855 -39.00 -20.12 5.37
CA GLN B 855 -40.26 -20.02 4.65
C GLN B 855 -40.06 -20.21 3.15
N TYR B 856 -39.02 -19.59 2.59
CA TYR B 856 -38.74 -19.75 1.17
C TYR B 856 -38.44 -21.20 0.82
N THR B 857 -37.63 -21.86 1.65
CA THR B 857 -37.31 -23.26 1.39
C THR B 857 -38.55 -24.14 1.49
N SER B 858 -39.42 -23.88 2.48
CA SER B 858 -40.64 -24.65 2.61
C SER B 858 -41.55 -24.45 1.40
N ALA B 859 -41.63 -23.22 0.89
CA ALA B 859 -42.41 -22.96 -0.31
C ALA B 859 -41.85 -23.73 -1.50
N LEU B 860 -40.52 -23.74 -1.64
CA LEU B 860 -39.90 -24.48 -2.73
C LEU B 860 -40.19 -25.98 -2.62
N LEU B 861 -40.10 -26.53 -1.40
CA LEU B 861 -40.41 -27.94 -1.20
C LEU B 861 -41.85 -28.26 -1.56
N ALA B 862 -42.79 -27.42 -1.11
CA ALA B 862 -44.19 -27.65 -1.41
C ALA B 862 -44.45 -27.58 -2.91
N GLY B 863 -43.85 -26.61 -3.58
CA GLY B 863 -44.02 -26.50 -5.02
C GLY B 863 -43.46 -27.69 -5.78
N THR B 864 -42.27 -28.15 -5.38
CA THR B 864 -41.65 -29.26 -6.10
C THR B 864 -42.25 -30.61 -5.74
N ILE B 865 -42.98 -30.71 -4.64
CA ILE B 865 -43.64 -31.96 -4.29
C ILE B 865 -45.04 -32.04 -4.86
N THR B 866 -45.85 -30.99 -4.68
CA THR B 866 -47.24 -31.04 -5.10
C THR B 866 -47.41 -30.86 -6.60
N SER B 867 -46.58 -30.03 -7.23
CA SER B 867 -46.80 -29.65 -8.63
C SER B 867 -45.66 -30.05 -9.56
N GLY B 868 -44.62 -30.70 -9.06
CA GLY B 868 -43.52 -31.08 -9.94
C GLY B 868 -42.72 -29.86 -10.38
N TRP B 869 -42.27 -29.88 -11.63
CA TRP B 869 -41.47 -28.80 -12.18
C TRP B 869 -42.30 -27.74 -12.89
N THR B 870 -43.63 -27.88 -12.92
CA THR B 870 -44.46 -26.93 -13.65
C THR B 870 -44.59 -25.60 -12.93
N PHE B 871 -44.32 -25.55 -11.62
CA PHE B 871 -44.45 -24.31 -10.88
C PHE B 871 -43.32 -23.33 -11.16
N GLY B 872 -42.23 -23.78 -11.77
CA GLY B 872 -41.16 -22.88 -12.16
C GLY B 872 -41.36 -22.20 -13.51
N ALA B 873 -42.36 -22.62 -14.27
CA ALA B 873 -42.68 -22.03 -15.58
C ALA B 873 -44.16 -21.65 -15.56
N GLY B 874 -44.45 -20.45 -15.08
CA GLY B 874 -45.83 -19.99 -15.00
C GLY B 874 -46.57 -20.55 -13.80
N ALA B 875 -47.87 -20.78 -13.97
CA ALA B 875 -48.69 -21.26 -12.87
C ALA B 875 -48.36 -22.70 -12.53
N ALA B 876 -48.69 -23.09 -11.30
CA ALA B 876 -48.44 -24.43 -10.81
C ALA B 876 -49.61 -25.34 -11.16
N LEU B 877 -49.30 -26.54 -11.66
CA LEU B 877 -50.30 -27.51 -12.05
C LEU B 877 -50.20 -28.74 -11.15
N GLN B 878 -51.32 -29.13 -10.57
CA GLN B 878 -51.36 -30.29 -9.69
C GLN B 878 -51.06 -31.58 -10.46
N ILE B 879 -50.40 -32.51 -9.79
CA ILE B 879 -50.03 -33.79 -10.39
C ILE B 879 -49.75 -34.80 -9.27
N PRO B 880 -50.20 -36.05 -9.41
CA PRO B 880 -49.86 -37.07 -8.42
C PRO B 880 -48.36 -37.33 -8.39
N PHE B 881 -47.85 -37.69 -7.20
CA PHE B 881 -46.42 -37.88 -7.03
C PHE B 881 -45.92 -39.11 -7.81
N ALA B 882 -46.71 -40.18 -7.84
CA ALA B 882 -46.32 -41.37 -8.59
C ALA B 882 -46.18 -41.04 -10.08
N MET B 883 -47.10 -40.24 -10.61
CA MET B 883 -46.98 -39.82 -12.01
C MET B 883 -45.76 -38.94 -12.24
N GLN B 884 -45.42 -38.08 -11.28
CA GLN B 884 -44.20 -37.29 -11.41
C GLN B 884 -42.97 -38.17 -11.43
N MET B 885 -42.93 -39.19 -10.57
CA MET B 885 -41.80 -40.11 -10.58
C MET B 885 -41.74 -40.89 -11.89
N ALA B 886 -42.90 -41.27 -12.44
CA ALA B 886 -42.92 -41.94 -13.74
C ALA B 886 -42.39 -41.02 -14.83
N TYR B 887 -42.77 -39.74 -14.79
CA TYR B 887 -42.24 -38.77 -15.74
C TYR B 887 -40.73 -38.69 -15.64
N ARG B 888 -40.20 -38.60 -14.42
CA ARG B 888 -38.77 -38.48 -14.24
C ARG B 888 -38.03 -39.73 -14.68
N PHE B 889 -38.60 -40.91 -14.44
CA PHE B 889 -37.99 -42.14 -14.92
C PHE B 889 -38.00 -42.20 -16.45
N ASN B 890 -39.10 -41.76 -17.07
CA ASN B 890 -39.13 -41.68 -18.53
C ASN B 890 -38.13 -40.67 -19.05
N GLY B 891 -37.76 -39.69 -18.23
CA GLY B 891 -36.78 -38.71 -18.66
C GLY B 891 -35.40 -39.29 -18.88
N ILE B 892 -35.01 -40.26 -18.04
CA ILE B 892 -33.65 -40.80 -18.09
C ILE B 892 -33.61 -42.04 -18.97
N GLY B 893 -34.67 -42.28 -19.74
CA GLY B 893 -34.69 -43.38 -20.68
C GLY B 893 -35.17 -44.71 -20.14
N VAL B 894 -35.87 -44.72 -19.01
CA VAL B 894 -36.42 -45.94 -18.43
C VAL B 894 -37.93 -45.88 -18.51
N THR B 895 -38.55 -46.96 -19.00
CA THR B 895 -39.99 -46.99 -19.15
C THR B 895 -40.67 -46.92 -17.79
N GLN B 896 -41.87 -46.33 -17.77
CA GLN B 896 -42.55 -46.05 -16.52
C GLN B 896 -43.20 -47.29 -15.90
N ASN B 897 -43.26 -48.41 -16.61
CA ASN B 897 -43.78 -49.63 -16.00
C ASN B 897 -42.85 -50.14 -14.90
N VAL B 898 -41.58 -49.76 -14.95
CA VAL B 898 -40.63 -50.17 -13.91
C VAL B 898 -41.05 -49.60 -12.57
N LEU B 899 -41.45 -48.32 -12.54
CA LEU B 899 -41.86 -47.69 -11.29
C LEU B 899 -43.15 -48.32 -10.76
N TYR B 900 -44.16 -48.42 -11.62
CA TYR B 900 -45.46 -48.91 -11.17
C TYR B 900 -45.42 -50.36 -10.71
N GLU B 901 -44.41 -51.12 -11.12
CA GLU B 901 -44.23 -52.47 -10.64
C GLU B 901 -43.26 -52.57 -9.47
N ASN B 902 -42.59 -51.46 -9.12
CA ASN B 902 -41.62 -51.47 -8.02
C ASN B 902 -41.79 -50.25 -7.11
N GLN B 903 -42.99 -49.71 -6.99
CA GLN B 903 -43.20 -48.50 -6.20
C GLN B 903 -42.86 -48.74 -4.73
N LYS B 904 -43.25 -49.90 -4.19
CA LYS B 904 -42.99 -50.19 -2.78
C LYS B 904 -41.50 -50.20 -2.49
N LEU B 905 -40.72 -50.89 -3.33
CA LEU B 905 -39.28 -50.98 -3.12
C LEU B 905 -38.62 -49.62 -3.24
N ILE B 906 -39.03 -48.83 -4.23
CA ILE B 906 -38.44 -47.50 -4.42
C ILE B 906 -38.74 -46.60 -3.22
N ALA B 907 -39.98 -46.63 -2.73
CA ALA B 907 -40.34 -45.83 -1.57
C ALA B 907 -39.55 -46.27 -0.34
N ASN B 908 -39.42 -47.58 -0.13
CA ASN B 908 -38.65 -48.07 1.01
C ASN B 908 -37.19 -47.65 0.91
N GLN B 909 -36.61 -47.73 -0.29
CA GLN B 909 -35.22 -47.33 -0.47
C GLN B 909 -35.04 -45.85 -0.21
N PHE B 910 -35.97 -45.02 -0.68
CA PHE B 910 -35.87 -43.58 -0.44
C PHE B 910 -35.97 -43.26 1.05
N ASN B 911 -36.90 -43.92 1.75
CA ASN B 911 -37.02 -43.70 3.19
C ASN B 911 -35.75 -44.14 3.93
N SER B 912 -35.18 -45.28 3.54
CA SER B 912 -33.94 -45.73 4.15
C SER B 912 -32.80 -44.75 3.89
N ALA B 913 -32.72 -44.22 2.67
CA ALA B 913 -31.67 -43.26 2.35
C ALA B 913 -31.82 -41.97 3.16
N ILE B 914 -33.06 -41.49 3.32
CA ILE B 914 -33.25 -40.25 4.08
C ILE B 914 -32.95 -40.50 5.56
N GLY B 915 -33.29 -41.67 6.08
CA GLY B 915 -32.92 -42.00 7.44
C GLY B 915 -31.41 -42.08 7.63
N LYS B 916 -30.71 -42.68 6.67
CA LYS B 916 -29.26 -42.78 6.76
C LYS B 916 -28.60 -41.42 6.69
N ILE B 917 -29.09 -40.52 5.82
CA ILE B 917 -28.49 -39.20 5.73
C ILE B 917 -28.77 -38.41 7.01
N GLN B 918 -29.98 -38.58 7.58
CA GLN B 918 -30.29 -37.97 8.87
C GLN B 918 -29.30 -38.42 9.94
N ASP B 919 -29.10 -39.74 10.04
CA ASP B 919 -28.20 -40.27 11.08
C ASP B 919 -26.77 -39.81 10.86
N SER B 920 -26.31 -39.79 9.60
CA SER B 920 -24.95 -39.37 9.31
C SER B 920 -24.74 -37.89 9.66
N LEU B 921 -25.73 -37.04 9.35
CA LEU B 921 -25.61 -35.63 9.71
C LEU B 921 -25.66 -35.45 11.22
N SER B 922 -26.47 -36.25 11.92
CA SER B 922 -26.56 -36.12 13.37
C SER B 922 -25.26 -36.56 14.06
N SER B 923 -24.65 -37.64 13.57
CA SER B 923 -23.47 -38.19 14.24
C SER B 923 -22.25 -37.30 14.04
N THR B 924 -21.83 -37.11 12.79
CA THR B 924 -20.63 -36.33 12.51
C THR B 924 -20.94 -34.84 12.54
N ALA B 925 -19.88 -34.05 12.78
CA ALA B 925 -19.99 -32.60 12.80
C ALA B 925 -18.82 -31.95 12.07
N SER B 926 -18.30 -32.61 11.04
CA SER B 926 -17.14 -32.11 10.30
C SER B 926 -17.40 -32.06 8.79
N ALA B 927 -18.65 -32.16 8.37
CA ALA B 927 -18.99 -32.11 6.95
C ALA B 927 -19.32 -30.71 6.46
N LEU B 928 -19.69 -29.80 7.37
CA LEU B 928 -20.08 -28.43 7.01
C LEU B 928 -18.95 -27.44 7.23
N GLY B 929 -17.71 -27.85 6.97
CA GLY B 929 -16.57 -26.98 7.19
C GLY B 929 -16.47 -25.82 6.22
N LYS B 930 -17.15 -25.90 5.08
CA LYS B 930 -17.06 -24.84 4.08
C LYS B 930 -17.65 -23.52 4.56
N LEU B 931 -18.54 -23.55 5.55
CA LEU B 931 -19.11 -22.34 6.14
C LEU B 931 -18.37 -21.89 7.38
N GLN B 932 -17.94 -22.84 8.22
CA GLN B 932 -17.10 -22.51 9.35
C GLN B 932 -15.80 -21.87 8.90
N ASP B 933 -15.28 -22.26 7.73
CA ASP B 933 -14.08 -21.64 7.19
C ASP B 933 -14.31 -20.15 6.93
N VAL B 934 -15.45 -19.81 6.32
CA VAL B 934 -15.75 -18.41 6.04
C VAL B 934 -15.91 -17.63 7.34
N VAL B 935 -16.65 -18.20 8.30
CA VAL B 935 -16.86 -17.51 9.58
C VAL B 935 -15.53 -17.26 10.28
N ASN B 936 -14.69 -18.29 10.34
CA ASN B 936 -13.39 -18.17 10.99
C ASN B 936 -12.50 -17.16 10.27
N GLN B 937 -12.54 -17.16 8.93
CA GLN B 937 -11.73 -16.20 8.19
C GLN B 937 -12.14 -14.77 8.50
N ASN B 938 -13.44 -14.49 8.51
CA ASN B 938 -13.90 -13.14 8.83
C ASN B 938 -13.51 -12.73 10.24
N ALA B 939 -13.75 -13.62 11.21
CA ALA B 939 -13.41 -13.30 12.59
C ALA B 939 -11.91 -13.09 12.77
N GLN B 940 -11.10 -13.92 12.12
CA GLN B 940 -9.66 -13.81 12.24
C GLN B 940 -9.14 -12.54 11.58
N ALA B 941 -9.74 -12.14 10.46
CA ALA B 941 -9.35 -10.88 9.82
C ALA B 941 -9.64 -9.70 10.74
N LEU B 942 -10.82 -9.68 11.36
CA LEU B 942 -11.13 -8.60 12.29
C LEU B 942 -10.18 -8.61 13.49
N ASN B 943 -9.88 -9.81 14.01
CA ASN B 943 -8.97 -9.91 15.15
C ASN B 943 -7.56 -9.45 14.79
N THR B 944 -7.11 -9.76 13.57
CA THR B 944 -5.80 -9.29 13.13
C THR B 944 -5.77 -7.78 12.97
N LEU B 945 -6.86 -7.21 12.45
CA LEU B 945 -6.95 -5.75 12.37
C LEU B 945 -6.85 -5.13 13.76
N VAL B 946 -7.47 -5.77 14.76
CA VAL B 946 -7.33 -5.30 16.13
C VAL B 946 -5.89 -5.47 16.61
N LYS B 947 -5.25 -6.59 16.24
CA LYS B 947 -3.89 -6.87 16.67
C LYS B 947 -2.92 -5.80 16.18
N GLN B 948 -3.09 -5.34 14.95
CA GLN B 948 -2.10 -4.45 14.34
C GLN B 948 -2.10 -3.04 14.94
N LEU B 949 -2.78 -2.78 16.06
CA LEU B 949 -2.78 -1.47 16.70
C LEU B 949 -1.60 -1.28 17.66
N SER B 950 -0.77 -2.30 17.85
CA SER B 950 0.35 -2.23 18.77
C SER B 950 1.68 -1.98 18.07
N SER B 951 1.66 -1.67 16.78
CA SER B 951 2.89 -1.46 16.02
C SER B 951 3.35 -0.01 16.15
N ASN B 952 4.66 0.16 16.35
CA ASN B 952 5.21 1.51 16.46
C ASN B 952 5.30 2.20 15.11
N PHE B 953 5.49 1.43 14.03
CA PHE B 953 5.62 1.97 12.68
C PHE B 953 6.76 2.97 12.57
N GLY B 954 7.83 2.74 13.34
CA GLY B 954 8.98 3.63 13.34
C GLY B 954 8.90 4.78 14.33
N ALA B 955 7.79 4.96 15.00
CA ALA B 955 7.64 6.02 15.98
C ALA B 955 8.26 5.58 17.31
N ILE B 956 8.11 6.40 18.36
CA ILE B 956 8.68 6.08 19.66
C ILE B 956 7.71 5.32 20.56
N SER B 957 6.42 5.28 20.21
CA SER B 957 5.44 4.56 21.00
C SER B 957 4.26 4.21 20.12
N SER B 958 3.46 3.25 20.58
CA SER B 958 2.26 2.83 19.89
C SER B 958 0.99 3.43 20.47
N VAL B 959 1.12 4.41 21.36
CA VAL B 959 -0.02 5.07 21.99
C VAL B 959 0.07 6.56 21.70
N LEU B 960 -1.06 7.16 21.33
CA LEU B 960 -1.09 8.60 21.11
C LEU B 960 -0.95 9.38 22.41
N ASN B 961 -1.44 8.81 23.52
CA ASN B 961 -1.45 9.53 24.79
C ASN B 961 -0.04 9.85 25.26
N ASP B 962 0.88 8.89 25.14
CA ASP B 962 2.26 9.13 25.59
C ASP B 962 2.92 10.22 24.75
N ILE B 963 2.75 10.17 23.43
CA ILE B 963 3.34 11.18 22.56
C ILE B 963 2.76 12.56 22.86
N LEU B 964 1.44 12.63 23.08
CA LEU B 964 0.82 13.91 23.37
C LEU B 964 1.22 14.45 24.75
N SER B 965 1.47 13.56 25.71
CA SER B 965 1.81 13.98 27.06
C SER B 965 3.31 14.14 27.28
N ARG B 966 4.14 13.79 26.30
CA ARG B 966 5.58 13.93 26.43
C ARG B 966 6.19 14.98 25.53
N LEU B 967 5.59 15.26 24.37
CA LEU B 967 6.14 16.20 23.41
C LEU B 967 5.10 17.26 23.05
N ASP B 968 5.58 18.45 22.73
CA ASP B 968 4.72 19.53 22.26
C ASP B 968 4.41 19.35 20.78
N LYS B 969 3.46 20.13 20.28
CA LYS B 969 2.98 19.96 18.91
C LYS B 969 3.87 20.71 17.91
N VAL B 970 5.18 20.52 18.04
CA VAL B 970 6.11 20.88 16.98
C VAL B 970 7.03 19.73 16.60
N GLU B 971 7.24 18.75 17.49
CA GLU B 971 7.97 17.54 17.15
C GLU B 971 7.15 16.28 17.36
N ALA B 972 5.92 16.40 17.86
CA ALA B 972 5.06 15.23 18.02
C ALA B 972 4.27 14.89 16.77
N GLU B 973 4.23 15.81 15.78
CA GLU B 973 3.48 15.56 14.56
C GLU B 973 4.12 14.49 13.68
N VAL B 974 5.44 14.31 13.79
CA VAL B 974 6.13 13.32 12.96
C VAL B 974 5.68 11.91 13.32
N GLN B 975 5.67 11.59 14.62
CA GLN B 975 5.26 10.27 15.07
C GLN B 975 3.79 10.01 14.75
N ILE B 976 2.95 11.03 14.92
CA ILE B 976 1.53 10.88 14.61
C ILE B 976 1.34 10.64 13.12
N ASP B 977 2.11 11.34 12.28
CA ASP B 977 2.02 11.10 10.84
C ASP B 977 2.41 9.68 10.48
N ARG B 978 3.50 9.18 11.09
CA ARG B 978 3.91 7.79 10.84
C ARG B 978 2.83 6.81 11.26
N LEU B 979 2.25 7.02 12.45
CA LEU B 979 1.19 6.13 12.92
C LEU B 979 -0.03 6.17 12.01
N ILE B 980 -0.40 7.37 11.54
CA ILE B 980 -1.53 7.50 10.64
C ILE B 980 -1.28 6.73 9.35
N THR B 981 -0.08 6.87 8.79
CA THR B 981 0.25 6.15 7.56
C THR B 981 0.17 4.63 7.77
N GLY B 982 0.71 4.15 8.90
CA GLY B 982 0.65 2.71 9.16
C GLY B 982 -0.77 2.19 9.30
N ARG B 983 -1.60 2.92 10.06
CA ARG B 983 -2.99 2.49 10.25
C ARG B 983 -3.75 2.51 8.94
N LEU B 984 -3.52 3.52 8.10
CA LEU B 984 -4.17 3.57 6.79
C LEU B 984 -3.74 2.40 5.92
N GLN B 985 -2.45 2.04 5.95
CA GLN B 985 -1.99 0.88 5.20
C GLN B 985 -2.69 -0.39 5.66
N SER B 986 -2.82 -0.57 6.98
CA SER B 986 -3.51 -1.74 7.50
C SER B 986 -4.96 -1.78 7.03
N LEU B 987 -5.65 -0.65 7.08
CA LEU B 987 -7.05 -0.60 6.66
C LEU B 987 -7.19 -0.94 5.18
N GLN B 988 -6.30 -0.40 4.35
CA GLN B 988 -6.38 -0.68 2.91
C GLN B 988 -6.13 -2.16 2.63
N THR B 989 -5.16 -2.76 3.32
CA THR B 989 -4.92 -4.19 3.13
C THR B 989 -6.14 -5.01 3.51
N TYR B 990 -6.78 -4.67 4.63
CA TYR B 990 -7.99 -5.38 5.05
C TYR B 990 -9.10 -5.24 4.01
N VAL B 991 -9.26 -4.03 3.47
CA VAL B 991 -10.31 -3.79 2.48
C VAL B 991 -10.06 -4.61 1.21
N THR B 992 -8.80 -4.67 0.77
CA THR B 992 -8.49 -5.46 -0.42
C THR B 992 -8.77 -6.95 -0.20
N GLN B 993 -8.38 -7.48 0.96
CA GLN B 993 -8.68 -8.87 1.27
C GLN B 993 -10.18 -9.12 1.24
N GLN B 994 -10.96 -8.21 1.84
CA GLN B 994 -12.41 -8.36 1.86
C GLN B 994 -12.99 -8.32 0.45
N LEU B 995 -12.45 -7.47 -0.42
CA LEU B 995 -12.94 -7.40 -1.79
C LEU B 995 -12.72 -8.71 -2.53
N ILE B 996 -11.53 -9.29 -2.39
CA ILE B 996 -11.25 -10.55 -3.08
C ILE B 996 -12.16 -11.66 -2.55
N ARG B 997 -12.32 -11.73 -1.23
CA ARG B 997 -13.20 -12.75 -0.66
C ARG B 997 -14.64 -12.56 -1.11
N ALA B 998 -15.09 -11.30 -1.22
CA ALA B 998 -16.43 -11.03 -1.71
C ALA B 998 -16.60 -11.51 -3.13
N ALA B 999 -15.59 -11.29 -3.98
CA ALA B 999 -15.66 -11.76 -5.36
C ALA B 999 -15.83 -13.29 -5.42
N GLU B 1000 -15.01 -14.01 -4.65
CA GLU B 1000 -15.09 -15.47 -4.72
C GLU B 1000 -16.41 -15.99 -4.13
N ILE B 1001 -16.90 -15.37 -3.05
CA ILE B 1001 -18.18 -15.77 -2.48
C ILE B 1001 -19.31 -15.48 -3.44
N ARG B 1002 -19.22 -14.37 -4.19
CA ARG B 1002 -20.24 -14.06 -5.19
C ARG B 1002 -20.25 -15.09 -6.30
N ALA B 1003 -19.07 -15.54 -6.74
CA ALA B 1003 -19.02 -16.60 -7.73
C ALA B 1003 -19.67 -17.88 -7.21
N SER B 1004 -19.39 -18.24 -5.96
CA SER B 1004 -20.01 -19.43 -5.37
C SER B 1004 -21.53 -19.27 -5.29
N ALA B 1005 -22.01 -18.08 -4.93
CA ALA B 1005 -23.44 -17.85 -4.85
C ALA B 1005 -24.10 -17.94 -6.22
N ASN B 1006 -23.43 -17.44 -7.26
CA ASN B 1006 -23.96 -17.58 -8.61
C ASN B 1006 -24.07 -19.05 -9.01
N LEU B 1007 -23.05 -19.84 -8.68
CA LEU B 1007 -23.13 -21.28 -8.95
C LEU B 1007 -24.30 -21.92 -8.20
N ALA B 1008 -24.50 -21.53 -6.94
CA ALA B 1008 -25.60 -22.09 -6.16
C ALA B 1008 -26.96 -21.71 -6.76
N ALA B 1009 -27.09 -20.46 -7.22
CA ALA B 1009 -28.34 -20.05 -7.84
C ALA B 1009 -28.61 -20.81 -9.13
N THR B 1010 -27.58 -21.03 -9.94
CA THR B 1010 -27.75 -21.83 -11.15
C THR B 1010 -28.18 -23.25 -10.81
N LYS B 1011 -27.56 -23.84 -9.78
CA LYS B 1011 -27.92 -25.20 -9.36
C LYS B 1011 -29.37 -25.26 -8.89
N MET B 1012 -29.80 -24.25 -8.11
CA MET B 1012 -31.19 -24.22 -7.66
C MET B 1012 -32.14 -24.10 -8.84
N SER B 1013 -31.83 -23.25 -9.81
CA SER B 1013 -32.70 -23.06 -10.96
C SER B 1013 -32.80 -24.34 -11.80
N GLU B 1014 -31.69 -25.04 -12.00
CA GLU B 1014 -31.67 -26.13 -12.95
C GLU B 1014 -31.93 -27.51 -12.35
N CYS B 1015 -31.79 -27.68 -11.03
CA CYS B 1015 -31.92 -28.99 -10.43
C CYS B 1015 -33.11 -29.13 -9.48
N VAL B 1016 -33.65 -28.04 -8.98
CA VAL B 1016 -34.82 -28.08 -8.11
C VAL B 1016 -36.10 -27.78 -8.88
N LEU B 1017 -36.05 -26.80 -9.79
CA LEU B 1017 -37.20 -26.42 -10.59
C LEU B 1017 -37.31 -27.24 -11.88
N GLY B 1018 -36.49 -28.26 -12.03
CA GLY B 1018 -36.55 -29.09 -13.22
C GLY B 1018 -35.68 -30.32 -13.07
N GLN B 1019 -35.46 -30.99 -14.20
CA GLN B 1019 -34.60 -32.16 -14.26
C GLN B 1019 -33.42 -31.87 -15.18
N SER B 1020 -32.23 -32.29 -14.75
CA SER B 1020 -30.99 -31.94 -15.42
C SER B 1020 -30.45 -33.12 -16.21
N LYS B 1021 -30.10 -32.88 -17.47
CA LYS B 1021 -29.44 -33.88 -18.30
C LYS B 1021 -27.92 -33.72 -18.34
N ARG B 1022 -27.38 -32.71 -17.65
CA ARG B 1022 -25.94 -32.54 -17.59
C ARG B 1022 -25.34 -33.59 -16.66
N VAL B 1023 -24.26 -34.23 -17.12
CA VAL B 1023 -23.68 -35.35 -16.40
C VAL B 1023 -22.86 -34.82 -15.23
N ASP B 1024 -23.04 -35.43 -14.05
CA ASP B 1024 -22.25 -35.15 -12.86
C ASP B 1024 -22.39 -33.70 -12.39
N PHE B 1025 -23.54 -33.08 -12.69
CA PHE B 1025 -23.80 -31.72 -12.23
C PHE B 1025 -24.46 -31.71 -10.85
N CYS B 1026 -25.48 -32.53 -10.66
CA CYS B 1026 -26.19 -32.64 -9.39
C CYS B 1026 -26.14 -34.11 -8.96
N GLY B 1027 -25.07 -34.49 -8.27
CA GLY B 1027 -24.92 -35.83 -7.77
C GLY B 1027 -24.51 -36.84 -8.82
N LYS B 1028 -23.87 -37.92 -8.39
CA LYS B 1028 -23.48 -38.97 -9.32
C LYS B 1028 -24.68 -39.82 -9.71
N GLY B 1029 -24.60 -40.42 -10.90
CA GLY B 1029 -25.70 -41.20 -11.42
C GLY B 1029 -26.62 -40.37 -12.30
N TYR B 1030 -27.82 -40.91 -12.51
CA TYR B 1030 -28.84 -40.24 -13.30
C TYR B 1030 -29.73 -39.43 -12.36
N HIS B 1031 -29.80 -38.12 -12.60
CA HIS B 1031 -30.51 -37.22 -11.69
C HIS B 1031 -32.01 -37.45 -11.78
N LEU B 1032 -32.64 -37.64 -10.63
CA LEU B 1032 -34.09 -37.76 -10.53
C LEU B 1032 -34.74 -36.51 -9.94
N MET B 1033 -34.29 -36.07 -8.77
CA MET B 1033 -34.89 -34.90 -8.15
C MET B 1033 -33.93 -34.33 -7.10
N SER B 1034 -34.33 -33.21 -6.51
CA SER B 1034 -33.46 -32.53 -5.56
C SER B 1034 -34.30 -31.76 -4.55
N PHE B 1035 -33.72 -31.55 -3.36
CA PHE B 1035 -34.39 -30.84 -2.28
C PHE B 1035 -33.43 -29.78 -1.71
N PRO B 1036 -33.88 -28.54 -1.56
CA PRO B 1036 -33.05 -27.51 -0.92
C PRO B 1036 -33.32 -27.41 0.58
N GLN B 1037 -32.25 -27.08 1.31
CA GLN B 1037 -32.33 -26.81 2.74
C GLN B 1037 -31.41 -25.64 3.06
N SER B 1038 -31.77 -24.89 4.10
CA SER B 1038 -30.99 -23.74 4.50
C SER B 1038 -29.86 -24.13 5.45
N ALA B 1039 -28.91 -23.21 5.61
CA ALA B 1039 -27.83 -23.38 6.57
C ALA B 1039 -27.23 -22.00 6.83
N PRO B 1040 -26.62 -21.78 8.00
CA PRO B 1040 -26.03 -20.46 8.27
C PRO B 1040 -25.04 -20.05 7.19
N HIS B 1041 -25.38 -19.00 6.45
CA HIS B 1041 -24.57 -18.48 5.36
C HIS B 1041 -24.33 -19.54 4.27
N GLY B 1042 -25.35 -20.34 3.97
CA GLY B 1042 -25.19 -21.33 2.93
C GLY B 1042 -26.45 -22.14 2.68
N VAL B 1043 -26.35 -23.00 1.68
CA VAL B 1043 -27.44 -23.86 1.25
C VAL B 1043 -26.93 -25.30 1.14
N VAL B 1044 -27.84 -26.25 1.31
CA VAL B 1044 -27.52 -27.67 1.24
C VAL B 1044 -28.52 -28.34 0.32
N PHE B 1045 -28.02 -28.99 -0.72
CA PHE B 1045 -28.85 -29.71 -1.68
C PHE B 1045 -28.79 -31.20 -1.41
N LEU B 1046 -29.95 -31.83 -1.30
CA LEU B 1046 -30.06 -33.28 -1.23
C LEU B 1046 -30.51 -33.77 -2.60
N HIS B 1047 -29.59 -34.43 -3.31
CA HIS B 1047 -29.84 -34.91 -4.67
C HIS B 1047 -30.26 -36.38 -4.60
N VAL B 1048 -31.41 -36.69 -5.19
CA VAL B 1048 -31.92 -38.05 -5.27
C VAL B 1048 -31.73 -38.53 -6.69
N THR B 1049 -30.94 -39.59 -6.86
CA THR B 1049 -30.51 -40.09 -8.15
C THR B 1049 -30.71 -41.60 -8.25
N TYR B 1050 -30.57 -42.11 -9.46
CA TYR B 1050 -30.82 -43.50 -9.81
C TYR B 1050 -29.51 -44.13 -10.27
N VAL B 1051 -29.15 -45.27 -9.68
CA VAL B 1051 -27.89 -45.94 -9.96
C VAL B 1051 -28.15 -47.41 -10.27
N PRO B 1052 -27.76 -47.91 -11.44
CA PRO B 1052 -27.87 -49.35 -11.70
C PRO B 1052 -26.86 -50.13 -10.86
N ALA B 1053 -27.28 -51.29 -10.38
CA ALA B 1053 -26.49 -52.05 -9.41
C ALA B 1053 -26.00 -53.39 -9.94
N GLN B 1054 -26.90 -54.26 -10.39
CA GLN B 1054 -26.56 -55.65 -10.71
C GLN B 1054 -26.44 -55.82 -12.21
N GLU B 1055 -25.21 -55.89 -12.71
CA GLU B 1055 -24.97 -56.09 -14.12
C GLU B 1055 -24.97 -57.58 -14.46
N LYS B 1056 -25.37 -57.89 -15.69
CA LYS B 1056 -25.38 -59.26 -16.18
C LYS B 1056 -24.75 -59.30 -17.56
N ASN B 1057 -23.97 -60.35 -17.81
CA ASN B 1057 -23.27 -60.53 -19.07
C ASN B 1057 -24.23 -61.09 -20.12
N PHE B 1058 -24.08 -60.60 -21.36
CA PHE B 1058 -24.88 -61.10 -22.48
C PHE B 1058 -24.08 -60.99 -23.76
N THR B 1059 -24.48 -61.78 -24.74
CA THR B 1059 -23.96 -61.67 -26.10
C THR B 1059 -24.96 -60.95 -26.97
N THR B 1060 -24.47 -60.13 -27.90
CA THR B 1060 -25.31 -59.21 -28.64
C THR B 1060 -24.90 -59.18 -30.10
N ALA B 1061 -25.65 -58.41 -30.90
CA ALA B 1061 -25.38 -58.24 -32.32
C ALA B 1061 -26.02 -56.93 -32.76
N PRO B 1062 -25.40 -56.20 -33.69
CA PRO B 1062 -25.98 -54.90 -34.09
C PRO B 1062 -27.30 -55.02 -34.82
N ALA B 1063 -27.41 -55.97 -35.75
CA ALA B 1063 -28.63 -56.12 -36.53
C ALA B 1063 -28.79 -57.59 -36.93
N ILE B 1064 -29.97 -57.93 -37.44
CA ILE B 1064 -30.27 -59.28 -37.86
C ILE B 1064 -30.79 -59.24 -39.29
N CYS B 1065 -30.60 -60.35 -40.01
CA CYS B 1065 -31.08 -60.51 -41.37
C CYS B 1065 -32.11 -61.64 -41.39
N HIS B 1066 -33.30 -61.34 -41.90
CA HIS B 1066 -34.41 -62.29 -41.90
C HIS B 1066 -34.79 -62.74 -43.31
N ASP B 1067 -35.10 -61.81 -44.19
CA ASP B 1067 -35.47 -62.12 -45.57
C ASP B 1067 -34.56 -61.40 -46.56
N GLY B 1068 -33.28 -61.25 -46.21
CA GLY B 1068 -32.35 -60.49 -47.00
C GLY B 1068 -32.27 -59.02 -46.64
N LYS B 1069 -33.14 -58.55 -45.75
CA LYS B 1069 -33.16 -57.16 -45.32
C LYS B 1069 -32.81 -57.07 -43.84
N ALA B 1070 -31.98 -56.11 -43.49
CA ALA B 1070 -31.56 -55.92 -42.11
C ALA B 1070 -32.67 -55.27 -41.29
N HIS B 1071 -32.72 -55.61 -40.02
CA HIS B 1071 -33.68 -55.04 -39.07
C HIS B 1071 -32.91 -54.41 -37.92
N PHE B 1072 -33.09 -53.10 -37.73
CA PHE B 1072 -32.46 -52.41 -36.61
C PHE B 1072 -33.49 -52.06 -35.55
N PRO B 1073 -33.16 -52.24 -34.27
CA PRO B 1073 -34.13 -51.94 -33.21
C PRO B 1073 -34.47 -50.46 -33.16
N ARG B 1074 -35.73 -50.18 -32.85
CA ARG B 1074 -36.17 -48.78 -32.72
C ARG B 1074 -35.56 -48.14 -31.48
N GLU B 1075 -35.83 -48.71 -30.31
CA GLU B 1075 -35.20 -48.31 -29.06
C GLU B 1075 -34.76 -49.55 -28.32
N GLY B 1076 -33.49 -49.57 -27.88
CA GLY B 1076 -32.95 -50.69 -27.13
C GLY B 1076 -31.80 -51.36 -27.87
N VAL B 1077 -31.63 -52.64 -27.60
CA VAL B 1077 -30.48 -53.39 -28.11
C VAL B 1077 -30.86 -54.87 -28.12
N PHE B 1078 -30.30 -55.61 -29.07
CA PHE B 1078 -30.50 -57.04 -29.16
C PHE B 1078 -29.57 -57.77 -28.20
N VAL B 1079 -30.11 -58.78 -27.52
CA VAL B 1079 -29.34 -59.63 -26.60
C VAL B 1079 -29.78 -61.07 -26.83
N SER B 1080 -29.07 -61.99 -26.17
CA SER B 1080 -29.33 -63.41 -26.34
C SER B 1080 -29.20 -64.13 -25.01
N ASN B 1081 -30.13 -65.08 -24.78
CA ASN B 1081 -30.04 -65.97 -23.62
C ASN B 1081 -29.01 -67.06 -23.82
N GLY B 1082 -28.44 -67.18 -25.01
CA GLY B 1082 -27.54 -68.27 -25.38
C GLY B 1082 -28.04 -69.08 -26.56
N THR B 1083 -29.36 -69.20 -26.70
CA THR B 1083 -29.94 -69.91 -27.84
C THR B 1083 -31.02 -69.07 -28.53
N HIS B 1084 -31.68 -68.20 -27.76
CA HIS B 1084 -32.73 -67.33 -28.29
C HIS B 1084 -32.22 -65.89 -28.42
N TRP B 1085 -33.05 -65.06 -29.03
CA TRP B 1085 -32.72 -63.65 -29.24
C TRP B 1085 -33.87 -62.78 -28.76
N PHE B 1086 -33.53 -61.68 -28.09
CA PHE B 1086 -34.51 -60.75 -27.55
C PHE B 1086 -34.05 -59.33 -27.83
N VAL B 1087 -34.98 -58.38 -27.67
CA VAL B 1087 -34.67 -56.96 -27.71
C VAL B 1087 -35.07 -56.36 -26.36
N THR B 1088 -34.18 -55.56 -25.78
CA THR B 1088 -34.44 -55.02 -24.45
C THR B 1088 -33.98 -53.57 -24.40
N GLN B 1089 -34.48 -52.84 -23.40
CA GLN B 1089 -34.08 -51.46 -23.23
C GLN B 1089 -32.63 -51.39 -22.75
N ARG B 1090 -32.14 -50.16 -22.59
CA ARG B 1090 -30.70 -49.93 -22.44
C ARG B 1090 -30.25 -49.71 -21.02
N ASN B 1091 -31.16 -49.44 -20.08
CA ASN B 1091 -30.81 -49.25 -18.68
C ASN B 1091 -31.48 -50.28 -17.77
N PHE B 1092 -32.15 -51.28 -18.33
CA PHE B 1092 -32.83 -52.30 -17.55
C PHE B 1092 -32.97 -53.54 -18.43
N TYR B 1093 -33.23 -54.67 -17.79
CA TYR B 1093 -33.36 -55.95 -18.48
C TYR B 1093 -34.83 -56.34 -18.50
N GLU B 1094 -35.49 -56.06 -19.62
CA GLU B 1094 -36.88 -56.48 -19.85
C GLU B 1094 -36.93 -57.10 -21.24
N PRO B 1095 -36.56 -58.37 -21.39
CA PRO B 1095 -36.53 -58.99 -22.71
C PRO B 1095 -37.89 -59.05 -23.36
N GLN B 1096 -37.91 -58.84 -24.68
CA GLN B 1096 -39.14 -58.91 -25.46
C GLN B 1096 -38.87 -59.67 -26.75
N ILE B 1097 -39.92 -60.23 -27.32
CA ILE B 1097 -39.81 -61.02 -28.55
C ILE B 1097 -39.65 -60.07 -29.73
N ILE B 1098 -38.77 -60.44 -30.66
CA ILE B 1098 -38.53 -59.62 -31.83
C ILE B 1098 -39.78 -59.60 -32.70
N THR B 1099 -40.18 -58.40 -33.14
CA THR B 1099 -41.38 -58.24 -33.94
C THR B 1099 -41.26 -56.96 -34.76
N THR B 1100 -42.15 -56.82 -35.74
CA THR B 1100 -42.02 -55.79 -36.75
C THR B 1100 -42.21 -54.38 -36.20
N ASP B 1101 -42.98 -54.20 -35.13
CA ASP B 1101 -43.18 -52.87 -34.59
C ASP B 1101 -42.11 -52.46 -33.59
N ASN B 1102 -41.12 -53.33 -33.33
CA ASN B 1102 -39.96 -52.98 -32.53
C ASN B 1102 -38.73 -52.69 -33.37
N THR B 1103 -38.71 -53.09 -34.64
CA THR B 1103 -37.56 -52.91 -35.51
C THR B 1103 -38.00 -52.22 -36.80
N PHE B 1104 -37.02 -51.65 -37.51
CA PHE B 1104 -37.25 -51.05 -38.80
C PHE B 1104 -36.22 -51.56 -39.80
N VAL B 1105 -36.63 -51.63 -41.06
CA VAL B 1105 -35.83 -52.23 -42.13
C VAL B 1105 -35.09 -51.13 -42.88
N SER B 1106 -33.79 -51.36 -43.13
CA SER B 1106 -32.96 -50.40 -43.86
C SER B 1106 -32.04 -51.17 -44.80
N GLY B 1107 -32.47 -51.33 -46.04
CA GLY B 1107 -31.63 -51.90 -47.07
C GLY B 1107 -31.39 -53.39 -46.91
N ASN B 1108 -30.43 -53.89 -47.68
CA ASN B 1108 -30.06 -55.30 -47.67
C ASN B 1108 -29.13 -55.59 -46.49
N CYS B 1109 -28.88 -56.87 -46.26
CA CYS B 1109 -28.12 -57.34 -45.11
C CYS B 1109 -26.74 -57.86 -45.50
N ASP B 1110 -26.12 -57.24 -46.51
CA ASP B 1110 -24.78 -57.63 -46.95
C ASP B 1110 -23.78 -56.48 -46.85
N VAL B 1111 -24.06 -55.48 -46.03
CA VAL B 1111 -23.18 -54.32 -45.89
C VAL B 1111 -22.77 -54.16 -44.43
N VAL B 1112 -23.60 -54.65 -43.53
CA VAL B 1112 -23.37 -54.48 -42.10
C VAL B 1112 -22.39 -55.54 -41.60
N ILE B 1113 -21.46 -55.12 -40.75
CA ILE B 1113 -20.46 -56.01 -40.17
C ILE B 1113 -20.97 -56.49 -38.82
N GLY B 1114 -21.11 -57.80 -38.67
CA GLY B 1114 -21.56 -58.40 -37.44
C GLY B 1114 -23.02 -58.83 -37.41
N ILE B 1115 -23.68 -58.93 -38.56
CA ILE B 1115 -25.08 -59.32 -38.60
C ILE B 1115 -25.22 -60.79 -38.28
N VAL B 1116 -26.40 -61.18 -37.77
CA VAL B 1116 -26.67 -62.55 -37.37
C VAL B 1116 -27.99 -63.01 -38.00
N ASN B 1117 -28.17 -64.32 -38.04
CA ASN B 1117 -29.33 -64.95 -38.65
C ASN B 1117 -30.37 -65.25 -37.58
N ASN B 1118 -31.58 -64.74 -37.78
CA ASN B 1118 -32.67 -64.98 -36.85
C ASN B 1118 -34.00 -64.70 -37.55
N THR B 1119 -35.07 -65.20 -36.95
CA THR B 1119 -36.42 -65.02 -37.47
C THR B 1119 -37.10 -63.84 -36.77
N VAL B 1120 -38.11 -63.30 -37.43
CA VAL B 1120 -38.89 -62.17 -36.92
C VAL B 1120 -40.36 -62.52 -36.98
N TYR B 1121 -41.05 -62.35 -35.85
CA TYR B 1121 -42.48 -62.65 -35.78
C TYR B 1121 -43.29 -61.46 -36.24
N ASP B 1122 -44.32 -61.73 -37.05
CA ASP B 1122 -45.23 -60.70 -37.54
C ASP B 1122 -46.54 -60.78 -36.78
N PRO B 1123 -47.02 -59.67 -36.20
CA PRO B 1123 -48.26 -59.73 -35.41
C PRO B 1123 -49.53 -59.64 -36.24
N LEU B 1124 -49.43 -59.81 -37.55
CA LEU B 1124 -50.60 -59.65 -38.42
C LEU B 1124 -50.88 -60.92 -39.21
N GLN B 1125 -49.84 -61.69 -39.56
CA GLN B 1125 -50.06 -62.91 -40.34
C GLN B 1125 -50.88 -63.95 -39.58
N PRO B 1126 -50.58 -64.30 -38.32
CA PRO B 1126 -51.48 -65.22 -37.62
C PRO B 1126 -52.90 -64.70 -37.48
N GLU B 1127 -53.06 -63.39 -37.34
CA GLU B 1127 -54.41 -62.82 -37.24
C GLU B 1127 -55.18 -63.01 -38.54
N LEU B 1128 -54.53 -62.79 -39.68
CA LEU B 1128 -55.23 -62.98 -40.95
C LEU B 1128 -55.45 -64.45 -41.24
N ASP B 1129 -54.57 -65.32 -40.74
CA ASP B 1129 -54.69 -66.75 -41.02
C ASP B 1129 -55.98 -67.32 -40.45
N SER B 1130 -56.35 -66.91 -39.24
CA SER B 1130 -57.57 -67.40 -38.61
C SER B 1130 -58.81 -66.71 -39.18
N GLN C 1 -15.85 63.21 35.00
CA GLN C 1 -16.58 63.78 33.88
C GLN C 1 -17.84 62.97 33.56
N CYS C 2 -17.65 61.66 33.35
CA CYS C 2 -18.78 60.79 33.04
C CYS C 2 -19.69 60.66 34.25
N VAL C 3 -20.97 60.43 33.98
CA VAL C 3 -21.98 60.38 35.03
C VAL C 3 -22.67 59.02 35.03
N ASN C 4 -23.63 58.85 35.93
CA ASN C 4 -24.34 57.59 36.09
C ASN C 4 -25.80 57.80 35.72
N LEU C 5 -26.38 56.83 35.01
CA LEU C 5 -27.75 56.91 34.55
C LEU C 5 -28.66 56.17 35.51
N THR C 6 -29.72 56.84 35.96
CA THR C 6 -30.65 56.33 36.98
C THR C 6 -32.09 56.41 36.49
N THR C 7 -32.33 55.94 35.26
CA THR C 7 -33.67 55.98 34.68
C THR C 7 -34.09 54.66 34.05
N ARG C 8 -33.15 53.77 33.74
CA ARG C 8 -33.47 52.53 33.06
C ARG C 8 -34.41 51.66 33.89
N THR C 9 -35.31 50.95 33.20
CA THR C 9 -36.17 49.95 33.82
C THR C 9 -35.77 48.59 33.28
N GLN C 10 -35.46 47.66 34.18
CA GLN C 10 -34.89 46.38 33.80
C GLN C 10 -35.96 45.34 33.52
N LEU C 11 -35.68 44.47 32.57
CA LEU C 11 -36.53 43.36 32.17
C LEU C 11 -35.67 42.12 32.01
N PRO C 12 -36.28 40.93 32.08
CA PRO C 12 -35.50 39.72 31.85
C PRO C 12 -34.93 39.69 30.45
N PRO C 13 -33.77 39.07 30.26
CA PRO C 13 -33.11 39.10 28.96
C PRO C 13 -33.89 38.33 27.90
N ALA C 14 -33.64 38.70 26.65
CA ALA C 14 -34.32 38.10 25.51
C ALA C 14 -33.32 37.37 24.61
N TYR C 15 -33.78 36.29 24.00
CA TYR C 15 -32.95 35.47 23.15
C TYR C 15 -33.65 35.25 21.81
N THR C 16 -32.85 35.11 20.75
CA THR C 16 -33.34 34.86 19.41
C THR C 16 -32.50 33.76 18.77
N ASN C 17 -32.80 33.46 17.51
CA ASN C 17 -32.15 32.39 16.76
C ASN C 17 -31.28 32.99 15.67
N SER C 18 -30.13 32.35 15.44
CA SER C 18 -29.22 32.72 14.37
C SER C 18 -29.49 31.81 13.17
N PHE C 19 -30.17 32.34 12.16
CA PHE C 19 -30.61 31.55 11.01
C PHE C 19 -29.47 31.49 9.99
N THR C 20 -28.75 30.36 9.98
CA THR C 20 -27.64 30.08 9.07
C THR C 20 -26.80 31.34 8.77
N ARG C 21 -26.44 32.03 9.83
CA ARG C 21 -25.79 33.33 9.75
C ARG C 21 -24.40 33.27 10.38
N GLY C 22 -23.49 34.09 9.87
CA GLY C 22 -22.16 34.19 10.43
C GLY C 22 -21.10 33.35 9.75
N VAL C 23 -21.01 33.47 8.43
CA VAL C 23 -20.00 32.77 7.64
C VAL C 23 -19.08 33.81 7.01
N TYR C 24 -17.77 33.61 7.16
CA TYR C 24 -16.77 34.53 6.62
C TYR C 24 -15.77 33.78 5.77
N TYR C 25 -15.05 34.53 4.95
CA TYR C 25 -14.03 33.94 4.08
C TYR C 25 -12.86 33.43 4.92
N PRO C 26 -12.50 32.14 4.83
CA PRO C 26 -11.41 31.63 5.67
C PRO C 26 -10.03 32.07 5.22
N ASP C 27 -9.83 32.30 3.92
CA ASP C 27 -8.52 32.66 3.39
C ASP C 27 -8.69 33.70 2.29
N LYS C 28 -7.56 34.18 1.79
CA LYS C 28 -7.51 35.18 0.73
C LYS C 28 -7.23 34.57 -0.63
N VAL C 29 -7.73 33.36 -0.89
CA VAL C 29 -7.48 32.63 -2.12
C VAL C 29 -8.76 32.59 -2.92
N PHE C 30 -8.67 32.89 -4.21
CA PHE C 30 -9.83 32.93 -5.09
C PHE C 30 -10.17 31.51 -5.54
N ARG C 31 -11.41 31.08 -5.28
CA ARG C 31 -11.92 29.80 -5.75
C ARG C 31 -13.28 30.03 -6.40
N SER C 32 -13.57 29.29 -7.47
CA SER C 32 -14.81 29.44 -8.21
C SER C 32 -15.39 28.07 -8.51
N SER C 33 -16.68 27.92 -8.25
CA SER C 33 -17.43 26.68 -8.50
C SER C 33 -16.75 25.48 -7.82
N VAL C 34 -16.58 25.60 -6.50
CA VAL C 34 -15.87 24.59 -5.71
C VAL C 34 -16.64 24.33 -4.43
N LEU C 35 -16.73 23.06 -4.06
CA LEU C 35 -17.21 22.66 -2.73
C LEU C 35 -16.00 22.47 -1.84
N HIS C 36 -15.80 23.38 -0.89
CA HIS C 36 -14.59 23.43 -0.09
C HIS C 36 -14.91 23.17 1.38
N SER C 37 -14.18 22.24 1.99
CA SER C 37 -14.37 21.90 3.39
C SER C 37 -13.30 22.59 4.24
N THR C 38 -13.73 23.19 5.35
CA THR C 38 -12.85 23.99 6.19
C THR C 38 -13.07 23.64 7.66
N GLN C 39 -12.06 23.96 8.47
CA GLN C 39 -11.99 23.60 9.88
C GLN C 39 -11.55 24.84 10.65
N ASP C 40 -12.51 25.59 11.20
CA ASP C 40 -12.15 26.85 11.81
C ASP C 40 -13.23 27.26 12.82
N LEU C 41 -13.04 28.43 13.43
CA LEU C 41 -13.98 28.92 14.43
C LEU C 41 -15.15 29.59 13.72
N PHE C 42 -16.35 29.03 13.89
CA PHE C 42 -17.55 29.53 13.25
C PHE C 42 -18.66 29.63 14.28
N LEU C 43 -19.69 30.39 13.92
CA LEU C 43 -20.91 30.43 14.72
C LEU C 43 -21.80 29.26 14.34
N PRO C 44 -22.19 28.40 15.28
CA PRO C 44 -23.00 27.24 14.92
C PRO C 44 -24.35 27.65 14.34
N PHE C 45 -24.83 26.87 13.39
CA PHE C 45 -26.11 27.16 12.76
C PHE C 45 -27.24 26.98 13.77
N PHE C 46 -28.25 27.86 13.68
CA PHE C 46 -29.39 27.85 14.58
C PHE C 46 -28.94 27.95 16.04
N SER C 47 -28.14 28.97 16.33
CA SER C 47 -27.65 29.22 17.67
C SER C 47 -28.59 30.13 18.43
N ASN C 48 -28.49 30.07 19.76
CA ASN C 48 -29.41 30.74 20.68
C ASN C 48 -28.72 32.02 21.15
N VAL C 49 -28.84 33.07 20.34
CA VAL C 49 -28.08 34.29 20.53
C VAL C 49 -28.85 35.25 21.44
N THR C 50 -28.14 36.23 21.99
CA THR C 50 -28.74 37.16 22.94
C THR C 50 -29.10 38.47 22.24
N TRP C 51 -30.24 39.05 22.65
CA TRP C 51 -30.80 40.23 22.03
C TRP C 51 -30.79 41.38 23.03
N PHE C 52 -30.26 42.53 22.61
CA PHE C 52 -30.31 43.75 23.40
C PHE C 52 -30.88 44.86 22.52
N HIS C 53 -31.62 45.78 23.14
CA HIS C 53 -32.24 46.85 22.39
C HIS C 53 -32.28 48.12 23.22
N ALA C 54 -32.27 49.25 22.52
CA ALA C 54 -32.39 50.58 23.13
C ALA C 54 -33.63 51.24 22.54
N ILE C 55 -34.64 51.43 23.39
CA ILE C 55 -35.89 52.10 23.04
C ILE C 55 -36.28 53.01 24.20
N HIS C 56 -37.22 53.91 23.92
CA HIS C 56 -37.68 54.88 24.92
C HIS C 56 -39.02 54.50 25.54
N VAL C 57 -39.80 53.63 24.89
CA VAL C 57 -41.13 53.23 25.35
C VAL C 57 -42.06 54.44 25.44
N LYS C 64 -37.90 52.87 30.24
CA LYS C 64 -37.07 52.89 29.02
C LYS C 64 -35.93 51.89 29.13
N ARG C 65 -35.47 51.40 28.00
CA ARG C 65 -34.43 50.38 27.94
C ARG C 65 -33.16 50.97 27.35
N PHE C 66 -32.03 50.76 28.03
CA PHE C 66 -30.73 51.22 27.56
C PHE C 66 -29.70 50.20 28.04
N ASP C 67 -29.35 49.25 27.19
CA ASP C 67 -28.54 48.11 27.57
C ASP C 67 -27.11 48.26 27.04
N ASN C 68 -26.15 48.18 27.95
CA ASN C 68 -24.74 48.10 27.60
C ASN C 68 -23.95 47.42 28.71
N PRO C 69 -24.23 46.15 29.00
CA PRO C 69 -23.52 45.47 30.08
C PRO C 69 -22.16 44.94 29.62
N VAL C 70 -21.42 44.39 30.58
CA VAL C 70 -20.14 43.78 30.30
C VAL C 70 -20.39 42.32 29.94
N LEU C 71 -19.96 41.92 28.74
CA LEU C 71 -20.18 40.56 28.28
C LEU C 71 -18.85 39.82 28.14
N PRO C 72 -18.85 38.50 28.32
CA PRO C 72 -17.60 37.74 28.18
C PRO C 72 -17.15 37.66 26.73
N PHE C 73 -15.91 37.22 26.55
CA PHE C 73 -15.28 37.08 25.24
C PHE C 73 -14.67 35.68 25.17
N ASN C 74 -15.39 34.75 24.56
CA ASN C 74 -15.01 33.34 24.52
C ASN C 74 -14.60 32.97 23.09
N ASP C 75 -13.30 33.05 22.82
CA ASP C 75 -12.66 32.63 21.57
C ASP C 75 -13.09 33.45 20.36
N GLY C 76 -13.92 34.46 20.54
CA GLY C 76 -14.41 35.27 19.43
C GLY C 76 -15.87 35.61 19.63
N VAL C 77 -16.29 36.70 18.99
CA VAL C 77 -17.64 37.22 19.15
C VAL C 77 -18.22 37.56 17.78
N TYR C 78 -19.45 37.13 17.53
CA TYR C 78 -20.24 37.57 16.39
C TYR C 78 -21.24 38.61 16.89
N PHE C 79 -21.16 39.82 16.33
CA PHE C 79 -21.93 40.96 16.80
C PHE C 79 -22.70 41.54 15.62
N ALA C 80 -24.03 41.47 15.68
CA ALA C 80 -24.88 42.04 14.65
C ALA C 80 -25.62 43.23 15.23
N SER C 81 -25.89 44.24 14.39
CA SER C 81 -26.57 45.44 14.83
C SER C 81 -27.54 45.92 13.78
N THR C 82 -28.79 46.15 14.18
CA THR C 82 -29.81 46.73 13.33
C THR C 82 -30.13 48.12 13.83
N GLU C 83 -30.01 49.11 12.95
CA GLU C 83 -30.20 50.51 13.35
C GLU C 83 -30.63 51.33 12.14
N LYS C 84 -31.13 52.53 12.44
CA LYS C 84 -31.53 53.50 11.43
C LYS C 84 -31.00 54.89 11.69
N SER C 85 -30.40 55.16 12.86
CA SER C 85 -29.92 56.49 13.20
C SER C 85 -28.46 56.49 13.66
N ASN C 86 -27.72 55.42 13.41
CA ASN C 86 -26.30 55.32 13.76
C ASN C 86 -26.10 55.52 15.27
N ILE C 87 -26.69 54.62 16.04
CA ILE C 87 -26.64 54.70 17.50
C ILE C 87 -25.45 53.91 18.03
N ILE C 88 -25.38 52.63 17.65
CA ILE C 88 -24.30 51.76 18.11
C ILE C 88 -23.00 52.22 17.43
N ARG C 89 -22.06 52.74 18.22
CA ARG C 89 -20.90 53.38 17.61
C ARG C 89 -19.58 53.12 18.33
N GLY C 90 -19.48 52.08 19.15
CA GLY C 90 -18.18 51.81 19.75
C GLY C 90 -18.11 50.45 20.42
N TRP C 91 -16.87 50.00 20.63
CA TRP C 91 -16.59 48.80 21.39
C TRP C 91 -15.37 49.01 22.28
N ILE C 92 -15.38 48.34 23.43
CA ILE C 92 -14.29 48.36 24.39
C ILE C 92 -13.95 46.92 24.74
N PHE C 93 -12.68 46.55 24.60
CA PHE C 93 -12.21 45.21 24.93
C PHE C 93 -11.17 45.30 26.02
N GLY C 94 -11.16 44.33 26.92
CA GLY C 94 -10.16 44.34 27.98
C GLY C 94 -10.34 43.18 28.92
N THR C 95 -9.52 43.17 29.98
CA THR C 95 -9.54 42.13 30.99
C THR C 95 -10.21 42.61 32.28
N THR C 96 -9.80 43.75 32.81
CA THR C 96 -10.38 44.31 34.03
C THR C 96 -10.94 45.70 33.85
N LEU C 97 -10.46 46.48 32.89
CA LEU C 97 -10.96 47.83 32.62
C LEU C 97 -10.84 48.72 33.86
N ASP C 98 -9.75 48.59 34.60
CA ASP C 98 -9.56 49.30 35.86
C ASP C 98 -8.16 49.88 35.95
N SER C 99 -7.63 50.34 34.82
CA SER C 99 -6.34 51.03 34.73
C SER C 99 -5.18 50.17 35.23
N LYS C 100 -5.38 48.86 35.40
CA LYS C 100 -4.31 47.96 35.78
C LYS C 100 -3.85 47.07 34.64
N THR C 101 -4.63 46.97 33.57
CA THR C 101 -4.27 46.19 32.39
C THR C 101 -4.63 47.00 31.15
N GLN C 102 -3.92 46.73 30.05
CA GLN C 102 -4.16 47.44 28.81
C GLN C 102 -5.54 47.10 28.25
N SER C 103 -6.15 48.07 27.59
CA SER C 103 -7.48 47.89 27.01
C SER C 103 -7.49 48.46 25.59
N LEU C 104 -8.36 47.90 24.76
CA LEU C 104 -8.53 48.30 23.37
C LEU C 104 -9.84 49.05 23.21
N LEU C 105 -9.82 50.17 22.50
CA LEU C 105 -10.96 51.04 22.32
C LEU C 105 -11.15 51.34 20.84
N ILE C 106 -12.36 51.13 20.34
CA ILE C 106 -12.71 51.47 18.96
C ILE C 106 -13.96 52.35 19.01
N VAL C 107 -13.83 53.60 18.58
CA VAL C 107 -14.93 54.57 18.68
C VAL C 107 -15.05 55.34 17.37
N ASN C 108 -16.30 55.48 16.90
CA ASN C 108 -16.64 56.39 15.81
C ASN C 108 -17.42 57.54 16.42
N ASN C 109 -16.80 58.71 16.50
CA ASN C 109 -17.40 59.89 17.12
C ASN C 109 -17.89 60.89 16.09
N ALA C 110 -18.37 60.39 14.95
CA ALA C 110 -18.94 61.16 13.84
C ALA C 110 -17.93 62.06 13.14
N THR C 111 -16.66 62.03 13.54
CA THR C 111 -15.63 62.80 12.87
C THR C 111 -14.45 61.92 12.49
N ASN C 112 -14.13 60.96 13.35
CA ASN C 112 -12.99 60.08 13.12
C ASN C 112 -13.28 58.72 13.71
N VAL C 113 -12.55 57.72 13.22
CA VAL C 113 -12.59 56.36 13.74
C VAL C 113 -11.29 56.16 14.52
N VAL C 114 -11.36 56.18 15.84
CA VAL C 114 -10.19 56.07 16.69
C VAL C 114 -10.08 54.65 17.21
N ILE C 115 -8.91 54.05 17.01
CA ILE C 115 -8.56 52.74 17.57
C ILE C 115 -7.33 52.93 18.42
N LYS C 116 -7.45 52.60 19.72
CA LYS C 116 -6.37 52.85 20.67
C LYS C 116 -6.19 51.65 21.58
N VAL C 117 -4.97 51.13 21.64
CA VAL C 117 -4.57 50.17 22.67
C VAL C 117 -3.82 50.97 23.73
N CYS C 118 -4.36 50.99 24.95
CA CYS C 118 -3.99 52.04 25.85
C CYS C 118 -4.49 51.67 27.24
N GLU C 119 -3.82 52.19 28.27
CA GLU C 119 -4.20 51.90 29.66
C GLU C 119 -5.26 52.92 30.07
N PHE C 120 -6.52 52.55 29.89
CA PHE C 120 -7.65 53.44 30.17
C PHE C 120 -8.17 53.23 31.59
N GLN C 121 -8.88 54.24 32.07
CA GLN C 121 -9.62 54.17 33.33
C GLN C 121 -11.09 54.37 32.97
N PHE C 122 -11.76 53.27 32.66
CA PHE C 122 -13.17 53.33 32.27
C PHE C 122 -14.06 53.42 33.50
N CYS C 123 -15.07 54.28 33.44
CA CYS C 123 -16.02 54.41 34.52
C CYS C 123 -17.22 53.48 34.26
N ASN C 124 -18.20 53.54 35.17
CA ASN C 124 -19.28 52.55 35.16
C ASN C 124 -20.12 52.63 33.89
N ASP C 125 -20.49 53.83 33.47
CA ASP C 125 -21.42 54.03 32.36
C ASP C 125 -20.75 54.87 31.27
N PRO C 126 -20.10 54.24 30.30
CA PRO C 126 -19.54 54.98 29.17
C PRO C 126 -20.54 55.09 28.02
N PHE C 127 -20.62 56.27 27.44
CA PHE C 127 -21.57 56.52 26.37
C PHE C 127 -21.16 57.80 25.63
N LEU C 128 -21.91 58.10 24.57
CA LEU C 128 -21.75 59.33 23.80
C LEU C 128 -23.10 60.01 23.72
N GLY C 129 -23.09 61.33 23.52
CA GLY C 129 -24.31 62.11 23.58
C GLY C 129 -24.49 63.12 22.49
N VAL C 130 -25.67 63.10 21.86
CA VAL C 130 -26.04 64.02 20.81
C VAL C 130 -27.09 64.99 21.35
N TYR C 131 -27.03 66.23 20.87
CA TYR C 131 -27.95 67.28 21.29
C TYR C 131 -28.72 67.81 20.09
N TYR C 132 -30.00 68.10 20.29
CA TYR C 132 -30.87 68.63 19.25
C TYR C 132 -31.20 70.09 19.55
N HIS C 133 -31.03 70.95 18.55
CA HIS C 133 -31.28 72.38 18.71
C HIS C 133 -32.61 72.74 18.06
N LYS C 134 -33.46 73.42 18.83
CA LYS C 134 -34.80 73.74 18.35
C LYS C 134 -34.79 74.90 17.36
N ASN C 135 -33.92 75.90 17.58
CA ASN C 135 -33.98 77.11 16.77
C ASN C 135 -33.69 76.82 15.29
N ASN C 136 -32.69 75.98 15.02
CA ASN C 136 -32.40 75.58 13.65
C ASN C 136 -32.17 74.07 13.61
N LYS C 137 -32.53 73.47 12.48
CA LYS C 137 -32.49 72.01 12.36
C LYS C 137 -31.06 71.51 12.20
N SER C 138 -30.42 71.16 13.31
CA SER C 138 -29.04 70.68 13.28
C SER C 138 -28.80 69.77 14.49
N TRP C 139 -28.59 68.49 14.24
CA TRP C 139 -28.19 67.55 15.28
C TRP C 139 -26.67 67.46 15.31
N MET C 140 -26.08 67.62 16.50
CA MET C 140 -24.65 67.58 16.66
C MET C 140 -24.28 66.74 17.88
N GLU C 141 -23.20 65.97 17.74
CA GLU C 141 -22.64 65.22 18.86
C GLU C 141 -21.88 66.18 19.78
N SER C 142 -22.14 66.08 21.08
CA SER C 142 -21.57 67.02 22.04
C SER C 142 -20.95 66.38 23.26
N GLU C 143 -21.33 65.16 23.64
CA GLU C 143 -20.86 64.55 24.88
C GLU C 143 -20.02 63.31 24.57
N PHE C 144 -18.83 63.25 25.18
CA PHE C 144 -17.94 62.09 25.06
C PHE C 144 -17.46 61.75 26.46
N ARG C 145 -17.99 60.68 27.04
CA ARG C 145 -17.78 60.32 28.44
C ARG C 145 -17.38 58.86 28.58
N VAL C 146 -16.40 58.43 27.78
CA VAL C 146 -15.99 57.03 27.80
C VAL C 146 -15.03 56.76 28.97
N TYR C 147 -13.89 57.43 28.98
CA TYR C 147 -12.86 57.21 29.99
C TYR C 147 -12.52 58.52 30.69
N SER C 148 -11.59 58.44 31.64
CA SER C 148 -11.13 59.60 32.39
C SER C 148 -9.63 59.86 32.29
N SER C 149 -8.83 58.81 32.06
CA SER C 149 -7.38 58.98 31.96
C SER C 149 -6.81 57.86 31.10
N ALA C 150 -5.61 58.09 30.57
CA ALA C 150 -4.96 57.12 29.70
C ALA C 150 -3.46 57.35 29.74
N ASN C 151 -2.71 56.30 30.10
CA ASN C 151 -1.26 56.33 30.17
C ASN C 151 -0.69 55.12 29.44
N ASN C 152 0.63 55.13 29.25
CA ASN C 152 1.36 54.01 28.66
C ASN C 152 0.73 53.58 27.33
N CYS C 153 0.49 54.57 26.47
CA CYS C 153 -0.52 54.44 25.43
C CYS C 153 0.18 53.98 24.15
N THR C 154 0.00 52.70 23.80
CA THR C 154 0.85 52.07 22.79
C THR C 154 0.38 52.33 21.36
N PHE C 155 -0.82 51.86 21.02
CA PHE C 155 -1.27 51.92 19.64
C PHE C 155 -1.89 53.27 19.31
N GLU C 156 -1.97 53.56 18.01
CA GLU C 156 -2.50 54.83 17.53
C GLU C 156 -3.04 54.66 16.13
N TYR C 157 -4.29 55.09 15.92
CA TYR C 157 -4.87 55.11 14.57
C TYR C 157 -6.04 56.08 14.56
N VAL C 158 -5.94 57.12 13.73
CA VAL C 158 -7.01 58.08 13.53
C VAL C 158 -7.27 58.20 12.04
N SER C 159 -8.52 58.00 11.63
CA SER C 159 -8.87 58.04 10.22
C SER C 159 -9.03 59.48 9.74
N GLN C 160 -9.31 59.63 8.45
CA GLN C 160 -9.55 60.95 7.89
C GLN C 160 -10.87 61.51 8.37
N PRO C 161 -10.99 62.84 8.51
CA PRO C 161 -12.24 63.43 9.01
C PRO C 161 -13.39 63.22 8.04
N PHE C 162 -14.59 63.15 8.61
CA PHE C 162 -15.82 62.98 7.84
C PHE C 162 -17.00 63.42 8.70
N LEU C 163 -18.16 63.54 8.05
CA LEU C 163 -19.40 63.90 8.72
C LEU C 163 -20.41 62.77 8.53
N MET C 164 -21.06 62.38 9.62
CA MET C 164 -22.00 61.25 9.61
C MET C 164 -23.42 61.76 9.87
N ASP C 165 -24.37 61.17 9.15
CA ASP C 165 -25.79 61.54 9.29
C ASP C 165 -26.30 60.99 10.61
N LEU C 166 -26.25 61.81 11.66
CA LEU C 166 -26.70 61.43 12.99
C LEU C 166 -28.03 62.08 13.37
N GLU C 167 -28.74 62.64 12.40
CA GLU C 167 -30.05 63.22 12.66
C GLU C 167 -31.05 62.14 13.05
N GLY C 168 -31.94 62.50 13.98
CA GLY C 168 -32.95 61.57 14.45
C GLY C 168 -33.91 61.14 13.37
N LYS C 169 -33.98 59.83 13.10
CA LYS C 169 -34.88 59.27 12.09
C LYS C 169 -35.67 58.13 12.71
N GLN C 170 -36.94 58.06 12.37
CA GLN C 170 -37.84 57.03 12.86
C GLN C 170 -38.45 56.28 11.68
N GLY C 171 -39.28 55.28 11.99
CA GLY C 171 -39.90 54.47 10.96
C GLY C 171 -39.55 53.00 11.07
N ASN C 172 -38.80 52.50 10.10
CA ASN C 172 -38.44 51.09 10.03
C ASN C 172 -36.92 50.95 10.01
N PHE C 173 -36.43 49.88 10.63
CA PHE C 173 -34.99 49.62 10.65
C PHE C 173 -34.45 49.44 9.24
N LYS C 174 -33.29 50.03 8.98
CA LYS C 174 -32.74 50.06 7.63
C LYS C 174 -31.41 49.33 7.50
N ASN C 175 -30.44 49.63 8.37
CA ASN C 175 -29.08 49.15 8.18
C ASN C 175 -28.77 48.01 9.14
N LEU C 176 -28.24 46.91 8.61
CA LEU C 176 -27.76 45.79 9.39
C LEU C 176 -26.25 45.66 9.19
N ARG C 177 -25.50 45.73 10.27
CA ARG C 177 -24.05 45.63 10.22
C ARG C 177 -23.60 44.45 11.06
N GLU C 178 -22.81 43.56 10.46
CA GLU C 178 -22.33 42.35 11.12
C GLU C 178 -20.81 42.40 11.25
N PHE C 179 -20.32 42.00 12.41
CA PHE C 179 -18.90 41.94 12.71
C PHE C 179 -18.55 40.61 13.35
N VAL C 180 -17.32 40.16 13.09
CA VAL C 180 -16.75 39.00 13.77
C VAL C 180 -15.38 39.41 14.28
N PHE C 181 -15.19 39.31 15.60
CA PHE C 181 -13.92 39.62 16.23
C PHE C 181 -13.29 38.35 16.77
N LYS C 182 -12.00 38.16 16.52
CA LYS C 182 -11.28 37.05 17.15
C LYS C 182 -9.85 37.45 17.43
N ASN C 183 -9.34 37.05 18.59
CA ASN C 183 -8.01 37.43 19.05
C ASN C 183 -7.16 36.16 19.14
N ILE C 184 -6.20 36.02 18.23
CA ILE C 184 -5.36 34.83 18.16
C ILE C 184 -3.92 35.24 17.94
N ASP C 185 -3.01 34.71 18.77
CA ASP C 185 -1.57 34.89 18.62
C ASP C 185 -1.17 36.35 18.53
N GLY C 186 -1.79 37.19 19.35
CA GLY C 186 -1.48 38.59 19.38
C GLY C 186 -2.11 39.41 18.27
N TYR C 187 -2.90 38.79 17.40
CA TYR C 187 -3.56 39.47 16.30
C TYR C 187 -5.05 39.54 16.57
N PHE C 188 -5.59 40.76 16.54
CA PHE C 188 -7.03 41.01 16.67
C PHE C 188 -7.58 41.15 15.26
N LYS C 189 -8.32 40.14 14.80
CA LYS C 189 -8.85 40.09 13.45
C LYS C 189 -10.32 40.44 13.47
N ILE C 190 -10.70 41.41 12.64
CA ILE C 190 -12.07 41.89 12.54
C ILE C 190 -12.54 41.70 11.11
N TYR C 191 -13.66 40.99 10.94
CA TYR C 191 -14.37 40.85 9.68
C TYR C 191 -15.67 41.64 9.77
N SER C 192 -16.04 42.32 8.69
CA SER C 192 -17.21 43.19 8.70
C SER C 192 -18.04 43.00 7.44
N LYS C 193 -19.32 43.34 7.55
CA LYS C 193 -20.24 43.30 6.42
C LYS C 193 -21.41 44.23 6.72
N HIS C 194 -21.94 44.85 5.66
CA HIS C 194 -23.07 45.77 5.75
C HIS C 194 -24.15 45.36 4.77
N THR C 195 -25.41 45.47 5.19
CA THR C 195 -26.55 45.07 4.38
C THR C 195 -27.72 46.02 4.58
N PRO C 196 -28.42 46.39 3.50
CA PRO C 196 -29.69 47.12 3.66
C PRO C 196 -30.86 46.18 3.84
N ILE C 197 -31.70 46.43 4.84
CA ILE C 197 -32.86 45.60 5.13
C ILE C 197 -34.06 46.49 5.39
N ASN C 198 -35.23 45.86 5.51
CA ASN C 198 -36.46 46.60 5.79
C ASN C 198 -37.31 45.94 6.88
N LEU C 199 -36.71 45.08 7.69
CA LEU C 199 -37.44 44.44 8.79
C LEU C 199 -37.53 45.40 9.98
N VAL C 200 -38.36 45.03 10.94
CA VAL C 200 -38.70 45.90 12.06
C VAL C 200 -38.15 45.39 13.38
N ARG C 201 -38.13 44.08 13.58
CA ARG C 201 -37.86 43.52 14.90
C ARG C 201 -36.58 42.69 14.97
N ASP C 202 -36.46 41.66 14.13
CA ASP C 202 -35.44 40.63 14.34
C ASP C 202 -34.51 40.54 13.13
N LEU C 203 -33.57 39.61 13.22
CA LEU C 203 -32.61 39.40 12.15
C LEU C 203 -33.31 38.79 10.93
N PRO C 204 -33.10 39.32 9.74
CA PRO C 204 -33.68 38.71 8.55
C PRO C 204 -33.06 37.34 8.28
N GLN C 205 -33.84 36.46 7.66
CA GLN C 205 -33.37 35.14 7.30
C GLN C 205 -32.71 35.20 5.92
N GLY C 206 -31.46 34.76 5.85
CA GLY C 206 -30.72 34.81 4.60
C GLY C 206 -29.28 34.42 4.82
N PHE C 207 -28.50 34.56 3.77
CA PHE C 207 -27.08 34.22 3.78
C PHE C 207 -26.26 35.41 3.33
N SER C 208 -25.14 35.65 4.00
CA SER C 208 -24.24 36.73 3.65
C SER C 208 -22.83 36.39 4.14
N ALA C 209 -21.85 36.49 3.25
CA ALA C 209 -20.48 36.19 3.58
C ALA C 209 -19.77 37.44 4.07
N LEU C 210 -18.96 37.30 5.12
CA LEU C 210 -18.24 38.41 5.72
C LEU C 210 -16.81 38.44 5.17
N GLU C 211 -16.40 39.62 4.69
CA GLU C 211 -15.08 39.79 4.12
C GLU C 211 -14.10 40.31 5.17
N PRO C 212 -12.82 39.95 5.06
CA PRO C 212 -11.83 40.46 6.03
C PRO C 212 -11.77 41.97 6.00
N LEU C 213 -11.64 42.57 7.19
CA LEU C 213 -11.58 44.01 7.32
C LEU C 213 -10.24 44.49 7.85
N VAL C 214 -9.80 44.01 9.02
CA VAL C 214 -8.58 44.53 9.62
C VAL C 214 -7.93 43.47 10.51
N ASP C 215 -6.61 43.60 10.67
CA ASP C 215 -5.82 42.73 11.54
C ASP C 215 -4.88 43.63 12.33
N LEU C 216 -5.19 43.83 13.62
CA LEU C 216 -4.42 44.72 14.47
C LEU C 216 -3.40 43.93 15.28
N PRO C 217 -2.11 44.26 15.24
CA PRO C 217 -1.10 43.60 16.10
C PRO C 217 -1.03 44.24 17.49
N ILE C 218 -1.98 43.86 18.35
CA ILE C 218 -2.17 44.53 19.63
C ILE C 218 -1.47 43.77 20.77
N GLY C 219 -1.60 42.44 20.80
CA GLY C 219 -1.01 41.65 21.87
C GLY C 219 -1.61 41.94 23.23
N ILE C 220 -2.90 41.63 23.41
CA ILE C 220 -3.62 41.91 24.64
C ILE C 220 -4.34 40.64 25.09
N ASN C 221 -4.38 40.42 26.40
CA ASN C 221 -5.22 39.39 26.99
C ASN C 221 -6.64 39.95 27.08
N ILE C 222 -7.53 39.46 26.22
CA ILE C 222 -8.90 39.95 26.13
C ILE C 222 -9.85 38.87 26.62
N THR C 223 -10.66 39.21 27.62
CA THR C 223 -11.66 38.30 28.15
C THR C 223 -13.05 38.91 28.29
N ARG C 224 -13.18 40.24 28.32
CA ARG C 224 -14.46 40.91 28.45
C ARG C 224 -14.53 42.07 27.46
N PHE C 225 -15.76 42.45 27.12
CA PHE C 225 -15.98 43.56 26.20
C PHE C 225 -17.31 44.22 26.51
N GLN C 226 -17.46 45.45 26.00
CA GLN C 226 -18.62 46.28 26.25
C GLN C 226 -18.91 47.11 25.01
N THR C 227 -20.16 47.55 24.89
CA THR C 227 -20.64 48.27 23.73
C THR C 227 -20.89 49.73 24.08
N LEU C 228 -20.53 50.63 23.15
CA LEU C 228 -20.65 52.06 23.33
C LEU C 228 -21.75 52.57 22.41
N LEU C 229 -22.86 53.01 23.01
CA LEU C 229 -24.02 53.54 22.30
C LEU C 229 -24.01 55.07 22.37
N ALA C 230 -25.04 55.67 21.77
CA ALA C 230 -25.20 57.12 21.79
C ALA C 230 -26.65 57.44 22.15
N LEU C 231 -26.83 58.36 23.10
CA LEU C 231 -28.15 58.81 23.50
C LEU C 231 -28.41 60.19 22.91
N HIS C 232 -29.60 60.72 23.19
CA HIS C 232 -30.02 62.02 22.68
C HIS C 232 -30.40 62.93 23.84
N ARG C 233 -30.00 64.19 23.75
CA ARG C 233 -30.35 65.21 24.73
C ARG C 233 -31.26 66.23 24.06
N SER C 234 -32.43 66.45 24.65
CA SER C 234 -33.43 67.33 24.07
C SER C 234 -34.00 68.22 25.17
N TYR C 235 -34.57 69.35 24.75
CA TYR C 235 -35.20 70.29 25.67
C TYR C 235 -36.48 69.74 26.29
N LEU C 236 -37.01 68.63 25.78
CA LEU C 236 -38.25 68.08 26.31
C LEU C 236 -38.08 67.64 27.77
N THR C 237 -36.96 66.98 28.09
CA THR C 237 -36.73 66.48 29.43
C THR C 237 -35.80 67.42 30.17
N PRO C 238 -36.22 68.03 31.28
CA PRO C 238 -35.39 69.05 31.93
C PRO C 238 -34.37 68.51 32.91
N GLY C 239 -34.09 67.22 32.86
CA GLY C 239 -33.11 66.64 33.75
C GLY C 239 -31.71 67.19 33.49
N ASP C 240 -30.88 67.16 34.53
CA ASP C 240 -29.56 67.78 34.44
C ASP C 240 -28.59 66.89 33.65
N SER C 241 -28.24 65.72 34.19
CA SER C 241 -27.39 64.79 33.48
C SER C 241 -27.86 63.34 33.53
N SER C 242 -28.58 62.92 34.56
CA SER C 242 -28.94 61.52 34.74
C SER C 242 -30.41 61.22 34.45
N SER C 243 -31.27 62.25 34.40
CA SER C 243 -32.67 62.06 34.09
C SER C 243 -33.11 62.75 32.81
N GLY C 244 -32.26 63.59 32.21
CA GLY C 244 -32.63 64.33 31.02
C GLY C 244 -32.21 63.66 29.74
N TRP C 245 -31.93 62.35 29.80
CA TRP C 245 -31.49 61.60 28.64
C TRP C 245 -32.65 60.79 28.09
N THR C 246 -32.84 60.86 26.77
CA THR C 246 -33.82 60.04 26.07
C THR C 246 -33.07 59.16 25.07
N ALA C 247 -33.43 57.88 25.05
CA ALA C 247 -32.74 56.92 24.21
C ALA C 247 -33.29 56.95 22.78
N GLY C 248 -32.52 56.37 21.87
CA GLY C 248 -32.96 56.24 20.49
C GLY C 248 -33.69 54.93 20.28
N ALA C 249 -33.49 54.32 19.11
CA ALA C 249 -34.12 53.04 18.79
C ALA C 249 -33.13 52.21 17.98
N ALA C 250 -32.57 51.18 18.61
CA ALA C 250 -31.60 50.33 17.93
C ALA C 250 -31.58 48.96 18.60
N ALA C 251 -30.96 48.00 17.93
CA ALA C 251 -30.85 46.67 18.54
C ALA C 251 -29.54 46.03 18.11
N TYR C 252 -29.04 45.13 18.96
CA TYR C 252 -27.86 44.35 18.61
C TYR C 252 -27.95 42.96 19.22
N TYR C 253 -27.43 41.99 18.48
CA TYR C 253 -27.47 40.58 18.84
C TYR C 253 -26.04 40.06 18.97
N VAL C 254 -25.83 39.24 20.00
CA VAL C 254 -24.50 38.76 20.37
C VAL C 254 -24.51 37.23 20.34
N GLY C 255 -23.47 36.66 19.72
CA GLY C 255 -23.27 35.23 19.74
C GLY C 255 -21.80 34.91 19.87
N TYR C 256 -21.52 33.66 20.25
CA TYR C 256 -20.17 33.19 20.51
C TYR C 256 -19.77 32.12 19.52
N LEU C 257 -18.49 32.11 19.15
CA LEU C 257 -17.98 31.20 18.13
C LEU C 257 -17.40 29.94 18.77
N GLN C 258 -17.43 28.85 18.02
CA GLN C 258 -16.88 27.56 18.45
C GLN C 258 -16.14 26.91 17.28
N PRO C 259 -15.15 26.07 17.57
CA PRO C 259 -14.45 25.35 16.49
C PRO C 259 -15.37 24.34 15.83
N ARG C 260 -15.54 24.47 14.51
CA ARG C 260 -16.47 23.63 13.76
C ARG C 260 -15.92 23.40 12.36
N THR C 261 -16.51 22.40 11.70
CA THR C 261 -16.24 22.08 10.31
C THR C 261 -17.38 22.60 9.46
N PHE C 262 -17.03 23.29 8.36
CA PHE C 262 -18.03 23.87 7.48
C PHE C 262 -17.74 23.45 6.04
N LEU C 263 -18.81 23.28 5.27
CA LEU C 263 -18.70 22.98 3.85
C LEU C 263 -19.27 24.15 3.06
N LEU C 264 -18.40 24.93 2.44
CA LEU C 264 -18.79 26.14 1.72
C LEU C 264 -18.87 25.87 0.23
N LYS C 265 -19.74 26.62 -0.45
CA LYS C 265 -19.95 26.50 -1.88
C LYS C 265 -19.55 27.80 -2.56
N TYR C 266 -18.54 27.75 -3.42
CA TYR C 266 -18.12 28.89 -4.22
C TYR C 266 -18.75 28.76 -5.60
N ASN C 267 -19.48 29.79 -6.01
CA ASN C 267 -20.19 29.78 -7.29
C ASN C 267 -19.20 30.07 -8.43
N GLU C 268 -19.73 30.30 -9.63
CA GLU C 268 -18.89 30.57 -10.78
C GLU C 268 -18.15 31.90 -10.63
N ASN C 269 -18.83 32.91 -10.09
CA ASN C 269 -18.20 34.22 -9.94
C ASN C 269 -17.17 34.25 -8.81
N GLY C 270 -17.27 33.34 -7.86
CA GLY C 270 -16.30 33.27 -6.79
C GLY C 270 -16.79 33.87 -5.48
N THR C 271 -18.08 33.80 -5.23
CA THR C 271 -18.70 34.31 -4.01
C THR C 271 -19.40 33.19 -3.28
N ILE C 272 -19.22 33.14 -1.95
CA ILE C 272 -19.86 32.12 -1.15
C ILE C 272 -21.37 32.33 -1.16
N THR C 273 -22.11 31.30 -1.55
CA THR C 273 -23.56 31.36 -1.61
C THR C 273 -24.26 30.45 -0.61
N ASP C 274 -23.65 29.33 -0.25
CA ASP C 274 -24.26 28.40 0.69
C ASP C 274 -23.18 27.73 1.52
N ALA C 275 -23.59 27.26 2.70
CA ALA C 275 -22.68 26.58 3.61
C ALA C 275 -23.46 25.55 4.41
N VAL C 276 -22.77 24.50 4.81
CA VAL C 276 -23.31 23.43 5.64
C VAL C 276 -22.49 23.39 6.92
N ASP C 277 -23.17 23.60 8.06
CA ASP C 277 -22.54 23.41 9.37
C ASP C 277 -22.49 21.92 9.63
N CYS C 278 -21.28 21.36 9.61
CA CYS C 278 -21.13 19.92 9.60
C CYS C 278 -21.14 19.40 11.04
N ALA C 279 -21.66 18.18 11.20
CA ALA C 279 -21.92 17.59 12.52
C ALA C 279 -22.92 18.39 13.34
N LEU C 280 -23.86 19.07 12.65
CA LEU C 280 -24.98 19.70 13.34
C LEU C 280 -26.08 18.70 13.62
N ASP C 281 -26.60 18.07 12.59
CA ASP C 281 -27.53 16.95 12.65
C ASP C 281 -27.02 15.88 11.71
N PRO C 282 -27.43 14.62 11.90
CA PRO C 282 -26.86 13.54 11.09
C PRO C 282 -27.04 13.72 9.59
N LEU C 283 -28.11 14.40 9.16
CA LEU C 283 -28.25 14.73 7.75
C LEU C 283 -27.10 15.61 7.27
N SER C 284 -26.68 16.56 8.10
CA SER C 284 -25.52 17.38 7.74
C SER C 284 -24.26 16.53 7.63
N GLU C 285 -24.10 15.55 8.52
CA GLU C 285 -22.95 14.66 8.43
C GLU C 285 -22.98 13.85 7.13
N THR C 286 -24.17 13.38 6.73
CA THR C 286 -24.30 12.69 5.46
C THR C 286 -23.92 13.61 4.29
N LYS C 287 -24.35 14.87 4.36
CA LYS C 287 -23.97 15.84 3.34
C LYS C 287 -22.46 16.07 3.33
N CYS C 288 -21.84 16.06 4.50
CA CYS C 288 -20.39 16.19 4.58
C CYS C 288 -19.70 15.03 3.88
N THR C 289 -20.16 13.81 4.16
CA THR C 289 -19.56 12.62 3.59
C THR C 289 -19.75 12.58 2.07
N LEU C 290 -20.93 12.95 1.59
CA LEU C 290 -21.20 12.93 0.15
C LEU C 290 -20.67 14.17 -0.57
N LYS C 291 -20.25 15.19 0.17
CA LYS C 291 -19.72 16.43 -0.41
C LYS C 291 -20.71 17.07 -1.38
N SER C 292 -21.98 17.10 -0.99
CA SER C 292 -23.02 17.69 -1.84
C SER C 292 -24.18 18.12 -0.97
N PHE C 293 -24.98 19.04 -1.51
CA PHE C 293 -26.17 19.53 -0.80
C PHE C 293 -27.39 18.64 -1.02
N THR C 294 -27.32 17.67 -1.92
CA THR C 294 -28.44 16.81 -2.23
C THR C 294 -28.11 15.37 -1.90
N VAL C 295 -29.05 14.67 -1.28
CA VAL C 295 -28.88 13.29 -0.84
C VAL C 295 -30.02 12.46 -1.41
N GLU C 296 -29.67 11.33 -2.03
CA GLU C 296 -30.66 10.43 -2.60
C GLU C 296 -31.35 9.61 -1.50
N LYS C 297 -32.48 9.00 -1.86
CA LYS C 297 -33.22 8.20 -0.92
C LYS C 297 -32.46 6.92 -0.57
N GLY C 298 -32.39 6.61 0.72
CA GLY C 298 -31.72 5.40 1.16
C GLY C 298 -31.40 5.46 2.64
N ILE C 299 -30.38 4.69 3.01
CA ILE C 299 -29.87 4.63 4.37
C ILE C 299 -28.34 4.74 4.32
N TYR C 300 -27.79 5.57 5.20
CA TYR C 300 -26.37 5.84 5.23
C TYR C 300 -25.82 5.63 6.63
N GLN C 301 -24.51 5.39 6.71
CA GLN C 301 -23.85 5.15 7.98
C GLN C 301 -23.05 6.38 8.38
N THR C 302 -23.22 6.83 9.63
CA THR C 302 -22.49 7.97 10.13
C THR C 302 -21.51 7.53 11.22
N SER C 303 -20.86 8.49 11.84
CA SER C 303 -19.90 8.19 12.89
C SER C 303 -20.61 7.58 14.10
N ASN C 304 -19.86 6.81 14.88
CA ASN C 304 -20.41 6.17 16.07
C ASN C 304 -20.80 7.23 17.10
N PHE C 305 -21.54 6.78 18.12
CA PHE C 305 -22.02 7.69 19.16
C PHE C 305 -20.82 8.12 20.00
N ARG C 306 -20.29 9.28 19.67
CA ARG C 306 -19.07 9.79 20.29
C ARG C 306 -19.45 10.85 21.32
N VAL C 307 -19.07 10.63 22.57
CA VAL C 307 -19.50 11.45 23.69
C VAL C 307 -18.34 12.29 24.18
N GLN C 308 -18.59 13.58 24.45
CA GLN C 308 -17.63 14.57 24.92
C GLN C 308 -17.43 14.46 26.43
N PRO C 309 -16.23 14.75 26.92
CA PRO C 309 -15.98 14.69 28.36
C PRO C 309 -16.65 15.86 29.09
N THR C 310 -16.79 15.67 30.40
CA THR C 310 -17.43 16.66 31.26
C THR C 310 -16.44 17.57 31.99
N GLU C 311 -15.47 16.99 32.70
CA GLU C 311 -14.53 17.75 33.50
C GLU C 311 -13.15 17.13 33.38
N SER C 312 -12.18 17.73 34.08
CA SER C 312 -10.81 17.26 34.08
C SER C 312 -10.32 17.10 35.52
N ILE C 313 -9.53 16.05 35.75
CA ILE C 313 -8.99 15.76 37.07
C ILE C 313 -7.49 15.54 36.96
N VAL C 314 -6.80 15.74 38.09
CA VAL C 314 -5.36 15.52 38.20
C VAL C 314 -5.11 14.75 39.49
N ARG C 315 -4.35 13.66 39.38
CA ARG C 315 -4.02 12.82 40.54
C ARG C 315 -2.50 12.61 40.58
N PHE C 316 -1.82 13.36 41.44
CA PHE C 316 -0.40 13.23 41.70
C PHE C 316 -0.17 12.77 43.14
N PRO C 317 0.91 12.04 43.40
CA PRO C 317 1.23 11.71 44.80
C PRO C 317 1.50 12.97 45.60
N ASN C 318 1.06 12.96 46.85
CA ASN C 318 1.15 14.13 47.72
C ASN C 318 2.49 14.17 48.45
N ILE C 319 3.40 14.99 47.93
CA ILE C 319 4.72 15.19 48.53
C ILE C 319 4.91 16.68 48.72
N THR C 320 5.38 17.07 49.91
CA THR C 320 5.49 18.48 50.27
C THR C 320 6.92 19.02 50.20
N ASN C 321 7.93 18.16 50.29
CA ASN C 321 9.31 18.63 50.34
C ASN C 321 9.78 19.10 48.97
N LEU C 322 10.71 20.04 48.99
CA LEU C 322 11.38 20.54 47.80
C LEU C 322 12.82 20.02 47.83
N CYS C 323 13.14 19.10 46.91
CA CYS C 323 14.44 18.47 46.94
C CYS C 323 15.54 19.47 46.58
N PRO C 324 16.77 19.23 47.04
CA PRO C 324 17.79 20.30 47.02
C PRO C 324 18.17 20.73 45.62
N PHE C 325 17.89 21.99 45.31
CA PHE C 325 18.49 22.68 44.18
C PHE C 325 19.74 23.44 44.57
N GLY C 326 20.09 23.44 45.86
CA GLY C 326 21.27 24.14 46.33
C GLY C 326 22.42 23.21 46.69
N GLU C 327 22.12 21.93 46.84
CA GLU C 327 23.16 20.92 47.04
C GLU C 327 23.62 20.29 45.73
N VAL C 328 22.98 20.63 44.62
CA VAL C 328 23.38 20.15 43.30
C VAL C 328 23.93 21.27 42.43
N PHE C 329 23.33 22.46 42.50
CA PHE C 329 23.75 23.60 41.70
C PHE C 329 24.50 24.65 42.50
N ASN C 330 24.38 24.67 43.82
CA ASN C 330 24.96 25.71 44.66
C ASN C 330 25.98 25.15 45.64
N ALA C 331 26.59 24.01 45.28
CA ALA C 331 27.58 23.39 46.14
C ALA C 331 28.89 24.17 46.09
N THR C 332 29.76 23.88 47.06
CA THR C 332 31.04 24.57 47.17
C THR C 332 32.21 23.79 46.56
N ARG C 333 32.05 22.49 46.35
CA ARG C 333 33.13 21.67 45.82
C ARG C 333 32.53 20.64 44.87
N PHE C 334 33.08 20.56 43.66
CA PHE C 334 32.64 19.62 42.64
C PHE C 334 33.75 18.62 42.35
N ALA C 335 33.35 17.42 41.94
CA ALA C 335 34.30 16.35 41.66
C ALA C 335 34.92 16.54 40.28
N SER C 336 36.04 15.84 40.07
CA SER C 336 36.72 15.87 38.78
C SER C 336 35.95 15.07 37.74
N VAL C 337 36.36 15.23 36.48
CA VAL C 337 35.63 14.56 35.40
C VAL C 337 36.00 13.08 35.31
N TYR C 338 37.21 12.70 35.73
CA TYR C 338 37.58 11.29 35.70
C TYR C 338 36.85 10.49 36.78
N ALA C 339 36.46 11.15 37.86
CA ALA C 339 35.62 10.55 38.91
C ALA C 339 34.45 11.50 39.15
N TRP C 340 33.41 11.38 38.33
CA TRP C 340 32.26 12.26 38.41
C TRP C 340 31.33 11.82 39.53
N ASN C 341 30.58 12.77 40.08
CA ASN C 341 29.74 12.49 41.24
C ASN C 341 28.33 12.13 40.80
N ARG C 342 27.80 11.05 41.37
CA ARG C 342 26.45 10.58 41.09
C ARG C 342 25.62 10.66 42.36
N LYS C 343 24.44 11.28 42.26
CA LYS C 343 23.54 11.44 43.39
C LYS C 343 22.13 11.08 42.98
N ARG C 344 21.47 10.26 43.80
CA ARG C 344 20.06 9.92 43.58
C ARG C 344 19.17 10.92 44.28
N ILE C 345 18.11 11.34 43.59
CA ILE C 345 17.16 12.30 44.15
C ILE C 345 15.78 11.66 44.18
N SER C 346 15.03 11.93 45.25
CA SER C 346 13.71 11.33 45.43
C SER C 346 12.87 12.22 46.33
N ASN C 347 11.55 11.98 46.29
CA ASN C 347 10.58 12.73 47.09
C ASN C 347 10.68 14.24 46.80
N CYS C 348 10.38 14.58 45.55
CA CYS C 348 10.55 15.93 45.04
C CYS C 348 9.21 16.60 44.77
N VAL C 349 9.28 17.92 44.65
CA VAL C 349 8.29 18.71 43.94
C VAL C 349 9.10 19.51 42.92
N ALA C 350 9.27 18.96 41.73
CA ALA C 350 10.19 19.54 40.75
C ALA C 350 9.62 20.82 40.17
N ASP C 351 9.97 21.96 40.78
CA ASP C 351 9.48 23.26 40.35
C ASP C 351 10.44 23.98 39.42
N TYR C 352 11.73 24.03 39.79
CA TYR C 352 12.79 24.71 39.04
C TYR C 352 12.42 26.14 38.65
N SER C 353 11.41 26.71 39.30
CA SER C 353 11.09 28.12 39.14
C SER C 353 11.88 29.01 40.09
N VAL C 354 12.56 28.42 41.08
CA VAL C 354 13.44 29.17 41.96
C VAL C 354 14.85 29.33 41.40
N LEU C 355 15.15 28.69 40.28
CA LEU C 355 16.44 28.84 39.61
C LEU C 355 16.46 30.03 38.67
N TYR C 356 15.46 30.89 38.71
CA TYR C 356 15.43 32.09 37.87
C TYR C 356 16.07 33.29 38.56
N ASN C 357 16.11 33.32 39.88
CA ASN C 357 16.71 34.45 40.59
C ASN C 357 18.20 34.54 40.36
N SER C 358 18.87 33.41 40.14
CA SER C 358 20.30 33.37 39.91
C SER C 358 20.62 32.12 39.10
N ALA C 359 21.92 31.86 38.90
CA ALA C 359 22.41 30.68 38.21
C ALA C 359 21.84 30.59 36.78
N SER C 360 22.22 31.58 35.97
CA SER C 360 21.88 31.54 34.55
C SER C 360 22.70 30.46 33.86
N PHE C 361 22.02 29.60 33.10
CA PHE C 361 22.65 28.43 32.48
C PHE C 361 22.97 28.74 31.02
N SER C 362 24.25 28.60 30.66
CA SER C 362 24.66 28.81 29.28
C SER C 362 24.27 27.67 28.36
N THR C 363 24.15 26.45 28.89
CA THR C 363 23.74 25.30 28.09
C THR C 363 22.65 24.55 28.83
N PHE C 364 21.53 24.31 28.15
CA PHE C 364 20.42 23.53 28.73
C PHE C 364 19.76 22.79 27.57
N LYS C 365 20.14 21.53 27.37
CA LYS C 365 19.67 20.76 26.23
C LYS C 365 19.05 19.46 26.71
N CYS C 366 17.80 19.20 26.30
CA CYS C 366 17.04 18.09 26.84
C CYS C 366 16.63 17.11 25.75
N TYR C 367 16.89 15.82 25.99
CA TYR C 367 16.59 14.76 25.04
C TYR C 367 15.56 13.80 25.64
N GLY C 368 14.58 13.41 24.83
CA GLY C 368 13.55 12.49 25.24
C GLY C 368 12.29 13.12 25.78
N VAL C 369 12.29 14.43 26.00
CA VAL C 369 11.13 15.13 26.54
C VAL C 369 11.21 16.59 26.14
N SER C 370 10.06 17.20 25.91
CA SER C 370 10.02 18.61 25.56
C SER C 370 10.18 19.47 26.81
N PRO C 371 10.91 20.59 26.71
CA PRO C 371 11.09 21.46 27.88
C PRO C 371 9.78 22.02 28.44
N THR C 372 8.77 22.21 27.60
CA THR C 372 7.53 22.82 28.03
C THR C 372 6.60 21.85 28.77
N LYS C 373 6.90 20.55 28.73
CA LYS C 373 6.08 19.55 29.38
C LYS C 373 6.66 19.09 30.71
N LEU C 374 7.70 19.75 31.21
CA LEU C 374 8.35 19.34 32.44
C LEU C 374 7.51 19.61 33.68
N ASN C 375 6.44 20.40 33.56
CA ASN C 375 5.54 20.70 34.67
C ASN C 375 4.29 19.84 34.65
N ASP C 376 4.22 18.84 33.77
CA ASP C 376 3.05 17.98 33.65
C ASP C 376 3.45 16.50 33.72
N LEU C 377 4.59 16.20 34.34
CA LEU C 377 5.13 14.86 34.32
C LEU C 377 5.63 14.47 35.71
N CYS C 378 5.73 13.16 35.92
CA CYS C 378 6.30 12.58 37.12
C CYS C 378 7.43 11.65 36.72
N PHE C 379 8.56 11.74 37.42
CA PHE C 379 9.77 11.02 37.05
C PHE C 379 10.04 9.87 38.01
N THR C 380 10.56 8.78 37.45
CA THR C 380 10.70 7.53 38.21
C THR C 380 11.91 7.57 39.14
N ASN C 381 13.10 7.69 38.57
CA ASN C 381 14.33 7.73 39.37
C ASN C 381 15.34 8.68 38.76
N VAL C 382 15.51 9.85 39.38
CA VAL C 382 16.36 10.90 38.84
C VAL C 382 17.74 10.78 39.46
N TYR C 383 18.75 10.73 38.59
CA TYR C 383 20.15 10.71 38.98
C TYR C 383 20.84 11.94 38.43
N ALA C 384 21.57 12.63 39.30
CA ALA C 384 22.34 13.81 38.91
C ALA C 384 23.82 13.45 38.88
N ASP C 385 24.44 13.63 37.73
CA ASP C 385 25.86 13.40 37.53
C ASP C 385 26.53 14.76 37.37
N SER C 386 27.38 15.12 38.32
CA SER C 386 28.00 16.44 38.37
C SER C 386 29.51 16.32 38.21
N PHE C 387 30.07 17.25 37.43
CA PHE C 387 31.52 17.36 37.29
C PHE C 387 31.85 18.73 36.71
N VAL C 388 33.14 18.96 36.46
CA VAL C 388 33.65 20.22 35.94
C VAL C 388 34.60 19.92 34.80
N ILE C 389 34.44 20.62 33.68
CA ILE C 389 35.26 20.41 32.50
C ILE C 389 35.70 21.77 31.94
N ARG C 390 36.39 21.72 30.81
CA ARG C 390 36.77 22.91 30.06
C ARG C 390 35.66 23.28 29.08
N GLY C 391 35.54 24.58 28.81
CA GLY C 391 34.42 25.06 28.01
C GLY C 391 34.37 24.46 26.62
N ASP C 392 35.53 24.40 25.95
CA ASP C 392 35.58 23.88 24.59
C ASP C 392 35.12 22.43 24.50
N GLU C 393 35.11 21.74 25.63
CA GLU C 393 34.73 20.33 25.73
C GLU C 393 33.26 20.14 26.06
N VAL C 394 32.51 21.22 26.32
CA VAL C 394 31.10 21.10 26.69
C VAL C 394 30.29 20.48 25.56
N ARG C 395 30.70 20.70 24.31
CA ARG C 395 30.04 20.11 23.16
C ARG C 395 30.17 18.60 23.11
N GLN C 396 31.10 18.02 23.87
CA GLN C 396 31.28 16.57 23.89
C GLN C 396 30.29 15.85 24.81
N ILE C 397 29.53 16.59 25.61
CA ILE C 397 28.53 15.97 26.51
C ILE C 397 27.24 15.87 25.69
N ALA C 398 27.16 14.82 24.88
CA ALA C 398 26.02 14.58 24.00
C ALA C 398 26.13 13.15 23.45
N PRO C 399 25.01 12.49 23.16
CA PRO C 399 25.06 11.14 22.60
C PRO C 399 25.78 11.13 21.25
N GLY C 400 26.55 10.07 21.02
CA GLY C 400 27.24 9.89 19.76
C GLY C 400 28.25 10.98 19.43
N GLN C 401 29.22 11.19 20.32
CA GLN C 401 30.24 12.20 20.11
C GLN C 401 31.61 11.60 20.38
N THR C 402 32.63 12.25 19.81
CA THR C 402 34.01 11.81 19.93
C THR C 402 34.85 12.92 20.56
N GLY C 403 36.01 12.52 21.10
CA GLY C 403 36.88 13.41 21.84
C GLY C 403 37.42 12.69 23.05
N LYS C 404 38.36 13.30 23.80
CA LYS C 404 38.93 12.62 24.95
C LYS C 404 37.93 12.48 26.09
N ILE C 405 37.06 13.49 26.28
CA ILE C 405 36.04 13.38 27.31
C ILE C 405 35.04 12.27 26.96
N ALA C 406 34.57 12.25 25.72
CA ALA C 406 33.57 11.27 25.31
C ALA C 406 34.14 9.87 25.17
N ASP C 407 35.46 9.70 25.19
CA ASP C 407 36.08 8.41 25.00
C ASP C 407 36.67 7.82 26.28
N TYR C 408 37.45 8.62 27.02
CA TYR C 408 38.20 8.09 28.15
C TYR C 408 37.65 8.49 29.51
N ASN C 409 36.78 9.50 29.59
CA ASN C 409 36.32 10.03 30.86
C ASN C 409 34.84 9.78 31.10
N TYR C 410 33.97 10.25 30.21
CA TYR C 410 32.53 10.19 30.45
C TYR C 410 31.80 9.95 29.14
N LYS C 411 30.92 8.96 29.13
CA LYS C 411 30.18 8.58 27.93
C LYS C 411 28.70 8.49 28.24
N LEU C 412 27.86 9.02 27.33
CA LEU C 412 26.41 8.93 27.44
C LEU C 412 25.88 7.83 26.52
N PRO C 413 24.82 7.14 26.93
CA PRO C 413 24.26 6.08 26.09
C PRO C 413 23.58 6.65 24.86
N ASP C 414 23.49 5.82 23.82
CA ASP C 414 22.85 6.24 22.58
C ASP C 414 21.38 6.54 22.79
N ASP C 415 20.69 5.74 23.59
CA ASP C 415 19.28 5.95 23.92
C ASP C 415 19.23 6.65 25.27
N PHE C 416 19.27 7.98 25.23
CA PHE C 416 19.35 8.80 26.43
C PHE C 416 18.05 9.55 26.65
N THR C 417 17.51 9.45 27.86
CA THR C 417 16.36 10.24 28.29
C THR C 417 16.77 11.05 29.50
N GLY C 418 16.53 12.36 29.45
CA GLY C 418 17.04 13.26 30.46
C GLY C 418 17.76 14.39 29.77
N CYS C 419 18.58 15.13 30.51
CA CYS C 419 19.21 16.25 29.84
C CYS C 419 20.36 16.89 30.62
N VAL C 420 21.05 17.78 29.91
CA VAL C 420 22.35 18.30 30.29
C VAL C 420 22.25 19.80 30.54
N ILE C 421 22.83 20.25 31.65
CA ILE C 421 22.92 21.66 32.00
C ILE C 421 24.39 21.98 32.25
N ALA C 422 24.84 23.13 31.76
CA ALA C 422 26.23 23.54 31.92
C ALA C 422 26.29 25.05 32.06
N TRP C 423 27.09 25.51 33.02
CA TRP C 423 27.23 26.94 33.26
C TRP C 423 28.66 27.29 33.62
N ASN C 424 29.05 28.52 33.28
CA ASN C 424 30.40 29.00 33.55
C ASN C 424 30.57 29.32 35.03
N SER C 425 31.72 28.95 35.57
CA SER C 425 32.04 29.19 36.98
C SER C 425 33.47 29.67 37.12
N ASN C 426 33.86 30.63 36.28
CA ASN C 426 35.24 31.10 36.26
C ASN C 426 35.63 31.80 37.56
N ASN C 427 34.66 32.42 38.24
CA ASN C 427 34.95 33.15 39.47
C ASN C 427 34.98 32.28 40.71
N LEU C 428 34.68 30.98 40.59
CA LEU C 428 34.66 30.07 41.72
C LEU C 428 35.74 29.00 41.63
N ASP C 429 35.86 28.33 40.49
CA ASP C 429 36.78 27.21 40.32
C ASP C 429 38.17 27.63 39.87
N SER C 430 38.38 28.92 39.58
CA SER C 430 39.66 29.40 39.06
C SER C 430 40.21 30.48 39.97
N LYS C 431 41.53 30.43 40.19
CA LYS C 431 42.21 31.40 41.03
C LYS C 431 43.54 31.77 40.39
N VAL C 432 44.07 32.93 40.79
CA VAL C 432 45.33 33.40 40.25
C VAL C 432 46.46 32.45 40.67
N GLY C 433 47.42 32.27 39.78
CA GLY C 433 48.52 31.35 40.00
C GLY C 433 48.23 29.91 39.64
N GLY C 434 47.07 29.62 39.07
CA GLY C 434 46.73 28.27 38.67
C GLY C 434 45.94 27.53 39.72
N ASN C 435 45.09 26.61 39.25
CA ASN C 435 44.27 25.77 40.11
C ASN C 435 44.34 24.35 39.55
N TYR C 436 45.17 23.51 40.17
CA TYR C 436 45.40 22.15 39.69
C TYR C 436 44.65 21.11 40.52
N ASN C 437 43.47 21.45 41.02
CA ASN C 437 42.68 20.54 41.82
C ASN C 437 41.74 19.67 40.99
N TYR C 438 41.67 19.89 39.68
CA TYR C 438 40.83 19.11 38.79
C TYR C 438 41.70 18.34 37.81
N LEU C 439 41.43 17.04 37.67
CA LEU C 439 42.24 16.16 36.85
C LEU C 439 41.37 15.49 35.79
N TYR C 440 42.02 15.01 34.73
CA TYR C 440 41.35 14.27 33.68
C TYR C 440 42.30 13.25 33.09
N ARG C 441 41.71 12.21 32.49
CA ARG C 441 42.46 11.11 31.91
C ARG C 441 42.75 11.38 30.44
N LEU C 442 43.97 11.06 30.02
CA LEU C 442 44.41 11.28 28.64
C LEU C 442 44.70 10.00 27.88
N PHE C 443 45.25 8.99 28.53
CA PHE C 443 45.64 7.75 27.87
C PHE C 443 44.78 6.59 28.39
N ARG C 444 44.27 5.78 27.47
CA ARG C 444 43.52 4.60 27.84
C ARG C 444 43.57 3.61 26.68
N LYS C 445 43.53 2.32 27.03
CA LYS C 445 43.62 1.27 26.01
C LYS C 445 42.43 1.29 25.06
N SER C 446 41.22 1.40 25.61
CA SER C 446 40.01 1.34 24.81
C SER C 446 38.99 2.35 25.32
N ASN C 447 37.99 2.63 24.50
CA ASN C 447 36.96 3.57 24.87
C ASN C 447 36.07 3.00 25.97
N LEU C 448 35.37 3.89 26.65
CA LEU C 448 34.53 3.52 27.78
C LEU C 448 33.15 3.08 27.32
N LYS C 449 32.48 2.32 28.17
CA LYS C 449 31.08 1.99 28.02
C LYS C 449 30.22 3.09 28.63
N PRO C 450 28.95 3.22 28.21
CA PRO C 450 28.10 4.27 28.77
C PRO C 450 27.96 4.15 30.28
N PHE C 451 28.04 5.30 30.95
CA PHE C 451 27.89 5.40 32.40
C PHE C 451 28.86 4.48 33.14
N GLU C 452 30.12 4.49 32.70
CA GLU C 452 31.18 3.73 33.33
C GLU C 452 32.23 4.68 33.90
N ARG C 453 32.75 4.33 35.07
CA ARG C 453 33.75 5.13 35.76
C ARG C 453 35.05 4.35 35.87
N ASP C 454 36.16 5.01 35.55
CA ASP C 454 37.49 4.39 35.60
C ASP C 454 38.41 5.33 36.38
N ILE C 455 38.73 4.96 37.61
CA ILE C 455 39.55 5.78 38.50
C ILE C 455 40.92 5.20 38.74
N SER C 456 41.25 4.05 38.14
CA SER C 456 42.54 3.42 38.36
C SER C 456 43.65 4.28 37.76
N THR C 457 44.77 4.36 38.48
CA THR C 457 45.94 5.14 38.06
C THR C 457 47.11 4.18 37.90
N GLU C 458 47.24 3.59 36.73
CA GLU C 458 48.33 2.69 36.40
C GLU C 458 49.12 3.23 35.23
N ILE C 459 50.42 2.92 35.21
CA ILE C 459 51.29 3.44 34.15
C ILE C 459 50.86 2.88 32.81
N TYR C 460 50.73 3.76 31.82
CA TYR C 460 50.27 3.39 30.49
C TYR C 460 51.45 3.16 29.57
N GLN C 461 51.44 2.03 28.88
CA GLN C 461 52.53 1.66 27.98
C GLN C 461 52.13 2.04 26.55
N ALA C 462 52.90 2.93 25.94
CA ALA C 462 52.63 3.37 24.57
C ALA C 462 53.43 2.59 23.55
N GLY C 463 54.71 2.33 23.82
CA GLY C 463 55.55 1.59 22.90
C GLY C 463 55.41 0.09 23.07
N SER C 464 56.54 -0.62 23.11
CA SER C 464 56.55 -2.06 23.26
C SER C 464 57.19 -2.56 24.54
N THR C 465 58.13 -1.81 25.12
CA THR C 465 58.78 -2.26 26.34
C THR C 465 57.82 -2.14 27.52
N PRO C 466 57.83 -3.09 28.45
CA PRO C 466 57.01 -2.96 29.66
C PRO C 466 57.50 -1.83 30.54
N CYS C 467 56.56 -1.22 31.25
CA CYS C 467 56.87 -0.11 32.14
C CYS C 467 57.14 -0.57 33.57
N ASN C 468 56.29 -1.46 34.09
CA ASN C 468 56.44 -2.01 35.44
C ASN C 468 56.39 -0.90 36.50
N GLY C 469 55.37 -0.05 36.41
CA GLY C 469 55.12 0.94 37.44
C GLY C 469 56.19 2.00 37.60
N VAL C 470 56.70 2.53 36.49
CA VAL C 470 57.66 3.63 36.53
C VAL C 470 57.42 4.52 35.32
N GLU C 471 57.66 5.82 35.50
CA GLU C 471 57.47 6.80 34.44
C GLU C 471 58.81 7.04 33.75
N GLY C 472 58.85 6.80 32.44
CA GLY C 472 60.07 6.95 31.66
C GLY C 472 59.77 7.23 30.22
N PHE C 473 60.51 6.58 29.33
CA PHE C 473 60.37 6.78 27.89
C PHE C 473 59.31 5.82 27.35
N ASN C 474 58.30 6.38 26.67
CA ASN C 474 57.10 5.66 26.26
C ASN C 474 56.38 5.01 27.44
N CYS C 475 56.41 5.69 28.59
CA CYS C 475 55.68 5.23 29.78
C CYS C 475 55.14 6.49 30.46
N TYR C 476 53.88 6.81 30.19
CA TYR C 476 53.26 8.05 30.64
C TYR C 476 52.33 7.79 31.83
N PHE C 477 52.06 8.88 32.56
CA PHE C 477 51.04 8.88 33.61
C PHE C 477 49.70 9.26 33.01
N PRO C 478 48.64 8.46 33.22
CA PRO C 478 47.37 8.72 32.52
C PRO C 478 46.70 10.03 32.92
N LEU C 479 46.54 10.27 34.22
CA LEU C 479 45.85 11.47 34.70
C LEU C 479 46.77 12.68 34.64
N GLN C 480 46.20 13.84 34.28
CA GLN C 480 46.90 15.10 34.36
C GLN C 480 45.91 16.20 34.75
N SER C 481 46.45 17.26 35.34
CA SER C 481 45.64 18.29 35.98
C SER C 481 45.33 19.43 35.02
N TYR C 482 44.10 19.94 35.10
CA TYR C 482 43.71 21.12 34.35
C TYR C 482 44.47 22.34 34.85
N GLY C 483 44.69 23.30 33.96
CA GLY C 483 45.27 24.57 34.35
C GLY C 483 44.28 25.71 34.19
N PHE C 484 43.80 26.24 35.31
CA PHE C 484 42.75 27.25 35.31
C PHE C 484 43.30 28.55 35.88
N GLN C 485 43.14 29.63 35.13
CA GLN C 485 43.56 30.96 35.52
C GLN C 485 42.46 31.96 35.14
N PRO C 486 42.33 33.07 35.87
CA PRO C 486 41.30 34.05 35.52
C PRO C 486 41.57 34.80 34.23
N THR C 487 42.80 34.77 33.71
CA THR C 487 43.16 35.51 32.51
C THR C 487 43.09 34.67 31.25
N ASN C 488 42.66 33.41 31.34
CA ASN C 488 42.57 32.57 30.17
C ASN C 488 41.44 33.02 29.26
N GLY C 489 41.41 32.46 28.05
CA GLY C 489 40.38 32.78 27.09
C GLY C 489 39.06 32.14 27.45
N VAL C 490 38.06 32.39 26.59
CA VAL C 490 36.73 31.86 26.82
C VAL C 490 36.75 30.33 26.79
N GLY C 491 37.50 29.75 25.86
CA GLY C 491 37.56 28.30 25.75
C GLY C 491 38.17 27.65 26.98
N TYR C 492 39.25 28.23 27.51
CA TYR C 492 39.96 27.65 28.64
C TYR C 492 39.45 28.23 29.96
N GLN C 493 38.15 28.03 30.20
CA GLN C 493 37.53 28.44 31.45
C GLN C 493 36.71 27.30 32.02
N PRO C 494 36.66 27.17 33.34
CA PRO C 494 35.95 26.03 33.94
C PRO C 494 34.44 26.15 33.77
N TYR C 495 33.82 25.08 33.30
CA TYR C 495 32.37 24.98 33.19
C TYR C 495 31.87 23.83 34.05
N ARG C 496 30.88 24.10 34.88
CA ARG C 496 30.27 23.08 35.71
C ARG C 496 29.10 22.45 34.97
N VAL C 497 29.07 21.12 34.93
CA VAL C 497 28.11 20.36 34.14
C VAL C 497 27.36 19.40 35.05
N VAL C 498 26.03 19.42 34.95
CA VAL C 498 25.15 18.51 35.67
C VAL C 498 24.24 17.83 34.64
N VAL C 499 24.22 16.50 34.67
CA VAL C 499 23.41 15.70 33.75
C VAL C 499 22.37 14.97 34.58
N LEU C 500 21.10 15.19 34.26
CA LEU C 500 19.99 14.54 34.94
C LEU C 500 19.48 13.40 34.07
N SER C 501 19.35 12.22 34.66
CA SER C 501 18.87 11.03 33.98
C SER C 501 17.64 10.49 34.70
N PHE C 502 16.60 10.15 33.94
CA PHE C 502 15.37 9.64 34.51
C PHE C 502 14.64 8.79 33.47
N GLU C 503 13.51 8.21 33.90
CA GLU C 503 12.65 7.40 33.04
C GLU C 503 11.22 7.89 33.20
N LEU C 504 10.43 7.72 32.13
CA LEU C 504 9.10 8.34 32.07
C LEU C 504 8.03 7.30 31.77
N LEU C 505 6.96 7.33 32.56
CA LEU C 505 5.70 6.64 32.27
C LEU C 505 5.87 5.13 32.08
N HIS C 506 6.70 4.52 32.93
CA HIS C 506 6.83 3.07 32.92
C HIS C 506 6.83 2.41 34.29
N ALA C 507 7.08 3.14 35.36
CA ALA C 507 7.18 2.55 36.70
C ALA C 507 6.62 3.54 37.72
N PRO C 508 6.40 3.12 38.97
CA PRO C 508 5.97 4.08 40.00
C PRO C 508 6.95 5.24 40.12
N ALA C 509 6.40 6.44 40.22
CA ALA C 509 7.18 7.66 40.19
C ALA C 509 7.08 8.39 41.52
N THR C 510 8.20 8.93 41.98
CA THR C 510 8.27 9.70 43.22
C THR C 510 8.52 11.18 42.98
N VAL C 511 9.46 11.50 42.09
CA VAL C 511 9.71 12.89 41.73
C VAL C 511 8.59 13.34 40.79
N CYS C 512 7.93 14.44 41.15
CA CYS C 512 6.77 14.92 40.40
C CYS C 512 6.85 16.42 40.23
N GLY C 513 6.03 16.94 39.31
CA GLY C 513 6.00 18.34 39.04
C GLY C 513 5.23 19.12 40.09
N PRO C 514 5.16 20.44 39.90
CA PRO C 514 4.49 21.31 40.88
C PRO C 514 2.99 21.44 40.71
N LYS C 515 2.35 20.59 39.90
CA LYS C 515 0.92 20.69 39.71
C LYS C 515 0.16 20.27 40.97
N LYS C 516 -1.02 20.86 41.13
CA LYS C 516 -1.88 20.55 42.26
C LYS C 516 -2.68 19.28 41.99
N SER C 517 -3.39 18.81 43.01
CA SER C 517 -4.23 17.63 42.91
C SER C 517 -5.69 18.02 42.83
N THR C 518 -6.52 17.05 42.46
CA THR C 518 -7.95 17.26 42.30
C THR C 518 -8.70 16.03 42.81
N ASN C 519 -9.95 16.25 43.20
CA ASN C 519 -10.78 15.15 43.69
C ASN C 519 -11.03 14.13 42.59
N LEU C 520 -11.37 12.91 43.01
CA LEU C 520 -11.56 11.78 42.11
C LEU C 520 -13.04 11.60 41.82
N VAL C 521 -13.39 11.51 40.53
CA VAL C 521 -14.75 11.26 40.09
C VAL C 521 -14.77 9.96 39.30
N LYS C 522 -15.94 9.31 39.28
CA LYS C 522 -16.07 8.00 38.67
C LYS C 522 -17.38 7.93 37.91
N ASN C 523 -17.46 6.95 37.00
CA ASN C 523 -18.66 6.66 36.21
C ASN C 523 -19.06 7.83 35.32
N LYS C 524 -18.08 8.65 34.92
CA LYS C 524 -18.32 9.75 34.00
C LYS C 524 -17.13 9.87 33.06
N CYS C 525 -17.41 10.26 31.82
CA CYS C 525 -16.34 10.48 30.85
C CYS C 525 -15.62 11.79 31.18
N VAL C 526 -14.40 11.68 31.69
CA VAL C 526 -13.61 12.83 32.13
C VAL C 526 -12.21 12.71 31.58
N ASN C 527 -11.49 13.83 31.63
CA ASN C 527 -10.07 13.87 31.26
C ASN C 527 -9.23 13.66 32.51
N PHE C 528 -8.32 12.70 32.46
CA PHE C 528 -7.51 12.33 33.59
C PHE C 528 -6.03 12.54 33.31
N ASN C 529 -5.28 12.81 34.39
CA ASN C 529 -3.83 13.00 34.35
C ASN C 529 -3.25 12.22 35.53
N PHE C 530 -2.82 11.00 35.26
CA PHE C 530 -2.28 10.10 36.28
C PHE C 530 -0.76 10.01 36.08
N ASN C 531 -0.02 10.68 36.96
CA ASN C 531 1.44 10.66 36.97
C ASN C 531 2.01 11.05 35.61
N GLY C 532 1.38 12.01 34.96
CA GLY C 532 1.79 12.48 33.66
C GLY C 532 1.08 11.84 32.49
N LEU C 533 0.44 10.70 32.69
CA LEU C 533 -0.32 10.05 31.64
C LEU C 533 -1.67 10.72 31.50
N THR C 534 -1.91 11.37 30.37
CA THR C 534 -3.13 12.11 30.13
C THR C 534 -4.03 11.32 29.18
N GLY C 535 -5.33 11.42 29.41
CA GLY C 535 -6.27 10.73 28.54
C GLY C 535 -7.69 11.13 28.86
N THR C 536 -8.62 10.50 28.15
CA THR C 536 -10.05 10.70 28.35
C THR C 536 -10.73 9.34 28.49
N GLY C 537 -11.65 9.23 29.44
CA GLY C 537 -12.36 7.98 29.62
C GLY C 537 -13.17 7.97 30.89
N VAL C 538 -13.69 6.79 31.20
CA VAL C 538 -14.50 6.55 32.39
C VAL C 538 -13.71 5.65 33.32
N LEU C 539 -13.61 6.06 34.59
CA LEU C 539 -12.91 5.29 35.61
C LEU C 539 -13.90 4.46 36.39
N THR C 540 -13.61 3.18 36.55
CA THR C 540 -14.50 2.23 37.22
C THR C 540 -13.70 1.41 38.22
N GLU C 541 -14.38 0.96 39.28
CA GLU C 541 -13.74 0.11 40.27
C GLU C 541 -13.26 -1.19 39.63
N SER C 542 -12.09 -1.66 40.07
CA SER C 542 -11.44 -2.81 39.48
C SER C 542 -11.41 -3.98 40.44
N ASN C 543 -11.02 -5.14 39.90
CA ASN C 543 -10.86 -6.36 40.69
C ASN C 543 -9.45 -6.93 40.59
N LYS C 544 -8.62 -6.44 39.67
CA LYS C 544 -7.26 -6.93 39.55
C LYS C 544 -6.41 -6.48 40.73
N LYS C 545 -5.41 -7.29 41.07
CA LYS C 545 -4.49 -7.00 42.16
C LYS C 545 -3.09 -6.90 41.58
N PHE C 546 -2.54 -5.68 41.57
CA PHE C 546 -1.21 -5.45 41.03
C PHE C 546 -0.14 -5.90 42.00
N LEU C 547 1.02 -6.25 41.46
CA LEU C 547 2.19 -6.51 42.28
C LEU C 547 2.70 -5.18 42.85
N PRO C 548 3.44 -5.22 43.96
CA PRO C 548 3.87 -3.97 44.61
C PRO C 548 4.79 -3.10 43.77
N PHE C 549 5.26 -3.58 42.61
CA PHE C 549 6.15 -2.81 41.76
C PHE C 549 5.51 -2.46 40.41
N GLN C 550 4.19 -2.58 40.29
CA GLN C 550 3.49 -2.31 39.05
C GLN C 550 2.55 -1.12 39.24
N GLN C 551 2.44 -0.30 38.20
CA GLN C 551 1.64 0.92 38.25
C GLN C 551 0.59 1.00 37.16
N PHE C 552 0.88 0.52 35.96
CA PHE C 552 -0.03 0.62 34.82
C PHE C 552 -0.33 -0.76 34.26
N GLY C 553 -1.52 -0.90 33.69
CA GLY C 553 -1.92 -2.11 32.99
C GLY C 553 -2.23 -1.80 31.55
N ARG C 554 -1.97 -2.77 30.68
CA ARG C 554 -2.09 -2.57 29.24
C ARG C 554 -2.92 -3.69 28.62
N ASP C 555 -3.56 -3.36 27.49
CA ASP C 555 -4.43 -4.26 26.78
C ASP C 555 -3.64 -4.99 25.69
N ILE C 556 -4.32 -5.88 24.95
CA ILE C 556 -3.67 -6.60 23.87
C ILE C 556 -3.26 -5.64 22.75
N ALA C 557 -4.03 -4.57 22.55
CA ALA C 557 -3.68 -3.54 21.57
C ALA C 557 -2.62 -2.57 22.09
N ASP C 558 -1.99 -2.89 23.22
CA ASP C 558 -0.95 -2.07 23.82
C ASP C 558 -1.47 -0.66 24.13
N THR C 559 -2.54 -0.61 24.93
CA THR C 559 -3.12 0.64 25.36
C THR C 559 -3.45 0.55 26.85
N THR C 560 -3.46 1.70 27.51
CA THR C 560 -3.66 1.74 28.96
C THR C 560 -5.09 1.31 29.31
N ASP C 561 -5.20 0.33 30.20
CA ASP C 561 -6.49 -0.20 30.63
C ASP C 561 -6.74 0.04 32.12
N ALA C 562 -5.82 -0.36 32.99
CA ALA C 562 -5.97 -0.20 34.42
C ALA C 562 -4.83 0.66 34.96
N VAL C 563 -5.11 1.36 36.07
CA VAL C 563 -4.15 2.27 36.66
C VAL C 563 -4.38 2.30 38.17
N ARG C 564 -3.29 2.46 38.92
CA ARG C 564 -3.34 2.56 40.37
C ARG C 564 -3.33 4.02 40.77
N ASP C 565 -4.24 4.40 41.67
CA ASP C 565 -4.34 5.78 42.10
C ASP C 565 -3.16 6.12 43.01
N PRO C 566 -2.34 7.12 42.67
CA PRO C 566 -1.19 7.45 43.52
C PRO C 566 -1.58 7.91 44.92
N GLN C 567 -2.72 8.59 45.08
CA GLN C 567 -3.10 9.12 46.39
C GLN C 567 -3.49 7.98 47.33
N THR C 568 -4.52 7.22 46.98
CA THR C 568 -4.92 6.04 47.73
C THR C 568 -4.71 4.81 46.85
N LEU C 569 -4.07 3.79 47.42
CA LEU C 569 -3.62 2.64 46.64
C LEU C 569 -4.81 1.76 46.28
N GLU C 570 -5.41 2.03 45.12
CA GLU C 570 -6.50 1.21 44.60
C GLU C 570 -6.41 1.20 43.08
N ILE C 571 -6.97 0.16 42.48
CA ILE C 571 -6.92 -0.06 41.03
C ILE C 571 -8.21 0.40 40.41
N LEU C 572 -8.11 1.09 39.27
CA LEU C 572 -9.26 1.56 38.52
C LEU C 572 -9.08 1.23 37.04
N ASP C 573 -10.16 0.79 36.41
CA ASP C 573 -10.15 0.49 34.99
C ASP C 573 -10.65 1.70 34.20
N ILE C 574 -10.03 1.90 33.04
CA ILE C 574 -10.31 3.04 32.16
C ILE C 574 -11.01 2.52 30.92
N THR C 575 -12.20 3.05 30.64
CA THR C 575 -12.99 2.60 29.50
C THR C 575 -13.35 3.79 28.60
N PRO C 576 -13.17 3.67 27.29
CA PRO C 576 -13.63 4.75 26.40
C PRO C 576 -15.14 4.93 26.49
N CYS C 577 -15.58 6.18 26.32
CA CYS C 577 -16.99 6.52 26.43
C CYS C 577 -17.65 6.76 25.08
N SER C 578 -17.04 6.26 24.00
CA SER C 578 -17.60 6.33 22.65
C SER C 578 -17.90 4.92 22.19
N PHE C 579 -19.15 4.68 21.79
CA PHE C 579 -19.60 3.33 21.50
C PHE C 579 -20.95 3.37 20.80
N GLY C 580 -21.13 2.51 19.80
CA GLY C 580 -22.42 2.34 19.16
C GLY C 580 -22.55 3.02 17.81
N GLY C 581 -22.99 2.27 16.79
CA GLY C 581 -23.12 2.81 15.46
C GLY C 581 -24.41 3.60 15.26
N VAL C 582 -24.42 4.44 14.22
CA VAL C 582 -25.54 5.30 13.91
C VAL C 582 -25.80 5.25 12.41
N SER C 583 -27.07 5.08 12.02
CA SER C 583 -27.48 5.09 10.62
C SER C 583 -28.63 6.07 10.44
N VAL C 584 -28.72 6.63 9.24
CA VAL C 584 -29.72 7.63 8.91
C VAL C 584 -30.52 7.14 7.71
N ILE C 585 -31.84 7.11 7.88
CA ILE C 585 -32.76 6.73 6.81
C ILE C 585 -33.44 8.00 6.32
N THR C 586 -33.31 8.29 5.01
CA THR C 586 -33.88 9.51 4.50
C THR C 586 -34.42 9.31 3.09
N PRO C 587 -35.52 9.97 2.74
CA PRO C 587 -35.92 10.04 1.32
C PRO C 587 -35.09 11.08 0.58
N GLY C 588 -35.42 11.33 -0.68
CA GLY C 588 -34.68 12.33 -1.44
C GLY C 588 -34.85 13.71 -0.82
N THR C 589 -33.79 14.51 -0.90
CA THR C 589 -33.83 15.86 -0.34
C THR C 589 -34.74 16.79 -1.13
N ASN C 590 -35.14 16.41 -2.33
CA ASN C 590 -36.11 17.19 -3.10
C ASN C 590 -37.55 16.86 -2.72
N THR C 591 -37.76 15.91 -1.81
CA THR C 591 -39.09 15.52 -1.37
C THR C 591 -39.41 16.03 0.03
N SER C 592 -38.54 15.76 1.00
CA SER C 592 -38.77 16.18 2.37
C SER C 592 -37.44 16.23 3.11
N ASN C 593 -37.44 16.90 4.25
CA ASN C 593 -36.26 16.99 5.10
C ASN C 593 -36.35 16.10 6.34
N GLN C 594 -37.48 15.44 6.57
CA GLN C 594 -37.60 14.55 7.72
C GLN C 594 -36.74 13.31 7.51
N VAL C 595 -36.07 12.89 8.59
CA VAL C 595 -35.20 11.71 8.56
C VAL C 595 -35.51 10.85 9.77
N ALA C 596 -35.06 9.60 9.71
CA ALA C 596 -35.12 8.69 10.85
C ALA C 596 -33.70 8.26 11.22
N VAL C 597 -33.48 8.03 12.51
CA VAL C 597 -32.16 7.66 13.01
C VAL C 597 -32.25 6.29 13.67
N LEU C 598 -31.38 5.38 13.25
CA LEU C 598 -31.30 4.04 13.81
C LEU C 598 -30.00 3.94 14.61
N TYR C 599 -30.13 3.74 15.91
CA TYR C 599 -28.98 3.54 16.79
C TYR C 599 -28.79 2.05 17.01
N GLN C 600 -27.63 1.54 16.61
CA GLN C 600 -27.33 0.13 16.76
C GLN C 600 -27.11 -0.22 18.23
N ASP C 601 -27.11 -1.53 18.50
CA ASP C 601 -26.74 -2.14 19.79
C ASP C 601 -27.19 -1.31 21.00
N VAL C 602 -28.50 -1.04 21.02
CA VAL C 602 -29.11 -0.38 22.18
C VAL C 602 -30.61 -0.65 22.22
N ASN C 603 -31.12 -0.99 23.41
CA ASN C 603 -32.55 -0.98 23.65
C ASN C 603 -33.12 0.43 23.75
N CYS C 604 -34.44 0.51 23.59
CA CYS C 604 -35.26 1.65 23.98
C CYS C 604 -36.45 1.17 24.79
N THR C 605 -36.35 -0.01 25.38
CA THR C 605 -37.44 -0.61 26.14
C THR C 605 -37.00 -0.91 27.57
N THR C 619 -32.06 9.66 30.03
CA THR C 619 -32.51 8.78 28.96
C THR C 619 -31.37 7.87 28.49
N TRP C 620 -31.50 7.34 27.28
CA TRP C 620 -30.51 6.44 26.72
C TRP C 620 -29.44 7.23 25.96
N ARG C 621 -28.59 6.53 25.22
CA ARG C 621 -27.50 7.15 24.47
C ARG C 621 -27.99 7.51 23.06
N VAL C 622 -28.83 8.54 23.01
CA VAL C 622 -29.42 9.00 21.76
C VAL C 622 -29.23 10.51 21.65
N TYR C 623 -29.24 11.00 20.40
CA TYR C 623 -29.12 12.43 20.17
C TYR C 623 -30.34 13.18 20.68
N SER C 624 -31.53 12.66 20.39
CA SER C 624 -32.78 13.29 20.84
C SER C 624 -33.85 12.21 20.88
N THR C 625 -34.52 12.06 22.03
CA THR C 625 -35.52 11.01 22.17
C THR C 625 -36.69 11.24 21.22
N GLY C 626 -37.24 12.45 21.22
CA GLY C 626 -38.37 12.74 20.35
C GLY C 626 -39.56 11.85 20.67
N SER C 627 -40.13 11.26 19.62
CA SER C 627 -41.26 10.34 19.75
C SER C 627 -41.13 9.27 18.69
N ASN C 628 -42.19 8.48 18.53
CA ASN C 628 -42.24 7.40 17.53
C ASN C 628 -41.08 6.42 17.71
N VAL C 629 -40.77 6.10 18.96
CA VAL C 629 -39.69 5.17 19.25
C VAL C 629 -40.12 3.75 18.92
N PHE C 630 -39.30 3.05 18.13
CA PHE C 630 -39.59 1.69 17.72
C PHE C 630 -38.37 0.82 18.01
N GLN C 631 -38.62 -0.42 18.42
CA GLN C 631 -37.55 -1.34 18.76
C GLN C 631 -37.53 -2.49 17.76
N THR C 632 -36.38 -2.69 17.12
CA THR C 632 -36.13 -3.80 16.22
C THR C 632 -34.93 -4.59 16.73
N ARG C 633 -34.61 -5.66 16.02
CA ARG C 633 -33.43 -6.46 16.34
C ARG C 633 -32.17 -5.92 15.68
N ALA C 634 -32.27 -4.83 14.91
CA ALA C 634 -31.11 -4.15 14.37
C ALA C 634 -30.74 -2.89 15.15
N GLY C 635 -31.63 -2.41 15.99
CA GLY C 635 -31.36 -1.23 16.79
C GLY C 635 -32.64 -0.48 17.09
N CYS C 636 -32.48 0.64 17.80
CA CYS C 636 -33.60 1.50 18.14
C CYS C 636 -33.82 2.51 17.02
N LEU C 637 -35.05 2.58 16.50
CA LEU C 637 -35.39 3.49 15.42
C LEU C 637 -36.20 4.65 15.96
N ILE C 638 -35.75 5.87 15.69
CA ILE C 638 -36.42 7.08 16.16
C ILE C 638 -36.75 7.95 14.95
N GLY C 639 -38.03 8.31 14.81
CA GLY C 639 -38.48 9.14 13.72
C GLY C 639 -39.37 8.46 12.72
N ALA C 640 -39.70 7.18 12.92
CA ALA C 640 -40.58 6.46 12.02
C ALA C 640 -41.63 5.70 12.83
N GLU C 641 -42.89 5.84 12.44
CA GLU C 641 -43.96 5.16 13.13
C GLU C 641 -44.07 3.71 12.65
N HIS C 642 -44.62 2.86 13.52
CA HIS C 642 -44.73 1.43 13.27
C HIS C 642 -46.15 1.10 12.82
N VAL C 643 -46.26 0.28 11.78
CA VAL C 643 -47.56 -0.14 11.26
C VAL C 643 -47.64 -1.66 11.30
N ASN C 644 -48.77 -2.22 10.85
CA ASN C 644 -48.99 -3.65 10.90
C ASN C 644 -49.14 -4.29 9.52
N ASN C 645 -49.10 -3.50 8.44
CA ASN C 645 -49.22 -4.04 7.10
C ASN C 645 -47.87 -4.57 6.62
N SER C 646 -47.85 -5.09 5.40
CA SER C 646 -46.63 -5.65 4.82
C SER C 646 -46.69 -5.53 3.31
N TYR C 647 -45.81 -4.71 2.74
CA TYR C 647 -45.70 -4.51 1.30
C TYR C 647 -44.29 -4.89 0.86
N GLU C 648 -44.05 -4.82 -0.45
CA GLU C 648 -42.70 -4.93 -0.96
C GLU C 648 -41.90 -3.74 -0.45
N CYS C 649 -40.94 -3.99 0.44
CA CYS C 649 -40.36 -2.91 1.22
C CYS C 649 -39.44 -2.04 0.36
N ASP C 650 -39.31 -0.79 0.78
CA ASP C 650 -38.63 0.24 -0.01
C ASP C 650 -37.18 0.44 0.40
N ILE C 651 -36.94 0.77 1.66
CA ILE C 651 -35.58 1.02 2.15
C ILE C 651 -35.22 -0.04 3.18
N PRO C 652 -34.21 -0.87 2.91
CA PRO C 652 -33.85 -1.95 3.84
C PRO C 652 -33.22 -1.40 5.11
N ILE C 653 -33.86 -1.65 6.25
CA ILE C 653 -33.29 -1.28 7.54
C ILE C 653 -32.46 -2.45 8.04
N GLY C 654 -33.07 -3.61 8.15
CA GLY C 654 -32.36 -4.82 8.55
C GLY C 654 -33.25 -5.72 9.38
N ALA C 655 -32.83 -6.98 9.48
CA ALA C 655 -33.52 -8.01 10.28
C ALA C 655 -34.99 -8.12 9.89
N GLY C 656 -35.25 -8.07 8.59
CA GLY C 656 -36.60 -8.18 8.09
C GLY C 656 -37.44 -6.92 8.24
N ILE C 657 -36.83 -5.80 8.59
CA ILE C 657 -37.53 -4.53 8.79
C ILE C 657 -37.09 -3.57 7.69
N CYS C 658 -38.07 -2.93 7.06
CA CYS C 658 -37.82 -1.92 6.03
C CYS C 658 -38.62 -0.66 6.36
N ALA C 659 -38.36 0.40 5.61
CA ALA C 659 -39.00 1.68 5.83
C ALA C 659 -39.34 2.33 4.50
N SER C 660 -40.29 3.26 4.53
CA SER C 660 -40.74 3.96 3.34
C SER C 660 -41.31 5.31 3.74
N TYR C 661 -41.53 6.16 2.73
CA TYR C 661 -42.12 7.47 2.92
C TYR C 661 -43.55 7.44 2.38
N GLN C 662 -44.53 7.59 3.28
CA GLN C 662 -45.93 7.44 2.90
C GLN C 662 -46.75 8.49 3.64
N THR C 663 -48.07 8.31 3.60
CA THR C 663 -48.99 9.23 4.27
C THR C 663 -49.52 8.63 5.56
N SER C 672 -50.07 13.43 8.40
CA SER C 672 -49.99 13.44 6.95
C SER C 672 -48.77 12.68 6.46
N GLN C 673 -47.93 13.35 5.65
CA GLN C 673 -46.72 12.72 5.15
C GLN C 673 -45.77 12.39 6.30
N SER C 674 -45.22 11.18 6.28
CA SER C 674 -44.33 10.71 7.33
C SER C 674 -43.55 9.51 6.81
N ILE C 675 -42.71 8.97 7.67
CA ILE C 675 -41.91 7.77 7.39
C ILE C 675 -42.47 6.62 8.20
N ILE C 676 -42.79 5.52 7.52
CA ILE C 676 -43.34 4.34 8.16
C ILE C 676 -42.29 3.22 8.10
N ALA C 677 -42.32 2.37 9.13
CA ALA C 677 -41.45 1.21 9.22
C ALA C 677 -42.30 -0.03 9.39
N TYR C 678 -42.00 -1.07 8.63
CA TYR C 678 -42.81 -2.28 8.62
C TYR C 678 -41.92 -3.49 8.37
N THR C 679 -42.54 -4.66 8.33
CA THR C 679 -41.87 -5.92 8.04
C THR C 679 -42.14 -6.30 6.59
N MET C 680 -41.07 -6.58 5.85
CA MET C 680 -41.20 -6.85 4.42
C MET C 680 -42.00 -8.13 4.19
N SER C 681 -42.73 -8.15 3.07
CA SER C 681 -43.53 -9.30 2.69
C SER C 681 -42.75 -10.22 1.77
N LEU C 682 -43.03 -11.52 1.89
CA LEU C 682 -42.36 -12.54 1.09
C LEU C 682 -43.16 -12.92 -0.15
N GLY C 683 -43.92 -11.99 -0.71
CA GLY C 683 -44.73 -12.24 -1.87
C GLY C 683 -46.14 -12.70 -1.52
N ALA C 684 -46.94 -12.86 -2.57
CA ALA C 684 -48.32 -13.30 -2.40
C ALA C 684 -48.37 -14.72 -1.84
N GLU C 685 -49.41 -14.99 -1.06
CA GLU C 685 -49.59 -16.28 -0.40
C GLU C 685 -50.78 -17.00 -0.98
N ASN C 686 -50.62 -18.29 -1.26
CA ASN C 686 -51.69 -19.14 -1.76
C ASN C 686 -51.34 -20.59 -1.43
N SER C 687 -52.13 -21.52 -1.96
CA SER C 687 -51.91 -22.94 -1.72
C SER C 687 -52.18 -23.70 -3.02
N VAL C 688 -52.25 -25.02 -2.94
CA VAL C 688 -52.44 -25.87 -4.10
C VAL C 688 -53.23 -27.10 -3.67
N ALA C 689 -54.15 -27.53 -4.52
CA ALA C 689 -54.98 -28.71 -4.26
C ALA C 689 -54.26 -29.96 -4.75
N TYR C 690 -54.30 -31.02 -3.93
CA TYR C 690 -53.62 -32.26 -4.25
C TYR C 690 -54.45 -33.44 -3.76
N SER C 691 -54.51 -34.49 -4.57
CA SER C 691 -55.31 -35.67 -4.25
C SER C 691 -54.68 -36.87 -4.96
N ASN C 692 -55.42 -37.99 -4.97
CA ASN C 692 -54.96 -39.16 -5.72
C ASN C 692 -54.78 -38.82 -7.18
N ASN C 693 -55.82 -38.26 -7.79
CA ASN C 693 -56.03 -38.38 -9.23
C ASN C 693 -56.55 -37.07 -9.80
N SER C 694 -56.08 -35.94 -9.26
CA SER C 694 -56.47 -34.62 -9.75
C SER C 694 -55.29 -34.03 -10.50
N ILE C 695 -55.49 -33.74 -11.78
CA ILE C 695 -54.43 -33.22 -12.65
C ILE C 695 -54.94 -31.98 -13.36
N ALA C 696 -54.11 -30.95 -13.39
CA ALA C 696 -54.44 -29.70 -14.10
C ALA C 696 -53.69 -29.69 -15.42
N ILE C 697 -54.42 -29.55 -16.52
CA ILE C 697 -53.86 -29.61 -17.86
C ILE C 697 -54.17 -28.29 -18.56
N PRO C 698 -53.20 -27.64 -19.19
CA PRO C 698 -53.48 -26.37 -19.88
C PRO C 698 -54.35 -26.58 -21.12
N THR C 699 -55.08 -25.54 -21.47
CA THR C 699 -55.90 -25.51 -22.67
C THR C 699 -55.48 -24.44 -23.67
N ASN C 700 -54.95 -23.32 -23.19
CA ASN C 700 -54.51 -22.20 -24.01
C ASN C 700 -53.06 -21.90 -23.67
N PHE C 701 -52.45 -20.97 -24.41
CA PHE C 701 -51.06 -20.64 -24.19
C PHE C 701 -50.82 -19.16 -24.48
N THR C 702 -49.60 -18.72 -24.21
CA THR C 702 -49.20 -17.33 -24.43
C THR C 702 -47.74 -17.29 -24.84
N ILE C 703 -47.40 -16.36 -25.72
CA ILE C 703 -46.02 -16.14 -26.15
C ILE C 703 -45.51 -14.90 -25.44
N SER C 704 -44.38 -15.03 -24.74
CA SER C 704 -43.84 -13.96 -23.92
C SER C 704 -42.46 -13.55 -24.41
N VAL C 705 -42.16 -12.27 -24.27
CA VAL C 705 -40.87 -11.69 -24.64
C VAL C 705 -40.28 -11.02 -23.42
N THR C 706 -39.03 -11.35 -23.09
CA THR C 706 -38.37 -10.86 -21.89
C THR C 706 -37.02 -10.23 -22.25
N THR C 707 -36.66 -9.18 -21.52
CA THR C 707 -35.41 -8.47 -21.72
C THR C 707 -34.37 -8.88 -20.69
N GLU C 708 -33.14 -9.12 -21.14
CA GLU C 708 -32.03 -9.40 -20.23
C GLU C 708 -30.82 -8.59 -20.67
N ILE C 709 -30.24 -7.83 -19.75
CA ILE C 709 -29.16 -6.90 -20.05
C ILE C 709 -27.89 -7.41 -19.40
N LEU C 710 -26.78 -7.39 -20.15
CA LEU C 710 -25.50 -7.88 -19.64
C LEU C 710 -24.35 -6.96 -20.04
N PRO C 711 -23.58 -6.45 -19.10
CA PRO C 711 -22.38 -5.70 -19.45
C PRO C 711 -21.31 -6.60 -20.05
N VAL C 712 -20.51 -6.02 -20.93
CA VAL C 712 -19.52 -6.83 -21.66
C VAL C 712 -18.12 -6.25 -21.48
N SER C 713 -18.01 -4.95 -21.25
CA SER C 713 -16.70 -4.31 -21.20
C SER C 713 -16.79 -2.99 -20.45
N MET C 714 -15.62 -2.47 -20.07
CA MET C 714 -15.49 -1.17 -19.44
C MET C 714 -14.58 -0.28 -20.27
N THR C 715 -14.31 0.91 -19.74
CA THR C 715 -13.44 1.86 -20.43
C THR C 715 -11.98 1.49 -20.21
N LYS C 716 -11.18 1.59 -21.28
CA LYS C 716 -9.75 1.37 -21.20
C LYS C 716 -9.06 2.69 -20.89
N THR C 717 -8.11 2.66 -19.95
CA THR C 717 -7.47 3.87 -19.47
C THR C 717 -5.97 3.68 -19.39
N SER C 718 -5.25 4.80 -19.45
CA SER C 718 -3.80 4.82 -19.35
C SER C 718 -3.38 5.96 -18.43
N VAL C 719 -2.29 5.76 -17.71
CA VAL C 719 -1.80 6.70 -16.72
C VAL C 719 -0.33 6.98 -16.98
N ASP C 720 0.04 8.25 -16.95
CA ASP C 720 1.44 8.67 -17.04
C ASP C 720 1.95 8.90 -15.62
N CYS C 721 2.95 8.12 -15.22
CA CYS C 721 3.43 8.15 -13.84
C CYS C 721 4.03 9.51 -13.48
N THR C 722 5.04 9.93 -14.23
CA THR C 722 5.75 11.17 -13.91
C THR C 722 4.81 12.37 -14.02
N MET C 723 4.00 12.43 -15.07
CA MET C 723 3.12 13.57 -15.28
C MET C 723 2.09 13.69 -14.16
N TYR C 724 1.51 12.56 -13.73
CA TYR C 724 0.55 12.60 -12.64
C TYR C 724 1.24 12.97 -11.33
N ILE C 725 2.42 12.43 -11.07
CA ILE C 725 3.06 12.65 -9.78
C ILE C 725 3.55 14.09 -9.67
N CYS C 726 4.52 14.47 -10.50
CA CYS C 726 5.06 15.83 -10.46
C CYS C 726 5.34 16.34 -11.87
N GLY C 727 4.37 16.18 -12.77
CA GLY C 727 4.51 16.66 -14.13
C GLY C 727 4.95 18.11 -14.24
N ASP C 728 5.68 18.42 -15.32
CA ASP C 728 6.21 19.76 -15.57
C ASP C 728 7.16 20.21 -14.45
N SER C 729 7.97 19.29 -13.95
CA SER C 729 8.99 19.59 -12.94
C SER C 729 10.21 18.72 -13.20
N THR C 730 11.39 19.28 -12.98
CA THR C 730 12.64 18.62 -13.30
C THR C 730 13.30 17.95 -12.10
N GLU C 731 13.39 18.65 -10.96
CA GLU C 731 14.05 18.08 -9.78
C GLU C 731 13.30 16.84 -9.29
N CYS C 732 11.96 16.92 -9.24
CA CYS C 732 11.19 15.79 -8.75
C CYS C 732 11.29 14.59 -9.69
N SER C 733 11.47 14.84 -11.00
CA SER C 733 11.70 13.72 -11.92
C SER C 733 13.00 13.00 -11.58
N ASN C 734 14.05 13.77 -11.29
CA ASN C 734 15.32 13.18 -10.89
C ASN C 734 15.16 12.38 -9.60
N LEU C 735 14.38 12.90 -8.65
CA LEU C 735 14.12 12.16 -7.42
C LEU C 735 13.32 10.89 -7.69
N LEU C 736 12.35 10.97 -8.60
CA LEU C 736 11.43 9.87 -8.87
C LEU C 736 12.04 8.77 -9.73
N LEU C 737 13.17 9.04 -10.38
CA LEU C 737 13.83 8.04 -11.22
C LEU C 737 14.06 6.70 -10.51
N GLN C 738 13.93 6.66 -9.19
CA GLN C 738 14.07 5.43 -8.42
C GLN C 738 12.75 4.70 -8.23
N TYR C 739 11.74 4.99 -9.06
CA TYR C 739 10.46 4.28 -8.99
C TYR C 739 9.98 3.87 -10.38
N GLY C 740 10.90 3.78 -11.34
CA GLY C 740 10.54 3.38 -12.69
C GLY C 740 9.99 1.98 -12.76
N SER C 741 10.50 1.07 -11.93
CA SER C 741 9.96 -0.28 -11.90
C SER C 741 8.49 -0.28 -11.47
N PHE C 742 8.14 0.51 -10.45
CA PHE C 742 6.76 0.60 -10.02
C PHE C 742 5.88 1.18 -11.11
N CYS C 743 6.34 2.26 -11.75
CA CYS C 743 5.55 2.89 -12.81
C CYS C 743 5.36 1.93 -13.98
N THR C 744 6.42 1.22 -14.38
CA THR C 744 6.33 0.26 -15.47
C THR C 744 5.37 -0.87 -15.14
N GLN C 745 5.41 -1.36 -13.90
CA GLN C 745 4.50 -2.43 -13.49
C GLN C 745 3.05 -1.97 -13.53
N LEU C 746 2.77 -0.74 -13.06
CA LEU C 746 1.42 -0.20 -13.14
C LEU C 746 0.96 -0.10 -14.59
N ASN C 747 1.81 0.41 -15.47
CA ASN C 747 1.45 0.55 -16.87
C ASN C 747 1.21 -0.80 -17.52
N ARG C 748 2.01 -1.81 -17.16
CA ARG C 748 1.81 -3.15 -17.68
C ARG C 748 0.47 -3.71 -17.25
N ALA C 749 0.10 -3.51 -15.99
CA ALA C 749 -1.20 -3.97 -15.52
C ALA C 749 -2.33 -3.31 -16.29
N LEU C 750 -2.24 -1.99 -16.50
CA LEU C 750 -3.30 -1.29 -17.23
C LEU C 750 -3.39 -1.76 -18.68
N THR C 751 -2.23 -1.98 -19.32
CA THR C 751 -2.23 -2.47 -20.70
C THR C 751 -2.87 -3.85 -20.78
N GLY C 752 -2.56 -4.72 -19.83
CA GLY C 752 -3.21 -6.02 -19.78
C GLY C 752 -4.71 -5.90 -19.63
N ILE C 753 -5.17 -4.97 -18.80
CA ILE C 753 -6.60 -4.76 -18.62
C ILE C 753 -7.26 -4.36 -19.94
N ALA C 754 -6.64 -3.41 -20.65
CA ALA C 754 -7.22 -2.94 -21.91
C ALA C 754 -7.26 -4.06 -22.96
N VAL C 755 -6.17 -4.83 -23.07
CA VAL C 755 -6.14 -5.93 -24.02
C VAL C 755 -7.19 -6.96 -23.68
N GLU C 756 -7.37 -7.23 -22.38
CA GLU C 756 -8.40 -8.19 -21.95
C GLU C 756 -9.79 -7.71 -22.33
N GLN C 757 -10.07 -6.41 -22.18
CA GLN C 757 -11.38 -5.90 -22.53
C GLN C 757 -11.64 -6.01 -24.03
N ASP C 758 -10.64 -5.68 -24.86
CA ASP C 758 -10.79 -5.84 -26.30
C ASP C 758 -11.05 -7.30 -26.66
N LYS C 759 -10.30 -8.21 -26.04
CA LYS C 759 -10.50 -9.63 -26.30
C LYS C 759 -11.89 -10.08 -25.87
N ASN C 760 -12.39 -9.55 -24.74
CA ASN C 760 -13.73 -9.90 -24.29
C ASN C 760 -14.78 -9.49 -25.32
N THR C 761 -14.69 -8.26 -25.82
CA THR C 761 -15.65 -7.81 -26.82
C THR C 761 -15.58 -8.67 -28.08
N GLN C 762 -14.35 -8.95 -28.55
CA GLN C 762 -14.18 -9.75 -29.76
C GLN C 762 -14.75 -11.15 -29.57
N GLU C 763 -14.51 -11.77 -28.41
CA GLU C 763 -15.00 -13.11 -28.16
C GLU C 763 -16.52 -13.14 -28.06
N VAL C 764 -17.12 -12.12 -27.45
CA VAL C 764 -18.56 -12.12 -27.26
C VAL C 764 -19.28 -11.92 -28.60
N PHE C 765 -18.83 -10.95 -29.40
CA PHE C 765 -19.64 -10.52 -30.53
C PHE C 765 -19.23 -11.14 -31.87
N ALA C 766 -18.12 -11.87 -31.95
CA ALA C 766 -17.64 -12.41 -33.21
C ALA C 766 -17.73 -13.93 -33.27
N GLN C 767 -18.82 -14.49 -32.73
CA GLN C 767 -19.01 -15.94 -32.80
C GLN C 767 -19.18 -16.41 -34.24
N VAL C 768 -19.94 -15.68 -35.04
CA VAL C 768 -20.13 -15.99 -36.45
C VAL C 768 -19.08 -15.25 -37.25
N LYS C 769 -18.69 -15.81 -38.39
CA LYS C 769 -17.64 -15.24 -39.22
C LYS C 769 -18.14 -14.68 -40.54
N GLN C 770 -19.19 -15.25 -41.12
CA GLN C 770 -19.71 -14.80 -42.40
C GLN C 770 -20.87 -13.84 -42.16
N ILE C 771 -20.77 -12.64 -42.75
CA ILE C 771 -21.79 -11.60 -42.59
C ILE C 771 -22.95 -11.96 -43.51
N TYR C 772 -23.98 -12.58 -42.94
CA TYR C 772 -25.17 -12.93 -43.71
C TYR C 772 -26.02 -11.68 -43.94
N LYS C 773 -26.40 -11.45 -45.20
CA LYS C 773 -27.21 -10.29 -45.52
C LYS C 773 -28.62 -10.44 -44.97
N THR C 774 -29.27 -9.30 -44.79
CA THR C 774 -30.66 -9.30 -44.33
C THR C 774 -31.55 -9.97 -45.37
N PRO C 775 -32.67 -10.56 -44.94
CA PRO C 775 -33.53 -11.29 -45.88
C PRO C 775 -33.99 -10.38 -47.02
N PRO C 776 -34.01 -10.90 -48.25
CA PRO C 776 -34.39 -10.07 -49.39
C PRO C 776 -35.89 -9.83 -49.47
N ILE C 777 -36.68 -10.82 -49.08
CA ILE C 777 -38.14 -10.73 -49.11
C ILE C 777 -38.66 -11.08 -47.72
N LYS C 778 -39.86 -10.57 -47.41
CA LYS C 778 -40.45 -10.69 -46.08
C LYS C 778 -41.79 -11.40 -46.19
N ASP C 779 -41.76 -12.73 -46.15
CA ASP C 779 -42.97 -13.55 -46.09
C ASP C 779 -42.79 -14.64 -45.05
N PHE C 780 -42.34 -14.25 -43.85
CA PHE C 780 -42.06 -15.20 -42.79
C PHE C 780 -43.31 -15.89 -42.25
N GLY C 781 -44.50 -15.43 -42.61
CA GLY C 781 -45.72 -16.12 -42.23
C GLY C 781 -46.64 -15.32 -41.34
N GLY C 782 -46.33 -14.04 -41.17
CA GLY C 782 -47.12 -13.20 -40.29
C GLY C 782 -46.29 -12.54 -39.22
N PHE C 783 -45.14 -13.14 -38.91
CA PHE C 783 -44.23 -12.55 -37.94
C PHE C 783 -43.63 -11.27 -38.49
N ASN C 784 -43.54 -10.25 -37.65
CA ASN C 784 -43.09 -8.92 -38.04
C ASN C 784 -41.73 -8.67 -37.40
N PHE C 785 -40.68 -8.61 -38.23
CA PHE C 785 -39.33 -8.41 -37.77
C PHE C 785 -38.77 -7.04 -38.13
N SER C 786 -39.59 -6.15 -38.69
CA SER C 786 -39.13 -4.79 -38.96
C SER C 786 -38.83 -4.01 -37.69
N GLN C 787 -39.28 -4.51 -36.54
CA GLN C 787 -39.03 -3.82 -35.28
C GLN C 787 -37.56 -3.92 -34.87
N ILE C 788 -36.90 -5.04 -35.18
CA ILE C 788 -35.53 -5.28 -34.75
C ILE C 788 -34.54 -5.36 -35.90
N LEU C 789 -35.01 -5.49 -37.15
CA LEU C 789 -34.08 -5.53 -38.26
C LEU C 789 -33.59 -4.13 -38.60
N PRO C 790 -32.37 -4.00 -39.11
CA PRO C 790 -31.84 -2.67 -39.44
C PRO C 790 -32.63 -2.00 -40.55
N ASP C 791 -32.69 -0.67 -40.49
CA ASP C 791 -33.37 0.13 -41.49
C ASP C 791 -32.36 0.90 -42.32
N PRO C 792 -32.30 0.68 -43.64
CA PRO C 792 -31.34 1.41 -44.49
C PRO C 792 -31.77 2.84 -44.78
N SER C 793 -31.89 3.63 -43.72
CA SER C 793 -32.30 5.03 -43.82
C SER C 793 -31.44 6.00 -43.04
N LYS C 794 -30.50 5.51 -42.23
CA LYS C 794 -29.61 6.33 -41.43
C LYS C 794 -28.19 5.85 -41.64
N PRO C 795 -27.18 6.71 -41.37
CA PRO C 795 -25.78 6.33 -41.65
C PRO C 795 -25.29 5.14 -40.84
N SER C 796 -26.12 4.63 -39.93
CA SER C 796 -25.80 3.44 -39.17
C SER C 796 -26.81 2.34 -39.47
N LYS C 797 -26.43 1.10 -39.15
CA LYS C 797 -27.30 -0.06 -39.31
C LYS C 797 -28.08 -0.39 -38.05
N ARG C 798 -28.37 0.61 -37.21
CA ARG C 798 -29.07 0.38 -35.96
C ARG C 798 -30.57 0.36 -36.18
N SER C 799 -31.25 -0.60 -35.56
CA SER C 799 -32.70 -0.68 -35.62
C SER C 799 -33.31 0.28 -34.60
N PHE C 800 -34.63 0.22 -34.42
CA PHE C 800 -35.29 1.13 -33.49
C PHE C 800 -34.96 0.78 -32.04
N ILE C 801 -34.95 -0.51 -31.71
CA ILE C 801 -34.64 -0.93 -30.35
C ILE C 801 -33.22 -0.53 -29.99
N GLU C 802 -32.27 -0.75 -30.91
CA GLU C 802 -30.89 -0.37 -30.67
C GLU C 802 -30.76 1.14 -30.48
N ASP C 803 -31.48 1.93 -31.27
CA ASP C 803 -31.45 3.37 -31.12
C ASP C 803 -31.98 3.80 -29.76
N LEU C 804 -33.08 3.19 -29.32
CA LEU C 804 -33.61 3.51 -27.99
C LEU C 804 -32.60 3.16 -26.91
N LEU C 805 -31.99 1.98 -27.00
CA LEU C 805 -31.04 1.55 -25.98
C LEU C 805 -29.82 2.48 -25.94
N PHE C 806 -29.36 2.92 -27.11
CA PHE C 806 -28.26 3.89 -27.14
C PHE C 806 -28.69 5.22 -26.52
N ASN C 807 -29.92 5.65 -26.80
CA ASN C 807 -30.39 6.92 -26.26
C ASN C 807 -30.59 6.90 -24.76
N LYS C 808 -30.83 5.72 -24.16
CA LYS C 808 -31.08 5.68 -22.73
C LYS C 808 -29.81 5.99 -21.92
N VAL C 809 -28.77 5.18 -22.08
CA VAL C 809 -27.55 5.37 -21.30
C VAL C 809 -26.69 6.44 -21.96
N THR C 810 -26.10 7.32 -21.15
CA THR C 810 -25.29 8.42 -21.62
C THR C 810 -23.83 8.18 -21.24
N LEU C 811 -22.94 8.35 -22.20
CA LEU C 811 -21.51 8.16 -21.97
C LEU C 811 -20.92 9.37 -21.25
N ALA C 812 -19.65 9.25 -20.87
CA ALA C 812 -18.94 10.31 -20.18
C ALA C 812 -17.59 10.66 -20.77
N ASP C 813 -17.02 9.82 -21.64
CA ASP C 813 -15.72 10.11 -22.22
C ASP C 813 -15.75 11.28 -23.19
N ALA C 814 -16.94 11.64 -23.71
CA ALA C 814 -17.11 12.76 -24.62
C ALA C 814 -16.23 12.61 -25.87
N GLY C 815 -16.50 11.54 -26.62
CA GLY C 815 -15.76 11.30 -27.84
C GLY C 815 -14.34 10.82 -27.57
N PHE C 816 -13.50 10.95 -28.60
CA PHE C 816 -12.11 10.51 -28.52
C PHE C 816 -11.10 11.60 -28.85
N ILE C 817 -11.53 12.78 -29.30
CA ILE C 817 -10.64 13.84 -29.71
C ILE C 817 -10.88 15.07 -28.84
N LYS C 818 -9.81 15.59 -28.24
CA LYS C 818 -9.89 16.82 -27.46
C LYS C 818 -8.53 17.51 -27.60
N GLN C 819 -8.46 18.48 -28.50
CA GLN C 819 -7.19 19.10 -28.84
C GLN C 819 -6.74 20.06 -27.74
N TYR C 820 -5.46 20.44 -27.81
CA TYR C 820 -4.91 21.40 -26.85
C TYR C 820 -5.53 22.78 -27.01
N GLY C 821 -5.98 23.11 -28.21
CA GLY C 821 -6.61 24.40 -28.43
C GLY C 821 -8.02 24.52 -27.88
N ASP C 822 -8.62 23.40 -27.49
CA ASP C 822 -9.95 23.39 -26.90
C ASP C 822 -9.92 23.41 -25.37
N CYS C 823 -9.02 22.63 -24.76
CA CYS C 823 -8.87 22.67 -23.31
C CYS C 823 -8.29 24.01 -22.85
N LEU C 824 -7.49 24.65 -23.69
CA LEU C 824 -7.01 25.99 -23.37
C LEU C 824 -8.09 27.03 -23.60
N GLY C 825 -9.08 26.73 -24.44
CA GLY C 825 -10.17 27.68 -24.65
C GLY C 825 -11.04 27.87 -23.42
N ASP C 826 -11.38 26.77 -22.75
CA ASP C 826 -12.27 26.83 -21.59
C ASP C 826 -11.46 26.81 -20.28
N ILE C 827 -10.66 27.87 -20.12
CA ILE C 827 -9.93 28.09 -18.88
C ILE C 827 -10.71 28.90 -17.85
N ALA C 828 -11.71 29.67 -18.27
CA ALA C 828 -12.59 30.34 -17.33
C ALA C 828 -13.75 29.47 -16.87
N ALA C 829 -13.93 28.31 -17.49
CA ALA C 829 -14.99 27.38 -17.11
C ALA C 829 -14.37 26.04 -16.76
N ARG C 830 -14.85 25.43 -15.68
CA ARG C 830 -14.29 24.17 -15.21
C ARG C 830 -14.76 23.00 -16.06
N ASP C 831 -13.84 22.08 -16.34
CA ASP C 831 -14.15 20.88 -17.11
C ASP C 831 -13.52 19.68 -16.43
N LEU C 832 -14.11 18.51 -16.66
CA LEU C 832 -13.62 17.27 -16.08
C LEU C 832 -12.54 16.61 -16.93
N ILE C 833 -12.81 16.48 -18.24
CA ILE C 833 -11.88 15.76 -19.12
C ILE C 833 -10.57 16.54 -19.25
N CYS C 834 -10.65 17.87 -19.32
CA CYS C 834 -9.43 18.67 -19.43
C CYS C 834 -8.56 18.52 -18.20
N ALA C 835 -9.15 18.55 -17.01
CA ALA C 835 -8.39 18.35 -15.79
C ALA C 835 -7.83 16.94 -15.70
N GLN C 836 -8.59 15.95 -16.16
CA GLN C 836 -8.09 14.58 -16.17
C GLN C 836 -6.90 14.43 -17.10
N LYS C 837 -6.97 15.04 -18.29
CA LYS C 837 -5.90 14.89 -19.27
C LYS C 837 -4.66 15.70 -18.92
N PHE C 838 -4.84 16.86 -18.27
CA PHE C 838 -3.68 17.66 -17.88
C PHE C 838 -2.84 16.98 -16.82
N ASN C 839 -3.40 16.00 -16.10
CA ASN C 839 -2.67 15.26 -15.08
C ASN C 839 -2.22 13.88 -15.55
N GLY C 840 -2.26 13.63 -16.86
CA GLY C 840 -1.74 12.38 -17.39
C GLY C 840 -2.66 11.19 -17.31
N LEU C 841 -3.97 11.41 -17.25
CA LEU C 841 -4.96 10.34 -17.18
C LEU C 841 -5.75 10.34 -18.49
N THR C 842 -5.50 9.36 -19.35
CA THR C 842 -6.11 9.32 -20.68
C THR C 842 -6.99 8.09 -20.83
N VAL C 843 -7.92 8.17 -21.78
CA VAL C 843 -8.84 7.07 -22.08
C VAL C 843 -8.62 6.65 -23.53
N LEU C 844 -8.36 5.36 -23.73
CA LEU C 844 -8.15 4.81 -25.06
C LEU C 844 -9.48 4.46 -25.74
N PRO C 845 -9.54 4.52 -27.06
CA PRO C 845 -10.78 4.18 -27.77
C PRO C 845 -10.89 2.68 -27.98
N PRO C 846 -12.12 2.15 -27.98
CA PRO C 846 -12.29 0.71 -28.24
C PRO C 846 -11.90 0.33 -29.66
N LEU C 847 -11.45 -0.92 -29.81
CA LEU C 847 -11.02 -1.39 -31.12
C LEU C 847 -12.19 -1.49 -32.09
N LEU C 848 -13.33 -2.01 -31.65
CA LEU C 848 -14.50 -2.20 -32.49
C LEU C 848 -15.47 -1.05 -32.29
N THR C 849 -15.87 -0.41 -33.38
CA THR C 849 -16.83 0.68 -33.32
C THR C 849 -18.25 0.11 -33.25
N ASP C 850 -19.20 1.00 -32.92
CA ASP C 850 -20.58 0.57 -32.76
C ASP C 850 -21.18 0.08 -34.08
N GLU C 851 -20.72 0.63 -35.20
CA GLU C 851 -21.22 0.17 -36.50
C GLU C 851 -20.85 -1.29 -36.75
N MET C 852 -19.63 -1.68 -36.38
CA MET C 852 -19.22 -3.06 -36.56
C MET C 852 -20.05 -4.01 -35.69
N ILE C 853 -20.32 -3.61 -34.45
CA ILE C 853 -21.15 -4.43 -33.56
C ILE C 853 -22.57 -4.53 -34.11
N ALA C 854 -23.09 -3.44 -34.66
CA ALA C 854 -24.42 -3.48 -35.28
C ALA C 854 -24.42 -4.43 -36.48
N GLN C 855 -23.36 -4.41 -37.27
CA GLN C 855 -23.26 -5.34 -38.40
C GLN C 855 -23.24 -6.79 -37.91
N TYR C 856 -22.48 -7.07 -36.85
CA TYR C 856 -22.43 -8.42 -36.30
C TYR C 856 -23.80 -8.86 -35.81
N THR C 857 -24.51 -7.98 -35.11
CA THR C 857 -25.84 -8.31 -34.62
C THR C 857 -26.81 -8.56 -35.77
N SER C 858 -26.74 -7.73 -36.81
CA SER C 858 -27.61 -7.92 -37.97
C SER C 858 -27.32 -9.25 -38.66
N ALA C 859 -26.05 -9.62 -38.76
CA ALA C 859 -25.69 -10.92 -39.33
C ALA C 859 -26.26 -12.06 -38.50
N LEU C 860 -26.15 -11.94 -37.17
CA LEU C 860 -26.72 -12.98 -36.30
C LEU C 860 -28.22 -13.08 -36.46
N LEU C 861 -28.92 -11.94 -36.54
CA LEU C 861 -30.36 -11.96 -36.74
C LEU C 861 -30.73 -12.62 -38.07
N ALA C 862 -30.02 -12.26 -39.14
CA ALA C 862 -30.32 -12.84 -40.44
C ALA C 862 -30.08 -14.34 -40.43
N GLY C 863 -28.98 -14.79 -39.81
CA GLY C 863 -28.71 -16.21 -39.74
C GLY C 863 -29.76 -16.98 -38.94
N THR C 864 -30.17 -16.42 -37.80
CA THR C 864 -31.13 -17.11 -36.95
C THR C 864 -32.56 -17.04 -37.49
N ILE C 865 -32.85 -16.11 -38.39
CA ILE C 865 -34.18 -16.04 -38.98
C ILE C 865 -34.28 -16.86 -40.24
N THR C 866 -33.33 -16.71 -41.16
CA THR C 866 -33.42 -17.40 -42.45
C THR C 866 -33.06 -18.88 -42.36
N SER C 867 -32.10 -19.25 -41.51
CA SER C 867 -31.56 -20.60 -41.50
C SER C 867 -31.75 -21.35 -40.19
N GLY C 868 -32.40 -20.74 -39.19
CA GLY C 868 -32.57 -21.43 -37.92
C GLY C 868 -31.26 -21.57 -37.18
N TRP C 869 -31.09 -22.70 -36.51
CA TRP C 869 -29.89 -22.96 -35.73
C TRP C 869 -28.81 -23.70 -36.51
N THR C 870 -29.04 -23.99 -37.79
CA THR C 870 -28.07 -24.76 -38.56
C THR C 870 -26.85 -23.93 -38.95
N PHE C 871 -26.95 -22.61 -38.92
CA PHE C 871 -25.82 -21.76 -39.31
C PHE C 871 -24.74 -21.72 -38.24
N GLY C 872 -25.03 -22.15 -37.01
CA GLY C 872 -24.01 -22.23 -35.98
C GLY C 872 -23.20 -23.50 -35.99
N ALA C 873 -23.58 -24.48 -36.81
CA ALA C 873 -22.86 -25.75 -36.93
C ALA C 873 -22.58 -25.97 -38.43
N GLY C 874 -21.47 -25.44 -38.90
CA GLY C 874 -21.13 -25.56 -40.31
C GLY C 874 -21.88 -24.60 -41.20
N ALA C 875 -22.19 -25.03 -42.42
CA ALA C 875 -22.86 -24.17 -43.39
C ALA C 875 -24.31 -23.93 -42.98
N ALA C 876 -24.87 -22.84 -43.49
CA ALA C 876 -26.24 -22.46 -43.20
C ALA C 876 -27.19 -23.13 -44.20
N LEU C 877 -28.28 -23.69 -43.70
CA LEU C 877 -29.27 -24.37 -44.52
C LEU C 877 -30.58 -23.61 -44.46
N GLN C 878 -31.13 -23.30 -45.64
CA GLN C 878 -32.39 -22.59 -45.72
C GLN C 878 -33.54 -23.43 -45.16
N ILE C 879 -34.50 -22.75 -44.56
CA ILE C 879 -35.66 -23.40 -43.97
C ILE C 879 -36.79 -22.37 -43.79
N PRO C 880 -38.04 -22.74 -44.09
CA PRO C 880 -39.15 -21.81 -43.84
C PRO C 880 -39.30 -21.53 -42.35
N PHE C 881 -39.78 -20.32 -42.05
CA PHE C 881 -39.89 -19.90 -40.65
C PHE C 881 -40.96 -20.69 -39.91
N ALA C 882 -42.07 -20.99 -40.58
CA ALA C 882 -43.12 -21.79 -39.95
C ALA C 882 -42.61 -23.18 -39.57
N MET C 883 -41.80 -23.78 -40.45
CA MET C 883 -41.22 -25.08 -40.12
C MET C 883 -40.23 -24.97 -38.97
N GLN C 884 -39.48 -23.88 -38.89
CA GLN C 884 -38.58 -23.69 -37.75
C GLN C 884 -39.36 -23.56 -36.45
N MET C 885 -40.47 -22.83 -36.47
CA MET C 885 -41.32 -22.73 -35.28
C MET C 885 -41.91 -24.09 -34.91
N ALA C 886 -42.30 -24.88 -35.91
CA ALA C 886 -42.80 -26.23 -35.64
C ALA C 886 -41.71 -27.09 -35.01
N TYR C 887 -40.48 -26.98 -35.51
CA TYR C 887 -39.36 -27.70 -34.91
C TYR C 887 -39.18 -27.31 -33.45
N ARG C 888 -39.22 -26.00 -33.17
CA ARG C 888 -39.01 -25.53 -31.80
C ARG C 888 -40.14 -25.97 -30.89
N PHE C 889 -41.38 -25.98 -31.37
CA PHE C 889 -42.50 -26.47 -30.58
C PHE C 889 -42.36 -27.97 -30.31
N ASN C 890 -41.93 -28.73 -31.31
CA ASN C 890 -41.67 -30.15 -31.09
C ASN C 890 -40.53 -30.36 -30.11
N GLY C 891 -39.64 -29.37 -29.98
CA GLY C 891 -38.53 -29.50 -29.04
C GLY C 891 -38.99 -29.52 -27.59
N ILE C 892 -40.02 -28.73 -27.27
CA ILE C 892 -40.45 -28.58 -25.88
C ILE C 892 -41.58 -29.57 -25.57
N GLY C 893 -41.79 -30.54 -26.44
CA GLY C 893 -42.76 -31.58 -26.19
C GLY C 893 -44.18 -31.30 -26.63
N VAL C 894 -44.38 -30.34 -27.52
CA VAL C 894 -45.70 -30.01 -28.05
C VAL C 894 -45.74 -30.37 -29.53
N THR C 895 -46.79 -31.09 -29.93
CA THR C 895 -46.91 -31.51 -31.33
C THR C 895 -47.05 -30.30 -32.24
N GLN C 896 -46.55 -30.45 -33.46
CA GLN C 896 -46.48 -29.33 -34.40
C GLN C 896 -47.84 -28.97 -35.01
N ASN C 897 -48.86 -29.81 -34.84
CA ASN C 897 -50.18 -29.45 -35.35
C ASN C 897 -50.76 -28.27 -34.60
N VAL C 898 -50.29 -28.02 -33.37
CA VAL C 898 -50.75 -26.88 -32.59
C VAL C 898 -50.39 -25.58 -33.29
N LEU C 899 -49.16 -25.49 -33.81
CA LEU C 899 -48.73 -24.27 -34.50
C LEU C 899 -49.50 -24.08 -35.80
N TYR C 900 -49.58 -25.12 -36.63
CA TYR C 900 -50.20 -24.98 -37.94
C TYR C 900 -51.69 -24.69 -37.85
N GLU C 901 -52.32 -24.98 -36.71
CA GLU C 901 -53.71 -24.62 -36.49
C GLU C 901 -53.87 -23.31 -35.74
N ASN C 902 -52.79 -22.71 -35.26
CA ASN C 902 -52.86 -21.47 -34.50
C ASN C 902 -51.79 -20.46 -34.94
N GLN C 903 -51.35 -20.52 -36.20
CA GLN C 903 -50.27 -19.65 -36.66
C GLN C 903 -50.66 -18.18 -36.57
N LYS C 904 -51.90 -17.86 -36.93
CA LYS C 904 -52.36 -16.48 -36.91
C LYS C 904 -52.30 -15.91 -35.50
N LEU C 905 -52.82 -16.66 -34.52
CA LEU C 905 -52.84 -16.18 -33.14
C LEU C 905 -51.43 -16.02 -32.60
N ILE C 906 -50.55 -16.98 -32.89
CA ILE C 906 -49.17 -16.90 -32.40
C ILE C 906 -48.45 -15.69 -33.00
N ALA C 907 -48.64 -15.45 -34.30
CA ALA C 907 -48.01 -14.30 -34.94
C ALA C 907 -48.54 -13.00 -34.34
N ASN C 908 -49.85 -12.91 -34.13
CA ASN C 908 -50.44 -11.71 -33.54
C ASN C 908 -49.90 -11.49 -32.13
N GLN C 909 -49.80 -12.55 -31.34
CA GLN C 909 -49.27 -12.43 -29.98
C GLN C 909 -47.81 -11.97 -29.99
N PHE C 910 -47.00 -12.51 -30.90
CA PHE C 910 -45.61 -12.09 -30.98
C PHE C 910 -45.49 -10.63 -31.37
N ASN C 911 -46.30 -10.19 -32.34
CA ASN C 911 -46.28 -8.79 -32.74
C ASN C 911 -46.70 -7.88 -31.59
N SER C 912 -47.74 -8.28 -30.85
CA SER C 912 -48.19 -7.49 -29.72
C SER C 912 -47.10 -7.41 -28.65
N ALA C 913 -46.41 -8.53 -28.40
CA ALA C 913 -45.35 -8.54 -27.40
C ALA C 913 -44.19 -7.64 -27.81
N ILE C 914 -43.81 -7.67 -29.09
CA ILE C 914 -42.72 -6.82 -29.54
C ILE C 914 -43.11 -5.35 -29.48
N GLY C 915 -44.37 -5.04 -29.80
CA GLY C 915 -44.84 -3.66 -29.65
C GLY C 915 -44.83 -3.21 -28.20
N LYS C 916 -45.26 -4.08 -27.29
CA LYS C 916 -45.26 -3.73 -25.88
C LYS C 916 -43.86 -3.52 -25.35
N ILE C 917 -42.90 -4.35 -25.75
CA ILE C 917 -41.53 -4.19 -25.28
C ILE C 917 -40.93 -2.91 -25.86
N GLN C 918 -41.26 -2.59 -27.12
CA GLN C 918 -40.84 -1.33 -27.71
C GLN C 918 -41.36 -0.15 -26.90
N ASP C 919 -42.66 -0.15 -26.59
CA ASP C 919 -43.25 0.96 -25.85
C ASP C 919 -42.66 1.07 -24.44
N SER C 920 -42.46 -0.07 -23.78
CA SER C 920 -41.90 -0.03 -22.43
C SER C 920 -40.47 0.51 -22.43
N LEU C 921 -39.66 0.11 -23.42
CA LEU C 921 -38.31 0.64 -23.50
C LEU C 921 -38.32 2.13 -23.83
N SER C 922 -39.26 2.57 -24.67
CA SER C 922 -39.32 3.98 -25.04
C SER C 922 -39.75 4.84 -23.86
N SER C 923 -40.71 4.36 -23.07
CA SER C 923 -41.25 5.17 -21.99
C SER C 923 -40.26 5.31 -20.84
N THR C 924 -39.89 4.20 -20.21
CA THR C 924 -39.00 4.24 -19.07
C THR C 924 -37.54 4.38 -19.52
N ALA C 925 -36.72 4.89 -18.60
CA ALA C 925 -35.29 5.05 -18.84
C ALA C 925 -34.47 4.64 -17.63
N SER C 926 -34.96 3.66 -16.86
CA SER C 926 -34.29 3.22 -15.65
C SER C 926 -34.07 1.71 -15.63
N ALA C 927 -34.20 1.05 -16.77
CA ALA C 927 -34.00 -0.40 -16.85
C ALA C 927 -32.57 -0.78 -17.22
N LEU C 928 -31.81 0.13 -17.83
CA LEU C 928 -30.45 -0.14 -18.27
C LEU C 928 -29.41 0.40 -17.30
N GLY C 929 -29.69 0.33 -16.00
CA GLY C 929 -28.78 0.86 -15.01
C GLY C 929 -27.50 0.07 -14.84
N LYS C 930 -27.49 -1.18 -15.30
CA LYS C 930 -26.31 -2.02 -15.13
C LYS C 930 -25.10 -1.52 -15.91
N LEU C 931 -25.32 -0.73 -16.96
CA LEU C 931 -24.23 -0.14 -17.74
C LEU C 931 -23.89 1.28 -17.27
N GLN C 932 -24.91 2.06 -16.92
CA GLN C 932 -24.67 3.37 -16.32
C GLN C 932 -23.88 3.25 -15.04
N ASP C 933 -24.09 2.17 -14.29
CA ASP C 933 -23.32 1.94 -13.07
C ASP C 933 -21.83 1.81 -13.38
N VAL C 934 -21.50 1.03 -14.42
CA VAL C 934 -20.09 0.86 -14.80
C VAL C 934 -19.50 2.18 -15.26
N VAL C 935 -20.23 2.92 -16.10
CA VAL C 935 -19.73 4.19 -16.61
C VAL C 935 -19.48 5.16 -15.46
N ASN C 936 -20.45 5.26 -14.54
CA ASN C 936 -20.31 6.16 -13.40
C ASN C 936 -19.17 5.74 -12.49
N GLN C 937 -19.00 4.43 -12.29
CA GLN C 937 -17.89 3.96 -11.45
C GLN C 937 -16.55 4.34 -12.04
N ASN C 938 -16.37 4.14 -13.35
CA ASN C 938 -15.10 4.51 -13.98
C ASN C 938 -14.86 6.02 -13.89
N ALA C 939 -15.87 6.82 -14.21
CA ALA C 939 -15.71 8.26 -14.17
C ALA C 939 -15.42 8.74 -12.75
N GLN C 940 -16.10 8.17 -11.76
CA GLN C 940 -15.90 8.57 -10.38
C GLN C 940 -14.52 8.17 -9.87
N ALA C 941 -14.03 7.01 -10.30
CA ALA C 941 -12.68 6.60 -9.92
C ALA C 941 -11.64 7.57 -10.47
N LEU C 942 -11.79 7.96 -11.75
CA LEU C 942 -10.85 8.92 -12.32
C LEU C 942 -10.95 10.27 -11.60
N ASN C 943 -12.18 10.71 -11.29
CA ASN C 943 -12.36 11.98 -10.60
C ASN C 943 -11.75 11.95 -9.20
N THR C 944 -11.88 10.81 -8.50
CA THR C 944 -11.27 10.68 -7.18
C THR C 944 -9.75 10.70 -7.27
N LEU C 945 -9.19 10.04 -8.30
CA LEU C 945 -7.75 10.11 -8.51
C LEU C 945 -7.30 11.56 -8.72
N VAL C 946 -8.10 12.34 -9.45
CA VAL C 946 -7.80 13.76 -9.60
C VAL C 946 -7.93 14.48 -8.26
N LYS C 947 -8.94 14.12 -7.47
CA LYS C 947 -9.18 14.77 -6.18
C LYS C 947 -7.99 14.60 -5.24
N GLN C 948 -7.41 13.41 -5.23
CA GLN C 948 -6.36 13.10 -4.24
C GLN C 948 -5.05 13.85 -4.48
N LEU C 949 -4.98 14.84 -5.37
CA LEU C 949 -3.77 15.61 -5.61
C LEU C 949 -3.61 16.78 -4.64
N SER C 950 -4.59 17.02 -3.76
CA SER C 950 -4.56 18.14 -2.84
C SER C 950 -4.12 17.74 -1.44
N SER C 951 -3.66 16.51 -1.26
CA SER C 951 -3.26 16.03 0.06
C SER C 951 -1.82 16.39 0.36
N ASN C 952 -1.58 16.87 1.59
CA ASN C 952 -0.23 17.23 1.99
C ASN C 952 0.64 16.00 2.25
N PHE C 953 0.03 14.90 2.70
CA PHE C 953 0.75 13.66 3.02
C PHE C 953 1.83 13.90 4.08
N GLY C 954 1.59 14.82 5.00
CA GLY C 954 2.54 15.13 6.04
C GLY C 954 3.55 16.21 5.68
N ALA C 955 3.56 16.68 4.44
CA ALA C 955 4.48 17.73 4.03
C ALA C 955 3.92 19.09 4.44
N ILE C 956 4.59 20.17 4.03
CA ILE C 956 4.14 21.51 4.37
C ILE C 956 3.21 22.12 3.34
N SER C 957 3.12 21.53 2.15
CA SER C 957 2.24 22.04 1.11
C SER C 957 1.92 20.91 0.14
N SER C 958 0.87 21.11 -0.64
CA SER C 958 0.45 20.15 -1.65
C SER C 958 0.88 20.54 -3.05
N VAL C 959 1.74 21.55 -3.18
CA VAL C 959 2.23 22.02 -4.46
C VAL C 959 3.75 21.93 -4.46
N LEU C 960 4.31 21.41 -5.56
CA LEU C 960 5.76 21.34 -5.69
C LEU C 960 6.37 22.73 -5.86
N ASN C 961 5.63 23.66 -6.49
CA ASN C 961 6.19 24.97 -6.79
C ASN C 961 6.54 25.74 -5.52
N ASP C 962 5.68 25.70 -4.51
CA ASP C 962 5.95 26.42 -3.27
C ASP C 962 7.18 25.85 -2.57
N ILE C 963 7.30 24.52 -2.50
CA ILE C 963 8.45 23.91 -1.85
C ILE C 963 9.73 24.23 -2.61
N LEU C 964 9.68 24.20 -3.94
CA LEU C 964 10.87 24.52 -4.72
C LEU C 964 11.24 25.99 -4.63
N SER C 965 10.27 26.88 -4.47
CA SER C 965 10.53 28.31 -4.43
C SER C 965 10.77 28.83 -3.01
N ARG C 966 10.61 27.98 -1.99
CA ARG C 966 10.84 28.41 -0.61
C ARG C 966 12.03 27.76 0.05
N LEU C 967 12.41 26.55 -0.36
CA LEU C 967 13.50 25.82 0.26
C LEU C 967 14.52 25.39 -0.79
N ASP C 968 15.78 25.30 -0.36
CA ASP C 968 16.84 24.80 -1.22
C ASP C 968 16.82 23.27 -1.24
N LYS C 969 17.59 22.70 -2.16
CA LYS C 969 17.58 21.25 -2.37
C LYS C 969 18.50 20.52 -1.39
N VAL C 970 18.39 20.87 -0.11
CA VAL C 970 18.95 20.07 0.96
C VAL C 970 17.92 19.74 2.04
N GLU C 971 16.85 20.53 2.17
CA GLU C 971 15.75 20.21 3.06
C GLU C 971 14.42 20.11 2.34
N ALA C 972 14.38 20.38 1.03
CA ALA C 972 13.15 20.25 0.27
C ALA C 972 12.92 18.83 -0.24
N GLU C 973 13.95 17.97 -0.19
CA GLU C 973 13.80 16.61 -0.68
C GLU C 973 12.90 15.75 0.20
N VAL C 974 12.80 16.10 1.49
CA VAL C 974 11.98 15.31 2.41
C VAL C 974 10.51 15.41 2.03
N GLN C 975 10.02 16.64 1.83
CA GLN C 975 8.63 16.85 1.47
C GLN C 975 8.31 16.23 0.11
N ILE C 976 9.23 16.35 -0.84
CA ILE C 976 9.02 15.77 -2.16
C ILE C 976 8.97 14.25 -2.06
N ASP C 977 9.81 13.65 -1.22
CA ASP C 977 9.76 12.20 -1.03
C ASP C 977 8.42 11.77 -0.44
N ARG C 978 7.93 12.52 0.55
CA ARG C 978 6.63 12.20 1.13
C ARG C 978 5.52 12.30 0.10
N LEU C 979 5.54 13.36 -0.72
CA LEU C 979 4.52 13.52 -1.75
C LEU C 979 4.58 12.41 -2.78
N ILE C 980 5.80 12.02 -3.18
CA ILE C 980 5.97 10.93 -4.14
C ILE C 980 5.38 9.64 -3.58
N THR C 981 5.68 9.34 -2.32
CA THR C 981 5.14 8.12 -1.70
C THR C 981 3.62 8.14 -1.68
N GLY C 982 3.03 9.28 -1.31
CA GLY C 982 1.58 9.37 -1.28
C GLY C 982 0.94 9.19 -2.65
N ARG C 983 1.50 9.85 -3.67
CA ARG C 983 0.96 9.72 -5.02
C ARG C 983 1.08 8.29 -5.53
N LEU C 984 2.21 7.63 -5.24
CA LEU C 984 2.37 6.24 -5.65
C LEU C 984 1.37 5.34 -4.97
N GLN C 985 1.10 5.58 -3.68
CA GLN C 985 0.08 4.80 -2.97
C GLN C 985 -1.28 4.98 -3.63
N SER C 986 -1.64 6.21 -3.98
CA SER C 986 -2.91 6.46 -4.63
C SER C 986 -3.01 5.72 -5.97
N LEU C 987 -1.93 5.77 -6.76
CA LEU C 987 -1.94 5.10 -8.06
C LEU C 987 -2.09 3.59 -7.90
N GLN C 988 -1.38 3.00 -6.92
CA GLN C 988 -1.49 1.56 -6.71
C GLN C 988 -2.89 1.16 -6.28
N THR C 989 -3.52 1.96 -5.41
CA THR C 989 -4.89 1.67 -5.00
C THR C 989 -5.84 1.70 -6.19
N TYR C 990 -5.69 2.72 -7.05
CA TYR C 990 -6.53 2.82 -8.25
C TYR C 990 -6.33 1.61 -9.15
N VAL C 991 -5.08 1.18 -9.33
CA VAL C 991 -4.80 0.05 -10.20
C VAL C 991 -5.42 -1.23 -9.65
N THR C 992 -5.34 -1.44 -8.33
CA THR C 992 -5.95 -2.63 -7.73
C THR C 992 -7.46 -2.63 -7.92
N GLN C 993 -8.10 -1.48 -7.70
CA GLN C 993 -9.55 -1.39 -7.91
C GLN C 993 -9.90 -1.73 -9.36
N GLN C 994 -9.12 -1.19 -10.30
CA GLN C 994 -9.39 -1.47 -11.72
C GLN C 994 -9.21 -2.95 -12.03
N LEU C 995 -8.21 -3.60 -11.42
CA LEU C 995 -8.00 -5.02 -11.67
C LEU C 995 -9.19 -5.84 -11.19
N ILE C 996 -9.70 -5.54 -10.00
CA ILE C 996 -10.84 -6.31 -9.48
C ILE C 996 -12.07 -6.09 -10.36
N ARG C 997 -12.33 -4.84 -10.76
CA ARG C 997 -13.46 -4.56 -11.62
C ARG C 997 -13.32 -5.26 -12.98
N ALA C 998 -12.10 -5.30 -13.51
CA ALA C 998 -11.87 -6.01 -14.77
C ALA C 998 -12.16 -7.48 -14.63
N ALA C 999 -11.78 -8.09 -13.50
CA ALA C 999 -12.07 -9.50 -13.28
C ALA C 999 -13.57 -9.77 -13.29
N GLU C 1000 -14.33 -8.94 -12.56
CA GLU C 1000 -15.78 -9.19 -12.50
C GLU C 1000 -16.45 -8.92 -13.84
N ILE C 1001 -16.01 -7.90 -14.57
CA ILE C 1001 -16.57 -7.62 -15.89
C ILE C 1001 -16.24 -8.75 -16.85
N ARG C 1002 -15.05 -9.33 -16.74
CA ARG C 1002 -14.68 -10.47 -17.58
C ARG C 1002 -15.57 -11.67 -17.29
N ALA C 1003 -15.87 -11.92 -16.01
CA ALA C 1003 -16.80 -12.99 -15.68
C ALA C 1003 -18.17 -12.76 -16.30
N SER C 1004 -18.67 -11.52 -16.21
CA SER C 1004 -19.95 -11.20 -16.82
C SER C 1004 -19.92 -11.40 -18.33
N ALA C 1005 -18.82 -11.00 -18.98
CA ALA C 1005 -18.71 -11.16 -20.43
C ALA C 1005 -18.67 -12.64 -20.81
N ASN C 1006 -18.00 -13.47 -20.01
CA ASN C 1006 -18.00 -14.90 -20.28
C ASN C 1006 -19.41 -15.48 -20.18
N LEU C 1007 -20.16 -15.05 -19.16
CA LEU C 1007 -21.55 -15.48 -19.06
C LEU C 1007 -22.36 -15.06 -20.28
N ALA C 1008 -22.16 -13.81 -20.73
CA ALA C 1008 -22.89 -13.32 -21.91
C ALA C 1008 -22.54 -14.12 -23.16
N ALA C 1009 -21.25 -14.46 -23.32
CA ALA C 1009 -20.85 -15.27 -24.47
C ALA C 1009 -21.47 -16.65 -24.43
N THR C 1010 -21.50 -17.27 -23.25
CA THR C 1010 -22.16 -18.58 -23.13
C THR C 1010 -23.64 -18.48 -23.47
N LYS C 1011 -24.30 -17.43 -23.00
CA LYS C 1011 -25.72 -17.24 -23.32
C LYS C 1011 -25.94 -17.06 -24.81
N MET C 1012 -25.08 -16.27 -25.46
CA MET C 1012 -25.20 -16.09 -26.91
C MET C 1012 -25.01 -17.40 -27.64
N SER C 1013 -24.02 -18.20 -27.22
CA SER C 1013 -23.75 -19.46 -27.90
C SER C 1013 -24.91 -20.45 -27.73
N GLU C 1014 -25.50 -20.51 -26.54
CA GLU C 1014 -26.47 -21.56 -26.24
C GLU C 1014 -27.91 -21.17 -26.48
N CYS C 1015 -28.24 -19.88 -26.57
CA CYS C 1015 -29.63 -19.46 -26.68
C CYS C 1015 -29.98 -18.77 -27.99
N VAL C 1016 -28.99 -18.27 -28.72
CA VAL C 1016 -29.22 -17.65 -30.02
C VAL C 1016 -28.91 -18.61 -31.16
N LEU C 1017 -27.83 -19.37 -31.04
CA LEU C 1017 -27.44 -20.34 -32.06
C LEU C 1017 -28.09 -21.70 -31.86
N GLY C 1018 -29.03 -21.81 -30.93
CA GLY C 1018 -29.70 -23.07 -30.70
C GLY C 1018 -30.87 -22.90 -29.76
N GLN C 1019 -31.37 -24.04 -29.27
CA GLN C 1019 -32.46 -24.07 -28.31
C GLN C 1019 -31.98 -24.70 -27.02
N SER C 1020 -32.37 -24.11 -25.89
CA SER C 1020 -31.83 -24.48 -24.59
C SER C 1020 -32.87 -25.28 -23.81
N LYS C 1021 -32.45 -26.41 -23.26
CA LYS C 1021 -33.28 -27.23 -22.37
C LYS C 1021 -33.01 -26.94 -20.90
N ARG C 1022 -32.08 -26.06 -20.58
CA ARG C 1022 -31.80 -25.70 -19.20
C ARG C 1022 -32.91 -24.80 -18.67
N VAL C 1023 -33.42 -25.11 -17.49
CA VAL C 1023 -34.57 -24.42 -16.93
C VAL C 1023 -34.14 -23.07 -16.39
N ASP C 1024 -34.91 -22.03 -16.73
CA ASP C 1024 -34.71 -20.68 -16.19
C ASP C 1024 -33.35 -20.10 -16.56
N PHE C 1025 -32.79 -20.54 -17.68
CA PHE C 1025 -31.52 -19.99 -18.14
C PHE C 1025 -31.73 -18.76 -19.04
N CYS C 1026 -32.63 -18.86 -19.99
CA CYS C 1026 -32.96 -17.76 -20.90
C CYS C 1026 -34.46 -17.49 -20.81
N GLY C 1027 -34.84 -16.66 -19.84
CA GLY C 1027 -36.23 -16.29 -19.66
C GLY C 1027 -37.07 -17.36 -18.97
N LYS C 1028 -38.14 -16.94 -18.32
CA LYS C 1028 -39.05 -17.88 -17.67
C LYS C 1028 -39.91 -18.60 -18.71
N GLY C 1029 -40.35 -19.80 -18.35
CA GLY C 1029 -41.13 -20.61 -19.26
C GLY C 1029 -40.27 -21.55 -20.09
N TYR C 1030 -40.87 -22.04 -21.17
CA TYR C 1030 -40.17 -22.93 -22.09
C TYR C 1030 -39.54 -22.10 -23.21
N HIS C 1031 -38.23 -22.19 -23.35
CA HIS C 1031 -37.51 -21.34 -24.29
C HIS C 1031 -37.83 -21.75 -25.73
N LEU C 1032 -38.20 -20.76 -26.54
CA LEU C 1032 -38.44 -20.95 -27.96
C LEU C 1032 -37.33 -20.36 -28.81
N MET C 1033 -37.00 -19.08 -28.64
CA MET C 1033 -35.97 -18.46 -29.45
C MET C 1033 -35.47 -17.21 -28.74
N SER C 1034 -34.47 -16.56 -29.34
CA SER C 1034 -33.85 -15.39 -28.73
C SER C 1034 -33.28 -14.49 -29.80
N PHE C 1035 -33.17 -13.20 -29.47
CA PHE C 1035 -32.66 -12.18 -30.37
C PHE C 1035 -31.63 -11.34 -29.65
N PRO C 1036 -30.44 -11.14 -30.24
CA PRO C 1036 -29.46 -10.23 -29.64
C PRO C 1036 -29.55 -8.82 -30.17
N GLN C 1037 -29.24 -7.87 -29.30
CA GLN C 1037 -29.16 -6.46 -29.66
C GLN C 1037 -27.99 -5.83 -28.92
N SER C 1038 -27.40 -4.81 -29.53
CA SER C 1038 -26.25 -4.14 -28.95
C SER C 1038 -26.68 -3.05 -27.97
N ALA C 1039 -25.73 -2.61 -27.15
CA ALA C 1039 -25.93 -1.47 -26.26
C ALA C 1039 -24.57 -0.95 -25.86
N PRO C 1040 -24.45 0.32 -25.49
CA PRO C 1040 -23.14 0.85 -25.07
C PRO C 1040 -22.53 0.03 -23.94
N HIS C 1041 -21.41 -0.64 -24.25
CA HIS C 1041 -20.71 -1.50 -23.30
C HIS C 1041 -21.60 -2.63 -22.79
N GLY C 1042 -22.43 -3.20 -23.65
CA GLY C 1042 -23.27 -4.30 -23.21
C GLY C 1042 -24.12 -4.87 -24.31
N VAL C 1043 -24.84 -5.93 -23.96
CA VAL C 1043 -25.72 -6.65 -24.87
C VAL C 1043 -27.08 -6.81 -24.22
N VAL C 1044 -28.12 -6.93 -25.05
CA VAL C 1044 -29.48 -7.09 -24.60
C VAL C 1044 -30.10 -8.26 -25.35
N PHE C 1045 -30.58 -9.26 -24.60
CA PHE C 1045 -31.22 -10.43 -25.18
C PHE C 1045 -32.73 -10.32 -25.02
N LEU C 1046 -33.45 -10.50 -26.13
CA LEU C 1046 -34.91 -10.61 -26.12
C LEU C 1046 -35.24 -12.09 -26.25
N HIS C 1047 -35.75 -12.68 -25.17
CA HIS C 1047 -36.07 -14.11 -25.12
C HIS C 1047 -37.56 -14.29 -25.40
N VAL C 1048 -37.87 -15.11 -26.40
CA VAL C 1048 -39.24 -15.44 -26.76
C VAL C 1048 -39.52 -16.85 -26.26
N THR C 1049 -40.49 -16.98 -25.36
CA THR C 1049 -40.79 -18.21 -24.66
C THR C 1049 -42.29 -18.51 -24.70
N TYR C 1050 -42.63 -19.73 -24.29
CA TYR C 1050 -43.98 -20.27 -24.35
C TYR C 1050 -44.45 -20.54 -22.93
N VAL C 1051 -45.63 -20.01 -22.58
CA VAL C 1051 -46.16 -20.12 -21.23
C VAL C 1051 -47.60 -20.64 -21.28
N PRO C 1052 -47.91 -21.77 -20.65
CA PRO C 1052 -49.32 -22.19 -20.58
C PRO C 1052 -50.13 -21.28 -19.67
N ALA C 1053 -51.37 -21.02 -20.06
CA ALA C 1053 -52.18 -20.01 -19.39
C ALA C 1053 -53.41 -20.58 -18.69
N GLN C 1054 -54.28 -21.29 -19.40
CA GLN C 1054 -55.58 -21.69 -18.88
C GLN C 1054 -55.55 -23.15 -18.48
N GLU C 1055 -55.47 -23.40 -17.17
CA GLU C 1055 -55.48 -24.76 -16.66
C GLU C 1055 -56.90 -25.25 -16.48
N LYS C 1056 -57.08 -26.57 -16.61
CA LYS C 1056 -58.38 -27.21 -16.40
C LYS C 1056 -58.19 -28.44 -15.52
N ASN C 1057 -59.15 -28.64 -14.62
CA ASN C 1057 -59.13 -29.77 -13.70
C ASN C 1057 -59.60 -31.04 -14.39
N PHE C 1058 -58.96 -32.15 -14.07
CA PHE C 1058 -59.36 -33.45 -14.61
C PHE C 1058 -59.03 -34.54 -13.59
N THR C 1059 -59.72 -35.66 -13.74
CA THR C 1059 -59.41 -36.88 -13.00
C THR C 1059 -58.64 -37.84 -13.89
N THR C 1060 -57.68 -38.56 -13.31
CA THR C 1060 -56.73 -39.34 -14.09
C THR C 1060 -56.49 -40.69 -13.42
N ALA C 1061 -55.69 -41.51 -14.09
CA ALA C 1061 -55.32 -42.84 -13.59
C ALA C 1061 -54.02 -43.24 -14.27
N PRO C 1062 -53.13 -43.95 -13.55
CA PRO C 1062 -51.84 -44.29 -14.17
C PRO C 1062 -51.96 -45.27 -15.32
N ALA C 1063 -52.77 -46.32 -15.17
CA ALA C 1063 -52.92 -47.33 -16.22
C ALA C 1063 -54.33 -47.89 -16.16
N ILE C 1064 -54.68 -48.66 -17.19
CA ILE C 1064 -55.99 -49.29 -17.28
C ILE C 1064 -55.81 -50.78 -17.53
N CYS C 1065 -56.80 -51.56 -17.11
CA CYS C 1065 -56.82 -53.00 -17.33
C CYS C 1065 -58.00 -53.34 -18.22
N HIS C 1066 -57.73 -54.03 -19.33
CA HIS C 1066 -58.75 -54.34 -20.32
C HIS C 1066 -59.05 -55.84 -20.39
N ASP C 1067 -58.03 -56.66 -20.63
CA ASP C 1067 -58.19 -58.10 -20.72
C ASP C 1067 -57.28 -58.81 -19.72
N GLY C 1068 -57.10 -58.22 -18.54
CA GLY C 1068 -56.18 -58.73 -17.56
C GLY C 1068 -54.76 -58.20 -17.69
N LYS C 1069 -54.47 -57.44 -18.74
CA LYS C 1069 -53.16 -56.87 -18.97
C LYS C 1069 -53.23 -55.35 -18.91
N ALA C 1070 -52.26 -54.74 -18.23
CA ALA C 1070 -52.22 -53.30 -18.09
C ALA C 1070 -51.75 -52.64 -19.39
N HIS C 1071 -52.27 -51.43 -19.63
CA HIS C 1071 -51.88 -50.63 -20.80
C HIS C 1071 -51.35 -49.29 -20.31
N PHE C 1072 -50.10 -48.99 -20.65
CA PHE C 1072 -49.51 -47.72 -20.29
C PHE C 1072 -49.37 -46.83 -21.52
N PRO C 1073 -49.68 -45.55 -21.41
CA PRO C 1073 -49.60 -44.66 -22.58
C PRO C 1073 -48.16 -44.51 -23.07
N ARG C 1074 -48.00 -44.42 -24.38
CA ARG C 1074 -46.68 -44.21 -24.96
C ARG C 1074 -46.17 -42.82 -24.65
N GLU C 1075 -46.89 -41.79 -25.08
CA GLU C 1075 -46.60 -40.41 -24.72
C GLU C 1075 -47.91 -39.74 -24.30
N GLY C 1076 -47.88 -39.07 -23.15
CA GLY C 1076 -49.05 -38.37 -22.65
C GLY C 1076 -49.53 -38.94 -21.33
N VAL C 1077 -50.83 -38.79 -21.07
CA VAL C 1077 -51.43 -39.15 -19.80
C VAL C 1077 -52.91 -39.40 -20.03
N PHE C 1078 -53.47 -40.31 -19.24
CA PHE C 1078 -54.90 -40.59 -19.28
C PHE C 1078 -55.67 -39.56 -18.48
N VAL C 1079 -56.80 -39.10 -19.03
CA VAL C 1079 -57.69 -38.17 -18.37
C VAL C 1079 -59.13 -38.63 -18.61
N SER C 1080 -60.07 -37.96 -17.96
CA SER C 1080 -61.48 -38.32 -18.05
C SER C 1080 -62.35 -37.08 -18.10
N ASN C 1081 -63.37 -37.14 -18.96
CA ASN C 1081 -64.39 -36.10 -18.99
C ASN C 1081 -65.39 -36.21 -17.85
N GLY C 1082 -65.31 -37.29 -17.06
CA GLY C 1082 -66.28 -37.59 -16.02
C GLY C 1082 -66.97 -38.92 -16.22
N THR C 1083 -67.16 -39.34 -17.47
CA THR C 1083 -67.75 -40.63 -17.78
C THR C 1083 -66.91 -41.41 -18.78
N HIS C 1084 -66.19 -40.69 -19.64
CA HIS C 1084 -65.35 -41.31 -20.65
C HIS C 1084 -63.87 -41.18 -20.27
N TRP C 1085 -63.02 -41.85 -21.05
CA TRP C 1085 -61.59 -41.83 -20.83
C TRP C 1085 -60.87 -41.48 -22.13
N PHE C 1086 -59.84 -40.64 -22.01
CA PHE C 1086 -59.05 -40.20 -23.16
C PHE C 1086 -57.58 -40.22 -22.79
N VAL C 1087 -56.73 -40.13 -23.81
CA VAL C 1087 -55.30 -39.96 -23.63
C VAL C 1087 -54.91 -38.66 -24.33
N THR C 1088 -54.12 -37.83 -23.64
CA THR C 1088 -53.77 -36.52 -24.17
C THR C 1088 -52.32 -36.22 -23.88
N GLN C 1089 -51.76 -35.27 -24.60
CA GLN C 1089 -50.38 -34.86 -24.38
C GLN C 1089 -50.27 -34.11 -23.05
N ARG C 1090 -49.04 -33.72 -22.72
CA ARG C 1090 -48.73 -33.28 -21.36
C ARG C 1090 -48.66 -31.78 -21.19
N ASN C 1091 -48.58 -31.01 -22.28
CA ASN C 1091 -48.55 -29.56 -22.20
C ASN C 1091 -49.72 -28.91 -22.92
N PHE C 1092 -50.69 -29.71 -23.38
CA PHE C 1092 -51.84 -29.18 -24.10
C PHE C 1092 -52.97 -30.20 -23.96
N TYR C 1093 -54.19 -29.74 -24.23
CA TYR C 1093 -55.37 -30.59 -24.11
C TYR C 1093 -55.87 -30.93 -25.51
N GLU C 1094 -55.50 -32.12 -25.99
CA GLU C 1094 -55.99 -32.66 -27.25
C GLU C 1094 -56.42 -34.10 -27.01
N PRO C 1095 -57.63 -34.30 -26.50
CA PRO C 1095 -58.07 -35.66 -26.15
C PRO C 1095 -58.15 -36.56 -27.38
N GLN C 1096 -57.78 -37.83 -27.19
CA GLN C 1096 -57.82 -38.83 -28.23
C GLN C 1096 -58.40 -40.12 -27.65
N ILE C 1097 -58.96 -40.94 -28.54
CA ILE C 1097 -59.57 -42.20 -28.14
C ILE C 1097 -58.47 -43.22 -27.86
N ILE C 1098 -58.66 -44.00 -26.79
CA ILE C 1098 -57.68 -45.02 -26.42
C ILE C 1098 -57.63 -46.10 -27.50
N THR C 1099 -56.43 -46.46 -27.91
CA THR C 1099 -56.25 -47.45 -28.97
C THR C 1099 -54.87 -48.09 -28.81
N THR C 1100 -54.68 -49.19 -29.53
CA THR C 1100 -53.51 -50.04 -29.31
C THR C 1100 -52.20 -49.38 -29.72
N ASP C 1101 -52.21 -48.47 -30.69
CA ASP C 1101 -50.98 -47.83 -31.12
C ASP C 1101 -50.63 -46.60 -30.27
N ASN C 1102 -51.46 -46.27 -29.28
CA ASN C 1102 -51.13 -45.22 -28.32
C ASN C 1102 -50.64 -45.77 -26.99
N THR C 1103 -50.88 -47.06 -26.71
CA THR C 1103 -50.51 -47.67 -25.45
C THR C 1103 -49.70 -48.92 -25.71
N PHE C 1104 -48.97 -49.37 -24.67
CA PHE C 1104 -48.22 -50.61 -24.71
C PHE C 1104 -48.53 -51.44 -23.48
N VAL C 1105 -48.47 -52.76 -23.64
CA VAL C 1105 -48.87 -53.71 -22.61
C VAL C 1105 -47.64 -54.18 -21.85
N SER C 1106 -47.73 -54.21 -20.53
CA SER C 1106 -46.63 -54.65 -19.66
C SER C 1106 -47.21 -55.48 -18.52
N GLY C 1107 -47.24 -56.79 -18.71
CA GLY C 1107 -47.62 -57.70 -17.64
C GLY C 1107 -49.11 -57.66 -17.30
N ASN C 1108 -49.42 -58.30 -16.18
CA ASN C 1108 -50.78 -58.36 -15.67
C ASN C 1108 -51.15 -57.07 -14.96
N CYS C 1109 -52.45 -56.94 -14.63
CA CYS C 1109 -52.99 -55.72 -14.04
C CYS C 1109 -53.37 -55.90 -12.58
N ASP C 1110 -52.58 -56.70 -11.85
CA ASP C 1110 -52.82 -56.93 -10.42
C ASP C 1110 -51.61 -56.51 -9.57
N VAL C 1111 -50.74 -55.64 -10.09
CA VAL C 1111 -49.56 -55.21 -9.36
C VAL C 1111 -49.56 -53.70 -9.23
N VAL C 1112 -50.23 -53.02 -10.16
CA VAL C 1112 -50.21 -51.56 -10.21
C VAL C 1112 -51.25 -51.02 -9.25
N ILE C 1113 -50.88 -49.96 -8.53
CA ILE C 1113 -51.76 -49.31 -7.57
C ILE C 1113 -52.45 -48.14 -8.27
N GLY C 1114 -53.76 -48.17 -8.31
CA GLY C 1114 -54.55 -47.12 -8.92
C GLY C 1114 -55.09 -47.41 -10.30
N ILE C 1115 -55.10 -48.67 -10.73
CA ILE C 1115 -55.56 -49.02 -12.07
C ILE C 1115 -57.08 -48.90 -12.12
N VAL C 1116 -57.61 -48.67 -13.32
CA VAL C 1116 -59.04 -48.49 -13.54
C VAL C 1116 -59.49 -49.39 -14.67
N ASN C 1117 -60.81 -49.63 -14.71
CA ASN C 1117 -61.43 -50.51 -15.69
C ASN C 1117 -61.94 -49.70 -16.87
N ASN C 1118 -61.50 -50.06 -18.07
CA ASN C 1118 -61.94 -49.39 -19.29
C ASN C 1118 -61.66 -50.29 -20.47
N THR C 1119 -62.31 -49.96 -21.59
CA THR C 1119 -62.15 -50.71 -22.83
C THR C 1119 -61.13 -50.03 -23.74
N VAL C 1120 -60.58 -50.80 -24.66
CA VAL C 1120 -59.58 -50.33 -25.61
C VAL C 1120 -60.03 -50.69 -27.02
N TYR C 1121 -60.06 -49.71 -27.91
CA TYR C 1121 -60.46 -49.95 -29.29
C TYR C 1121 -59.28 -50.41 -30.12
N ASP C 1122 -59.52 -51.43 -30.95
CA ASP C 1122 -58.51 -51.97 -31.85
C ASP C 1122 -58.77 -51.47 -33.27
N PRO C 1123 -57.78 -50.90 -33.95
CA PRO C 1123 -58.02 -50.36 -35.29
C PRO C 1123 -57.93 -51.40 -36.40
N LEU C 1124 -57.93 -52.69 -36.04
CA LEU C 1124 -57.74 -53.73 -37.04
C LEU C 1124 -58.91 -54.70 -37.07
N GLN C 1125 -59.55 -54.93 -35.92
CA GLN C 1125 -60.67 -55.86 -35.87
C GLN C 1125 -61.86 -55.40 -36.71
N PRO C 1126 -62.34 -54.16 -36.62
CA PRO C 1126 -63.42 -53.74 -37.54
C PRO C 1126 -63.01 -53.82 -39.00
N GLU C 1127 -61.75 -53.56 -39.31
CA GLU C 1127 -61.30 -53.66 -40.69
C GLU C 1127 -61.37 -55.09 -41.20
N LEU C 1128 -60.96 -56.07 -40.38
CA LEU C 1128 -61.03 -57.45 -40.82
C LEU C 1128 -62.48 -57.95 -40.84
N ASP C 1129 -63.34 -57.38 -39.98
CA ASP C 1129 -64.72 -57.84 -39.93
C ASP C 1129 -65.45 -57.59 -41.24
N SER C 1130 -65.22 -56.43 -41.85
CA SER C 1130 -65.88 -56.11 -43.12
C SER C 1130 -65.20 -56.83 -44.29
#